data_1UEL
#
_entry.id   1UEL
#
_cell.length_a   1.000
_cell.length_b   1.000
_cell.length_c   1.000
_cell.angle_alpha   90.00
_cell.angle_beta   90.00
_cell.angle_gamma   90.00
#
_symmetry.space_group_name_H-M   'P 1'
#
loop_
_entity.id
_entity.type
_entity.pdbx_description
1 polymer 'UV excision repair protein RAD23 homolog B'
2 polymer '26S proteasome non-ATPase regulatory subunit 4'
#
loop_
_entity_poly.entity_id
_entity_poly.type
_entity_poly.pdbx_seq_one_letter_code
_entity_poly.pdbx_strand_id
1 'polypeptide(L)'
;MQVTLKTLQQQTFKIDIDPEETVKALKEKIESEKGKDAFPVAGQKLIYAGKILNDDTALKEYKIDEKNFVVVMVTKPKAV
STPAPATLEHHHHHH
;
A
2 'polypeptide(L)' GSHMTISQQEFGRTGLPDLSSMTEEEQIAYAMQMSLQGAEFGQAESAD B
#
# COMPACT_ATOMS: atom_id res chain seq x y z
N MET A 1 -7.68 8.29 5.83
CA MET A 1 -6.38 7.79 5.32
C MET A 1 -6.54 7.35 3.88
N GLN A 2 -5.82 8.00 2.98
CA GLN A 2 -6.00 7.86 1.53
C GLN A 2 -5.07 6.79 0.96
N VAL A 3 -5.47 5.52 1.14
CA VAL A 3 -4.81 4.34 0.57
C VAL A 3 -4.89 4.40 -0.96
N THR A 4 -3.78 4.18 -1.66
CA THR A 4 -3.79 4.00 -3.12
C THR A 4 -4.20 2.55 -3.43
N LEU A 5 -5.11 2.36 -4.37
CA LEU A 5 -5.58 1.04 -4.84
C LEU A 5 -5.00 0.72 -6.22
N LYS A 6 -4.78 -0.56 -6.48
CA LYS A 6 -4.35 -1.13 -7.77
C LYS A 6 -5.11 -2.43 -8.08
N THR A 7 -5.49 -2.61 -9.34
CA THR A 7 -6.30 -3.75 -9.81
C THR A 7 -5.46 -4.79 -10.55
N LEU A 8 -6.03 -5.98 -10.81
CA LEU A 8 -5.41 -7.01 -11.65
C LEU A 8 -5.27 -6.61 -13.13
N GLN A 9 -6.14 -5.72 -13.61
CA GLN A 9 -6.05 -5.06 -14.92
C GLN A 9 -4.98 -3.94 -14.95
N GLN A 10 -4.25 -3.76 -13.84
CA GLN A 10 -3.23 -2.72 -13.61
C GLN A 10 -3.77 -1.29 -13.70
N GLN A 11 -5.04 -1.09 -13.30
CA GLN A 11 -5.63 0.24 -13.12
C GLN A 11 -5.38 0.71 -11.68
N THR A 12 -5.34 2.02 -11.45
CA THR A 12 -5.04 2.59 -10.13
C THR A 12 -5.96 3.76 -9.76
N PHE A 13 -6.37 3.78 -8.49
CA PHE A 13 -7.31 4.72 -7.88
C PHE A 13 -6.87 5.05 -6.43
N LYS A 14 -7.66 5.82 -5.68
CA LYS A 14 -7.46 6.02 -4.24
C LYS A 14 -8.75 5.84 -3.44
N ILE A 15 -8.62 5.46 -2.18
CA ILE A 15 -9.70 5.24 -1.21
C ILE A 15 -9.33 5.93 0.10
N ASP A 16 -10.05 7.00 0.41
CA ASP A 16 -9.99 7.67 1.72
C ASP A 16 -10.83 6.87 2.74
N ILE A 17 -10.17 5.99 3.50
CA ILE A 17 -10.76 5.08 4.49
C ILE A 17 -10.30 5.42 5.91
N ASP A 18 -11.15 5.17 6.91
CA ASP A 18 -10.81 5.37 8.33
C ASP A 18 -9.88 4.25 8.86
N PRO A 19 -8.60 4.54 9.25
CA PRO A 19 -7.68 3.53 9.80
C PRO A 19 -8.09 3.05 11.20
N GLU A 20 -9.02 3.74 11.85
CA GLU A 20 -9.70 3.33 13.09
C GLU A 20 -10.60 2.09 12.89
N GLU A 21 -11.02 1.80 11.65
CA GLU A 21 -11.90 0.69 11.29
C GLU A 21 -11.12 -0.54 10.77
N THR A 22 -11.85 -1.63 10.50
CA THR A 22 -11.29 -2.89 10.01
C THR A 22 -11.14 -2.94 8.48
N VAL A 23 -10.49 -3.98 7.97
CA VAL A 23 -10.36 -4.26 6.52
C VAL A 23 -11.74 -4.39 5.83
N LYS A 24 -12.77 -4.88 6.53
CA LYS A 24 -14.16 -4.88 6.04
C LYS A 24 -14.66 -3.47 5.68
N ALA A 25 -14.24 -2.43 6.40
CA ALA A 25 -14.56 -1.04 6.06
C ALA A 25 -13.81 -0.54 4.80
N LEU A 26 -12.56 -0.93 4.58
CA LEU A 26 -11.85 -0.70 3.31
C LEU A 26 -12.65 -1.29 2.14
N LYS A 27 -13.01 -2.57 2.23
CA LYS A 27 -13.94 -3.26 1.30
C LYS A 27 -15.26 -2.50 1.12
N GLU A 28 -15.89 -2.00 2.19
CA GLU A 28 -17.09 -1.15 2.13
C GLU A 28 -16.88 0.10 1.29
N LYS A 29 -15.80 0.86 1.52
CA LYS A 29 -15.44 2.04 0.72
C LYS A 29 -15.16 1.71 -0.74
N ILE A 30 -14.49 0.60 -1.04
CA ILE A 30 -14.26 0.17 -2.43
C ILE A 30 -15.59 -0.12 -3.13
N GLU A 31 -16.50 -0.88 -2.51
CA GLU A 31 -17.84 -1.12 -3.04
C GLU A 31 -18.64 0.20 -3.22
N SER A 32 -18.57 1.11 -2.24
CA SER A 32 -19.17 2.45 -2.27
C SER A 32 -18.66 3.29 -3.46
N GLU A 33 -17.34 3.34 -3.66
CA GLU A 33 -16.68 4.16 -4.68
C GLU A 33 -16.84 3.60 -6.11
N LYS A 34 -16.55 2.30 -6.31
CA LYS A 34 -16.52 1.64 -7.63
C LYS A 34 -17.87 1.05 -8.06
N GLY A 35 -18.80 0.88 -7.12
CA GLY A 35 -20.09 0.23 -7.28
C GLY A 35 -20.02 -1.30 -7.11
N LYS A 36 -21.17 -1.91 -6.74
CA LYS A 36 -21.32 -3.36 -6.54
C LYS A 36 -21.07 -4.18 -7.81
N ASP A 37 -21.30 -3.60 -8.98
CA ASP A 37 -21.07 -4.23 -10.29
C ASP A 37 -19.58 -4.52 -10.55
N ALA A 38 -18.70 -3.57 -10.18
CA ALA A 38 -17.25 -3.69 -10.31
C ALA A 38 -16.63 -4.50 -9.16
N PHE A 39 -16.91 -4.10 -7.91
CA PHE A 39 -16.28 -4.64 -6.69
C PHE A 39 -17.29 -4.78 -5.55
N PRO A 40 -18.08 -5.86 -5.48
CA PRO A 40 -18.93 -6.16 -4.33
C PRO A 40 -18.06 -6.59 -3.14
N VAL A 41 -18.48 -6.36 -1.89
CA VAL A 41 -17.74 -6.80 -0.67
C VAL A 41 -17.53 -8.31 -0.67
N ALA A 42 -18.58 -9.06 -0.99
CA ALA A 42 -18.58 -10.53 -1.00
C ALA A 42 -17.73 -11.18 -2.12
N GLY A 43 -17.38 -10.43 -3.18
CA GLY A 43 -16.61 -10.92 -4.35
C GLY A 43 -15.18 -10.36 -4.46
N GLN A 44 -14.90 -9.20 -3.84
CA GLN A 44 -13.55 -8.65 -3.82
C GLN A 44 -12.64 -9.32 -2.76
N LYS A 45 -11.34 -9.35 -3.00
CA LYS A 45 -10.27 -9.73 -2.06
C LYS A 45 -9.20 -8.64 -1.98
N LEU A 46 -8.55 -8.51 -0.82
CA LEU A 46 -7.65 -7.43 -0.44
C LEU A 46 -6.28 -7.99 -0.06
N ILE A 47 -5.21 -7.52 -0.70
CA ILE A 47 -3.85 -8.07 -0.60
C ILE A 47 -2.84 -6.93 -0.40
N TYR A 48 -2.01 -7.02 0.64
CA TYR A 48 -0.90 -6.09 0.94
C TYR A 48 0.38 -6.85 1.27
N ALA A 49 1.54 -6.34 0.84
CA ALA A 49 2.86 -6.93 1.09
C ALA A 49 2.93 -8.45 0.80
N GLY A 50 2.21 -8.91 -0.22
CA GLY A 50 2.09 -10.32 -0.66
C GLY A 50 1.19 -11.21 0.20
N LYS A 51 0.38 -10.65 1.12
CA LYS A 51 -0.49 -11.36 2.07
C LYS A 51 -1.93 -10.84 2.03
N ILE A 52 -2.92 -11.73 1.98
CA ILE A 52 -4.34 -11.38 2.01
C ILE A 52 -4.73 -10.83 3.39
N LEU A 53 -5.37 -9.65 3.40
CA LEU A 53 -5.88 -8.97 4.57
C LEU A 53 -7.12 -9.67 5.15
N ASN A 54 -7.09 -10.02 6.44
CA ASN A 54 -8.24 -10.55 7.18
C ASN A 54 -9.31 -9.45 7.35
N ASP A 55 -10.52 -9.65 6.82
CA ASP A 55 -11.61 -8.66 6.87
C ASP A 55 -12.00 -8.19 8.29
N ASP A 56 -11.89 -9.06 9.30
CA ASP A 56 -12.20 -8.74 10.70
C ASP A 56 -11.05 -8.04 11.46
N THR A 57 -9.81 -8.12 10.93
CA THR A 57 -8.61 -7.49 11.51
C THR A 57 -8.52 -6.02 11.10
N ALA A 58 -7.89 -5.18 11.93
CA ALA A 58 -7.77 -3.74 11.68
C ALA A 58 -6.72 -3.37 10.62
N LEU A 59 -6.85 -2.18 10.02
CA LEU A 59 -5.93 -1.67 8.99
C LEU A 59 -4.52 -1.42 9.52
N LYS A 60 -4.40 -0.96 10.78
CA LYS A 60 -3.12 -0.70 11.47
C LYS A 60 -2.24 -1.95 11.64
N GLU A 61 -2.84 -3.15 11.70
CA GLU A 61 -2.13 -4.43 11.84
C GLU A 61 -1.24 -4.79 10.64
N TYR A 62 -1.47 -4.14 9.50
CA TYR A 62 -0.73 -4.33 8.24
C TYR A 62 0.11 -3.11 7.86
N LYS A 63 0.08 -2.05 8.69
CA LYS A 63 0.81 -0.77 8.57
C LYS A 63 0.74 -0.17 7.15
N ILE A 64 -0.45 -0.22 6.54
CA ILE A 64 -0.73 0.28 5.19
C ILE A 64 -0.40 1.78 5.10
N ASP A 65 0.37 2.16 4.08
CA ASP A 65 0.76 3.55 3.82
C ASP A 65 -0.12 4.20 2.73
N GLU A 66 -0.20 5.53 2.72
CA GLU A 66 -0.98 6.29 1.73
C GLU A 66 -0.29 6.38 0.36
N LYS A 67 1.05 6.53 0.34
CA LYS A 67 1.86 6.65 -0.88
C LYS A 67 2.12 5.31 -1.55
N ASN A 68 2.26 4.23 -0.77
CA ASN A 68 2.28 2.86 -1.29
C ASN A 68 0.86 2.43 -1.72
N PHE A 69 0.73 1.29 -2.40
CA PHE A 69 -0.54 0.79 -2.92
C PHE A 69 -0.95 -0.57 -2.35
N VAL A 70 -2.24 -0.75 -2.14
CA VAL A 70 -2.90 -2.03 -1.82
C VAL A 70 -3.35 -2.65 -3.15
N VAL A 71 -3.49 -3.97 -3.20
CA VAL A 71 -4.06 -4.67 -4.36
C VAL A 71 -5.46 -5.18 -4.03
N VAL A 72 -6.39 -4.89 -4.93
CA VAL A 72 -7.76 -5.41 -4.92
C VAL A 72 -8.00 -6.27 -6.17
N MET A 73 -8.65 -7.41 -5.98
CA MET A 73 -9.11 -8.31 -7.05
C MET A 73 -10.57 -8.72 -6.83
N VAL A 74 -11.21 -9.21 -7.88
CA VAL A 74 -12.58 -9.72 -7.88
C VAL A 74 -12.64 -11.06 -8.62
N THR A 75 -13.20 -12.09 -7.99
CA THR A 75 -13.25 -13.46 -8.54
C THR A 75 -14.29 -13.62 -9.67
N LYS A 76 -14.18 -14.72 -10.42
CA LYS A 76 -15.01 -15.14 -11.57
C LYS A 76 -15.16 -14.06 -12.69
N PRO A 77 -16.19 -13.19 -12.80
CA PRO A 77 -16.21 -12.15 -13.83
C PRO A 77 -14.99 -11.22 -13.90
N LYS A 78 -14.83 -10.61 -15.09
CA LYS A 78 -13.74 -9.70 -15.48
C LYS A 78 -14.18 -8.48 -16.30
N ALA A 79 -15.48 -8.35 -16.57
CA ALA A 79 -16.06 -7.25 -17.34
C ALA A 79 -16.00 -5.90 -16.59
N VAL A 80 -15.76 -4.80 -17.32
CA VAL A 80 -15.74 -3.42 -16.81
C VAL A 80 -16.36 -2.45 -17.81
N SER A 81 -16.78 -1.26 -17.34
CA SER A 81 -17.40 -0.19 -18.14
C SER A 81 -16.36 0.59 -18.97
N THR A 82 -15.97 0.05 -20.13
CA THR A 82 -15.09 0.71 -21.10
C THR A 82 -15.73 1.98 -21.72
N PRO A 83 -14.94 3.03 -22.02
CA PRO A 83 -15.46 4.25 -22.66
C PRO A 83 -15.75 4.07 -24.16
N ALA A 84 -16.33 5.10 -24.78
CA ALA A 84 -16.61 5.20 -26.22
C ALA A 84 -16.32 6.62 -26.77
N PRO A 85 -16.17 6.82 -28.10
CA PRO A 85 -15.95 8.11 -28.75
C PRO A 85 -17.01 9.20 -28.44
N ALA A 86 -16.77 10.03 -27.42
CA ALA A 86 -17.65 11.13 -27.01
C ALA A 86 -17.84 12.22 -28.09
N THR A 87 -16.90 12.32 -29.05
CA THR A 87 -16.96 13.25 -30.19
C THR A 87 -18.19 13.07 -31.09
N LEU A 88 -18.83 11.89 -31.05
CA LEU A 88 -20.06 11.56 -31.79
C LEU A 88 -21.20 12.59 -31.57
N GLU A 89 -21.25 13.22 -30.40
CA GLU A 89 -22.24 14.26 -30.04
C GLU A 89 -22.14 15.56 -30.87
N HIS A 90 -21.05 15.77 -31.62
CA HIS A 90 -20.87 16.91 -32.55
C HIS A 90 -20.31 16.49 -33.92
N HIS A 91 -19.30 15.62 -33.94
CA HIS A 91 -18.59 15.03 -35.10
C HIS A 91 -18.18 16.01 -36.23
N HIS A 92 -18.06 17.30 -35.90
CA HIS A 92 -17.59 18.42 -36.72
C HIS A 92 -16.65 19.33 -35.91
N HIS A 93 -15.92 20.22 -36.59
CA HIS A 93 -14.96 21.17 -35.99
C HIS A 93 -15.04 22.57 -36.63
N HIS A 94 -14.47 23.57 -35.94
CA HIS A 94 -14.38 24.96 -36.42
C HIS A 94 -13.41 25.16 -37.60
N HIS A 95 -12.40 24.28 -37.72
CA HIS A 95 -11.41 24.26 -38.81
C HIS A 95 -12.04 23.89 -40.16
N GLY B 1 12.47 -41.38 -30.85
CA GLY B 1 13.24 -40.69 -31.91
C GLY B 1 14.72 -40.64 -31.57
N SER B 2 15.59 -41.05 -32.49
CA SER B 2 17.04 -41.26 -32.30
C SER B 2 17.88 -40.01 -31.98
N HIS B 3 17.29 -38.81 -32.06
CA HIS B 3 17.89 -37.53 -31.64
C HIS B 3 18.26 -37.46 -30.14
N MET B 4 18.94 -36.39 -29.73
CA MET B 4 19.36 -36.12 -28.35
C MET B 4 18.22 -35.99 -27.31
N THR B 5 16.96 -35.83 -27.75
CA THR B 5 15.68 -35.77 -27.02
C THR B 5 15.52 -34.74 -25.88
N ILE B 6 16.59 -34.09 -25.42
CA ILE B 6 16.58 -32.95 -24.49
C ILE B 6 15.94 -31.69 -25.10
N SER B 7 15.65 -30.69 -24.26
CA SER B 7 15.05 -29.40 -24.63
C SER B 7 15.76 -28.21 -23.95
N GLN B 8 15.31 -26.99 -24.24
CA GLN B 8 15.92 -25.71 -23.85
C GLN B 8 15.04 -24.94 -22.86
N GLN B 9 15.39 -25.00 -21.57
CA GLN B 9 14.76 -24.24 -20.47
C GLN B 9 15.06 -22.72 -20.50
N GLU B 10 15.79 -22.25 -21.53
CA GLU B 10 16.19 -20.85 -21.76
C GLU B 10 15.02 -19.88 -22.06
N PHE B 11 13.80 -20.41 -22.28
CA PHE B 11 12.62 -19.67 -22.75
C PHE B 11 11.41 -19.81 -21.80
N GLY B 12 10.39 -18.96 -21.99
CA GLY B 12 9.15 -18.97 -21.20
C GLY B 12 8.19 -17.81 -21.52
N ARG B 13 7.01 -17.80 -20.88
CA ARG B 13 5.96 -16.78 -21.02
C ARG B 13 6.39 -15.44 -20.39
N THR B 14 6.76 -14.47 -21.23
CA THR B 14 7.16 -13.11 -20.83
C THR B 14 6.00 -12.25 -20.33
N GLY B 15 4.99 -12.02 -21.19
CA GLY B 15 3.82 -11.17 -20.94
C GLY B 15 2.59 -11.98 -20.53
N LEU B 16 2.30 -12.04 -19.23
CA LEU B 16 1.16 -12.81 -18.68
C LEU B 16 -0.21 -12.37 -19.28
N PRO B 17 -1.20 -13.28 -19.37
CA PRO B 17 -2.56 -12.96 -19.81
C PRO B 17 -3.29 -11.93 -18.94
N ASP B 18 -4.41 -11.44 -19.44
CA ASP B 18 -5.39 -10.64 -18.70
C ASP B 18 -6.32 -11.59 -17.91
N LEU B 19 -5.69 -12.42 -17.07
CA LEU B 19 -6.25 -13.48 -16.19
C LEU B 19 -6.84 -14.71 -16.90
N SER B 20 -6.98 -14.69 -18.22
CA SER B 20 -7.71 -15.70 -19.01
C SER B 20 -7.23 -17.15 -18.87
N SER B 21 -5.93 -17.38 -18.60
CA SER B 21 -5.33 -18.72 -18.43
C SER B 21 -5.12 -19.13 -16.96
N MET B 22 -5.33 -18.23 -15.99
CA MET B 22 -4.95 -18.43 -14.59
C MET B 22 -6.11 -18.91 -13.71
N THR B 23 -5.85 -19.89 -12.84
CA THR B 23 -6.79 -20.32 -11.77
C THR B 23 -6.96 -19.21 -10.72
N GLU B 24 -7.92 -19.36 -9.80
CA GLU B 24 -8.09 -18.41 -8.68
C GLU B 24 -6.80 -18.28 -7.85
N GLU B 25 -6.10 -19.39 -7.59
CA GLU B 25 -4.81 -19.41 -6.89
C GLU B 25 -3.69 -18.66 -7.64
N GLU B 26 -3.60 -18.81 -8.96
CA GLU B 26 -2.63 -18.09 -9.80
C GLU B 26 -2.95 -16.59 -9.91
N GLN B 27 -4.22 -16.21 -10.04
CA GLN B 27 -4.68 -14.82 -10.00
C GLN B 27 -4.33 -14.15 -8.65
N ILE B 28 -4.58 -14.87 -7.54
CA ILE B 28 -4.13 -14.48 -6.19
C ILE B 28 -2.60 -14.28 -6.14
N ALA B 29 -1.79 -15.24 -6.58
CA ALA B 29 -0.33 -15.12 -6.53
C ALA B 29 0.22 -13.92 -7.34
N TYR B 30 -0.42 -13.60 -8.47
CA TYR B 30 -0.17 -12.37 -9.24
C TYR B 30 -0.50 -11.11 -8.40
N ALA B 31 -1.65 -11.07 -7.73
CA ALA B 31 -2.02 -10.02 -6.76
C ALA B 31 -0.98 -9.85 -5.64
N MET B 32 -0.53 -10.97 -5.04
CA MET B 32 0.53 -11.02 -4.03
C MET B 32 1.82 -10.37 -4.54
N GLN B 33 2.38 -10.85 -5.65
CA GLN B 33 3.62 -10.32 -6.23
C GLN B 33 3.58 -8.80 -6.46
N MET B 34 2.46 -8.25 -6.97
CA MET B 34 2.33 -6.81 -7.16
C MET B 34 2.46 -6.02 -5.83
N SER B 35 1.64 -6.33 -4.82
CA SER B 35 1.72 -5.64 -3.51
C SER B 35 3.04 -5.88 -2.78
N LEU B 36 3.61 -7.08 -2.89
CA LEU B 36 4.92 -7.49 -2.37
C LEU B 36 6.04 -6.64 -2.97
N GLN B 37 6.04 -6.45 -4.29
CA GLN B 37 7.01 -5.61 -4.98
C GLN B 37 6.84 -4.13 -4.64
N GLY B 38 5.61 -3.63 -4.51
CA GLY B 38 5.30 -2.30 -3.98
C GLY B 38 5.85 -2.05 -2.57
N ALA B 39 5.79 -3.08 -1.71
CA ALA B 39 6.38 -3.13 -0.37
C ALA B 39 7.93 -3.18 -0.34
N GLU B 40 8.60 -3.13 -1.49
CA GLU B 40 10.06 -2.95 -1.72
C GLU B 40 10.86 -4.26 -1.66
N PHE B 41 10.20 -5.42 -1.79
CA PHE B 41 10.83 -6.74 -1.78
C PHE B 41 11.72 -7.06 -3.00
N GLY B 42 11.79 -6.19 -4.01
CA GLY B 42 12.76 -6.28 -5.12
C GLY B 42 12.50 -7.43 -6.10
N GLN B 43 11.22 -7.80 -6.32
CA GLN B 43 10.76 -8.88 -7.21
C GLN B 43 11.19 -10.30 -6.79
N ALA B 44 11.67 -10.47 -5.55
CA ALA B 44 11.95 -11.79 -4.97
C ALA B 44 10.67 -12.67 -4.83
N GLU B 45 10.88 -13.98 -4.69
CA GLU B 45 9.80 -14.97 -4.46
C GLU B 45 9.35 -15.06 -3.00
N SER B 46 10.13 -14.51 -2.06
CA SER B 46 9.89 -14.52 -0.61
C SER B 46 8.67 -13.66 -0.21
N ALA B 47 7.49 -14.27 -0.09
CA ALA B 47 6.22 -13.61 0.25
C ALA B 47 6.15 -13.06 1.70
N ASP B 48 7.07 -13.47 2.59
CA ASP B 48 7.25 -12.96 3.95
C ASP B 48 8.71 -13.06 4.45
N MET A 1 -2.29 14.19 5.55
CA MET A 1 -1.23 13.15 5.61
C MET A 1 -1.36 12.35 6.89
N GLN A 2 -1.58 11.05 6.77
CA GLN A 2 -1.82 10.14 7.90
C GLN A 2 -0.51 9.44 8.33
N VAL A 3 0.27 10.14 9.14
CA VAL A 3 1.56 9.68 9.70
C VAL A 3 1.31 8.53 10.68
N THR A 4 2.11 7.46 10.62
CA THR A 4 2.13 6.42 11.65
C THR A 4 3.01 6.87 12.82
N LEU A 5 2.52 6.73 14.05
CA LEU A 5 3.21 7.10 15.28
C LEU A 5 3.67 5.87 16.05
N LYS A 6 4.78 6.01 16.79
CA LYS A 6 5.35 5.01 17.70
C LYS A 6 5.84 5.66 19.00
N THR A 7 5.55 5.02 20.14
CA THR A 7 5.89 5.52 21.49
C THR A 7 7.15 4.84 22.04
N LEU A 8 7.74 5.39 23.10
CA LEU A 8 8.87 4.76 23.81
C LEU A 8 8.48 3.47 24.57
N GLN A 9 7.19 3.23 24.79
CA GLN A 9 6.64 1.96 25.29
C GLN A 9 6.48 0.92 24.16
N GLN A 10 6.95 1.23 22.95
CA GLN A 10 6.84 0.45 21.70
C GLN A 10 5.39 0.25 21.21
N GLN A 11 4.47 1.11 21.62
CA GLN A 11 3.08 1.12 21.14
C GLN A 11 2.98 1.93 19.85
N THR A 12 2.02 1.63 18.98
CA THR A 12 1.85 2.31 17.68
C THR A 12 0.41 2.74 17.41
N PHE A 13 0.28 3.89 16.75
CA PHE A 13 -0.95 4.64 16.46
C PHE A 13 -0.84 5.34 15.10
N LYS A 14 -1.82 6.16 14.70
CA LYS A 14 -1.73 7.04 13.53
C LYS A 14 -2.31 8.43 13.81
N ILE A 15 -1.82 9.44 13.09
CA ILE A 15 -2.20 10.85 13.20
C ILE A 15 -2.40 11.45 11.80
N ASP A 16 -3.64 11.80 11.51
CA ASP A 16 -4.06 12.57 10.35
C ASP A 16 -3.72 14.07 10.53
N ILE A 17 -2.60 14.53 9.96
CA ILE A 17 -2.04 15.88 10.12
C ILE A 17 -1.84 16.57 8.76
N ASP A 18 -1.89 17.91 8.73
CA ASP A 18 -1.62 18.72 7.54
C ASP A 18 -0.09 18.90 7.33
N PRO A 19 0.52 18.36 6.24
CA PRO A 19 1.98 18.37 6.07
C PRO A 19 2.57 19.74 5.73
N GLU A 20 1.73 20.70 5.30
CA GLU A 20 2.09 22.11 5.09
C GLU A 20 2.23 22.89 6.42
N GLU A 21 1.66 22.39 7.52
CA GLU A 21 1.84 22.93 8.87
C GLU A 21 3.17 22.44 9.49
N THR A 22 3.51 23.01 10.65
CA THR A 22 4.74 22.65 11.39
C THR A 22 4.54 21.51 12.38
N VAL A 23 5.64 21.07 12.97
CA VAL A 23 5.69 20.04 14.03
C VAL A 23 4.83 20.39 15.23
N LYS A 24 4.63 21.68 15.52
CA LYS A 24 3.69 22.17 16.55
C LYS A 24 2.26 21.70 16.31
N ALA A 25 1.82 21.63 15.05
CA ALA A 25 0.52 21.09 14.67
C ALA A 25 0.46 19.54 14.77
N LEU A 26 1.54 18.83 14.44
CA LEU A 26 1.64 17.39 14.71
C LEU A 26 1.40 17.11 16.22
N LYS A 27 2.19 17.76 17.07
CA LYS A 27 2.00 17.78 18.53
C LYS A 27 0.57 18.15 18.96
N GLU A 28 -0.05 19.16 18.36
CA GLU A 28 -1.45 19.55 18.65
C GLU A 28 -2.43 18.39 18.42
N LYS A 29 -2.33 17.70 17.28
CA LYS A 29 -3.20 16.58 16.93
C LYS A 29 -2.96 15.34 17.81
N ILE A 30 -1.70 15.07 18.17
CA ILE A 30 -1.35 14.04 19.18
C ILE A 30 -1.99 14.35 20.53
N GLU A 31 -1.83 15.58 21.04
CA GLU A 31 -2.44 16.01 22.31
C GLU A 31 -3.98 15.90 22.27
N SER A 32 -4.61 16.38 21.19
CA SER A 32 -6.05 16.27 20.95
C SER A 32 -6.56 14.82 20.95
N GLU A 33 -5.86 13.92 20.27
CA GLU A 33 -6.21 12.49 20.19
C GLU A 33 -6.01 11.75 21.53
N LYS A 34 -4.79 11.80 22.08
CA LYS A 34 -4.37 10.97 23.24
C LYS A 34 -4.70 11.59 24.61
N GLY A 35 -4.96 12.90 24.65
CA GLY A 35 -5.18 13.71 25.86
C GLY A 35 -3.90 14.33 26.42
N LYS A 36 -4.05 15.45 27.13
CA LYS A 36 -2.93 16.23 27.72
C LYS A 36 -2.17 15.49 28.82
N ASP A 37 -2.82 14.60 29.57
CA ASP A 37 -2.17 13.74 30.57
C ASP A 37 -1.23 12.72 29.93
N ALA A 38 -1.57 12.19 28.76
CA ALA A 38 -0.73 11.27 28.00
C ALA A 38 0.42 12.01 27.28
N PHE A 39 0.09 13.00 26.45
CA PHE A 39 1.03 13.70 25.56
C PHE A 39 0.71 15.20 25.45
N PRO A 40 1.13 16.04 26.41
CA PRO A 40 0.95 17.50 26.36
C PRO A 40 1.93 18.13 25.35
N VAL A 41 1.48 19.11 24.55
CA VAL A 41 2.30 19.76 23.49
C VAL A 41 3.66 20.22 24.02
N ALA A 42 3.67 20.92 25.16
CA ALA A 42 4.89 21.46 25.77
C ALA A 42 5.85 20.39 26.36
N GLY A 43 5.37 19.17 26.60
CA GLY A 43 6.16 18.03 27.11
C GLY A 43 6.55 17.00 26.04
N GLN A 44 5.85 16.98 24.90
CA GLN A 44 6.17 16.13 23.75
C GLN A 44 7.46 16.54 23.03
N LYS A 45 8.14 15.55 22.45
CA LYS A 45 9.27 15.68 21.50
C LYS A 45 9.02 14.70 20.33
N LEU A 46 9.44 15.09 19.14
CA LEU A 46 9.13 14.43 17.86
C LEU A 46 10.42 14.13 17.10
N ILE A 47 10.65 12.87 16.73
CA ILE A 47 11.91 12.36 16.17
C ILE A 47 11.66 11.52 14.91
N TYR A 48 12.36 11.86 13.82
CA TYR A 48 12.37 11.07 12.57
C TYR A 48 13.80 10.88 12.06
N ALA A 49 14.12 9.72 11.48
CA ALA A 49 15.42 9.43 10.86
C ALA A 49 16.65 9.72 11.77
N GLY A 50 16.49 9.67 13.09
CA GLY A 50 17.49 10.04 14.10
C GLY A 50 17.82 11.54 14.16
N LYS A 51 16.83 12.40 13.88
CA LYS A 51 16.84 13.86 14.06
C LYS A 51 15.54 14.34 14.72
N ILE A 52 15.64 15.14 15.79
CA ILE A 52 14.48 15.79 16.40
C ILE A 52 13.91 16.88 15.47
N LEU A 53 12.62 16.79 15.18
CA LEU A 53 11.87 17.71 14.33
C LEU A 53 11.64 19.05 15.05
N ASN A 54 11.96 20.16 14.40
CA ASN A 54 11.88 21.51 14.98
C ASN A 54 10.44 22.05 15.01
N ASP A 55 9.99 22.57 16.16
CA ASP A 55 8.64 23.10 16.42
C ASP A 55 8.16 24.23 15.49
N ASP A 56 9.08 24.92 14.81
CA ASP A 56 8.81 26.03 13.89
C ASP A 56 9.09 25.68 12.40
N THR A 57 9.47 24.43 12.13
CA THR A 57 9.81 23.91 10.79
C THR A 57 8.70 22.96 10.30
N ALA A 58 8.36 23.03 9.01
CA ALA A 58 7.26 22.26 8.44
C ALA A 58 7.56 20.76 8.28
N LEU A 59 6.51 19.92 8.25
CA LEU A 59 6.66 18.46 8.09
C LEU A 59 7.24 18.07 6.72
N LYS A 60 6.96 18.88 5.69
CA LYS A 60 7.56 18.83 4.34
C LYS A 60 9.09 18.74 4.37
N GLU A 61 9.73 19.45 5.29
CA GLU A 61 11.19 19.62 5.39
C GLU A 61 11.96 18.34 5.76
N TYR A 62 11.24 17.32 6.25
CA TYR A 62 11.78 16.04 6.72
C TYR A 62 11.31 14.85 5.85
N LYS A 63 10.50 15.13 4.82
CA LYS A 63 9.93 14.19 3.84
C LYS A 63 9.36 12.90 4.46
N ILE A 64 8.67 13.06 5.60
CA ILE A 64 8.00 11.98 6.35
C ILE A 64 6.95 11.30 5.45
N ASP A 65 6.93 9.97 5.45
CA ASP A 65 5.95 9.16 4.70
C ASP A 65 4.83 8.64 5.61
N GLU A 66 3.66 8.33 5.03
CA GLU A 66 2.52 7.78 5.76
C GLU A 66 2.75 6.31 6.20
N LYS A 67 3.48 5.53 5.40
CA LYS A 67 3.79 4.11 5.60
C LYS A 67 4.93 3.89 6.62
N ASN A 68 5.92 4.79 6.62
CA ASN A 68 6.96 4.84 7.66
C ASN A 68 6.35 5.34 8.98
N PHE A 69 7.05 5.14 10.11
CA PHE A 69 6.63 5.64 11.41
C PHE A 69 7.56 6.73 11.95
N VAL A 70 6.97 7.71 12.65
CA VAL A 70 7.64 8.75 13.44
C VAL A 70 7.73 8.27 14.89
N VAL A 71 8.67 8.79 15.68
CA VAL A 71 8.73 8.52 17.13
C VAL A 71 8.29 9.76 17.91
N VAL A 72 7.28 9.56 18.76
CA VAL A 72 6.83 10.54 19.76
C VAL A 72 7.29 10.09 21.16
N MET A 73 7.78 11.03 21.95
CA MET A 73 8.10 10.86 23.35
C MET A 73 7.60 12.03 24.20
N VAL A 74 7.51 11.84 25.51
CA VAL A 74 7.07 12.84 26.49
C VAL A 74 8.03 12.86 27.68
N THR A 75 8.61 14.01 27.99
CA THR A 75 9.65 14.13 29.03
C THR A 75 9.09 14.11 30.47
N LYS A 76 10.00 13.91 31.44
CA LYS A 76 9.83 13.97 32.92
C LYS A 76 8.38 13.75 33.43
N PRO A 77 7.92 12.49 33.53
CA PRO A 77 6.61 12.12 34.09
C PRO A 77 6.33 12.67 35.50
N LYS A 78 5.05 12.60 35.89
CA LYS A 78 4.55 12.95 37.24
C LYS A 78 5.00 11.98 38.35
N ALA A 79 5.59 10.86 37.96
CA ALA A 79 6.13 9.80 38.82
C ALA A 79 7.39 10.25 39.59
N VAL A 80 7.23 10.57 40.89
CA VAL A 80 8.28 10.92 41.88
C VAL A 80 9.41 11.82 41.32
N SER A 81 9.02 12.97 40.78
CA SER A 81 9.89 13.89 40.02
C SER A 81 11.12 14.39 40.81
N THR A 82 10.98 14.67 42.12
CA THR A 82 12.04 15.20 43.00
C THR A 82 12.11 14.46 44.35
N PRO A 83 13.26 14.51 45.07
CA PRO A 83 13.41 13.89 46.39
C PRO A 83 12.42 14.41 47.45
N ALA A 84 12.07 13.54 48.42
CA ALA A 84 11.32 13.89 49.63
C ALA A 84 11.71 13.02 50.85
N PRO A 85 11.45 11.70 50.90
CA PRO A 85 11.76 10.88 52.09
C PRO A 85 13.24 10.51 52.29
N ALA A 86 14.07 10.81 51.29
CA ALA A 86 15.51 10.52 51.27
C ALA A 86 16.30 11.34 52.30
N THR A 87 16.11 12.67 52.30
CA THR A 87 16.74 13.64 53.21
C THR A 87 15.94 14.95 53.22
N LEU A 88 16.09 15.76 54.28
CA LEU A 88 15.49 17.10 54.40
C LEU A 88 15.99 18.08 53.30
N GLU A 89 17.15 17.82 52.71
CA GLU A 89 17.65 18.52 51.51
C GLU A 89 16.93 18.01 50.25
N HIS A 90 15.65 18.38 50.08
CA HIS A 90 14.75 17.98 48.98
C HIS A 90 15.17 18.48 47.57
N HIS A 91 16.27 19.24 47.45
CA HIS A 91 16.72 19.88 46.20
C HIS A 91 16.92 18.89 45.02
N HIS A 92 16.61 19.39 43.82
CA HIS A 92 16.89 18.78 42.52
C HIS A 92 17.24 19.91 41.53
N HIS A 93 18.18 19.66 40.62
CA HIS A 93 18.61 20.65 39.62
C HIS A 93 17.47 21.03 38.65
N HIS A 94 17.57 22.22 38.04
CA HIS A 94 16.51 22.85 37.25
C HIS A 94 16.38 22.35 35.79
N HIS A 95 17.29 21.49 35.35
CA HIS A 95 17.34 20.89 34.00
C HIS A 95 16.05 20.16 33.56
N GLY B 1 6.51 -42.26 20.04
CA GLY B 1 6.77 -40.82 19.92
C GLY B 1 7.28 -40.21 21.22
N SER B 2 7.54 -38.90 21.22
CA SER B 2 8.08 -38.11 22.36
C SER B 2 7.04 -37.92 23.48
N HIS B 3 6.74 -38.99 24.22
CA HIS B 3 5.73 -39.05 25.29
C HIS B 3 6.14 -38.35 26.61
N MET B 4 7.39 -37.90 26.74
CA MET B 4 7.98 -37.39 27.99
C MET B 4 7.30 -36.11 28.51
N THR B 5 7.38 -35.88 29.82
CA THR B 5 6.73 -34.77 30.57
C THR B 5 7.38 -33.39 30.40
N ILE B 6 8.45 -33.27 29.62
CA ILE B 6 9.20 -32.02 29.34
C ILE B 6 8.24 -30.92 28.85
N SER B 7 8.18 -29.81 29.60
CA SER B 7 7.28 -28.67 29.38
C SER B 7 8.05 -27.36 29.16
N GLN B 8 7.35 -26.31 28.72
CA GLN B 8 7.90 -24.96 28.52
C GLN B 8 8.35 -24.29 29.84
N GLN B 9 9.16 -23.24 29.73
CA GLN B 9 9.63 -22.40 30.84
C GLN B 9 9.47 -20.90 30.49
N GLU B 10 9.39 -20.05 31.52
CA GLU B 10 9.09 -18.61 31.39
C GLU B 10 10.29 -17.69 31.69
N PHE B 11 11.46 -18.27 32.02
CA PHE B 11 12.68 -17.55 32.39
C PHE B 11 13.18 -16.61 31.28
N GLY B 12 13.53 -15.37 31.64
CA GLY B 12 13.90 -14.27 30.75
C GLY B 12 15.40 -13.96 30.67
N ARG B 13 15.74 -12.83 30.04
CA ARG B 13 17.10 -12.29 29.86
C ARG B 13 17.14 -10.79 30.21
N THR B 14 18.31 -10.29 30.61
CA THR B 14 18.60 -8.85 30.79
C THR B 14 18.39 -8.09 29.47
N GLY B 15 17.91 -6.85 29.56
CA GLY B 15 17.63 -5.96 28.42
C GLY B 15 17.28 -4.53 28.85
N LEU B 16 16.95 -3.67 27.89
CA LEU B 16 16.57 -2.26 28.11
C LEU B 16 15.32 -2.14 29.02
N PRO B 17 15.36 -1.32 30.09
CA PRO B 17 14.18 -1.08 30.95
C PRO B 17 13.01 -0.42 30.22
N ASP B 18 11.84 -0.43 30.85
CA ASP B 18 10.65 0.34 30.47
C ASP B 18 10.78 1.80 30.97
N LEU B 19 11.90 2.44 30.60
CA LEU B 19 12.32 3.83 30.86
C LEU B 19 12.67 4.17 32.32
N SER B 20 12.57 3.21 33.25
CA SER B 20 12.85 3.42 34.68
C SER B 20 14.25 3.95 35.01
N SER B 21 15.28 3.51 34.26
CA SER B 21 16.70 3.87 34.52
C SER B 21 17.24 4.97 33.61
N MET B 22 16.63 5.21 32.44
CA MET B 22 17.17 6.13 31.41
C MET B 22 16.88 7.60 31.70
N THR B 23 17.91 8.45 31.57
CA THR B 23 17.78 9.92 31.59
C THR B 23 16.98 10.43 30.38
N GLU B 24 16.65 11.72 30.34
CA GLU B 24 16.03 12.34 29.16
C GLU B 24 16.91 12.17 27.90
N GLU B 25 18.22 12.32 28.03
CA GLU B 25 19.21 12.10 26.96
C GLU B 25 19.25 10.64 26.47
N GLU B 26 19.21 9.65 27.38
CA GLU B 26 19.15 8.22 27.01
C GLU B 26 17.80 7.83 26.39
N GLN B 27 16.67 8.38 26.87
CA GLN B 27 15.35 8.24 26.24
C GLN B 27 15.34 8.81 24.81
N ILE B 28 15.94 9.99 24.59
CA ILE B 28 16.17 10.56 23.26
C ILE B 28 17.04 9.63 22.40
N ALA B 29 18.19 9.17 22.89
CA ALA B 29 19.07 8.27 22.14
C ALA B 29 18.36 6.98 21.66
N TYR B 30 17.49 6.41 22.50
CA TYR B 30 16.59 5.32 22.12
C TYR B 30 15.59 5.75 21.03
N ALA B 31 14.92 6.90 21.18
CA ALA B 31 14.03 7.46 20.17
C ALA B 31 14.70 7.65 18.78
N MET B 32 15.93 8.17 18.75
CA MET B 32 16.74 8.33 17.53
C MET B 32 16.92 6.98 16.81
N GLN B 33 17.45 5.97 17.51
CA GLN B 33 17.64 4.63 16.98
C GLN B 33 16.32 3.98 16.52
N MET B 34 15.24 4.15 17.29
CA MET B 34 13.94 3.60 16.94
C MET B 34 13.36 4.24 15.67
N SER B 35 13.44 5.57 15.53
CA SER B 35 13.02 6.27 14.30
C SER B 35 13.85 5.91 13.07
N LEU B 36 15.14 5.60 13.23
CA LEU B 36 16.00 5.03 12.19
C LEU B 36 15.49 3.67 11.70
N GLN B 37 14.97 2.82 12.58
CA GLN B 37 14.28 1.57 12.17
C GLN B 37 12.97 1.81 11.40
N GLY B 38 12.46 3.05 11.36
CA GLY B 38 11.37 3.48 10.49
C GLY B 38 11.80 3.68 9.02
N ALA B 39 13.11 3.73 8.77
CA ALA B 39 13.75 3.70 7.47
C ALA B 39 14.29 2.28 7.17
N GLU B 40 15.54 2.14 6.73
CA GLU B 40 16.14 0.86 6.30
C GLU B 40 16.65 -0.03 7.45
N PHE B 41 16.81 0.54 8.65
CA PHE B 41 17.43 -0.13 9.81
C PHE B 41 16.51 -1.17 10.50
N GLY B 42 15.25 -1.28 10.08
CA GLY B 42 14.24 -2.20 10.64
C GLY B 42 14.49 -3.70 10.42
N GLN B 43 15.50 -4.06 9.61
CA GLN B 43 15.91 -5.44 9.32
C GLN B 43 17.40 -5.74 9.61
N ALA B 44 18.13 -4.79 10.21
CA ALA B 44 19.56 -4.93 10.53
C ALA B 44 19.85 -6.03 11.57
N GLU B 45 21.03 -6.66 11.48
CA GLU B 45 21.51 -7.68 12.43
C GLU B 45 21.92 -7.10 13.79
N SER B 46 22.51 -5.90 13.79
CA SER B 46 22.94 -5.08 14.95
C SER B 46 23.96 -5.72 15.92
N ALA B 47 24.42 -6.95 15.67
CA ALA B 47 25.46 -7.63 16.44
C ALA B 47 26.86 -7.01 16.26
N ASP B 48 27.82 -7.40 17.10
CA ASP B 48 29.23 -6.98 17.10
C ASP B 48 30.19 -8.13 17.50
N MET A 1 -8.88 7.97 11.59
CA MET A 1 -7.57 7.55 11.04
C MET A 1 -7.62 7.59 9.52
N GLN A 2 -6.80 8.46 8.95
CA GLN A 2 -6.77 8.77 7.52
C GLN A 2 -5.87 7.79 6.75
N VAL A 3 -6.40 6.59 6.49
CA VAL A 3 -5.76 5.58 5.63
C VAL A 3 -5.56 6.17 4.23
N THR A 4 -4.37 6.06 3.67
CA THR A 4 -4.14 6.39 2.25
C THR A 4 -4.60 5.21 1.38
N LEU A 5 -5.33 5.49 0.30
CA LEU A 5 -5.88 4.50 -0.63
C LEU A 5 -5.16 4.57 -1.99
N LYS A 6 -5.13 3.43 -2.69
CA LYS A 6 -4.62 3.28 -4.06
C LYS A 6 -5.50 2.34 -4.88
N THR A 7 -5.74 2.68 -6.14
CA THR A 7 -6.65 1.96 -7.06
C THR A 7 -5.89 1.04 -8.03
N LEU A 8 -6.61 0.16 -8.73
CA LEU A 8 -6.04 -0.62 -9.85
C LEU A 8 -5.68 0.25 -11.07
N GLN A 9 -6.36 1.39 -11.24
CA GLN A 9 -5.99 2.42 -12.22
C GLN A 9 -4.77 3.25 -11.75
N GLN A 10 -4.15 2.87 -10.62
CA GLN A 10 -2.93 3.44 -10.03
C GLN A 10 -3.10 4.90 -9.55
N GLN A 11 -4.34 5.30 -9.27
CA GLN A 11 -4.70 6.58 -8.66
C GLN A 11 -4.70 6.47 -7.14
N THR A 12 -4.58 7.59 -6.42
CA THR A 12 -4.50 7.62 -4.96
C THR A 12 -5.32 8.76 -4.33
N PHE A 13 -5.86 8.50 -3.14
CA PHE A 13 -6.63 9.42 -2.29
C PHE A 13 -6.47 9.04 -0.81
N LYS A 14 -7.22 9.65 0.12
CA LYS A 14 -7.27 9.22 1.53
C LYS A 14 -8.72 9.01 2.01
N ILE A 15 -8.87 8.17 3.03
CA ILE A 15 -10.13 7.79 3.69
C ILE A 15 -9.93 7.89 5.21
N ASP A 16 -10.54 8.92 5.81
CA ASP A 16 -10.64 9.02 7.26
C ASP A 16 -11.69 8.04 7.81
N ILE A 17 -11.24 6.91 8.35
CA ILE A 17 -12.06 5.82 8.91
C ILE A 17 -11.72 5.59 10.39
N ASP A 18 -12.68 5.14 11.19
CA ASP A 18 -12.44 4.77 12.60
C ASP A 18 -11.64 3.45 12.69
N PRO A 19 -10.42 3.43 13.27
CA PRO A 19 -9.55 2.25 13.25
C PRO A 19 -10.00 1.11 14.18
N GLU A 20 -10.93 1.35 15.11
CA GLU A 20 -11.53 0.30 15.94
C GLU A 20 -12.76 -0.34 15.27
N GLU A 21 -13.30 0.27 14.21
CA GLU A 21 -14.32 -0.33 13.35
C GLU A 21 -13.66 -1.31 12.34
N THR A 22 -14.48 -2.01 11.57
CA THR A 22 -14.02 -3.11 10.72
C THR A 22 -13.69 -2.70 9.28
N VAL A 23 -13.15 -3.66 8.51
CA VAL A 23 -12.87 -3.50 7.08
C VAL A 23 -14.17 -3.23 6.29
N LYS A 24 -15.31 -3.78 6.71
CA LYS A 24 -16.63 -3.42 6.17
C LYS A 24 -16.95 -1.92 6.36
N ALA A 25 -16.56 -1.32 7.48
CA ALA A 25 -16.69 0.12 7.71
C ALA A 25 -15.75 0.95 6.80
N LEU A 26 -14.52 0.49 6.53
CA LEU A 26 -13.63 1.05 5.52
C LEU A 26 -14.31 1.08 4.13
N LYS A 27 -14.78 -0.08 3.66
CA LYS A 27 -15.61 -0.22 2.45
C LYS A 27 -16.79 0.75 2.41
N GLU A 28 -17.50 0.94 3.53
CA GLU A 28 -18.55 1.96 3.73
C GLU A 28 -18.07 3.37 3.37
N LYS A 29 -16.96 3.83 3.95
CA LYS A 29 -16.43 5.18 3.74
C LYS A 29 -15.89 5.39 2.33
N ILE A 30 -15.30 4.35 1.73
CA ILE A 30 -14.92 4.32 0.29
C ILE A 30 -16.15 4.47 -0.60
N GLU A 31 -17.20 3.68 -0.37
CA GLU A 31 -18.47 3.76 -1.13
C GLU A 31 -19.10 5.16 -1.03
N SER A 32 -19.10 5.75 0.18
CA SER A 32 -19.58 7.11 0.44
C SER A 32 -18.77 8.18 -0.31
N GLU A 33 -17.43 8.12 -0.24
CA GLU A 33 -16.51 9.07 -0.90
C GLU A 33 -16.56 8.97 -2.44
N LYS A 34 -16.27 7.77 -2.98
CA LYS A 34 -16.07 7.54 -4.42
C LYS A 34 -17.36 7.30 -5.21
N GLY A 35 -18.45 7.02 -4.50
CA GLY A 35 -19.77 6.64 -5.02
C GLY A 35 -19.90 5.12 -5.23
N LYS A 36 -21.06 4.55 -4.91
CA LYS A 36 -21.37 3.12 -5.09
C LYS A 36 -21.30 2.65 -6.54
N ASP A 37 -21.49 3.57 -7.48
CA ASP A 37 -21.41 3.34 -8.92
C ASP A 37 -19.98 3.00 -9.37
N ALA A 38 -18.97 3.53 -8.66
CA ALA A 38 -17.56 3.24 -8.86
C ALA A 38 -17.08 2.08 -7.96
N PHE A 39 -17.40 2.14 -6.66
CA PHE A 39 -16.93 1.21 -5.63
C PHE A 39 -18.06 0.84 -4.64
N PRO A 40 -18.97 -0.10 -4.99
CA PRO A 40 -20.01 -0.57 -4.09
C PRO A 40 -19.40 -1.48 -3.00
N VAL A 41 -19.89 -1.43 -1.76
CA VAL A 41 -19.49 -2.36 -0.67
C VAL A 41 -19.60 -3.82 -1.14
N ALA A 42 -20.71 -4.12 -1.82
CA ALA A 42 -21.03 -5.44 -2.39
C ALA A 42 -20.13 -5.90 -3.56
N GLY A 43 -19.14 -5.11 -4.00
CA GLY A 43 -18.15 -5.47 -5.04
C GLY A 43 -16.68 -5.18 -4.67
N GLN A 44 -16.44 -4.29 -3.70
CA GLN A 44 -15.10 -3.94 -3.23
C GLN A 44 -14.31 -5.09 -2.60
N LYS A 45 -12.99 -5.08 -2.77
CA LYS A 45 -11.98 -5.91 -2.10
C LYS A 45 -10.82 -5.02 -1.64
N LEU A 46 -10.26 -5.34 -0.48
CA LEU A 46 -9.30 -4.54 0.27
C LEU A 46 -8.04 -5.36 0.55
N ILE A 47 -6.86 -4.88 0.16
CA ILE A 47 -5.59 -5.62 0.19
C ILE A 47 -4.49 -4.76 0.84
N TYR A 48 -3.81 -5.30 1.85
CA TYR A 48 -2.65 -4.68 2.53
C TYR A 48 -1.51 -5.68 2.69
N ALA A 49 -0.25 -5.25 2.48
CA ALA A 49 0.95 -6.09 2.63
C ALA A 49 0.90 -7.45 1.87
N GLY A 50 0.14 -7.51 0.78
CA GLY A 50 -0.12 -8.71 -0.03
C GLY A 50 -1.15 -9.70 0.54
N LYS A 51 -1.98 -9.26 1.51
CA LYS A 51 -3.04 -10.04 2.17
C LYS A 51 -4.38 -9.30 2.10
N ILE A 52 -5.43 -9.98 1.64
CA ILE A 52 -6.79 -9.44 1.59
C ILE A 52 -7.35 -9.29 3.02
N LEU A 53 -7.79 -8.09 3.38
CA LEU A 53 -8.33 -7.73 4.68
C LEU A 53 -9.71 -8.39 4.92
N ASN A 54 -9.87 -9.06 6.06
CA ASN A 54 -11.11 -9.74 6.48
C ASN A 54 -12.22 -8.74 6.84
N ASP A 55 -13.37 -8.80 6.17
CA ASP A 55 -14.51 -7.89 6.32
C ASP A 55 -14.96 -7.63 7.77
N ASP A 56 -15.01 -8.68 8.61
CA ASP A 56 -15.49 -8.64 10.00
C ASP A 56 -14.38 -8.33 11.03
N THR A 57 -13.11 -8.38 10.63
CA THR A 57 -11.95 -8.06 11.49
C THR A 57 -11.72 -6.55 11.54
N ALA A 58 -11.31 -6.01 12.69
CA ALA A 58 -11.07 -4.58 12.87
C ALA A 58 -9.75 -4.10 12.25
N LEU A 59 -9.68 -2.83 11.85
CA LEU A 59 -8.50 -2.25 11.16
C LEU A 59 -7.24 -2.26 12.03
N LYS A 60 -7.39 -2.01 13.35
CA LYS A 60 -6.33 -2.13 14.36
C LYS A 60 -5.62 -3.49 14.41
N GLU A 61 -6.27 -4.58 13.97
CA GLU A 61 -5.68 -5.93 13.92
C GLU A 61 -4.60 -6.07 12.83
N TYR A 62 -4.63 -5.20 11.81
CA TYR A 62 -3.69 -5.17 10.67
C TYR A 62 -2.63 -4.07 10.84
N LYS A 63 -2.73 -3.26 11.91
CA LYS A 63 -1.86 -2.15 12.30
C LYS A 63 -1.54 -1.18 11.14
N ILE A 64 -2.54 -0.93 10.28
CA ILE A 64 -2.47 0.03 9.16
C ILE A 64 -2.17 1.43 9.71
N ASP A 65 -1.31 2.18 9.03
CA ASP A 65 -0.93 3.56 9.38
C ASP A 65 -1.53 4.57 8.40
N GLU A 66 -1.59 5.85 8.78
CA GLU A 66 -2.06 6.92 7.89
C GLU A 66 -1.10 7.20 6.72
N LYS A 67 0.22 7.13 6.95
CA LYS A 67 1.28 7.41 5.96
C LYS A 67 1.46 6.29 4.94
N ASN A 68 1.31 5.04 5.37
CA ASN A 68 1.26 3.86 4.50
C ASN A 68 -0.04 3.83 3.69
N PHE A 69 -0.06 3.08 2.57
CA PHE A 69 -1.24 2.98 1.70
C PHE A 69 -1.81 1.56 1.61
N VAL A 70 -3.13 1.47 1.61
CA VAL A 70 -3.93 0.26 1.34
C VAL A 70 -4.26 0.24 -0.17
N VAL A 71 -4.59 -0.93 -0.70
CA VAL A 71 -5.09 -1.07 -2.07
C VAL A 71 -6.55 -1.48 -2.07
N VAL A 72 -7.35 -0.78 -2.87
CA VAL A 72 -8.77 -1.07 -3.13
C VAL A 72 -8.97 -1.47 -4.58
N MET A 73 -9.80 -2.50 -4.80
CA MET A 73 -10.31 -2.92 -6.09
C MET A 73 -11.79 -3.23 -6.04
N VAL A 74 -12.41 -3.41 -7.21
CA VAL A 74 -13.84 -3.70 -7.37
C VAL A 74 -14.03 -4.88 -8.33
N THR A 75 -14.40 -6.04 -7.78
CA THR A 75 -14.82 -7.22 -8.57
C THR A 75 -16.28 -7.09 -9.04
N LYS A 76 -16.76 -8.02 -9.88
CA LYS A 76 -18.19 -8.15 -10.23
C LYS A 76 -19.04 -8.31 -8.96
N PRO A 77 -19.97 -7.38 -8.63
CA PRO A 77 -20.71 -7.42 -7.36
C PRO A 77 -21.45 -8.72 -7.05
N LYS A 78 -21.71 -8.92 -5.76
CA LYS A 78 -22.41 -10.12 -5.22
C LYS A 78 -23.93 -9.92 -5.08
N ALA A 79 -24.41 -8.72 -5.43
CA ALA A 79 -25.80 -8.28 -5.36
C ALA A 79 -26.18 -7.43 -6.61
N VAL A 80 -26.10 -8.04 -7.79
CA VAL A 80 -26.47 -7.46 -9.10
C VAL A 80 -27.19 -8.49 -9.97
N SER A 81 -27.99 -8.04 -10.94
CA SER A 81 -28.85 -8.85 -11.84
C SER A 81 -29.93 -9.71 -11.14
N THR A 82 -30.09 -9.58 -9.83
CA THR A 82 -31.12 -10.24 -9.00
C THR A 82 -32.52 -9.64 -9.24
N PRO A 83 -33.61 -10.41 -9.00
CA PRO A 83 -34.99 -9.91 -9.08
C PRO A 83 -35.37 -9.04 -7.86
N ALA A 84 -36.55 -8.43 -7.91
CA ALA A 84 -37.17 -7.65 -6.84
C ALA A 84 -38.54 -8.26 -6.40
N PRO A 85 -38.55 -9.40 -5.67
CA PRO A 85 -39.76 -10.11 -5.26
C PRO A 85 -40.62 -9.39 -4.20
N ALA A 86 -40.18 -8.22 -3.74
CA ALA A 86 -40.92 -7.28 -2.88
C ALA A 86 -42.12 -6.60 -3.60
N THR A 87 -42.21 -6.72 -4.93
CA THR A 87 -43.32 -6.24 -5.78
C THR A 87 -43.81 -7.33 -6.74
N LEU A 88 -44.77 -7.02 -7.61
CA LEU A 88 -45.35 -7.88 -8.65
C LEU A 88 -44.33 -8.11 -9.80
N GLU A 89 -43.24 -8.81 -9.48
CA GLU A 89 -42.10 -9.07 -10.36
C GLU A 89 -42.47 -9.96 -11.58
N HIS A 90 -41.83 -9.69 -12.72
CA HIS A 90 -41.94 -10.43 -13.99
C HIS A 90 -40.56 -10.79 -14.59
N HIS A 91 -39.47 -10.13 -14.16
CA HIS A 91 -38.12 -10.26 -14.72
C HIS A 91 -37.35 -11.52 -14.25
N HIS A 92 -38.01 -12.48 -13.60
CA HIS A 92 -37.45 -13.78 -13.19
C HIS A 92 -36.81 -14.62 -14.32
N HIS A 93 -37.05 -14.28 -15.60
CA HIS A 93 -36.41 -14.90 -16.78
C HIS A 93 -34.87 -14.90 -16.73
N HIS A 94 -34.26 -13.94 -16.02
CA HIS A 94 -32.80 -13.76 -15.90
C HIS A 94 -32.09 -14.76 -14.95
N HIS A 95 -32.82 -15.68 -14.29
CA HIS A 95 -32.25 -16.69 -13.38
C HIS A 95 -31.19 -17.61 -14.02
N GLY B 1 2.67 -35.22 -27.27
CA GLY B 1 2.36 -35.79 -25.93
C GLY B 1 2.83 -34.88 -24.81
N SER B 2 2.40 -35.15 -23.57
CA SER B 2 2.81 -34.37 -22.38
C SER B 2 4.32 -34.48 -22.10
N HIS B 3 4.85 -33.49 -21.36
CA HIS B 3 6.23 -33.21 -20.92
C HIS B 3 7.37 -33.22 -21.97
N MET B 4 7.34 -34.09 -22.98
CA MET B 4 8.39 -34.24 -24.00
C MET B 4 8.47 -33.05 -24.97
N THR B 5 7.35 -32.42 -25.31
CA THR B 5 7.26 -31.29 -26.24
C THR B 5 7.63 -29.95 -25.55
N ILE B 6 8.89 -29.84 -25.10
CA ILE B 6 9.43 -28.64 -24.43
C ILE B 6 9.44 -27.37 -25.31
N SER B 7 9.37 -27.54 -26.63
CA SER B 7 9.25 -26.47 -27.64
C SER B 7 7.88 -25.75 -27.65
N GLN B 8 6.89 -26.23 -26.90
CA GLN B 8 5.54 -25.67 -26.82
C GLN B 8 5.48 -24.22 -26.27
N GLN B 9 6.49 -23.80 -25.50
CA GLN B 9 6.66 -22.41 -25.05
C GLN B 9 7.08 -21.47 -26.21
N GLU B 10 6.20 -20.57 -26.64
CA GLU B 10 6.42 -19.66 -27.78
C GLU B 10 6.56 -18.17 -27.39
N PHE B 11 6.27 -17.79 -26.14
CA PHE B 11 6.38 -16.41 -25.62
C PHE B 11 6.69 -16.37 -24.12
N GLY B 12 7.03 -15.17 -23.61
CA GLY B 12 7.27 -14.87 -22.20
C GLY B 12 6.07 -14.17 -21.55
N ARG B 13 5.55 -14.72 -20.46
CA ARG B 13 4.31 -14.28 -19.77
C ARG B 13 4.42 -12.96 -18.97
N THR B 14 5.62 -12.38 -18.85
CA THR B 14 5.86 -11.09 -18.18
C THR B 14 5.18 -9.90 -18.88
N GLY B 15 5.16 -8.72 -18.23
CA GLY B 15 4.53 -7.49 -18.72
C GLY B 15 3.00 -7.55 -18.66
N LEU B 16 2.44 -7.51 -17.45
CA LEU B 16 1.00 -7.59 -17.19
C LEU B 16 0.20 -6.43 -17.85
N PRO B 17 -1.09 -6.64 -18.20
CA PRO B 17 -1.94 -5.63 -18.82
C PRO B 17 -2.19 -4.36 -17.98
N ASP B 18 -2.77 -3.35 -18.63
CA ASP B 18 -3.33 -2.13 -18.01
C ASP B 18 -4.76 -2.45 -17.51
N LEU B 19 -4.88 -3.55 -16.77
CA LEU B 19 -6.08 -4.27 -16.32
C LEU B 19 -6.99 -4.83 -17.43
N SER B 20 -6.71 -4.56 -18.70
CA SER B 20 -7.56 -4.89 -19.87
C SER B 20 -7.82 -6.39 -20.06
N SER B 21 -6.75 -7.18 -20.19
CA SER B 21 -6.78 -8.65 -20.35
C SER B 21 -6.60 -9.41 -19.03
N MET B 22 -6.52 -8.68 -17.90
CA MET B 22 -6.21 -9.18 -16.56
C MET B 22 -7.36 -10.01 -15.97
N THR B 23 -7.17 -11.31 -15.78
CA THR B 23 -8.10 -12.18 -15.03
C THR B 23 -8.17 -11.78 -13.55
N GLU B 24 -9.26 -12.09 -12.85
CA GLU B 24 -9.52 -11.59 -11.49
C GLU B 24 -8.42 -11.97 -10.47
N GLU B 25 -7.86 -13.18 -10.58
CA GLU B 25 -6.72 -13.62 -9.75
C GLU B 25 -5.45 -12.80 -10.00
N GLU B 26 -5.19 -12.38 -11.25
CA GLU B 26 -4.07 -11.52 -11.60
C GLU B 26 -4.31 -10.05 -11.22
N GLN B 27 -5.57 -9.56 -11.27
CA GLN B 27 -5.95 -8.25 -10.72
C GLN B 27 -5.66 -8.18 -9.21
N ILE B 28 -6.07 -9.23 -8.49
CA ILE B 28 -5.75 -9.45 -7.07
C ILE B 28 -4.23 -9.47 -6.85
N ALA B 29 -3.46 -10.29 -7.58
CA ALA B 29 -2.00 -10.35 -7.42
C ALA B 29 -1.29 -9.01 -7.72
N TYR B 30 -1.78 -8.24 -8.70
CA TYR B 30 -1.34 -6.86 -8.96
C TYR B 30 -1.62 -5.93 -7.76
N ALA B 31 -2.82 -5.99 -7.17
CA ALA B 31 -3.11 -5.31 -5.90
C ALA B 31 -2.18 -5.75 -4.75
N MET B 32 -1.89 -7.05 -4.61
CA MET B 32 -0.95 -7.58 -3.63
C MET B 32 0.45 -6.96 -3.79
N GLN B 33 1.01 -6.99 -5.01
CA GLN B 33 2.30 -6.36 -5.34
C GLN B 33 2.33 -4.86 -5.01
N MET B 34 1.29 -4.10 -5.33
CA MET B 34 1.21 -2.68 -4.96
C MET B 34 1.16 -2.50 -3.44
N SER B 35 0.29 -3.24 -2.73
CA SER B 35 0.13 -3.14 -1.27
C SER B 35 1.37 -3.58 -0.48
N LEU B 36 2.20 -4.47 -1.03
CA LEU B 36 3.52 -4.83 -0.48
C LEU B 36 4.44 -3.62 -0.44
N GLN B 37 4.44 -2.79 -1.48
CA GLN B 37 5.15 -1.51 -1.48
C GLN B 37 4.47 -0.46 -0.59
N GLY B 38 3.14 -0.50 -0.47
CA GLY B 38 2.38 0.29 0.51
C GLY B 38 2.71 -0.04 1.97
N ALA B 39 3.15 -1.27 2.24
CA ALA B 39 3.61 -1.76 3.53
C ALA B 39 5.11 -1.46 3.79
N GLU B 40 6.02 -2.18 3.12
CA GLU B 40 7.47 -2.15 3.44
C GLU B 40 8.42 -2.12 2.22
N PHE B 41 7.94 -2.48 1.03
CA PHE B 41 8.75 -2.59 -0.20
C PHE B 41 8.78 -1.31 -1.05
N GLY B 42 8.29 -0.18 -0.50
CA GLY B 42 8.21 1.13 -1.16
C GLY B 42 9.55 1.86 -1.25
N GLN B 43 10.36 1.53 -2.27
CA GLN B 43 11.66 2.13 -2.59
C GLN B 43 12.65 2.13 -1.39
N ALA B 44 12.68 1.03 -0.63
CA ALA B 44 13.58 0.81 0.50
C ALA B 44 15.08 0.77 0.10
N GLU B 45 15.97 0.88 1.09
CA GLU B 45 17.43 0.92 0.90
C GLU B 45 17.99 -0.34 0.23
N SER B 46 17.53 -1.53 0.64
CA SER B 46 17.91 -2.84 0.10
C SER B 46 16.79 -3.89 0.24
N ALA B 47 16.95 -5.03 -0.44
CA ALA B 47 16.07 -6.19 -0.30
C ALA B 47 16.24 -6.94 1.04
N ASP B 48 15.35 -7.91 1.31
CA ASP B 48 15.41 -8.83 2.48
C ASP B 48 16.67 -9.72 2.51
N MET A 1 -10.58 2.12 7.35
CA MET A 1 -9.22 2.23 6.77
C MET A 1 -9.11 3.44 5.86
N GLN A 2 -8.36 4.46 6.26
CA GLN A 2 -8.00 5.58 5.39
C GLN A 2 -6.73 5.22 4.58
N VAL A 3 -6.93 4.41 3.53
CA VAL A 3 -5.89 3.93 2.61
C VAL A 3 -5.30 5.11 1.82
N THR A 4 -3.98 5.18 1.69
CA THR A 4 -3.33 6.14 0.76
C THR A 4 -3.32 5.57 -0.66
N LEU A 5 -3.67 6.39 -1.64
CA LEU A 5 -3.73 6.05 -3.07
C LEU A 5 -2.61 6.77 -3.85
N LYS A 6 -2.17 6.14 -4.94
CA LYS A 6 -1.22 6.68 -5.94
C LYS A 6 -1.66 6.35 -7.36
N THR A 7 -1.77 7.37 -8.21
CA THR A 7 -2.18 7.25 -9.63
C THR A 7 -0.99 6.91 -10.54
N LEU A 8 -1.24 6.55 -11.81
CA LEU A 8 -0.19 6.36 -12.82
C LEU A 8 0.49 7.68 -13.24
N GLN A 9 -0.20 8.81 -13.07
CA GLN A 9 0.39 10.15 -13.22
C GLN A 9 1.21 10.57 -11.98
N GLN A 10 1.40 9.65 -11.03
CA GLN A 10 2.11 9.78 -9.76
C GLN A 10 1.56 10.88 -8.84
N GLN A 11 0.23 11.11 -8.89
CA GLN A 11 -0.49 11.94 -7.93
C GLN A 11 -0.93 11.07 -6.74
N THR A 12 -1.02 11.64 -5.54
CA THR A 12 -1.36 10.89 -4.32
C THR A 12 -2.48 11.54 -3.53
N PHE A 13 -3.37 10.69 -3.00
CA PHE A 13 -4.62 11.03 -2.32
C PHE A 13 -4.88 10.03 -1.18
N LYS A 14 -5.99 10.17 -0.44
CA LYS A 14 -6.46 9.17 0.53
C LYS A 14 -7.93 8.81 0.30
N ILE A 15 -8.29 7.57 0.63
CA ILE A 15 -9.64 7.00 0.54
C ILE A 15 -9.99 6.34 1.87
N ASP A 16 -10.96 6.91 2.56
CA ASP A 16 -11.61 6.34 3.75
C ASP A 16 -12.61 5.24 3.34
N ILE A 17 -12.17 3.98 3.39
CA ILE A 17 -12.90 2.76 2.98
C ILE A 17 -13.06 1.79 4.15
N ASP A 18 -14.19 1.07 4.20
CA ASP A 18 -14.39 -0.05 5.14
C ASP A 18 -13.91 -1.37 4.50
N PRO A 19 -12.95 -2.11 5.11
CA PRO A 19 -12.28 -3.26 4.48
C PRO A 19 -13.23 -4.42 4.12
N GLU A 20 -14.33 -4.57 4.86
CA GLU A 20 -15.35 -5.59 4.69
C GLU A 20 -16.27 -5.37 3.47
N GLU A 21 -16.34 -4.15 2.91
CA GLU A 21 -17.19 -3.86 1.75
C GLU A 21 -16.66 -4.40 0.41
N THR A 22 -15.41 -4.86 0.42
CA THR A 22 -14.56 -5.50 -0.62
C THR A 22 -13.89 -4.50 -1.56
N VAL A 23 -13.01 -4.98 -2.45
CA VAL A 23 -12.28 -4.17 -3.43
C VAL A 23 -13.22 -3.38 -4.36
N LYS A 24 -14.39 -3.91 -4.72
CA LYS A 24 -15.40 -3.17 -5.50
C LYS A 24 -15.92 -1.92 -4.75
N ALA A 25 -15.89 -1.92 -3.42
CA ALA A 25 -16.21 -0.76 -2.60
C ALA A 25 -15.07 0.26 -2.51
N LEU A 26 -13.79 -0.16 -2.54
CA LEU A 26 -12.68 0.78 -2.69
C LEU A 26 -12.87 1.60 -3.98
N LYS A 27 -13.12 0.89 -5.08
CA LYS A 27 -13.57 1.45 -6.37
C LYS A 27 -14.83 2.33 -6.26
N GLU A 28 -15.85 1.95 -5.50
CA GLU A 28 -17.06 2.79 -5.27
C GLU A 28 -16.72 4.14 -4.59
N LYS A 29 -15.85 4.12 -3.57
CA LYS A 29 -15.32 5.34 -2.92
C LYS A 29 -14.49 6.19 -3.88
N ILE A 30 -13.60 5.60 -4.66
CA ILE A 30 -12.79 6.28 -5.69
C ILE A 30 -13.70 6.96 -6.73
N GLU A 31 -14.68 6.25 -7.27
CA GLU A 31 -15.71 6.78 -8.18
C GLU A 31 -16.45 7.99 -7.57
N SER A 32 -16.94 7.84 -6.34
CA SER A 32 -17.66 8.88 -5.60
C SER A 32 -16.80 10.14 -5.35
N GLU A 33 -15.57 9.96 -4.88
CA GLU A 33 -14.62 11.04 -4.54
C GLU A 33 -14.09 11.77 -5.79
N LYS A 34 -13.54 11.03 -6.75
CA LYS A 34 -12.79 11.56 -7.91
C LYS A 34 -13.67 11.88 -9.13
N GLY A 35 -14.89 11.37 -9.17
CA GLY A 35 -15.88 11.57 -10.23
C GLY A 35 -15.86 10.45 -11.28
N LYS A 36 -17.01 9.77 -11.49
CA LYS A 36 -17.15 8.57 -12.34
C LYS A 36 -16.61 8.73 -13.77
N ASP A 37 -16.70 9.94 -14.35
CA ASP A 37 -16.38 10.18 -15.76
C ASP A 37 -14.88 9.99 -16.04
N ALA A 38 -14.03 10.32 -15.06
CA ALA A 38 -12.59 10.10 -15.10
C ALA A 38 -12.14 8.84 -14.31
N PHE A 39 -12.93 8.41 -13.33
CA PHE A 39 -12.66 7.29 -12.42
C PHE A 39 -13.89 6.34 -12.31
N PRO A 40 -14.25 5.59 -13.39
CA PRO A 40 -15.44 4.74 -13.38
C PRO A 40 -15.17 3.39 -12.70
N VAL A 41 -16.11 2.87 -11.90
CA VAL A 41 -16.02 1.51 -11.30
C VAL A 41 -15.74 0.45 -12.36
N ALA A 42 -16.46 0.50 -13.48
CA ALA A 42 -16.36 -0.46 -14.57
C ALA A 42 -15.04 -0.39 -15.40
N GLY A 43 -14.13 0.54 -15.09
CA GLY A 43 -12.80 0.70 -15.72
C GLY A 43 -11.62 0.77 -14.73
N GLN A 44 -11.86 1.03 -13.45
CA GLN A 44 -10.81 1.11 -12.42
C GLN A 44 -10.15 -0.25 -12.15
N LYS A 45 -8.82 -0.27 -12.02
CA LYS A 45 -8.02 -1.40 -11.53
C LYS A 45 -7.23 -0.97 -10.30
N LEU A 46 -7.01 -1.94 -9.41
CA LEU A 46 -6.48 -1.76 -8.07
C LEU A 46 -5.35 -2.76 -7.84
N ILE A 47 -4.16 -2.29 -7.47
CA ILE A 47 -2.92 -3.08 -7.41
C ILE A 47 -2.19 -2.84 -6.07
N TYR A 48 -1.98 -3.92 -5.29
CA TYR A 48 -1.13 -3.91 -4.10
C TYR A 48 -0.09 -5.04 -4.14
N ALA A 49 1.08 -4.81 -3.55
CA ALA A 49 2.23 -5.73 -3.58
C ALA A 49 2.62 -6.23 -5.00
N GLY A 50 2.31 -5.44 -6.04
CA GLY A 50 2.50 -5.78 -7.45
C GLY A 50 1.51 -6.81 -8.01
N LYS A 51 0.35 -7.01 -7.36
CA LYS A 51 -0.73 -7.94 -7.75
C LYS A 51 -2.08 -7.22 -7.82
N ILE A 52 -2.81 -7.37 -8.93
CA ILE A 52 -4.16 -6.82 -9.10
C ILE A 52 -5.15 -7.51 -8.16
N LEU A 53 -5.89 -6.72 -7.38
CA LEU A 53 -6.84 -7.16 -6.36
C LEU A 53 -8.15 -7.66 -6.99
N ASN A 54 -8.71 -8.76 -6.46
CA ASN A 54 -9.99 -9.32 -6.86
C ASN A 54 -11.16 -8.45 -6.34
N ASP A 55 -12.02 -7.96 -7.23
CA ASP A 55 -13.15 -7.07 -6.93
C ASP A 55 -14.08 -7.57 -5.79
N ASP A 56 -14.27 -8.88 -5.66
CA ASP A 56 -15.18 -9.50 -4.70
C ASP A 56 -14.49 -10.05 -3.42
N THR A 57 -13.15 -9.98 -3.36
CA THR A 57 -12.37 -10.33 -2.16
C THR A 57 -12.20 -9.10 -1.25
N ALA A 58 -12.19 -9.29 0.07
CA ALA A 58 -12.06 -8.21 1.04
C ALA A 58 -10.63 -7.63 1.12
N LEU A 59 -10.52 -6.35 1.53
CA LEU A 59 -9.23 -5.63 1.63
C LEU A 59 -8.28 -6.22 2.69
N LYS A 60 -8.87 -6.81 3.76
CA LYS A 60 -8.16 -7.53 4.83
C LYS A 60 -7.33 -8.72 4.31
N GLU A 61 -7.80 -9.41 3.27
CA GLU A 61 -7.15 -10.59 2.67
C GLU A 61 -5.79 -10.27 2.01
N TYR A 62 -5.53 -8.99 1.73
CA TYR A 62 -4.30 -8.48 1.10
C TYR A 62 -3.39 -7.74 2.09
N LYS A 63 -3.83 -7.64 3.36
CA LYS A 63 -3.17 -6.96 4.48
C LYS A 63 -2.66 -5.54 4.16
N ILE A 64 -3.43 -4.80 3.35
CA ILE A 64 -3.23 -3.37 3.06
C ILE A 64 -3.32 -2.58 4.38
N ASP A 65 -2.55 -1.50 4.50
CA ASP A 65 -2.46 -0.65 5.70
C ASP A 65 -2.80 0.81 5.37
N GLU A 66 -3.08 1.61 6.41
CA GLU A 66 -3.31 3.06 6.26
C GLU A 66 -2.01 3.85 6.03
N LYS A 67 -0.87 3.34 6.51
CA LYS A 67 0.47 3.96 6.39
C LYS A 67 1.11 3.73 5.01
N ASN A 68 0.92 2.54 4.44
CA ASN A 68 1.34 2.18 3.07
C ASN A 68 0.43 2.84 2.02
N PHE A 69 0.83 2.80 0.74
CA PHE A 69 0.02 3.26 -0.38
C PHE A 69 -0.34 2.11 -1.35
N VAL A 70 -1.57 2.14 -1.87
CA VAL A 70 -2.07 1.30 -2.97
C VAL A 70 -1.84 2.01 -4.31
N VAL A 71 -1.88 1.27 -5.42
CA VAL A 71 -1.81 1.85 -6.78
C VAL A 71 -3.14 1.67 -7.51
N VAL A 72 -3.62 2.75 -8.13
CA VAL A 72 -4.86 2.79 -8.91
C VAL A 72 -4.60 3.23 -10.36
N MET A 73 -5.29 2.58 -11.30
CA MET A 73 -5.31 2.92 -12.73
C MET A 73 -6.71 2.75 -13.33
N VAL A 74 -6.88 3.15 -14.59
CA VAL A 74 -8.14 3.05 -15.34
C VAL A 74 -7.89 2.41 -16.71
N THR A 75 -8.24 1.14 -16.87
CA THR A 75 -8.24 0.41 -18.15
C THR A 75 -9.45 0.79 -19.02
N LYS A 76 -9.51 0.32 -20.27
CA LYS A 76 -10.70 0.44 -21.13
C LYS A 76 -11.92 -0.24 -20.46
N PRO A 77 -12.99 0.50 -20.09
CA PRO A 77 -14.15 -0.08 -19.39
C PRO A 77 -14.85 -1.22 -20.12
N LYS A 78 -15.66 -1.97 -19.34
CA LYS A 78 -16.53 -3.06 -19.82
C LYS A 78 -18.03 -2.86 -19.57
N ALA A 79 -18.39 -1.75 -18.92
CA ALA A 79 -19.74 -1.44 -18.42
C ALA A 79 -20.40 -2.62 -17.65
N VAL A 80 -21.73 -2.61 -17.55
CA VAL A 80 -22.56 -3.69 -16.96
C VAL A 80 -23.71 -4.10 -17.90
N SER A 81 -24.30 -5.27 -17.67
CA SER A 81 -25.36 -5.85 -18.53
C SER A 81 -26.71 -5.10 -18.45
N THR A 82 -27.02 -4.51 -17.30
CA THR A 82 -28.21 -3.66 -17.07
C THR A 82 -28.00 -2.22 -17.56
N PRO A 83 -29.08 -1.41 -17.70
CA PRO A 83 -28.97 0.03 -17.96
C PRO A 83 -28.11 0.76 -16.90
N ALA A 84 -27.27 1.70 -17.34
CA ALA A 84 -26.31 2.43 -16.50
C ALA A 84 -26.16 3.91 -16.94
N PRO A 85 -25.69 4.81 -16.05
CA PRO A 85 -25.45 6.23 -16.36
C PRO A 85 -24.15 6.51 -17.14
N ALA A 86 -23.43 5.47 -17.55
CA ALA A 86 -22.25 5.51 -18.42
C ALA A 86 -22.63 5.93 -19.87
N THR A 87 -22.44 7.21 -20.21
CA THR A 87 -22.76 7.78 -21.53
C THR A 87 -21.84 7.31 -22.67
N LEU A 88 -20.68 6.71 -22.34
CA LEU A 88 -19.62 6.29 -23.27
C LEU A 88 -19.08 7.43 -24.18
N GLU A 89 -19.37 8.69 -23.84
CA GLU A 89 -19.02 9.91 -24.59
C GLU A 89 -19.43 9.88 -26.09
N HIS A 90 -20.50 9.15 -26.43
CA HIS A 90 -21.03 9.08 -27.80
C HIS A 90 -21.60 10.42 -28.31
N HIS A 91 -21.85 10.51 -29.62
CA HIS A 91 -22.45 11.67 -30.29
C HIS A 91 -23.39 11.25 -31.44
N HIS A 92 -24.33 12.13 -31.81
CA HIS A 92 -25.44 11.86 -32.74
C HIS A 92 -25.05 11.65 -34.22
N HIS A 93 -23.76 11.70 -34.57
CA HIS A 93 -23.23 11.39 -35.90
C HIS A 93 -23.37 9.91 -36.32
N HIS A 94 -23.81 9.02 -35.42
CA HIS A 94 -24.17 7.62 -35.71
C HIS A 94 -25.34 7.49 -36.72
N HIS A 95 -25.60 6.25 -37.17
CA HIS A 95 -26.74 5.88 -38.03
C HIS A 95 -28.11 6.20 -37.39
N GLY B 1 27.60 -24.93 -38.32
CA GLY B 1 27.49 -23.97 -37.22
C GLY B 1 26.48 -22.87 -37.53
N SER B 2 25.75 -22.39 -36.51
CA SER B 2 24.77 -21.30 -36.64
C SER B 2 25.42 -19.93 -36.91
N HIS B 3 24.61 -18.96 -37.35
CA HIS B 3 24.95 -17.53 -37.47
C HIS B 3 25.35 -16.87 -36.13
N MET B 4 25.95 -15.68 -36.20
CA MET B 4 26.50 -14.93 -35.06
C MET B 4 25.88 -13.53 -34.88
N THR B 5 25.00 -13.10 -35.78
CA THR B 5 24.36 -11.76 -35.77
C THR B 5 23.45 -11.50 -34.58
N ILE B 6 22.95 -12.54 -33.90
CA ILE B 6 22.15 -12.47 -32.66
C ILE B 6 22.92 -11.93 -31.44
N SER B 7 24.25 -11.77 -31.53
CA SER B 7 25.10 -11.16 -30.50
C SER B 7 24.85 -9.66 -30.26
N GLN B 8 24.11 -8.98 -31.15
CA GLN B 8 23.70 -7.58 -31.04
C GLN B 8 22.76 -7.29 -29.84
N GLN B 9 22.51 -6.00 -29.57
CA GLN B 9 21.57 -5.52 -28.55
C GLN B 9 20.80 -4.29 -29.07
N GLU B 10 19.50 -4.45 -29.33
CA GLU B 10 18.57 -3.34 -29.64
C GLU B 10 18.11 -2.57 -28.39
N PHE B 11 18.15 -3.18 -27.21
CA PHE B 11 17.84 -2.55 -25.91
C PHE B 11 18.86 -1.45 -25.52
N GLY B 12 18.43 -0.52 -24.66
CA GLY B 12 19.23 0.61 -24.14
C GLY B 12 18.78 1.99 -24.64
N ARG B 13 17.87 2.04 -25.62
CA ARG B 13 17.22 3.25 -26.16
C ARG B 13 15.71 3.02 -26.26
N THR B 14 15.03 3.10 -25.11
CA THR B 14 13.62 2.72 -24.91
C THR B 14 12.81 3.85 -24.26
N GLY B 15 13.15 4.23 -23.02
CA GLY B 15 12.46 5.24 -22.22
C GLY B 15 11.08 4.78 -21.70
N LEU B 16 10.34 5.72 -21.09
CA LEU B 16 8.99 5.51 -20.56
C LEU B 16 8.09 6.74 -20.87
N PRO B 17 7.01 6.58 -21.66
CA PRO B 17 6.13 7.66 -22.07
C PRO B 17 5.14 8.09 -20.97
N ASP B 18 4.45 9.19 -21.22
CA ASP B 18 3.29 9.69 -20.44
C ASP B 18 2.00 8.92 -20.84
N LEU B 19 2.14 7.59 -20.92
CA LEU B 19 1.12 6.57 -21.22
C LEU B 19 0.50 6.64 -22.63
N SER B 20 0.98 7.53 -23.49
CA SER B 20 0.48 7.77 -24.85
C SER B 20 0.55 6.54 -25.76
N SER B 21 1.73 5.96 -25.91
CA SER B 21 2.00 4.76 -26.75
C SER B 21 2.01 3.45 -25.94
N MET B 22 1.91 3.52 -24.62
CA MET B 22 2.05 2.41 -23.68
C MET B 22 0.81 1.49 -23.68
N THR B 23 0.98 0.19 -23.95
CA THR B 23 -0.10 -0.80 -23.94
C THR B 23 -0.73 -0.95 -22.55
N GLU B 24 -1.93 -1.54 -22.48
CA GLU B 24 -2.63 -1.79 -21.21
C GLU B 24 -1.82 -2.73 -20.29
N GLU B 25 -1.13 -3.72 -20.85
CA GLU B 25 -0.22 -4.63 -20.16
C GLU B 25 1.02 -3.90 -19.59
N GLU B 26 1.64 -3.00 -20.36
CA GLU B 26 2.77 -2.19 -19.88
C GLU B 26 2.35 -1.14 -18.83
N GLN B 27 1.17 -0.54 -18.98
CA GLN B 27 0.55 0.32 -17.94
C GLN B 27 0.33 -0.46 -16.64
N ILE B 28 -0.19 -1.69 -16.73
CA ILE B 28 -0.32 -2.62 -15.59
C ILE B 28 1.05 -2.88 -14.95
N ALA B 29 2.07 -3.30 -15.70
CA ALA B 29 3.40 -3.59 -15.14
C ALA B 29 4.07 -2.35 -14.50
N TYR B 30 3.87 -1.15 -15.05
CA TYR B 30 4.26 0.12 -14.44
C TYR B 30 3.55 0.36 -13.10
N ALA B 31 2.23 0.10 -13.02
CA ALA B 31 1.48 0.09 -11.77
C ALA B 31 2.06 -0.90 -10.74
N MET B 32 2.34 -2.14 -11.16
CA MET B 32 2.95 -3.19 -10.34
C MET B 32 4.31 -2.76 -9.77
N GLN B 33 5.18 -2.16 -10.58
CA GLN B 33 6.49 -1.66 -10.12
C GLN B 33 6.36 -0.64 -8.98
N MET B 34 5.47 0.36 -9.11
CA MET B 34 5.23 1.34 -8.04
C MET B 34 4.61 0.68 -6.79
N SER B 35 3.67 -0.25 -6.99
CA SER B 35 3.04 -1.06 -5.94
C SER B 35 4.05 -1.88 -5.11
N LEU B 36 5.06 -2.47 -5.76
CA LEU B 36 6.16 -3.17 -5.10
C LEU B 36 6.96 -2.25 -4.15
N GLN B 37 7.18 -0.98 -4.54
CA GLN B 37 7.80 0.02 -3.67
C GLN B 37 6.89 0.41 -2.48
N GLY B 38 5.59 0.63 -2.74
CA GLY B 38 4.58 0.94 -1.71
C GLY B 38 4.38 -0.15 -0.66
N ALA B 39 4.65 -1.40 -1.01
CA ALA B 39 4.75 -2.57 -0.14
C ALA B 39 6.05 -2.62 0.72
N GLU B 40 6.73 -1.48 0.91
CA GLU B 40 8.08 -1.34 1.51
C GLU B 40 9.13 -2.18 0.75
N PHE B 41 9.25 -1.89 -0.56
CA PHE B 41 10.18 -2.52 -1.51
C PHE B 41 10.11 -4.07 -1.50
N GLY B 42 8.89 -4.60 -1.62
CA GLY B 42 8.57 -6.03 -1.61
C GLY B 42 9.15 -6.84 -2.78
N GLN B 43 9.73 -6.18 -3.80
CA GLN B 43 10.48 -6.80 -4.90
C GLN B 43 11.64 -7.69 -4.42
N ALA B 44 12.20 -7.43 -3.23
CA ALA B 44 13.21 -8.25 -2.57
C ALA B 44 12.79 -9.72 -2.30
N GLU B 45 11.48 -10.01 -2.30
CA GLU B 45 10.93 -11.37 -2.18
C GLU B 45 11.33 -12.30 -3.35
N SER B 46 11.82 -11.74 -4.47
CA SER B 46 12.39 -12.49 -5.60
C SER B 46 13.70 -13.25 -5.29
N ALA B 47 14.39 -12.93 -4.19
CA ALA B 47 15.58 -13.64 -3.72
C ALA B 47 15.28 -15.08 -3.21
N ASP B 48 16.31 -15.92 -3.15
CA ASP B 48 16.28 -17.32 -2.65
C ASP B 48 17.59 -17.72 -1.95
N MET A 1 1.01 6.03 10.43
CA MET A 1 1.63 4.96 9.62
C MET A 1 0.90 4.87 8.29
N GLN A 2 1.62 5.17 7.22
CA GLN A 2 1.09 5.30 5.85
C GLN A 2 1.00 3.94 5.15
N VAL A 3 0.00 3.14 5.52
CA VAL A 3 -0.34 1.85 4.90
C VAL A 3 -0.72 2.07 3.44
N THR A 4 0.04 1.46 2.52
CA THR A 4 -0.34 1.42 1.09
C THR A 4 -1.39 0.35 0.85
N LEU A 5 -2.33 0.67 -0.04
CA LEU A 5 -3.43 -0.20 -0.45
C LEU A 5 -3.38 -0.50 -1.95
N LYS A 6 -3.94 -1.64 -2.32
CA LYS A 6 -4.22 -2.09 -3.69
C LYS A 6 -5.64 -2.65 -3.80
N THR A 7 -6.44 -2.10 -4.70
CA THR A 7 -7.83 -2.52 -4.97
C THR A 7 -7.90 -3.74 -5.90
N LEU A 8 -9.06 -4.38 -6.00
CA LEU A 8 -9.31 -5.44 -7.00
C LEU A 8 -9.32 -4.94 -8.46
N GLN A 9 -9.57 -3.64 -8.66
CA GLN A 9 -9.41 -2.95 -9.95
C GLN A 9 -7.94 -2.58 -10.23
N GLN A 10 -7.01 -3.04 -9.38
CA GLN A 10 -5.56 -2.79 -9.39
C GLN A 10 -5.18 -1.29 -9.34
N GLN A 11 -5.97 -0.50 -8.62
CA GLN A 11 -5.66 0.89 -8.27
C GLN A 11 -4.89 0.91 -6.94
N THR A 12 -4.00 1.88 -6.72
CA THR A 12 -3.18 1.95 -5.50
C THR A 12 -3.19 3.34 -4.87
N PHE A 13 -3.28 3.37 -3.54
CA PHE A 13 -3.43 4.57 -2.69
C PHE A 13 -2.66 4.39 -1.36
N LYS A 14 -2.55 5.46 -0.56
CA LYS A 14 -1.99 5.42 0.80
C LYS A 14 -2.95 6.01 1.84
N ILE A 15 -2.96 5.43 3.03
CA ILE A 15 -3.77 5.81 4.19
C ILE A 15 -2.87 5.91 5.43
N ASP A 16 -2.69 7.13 5.93
CA ASP A 16 -1.94 7.41 7.16
C ASP A 16 -2.77 7.08 8.42
N ILE A 17 -2.98 5.79 8.66
CA ILE A 17 -3.70 5.25 9.82
C ILE A 17 -2.80 5.23 11.08
N ASP A 18 -3.40 5.37 12.27
CA ASP A 18 -2.70 5.20 13.55
C ASP A 18 -2.47 3.70 13.88
N PRO A 19 -1.22 3.18 13.92
CA PRO A 19 -0.94 1.76 14.17
C PRO A 19 -1.23 1.32 15.63
N GLU A 20 -1.46 2.25 16.57
CA GLU A 20 -1.94 1.93 17.92
C GLU A 20 -3.42 1.52 17.92
N GLU A 21 -4.19 1.93 16.90
CA GLU A 21 -5.60 1.56 16.69
C GLU A 21 -5.74 0.21 15.96
N THR A 22 -6.98 -0.24 15.79
CA THR A 22 -7.31 -1.55 15.21
C THR A 22 -7.57 -1.52 13.71
N VAL A 23 -7.76 -2.69 13.10
CA VAL A 23 -8.15 -2.83 11.67
C VAL A 23 -9.49 -2.14 11.37
N LYS A 24 -10.41 -2.09 12.34
CA LYS A 24 -11.66 -1.30 12.24
C LYS A 24 -11.36 0.19 11.98
N ALA A 25 -10.34 0.75 12.61
CA ALA A 25 -9.91 2.13 12.39
C ALA A 25 -9.25 2.37 11.02
N LEU A 26 -8.50 1.40 10.48
CA LEU A 26 -8.00 1.42 9.09
C LEU A 26 -9.17 1.62 8.11
N LYS A 27 -10.18 0.75 8.19
CA LYS A 27 -11.46 0.89 7.47
C LYS A 27 -12.12 2.26 7.65
N GLU A 28 -12.16 2.80 8.89
CA GLU A 28 -12.70 4.13 9.20
C GLU A 28 -11.99 5.26 8.43
N LYS A 29 -10.66 5.24 8.36
CA LYS A 29 -9.84 6.16 7.55
C LYS A 29 -10.06 5.98 6.05
N ILE A 30 -10.12 4.74 5.56
CA ILE A 30 -10.44 4.43 4.15
C ILE A 30 -11.80 5.00 3.75
N GLU A 31 -12.85 4.74 4.54
CA GLU A 31 -14.19 5.28 4.30
C GLU A 31 -14.19 6.81 4.30
N SER A 32 -13.49 7.45 5.25
CA SER A 32 -13.36 8.91 5.34
C SER A 32 -12.68 9.53 4.11
N GLU A 33 -11.58 8.93 3.64
CA GLU A 33 -10.80 9.43 2.49
C GLU A 33 -11.49 9.15 1.14
N LYS A 34 -11.78 7.87 0.84
CA LYS A 34 -12.32 7.42 -0.45
C LYS A 34 -13.82 7.70 -0.62
N GLY A 35 -14.51 7.93 0.49
CA GLY A 35 -15.96 8.07 0.59
C GLY A 35 -16.67 6.72 0.75
N LYS A 36 -17.72 6.69 1.58
CA LYS A 36 -18.62 5.57 1.84
C LYS A 36 -19.36 5.05 0.59
N ASP A 37 -19.48 5.87 -0.44
CA ASP A 37 -19.98 5.48 -1.77
C ASP A 37 -19.06 4.47 -2.47
N ALA A 38 -17.75 4.59 -2.29
CA ALA A 38 -16.72 3.72 -2.87
C ALA A 38 -16.33 2.56 -1.92
N PHE A 39 -16.00 2.89 -0.67
CA PHE A 39 -15.49 1.97 0.35
C PHE A 39 -16.16 2.21 1.72
N PRO A 40 -17.39 1.72 1.96
CA PRO A 40 -18.02 1.77 3.28
C PRO A 40 -17.30 0.79 4.24
N VAL A 41 -17.24 1.08 5.54
CA VAL A 41 -16.67 0.18 6.58
C VAL A 41 -17.33 -1.20 6.54
N ALA A 42 -18.65 -1.22 6.45
CA ALA A 42 -19.47 -2.43 6.46
C ALA A 42 -19.38 -3.30 5.19
N GLY A 43 -18.81 -2.78 4.09
CA GLY A 43 -18.68 -3.49 2.79
C GLY A 43 -17.23 -3.74 2.34
N GLN A 44 -16.27 -2.96 2.83
CA GLN A 44 -14.85 -3.18 2.55
C GLN A 44 -14.28 -4.36 3.37
N LYS A 45 -13.33 -5.10 2.81
CA LYS A 45 -12.52 -6.13 3.49
C LYS A 45 -11.03 -5.88 3.25
N LEU A 46 -10.22 -6.31 4.22
CA LEU A 46 -8.79 -6.04 4.36
C LEU A 46 -8.03 -7.36 4.46
N ILE A 47 -7.04 -7.58 3.60
CA ILE A 47 -6.33 -8.86 3.45
C ILE A 47 -4.81 -8.62 3.39
N TYR A 48 -4.04 -9.24 4.30
CA TYR A 48 -2.57 -9.27 4.27
C TYR A 48 -2.05 -10.70 4.41
N ALA A 49 -0.91 -10.99 3.76
CA ALA A 49 -0.31 -12.32 3.66
C ALA A 49 -1.28 -13.45 3.24
N GLY A 50 -2.35 -13.10 2.51
CA GLY A 50 -3.40 -14.03 2.07
C GLY A 50 -4.47 -14.36 3.12
N LYS A 51 -4.54 -13.61 4.24
CA LYS A 51 -5.52 -13.78 5.33
C LYS A 51 -6.26 -12.47 5.63
N ILE A 52 -7.58 -12.54 5.79
CA ILE A 52 -8.42 -11.39 6.16
C ILE A 52 -8.09 -10.91 7.57
N LEU A 53 -7.79 -9.62 7.69
CA LEU A 53 -7.46 -8.92 8.93
C LEU A 53 -8.69 -8.81 9.84
N ASN A 54 -8.59 -9.27 11.08
CA ASN A 54 -9.67 -9.21 12.08
C ASN A 54 -9.92 -7.77 12.55
N ASP A 55 -11.14 -7.26 12.40
CA ASP A 55 -11.55 -5.88 12.73
C ASP A 55 -11.12 -5.42 14.13
N ASP A 56 -11.32 -6.26 15.15
CA ASP A 56 -11.01 -5.97 16.56
C ASP A 56 -9.52 -6.11 16.92
N THR A 57 -8.71 -6.78 16.08
CA THR A 57 -7.27 -6.99 16.30
C THR A 57 -6.46 -5.77 15.83
N ALA A 58 -5.37 -5.46 16.53
CA ALA A 58 -4.54 -4.28 16.22
C ALA A 58 -3.63 -4.47 15.00
N LEU A 59 -3.24 -3.37 14.36
CA LEU A 59 -2.45 -3.37 13.11
C LEU A 59 -1.04 -3.96 13.29
N LYS A 60 -0.43 -3.76 14.48
CA LYS A 60 0.88 -4.34 14.86
C LYS A 60 0.91 -5.86 14.86
N GLU A 61 -0.22 -6.53 15.13
CA GLU A 61 -0.34 -7.99 15.19
C GLU A 61 -0.12 -8.67 13.83
N TYR A 62 -0.26 -7.91 12.75
CA TYR A 62 -0.05 -8.32 11.35
C TYR A 62 1.24 -7.74 10.74
N LYS A 63 1.98 -6.95 11.53
CA LYS A 63 3.25 -6.28 11.23
C LYS A 63 3.32 -5.60 9.85
N ILE A 64 2.22 -4.95 9.45
CA ILE A 64 2.06 -4.23 8.17
C ILE A 64 3.13 -3.14 8.04
N ASP A 65 3.73 -3.02 6.85
CA ASP A 65 4.74 -2.00 6.52
C ASP A 65 4.14 -0.87 5.66
N GLU A 66 4.79 0.29 5.64
CA GLU A 66 4.35 1.47 4.88
C GLU A 66 4.67 1.36 3.37
N LYS A 67 5.85 0.86 3.02
CA LYS A 67 6.36 0.77 1.64
C LYS A 67 5.79 -0.43 0.89
N ASN A 68 5.53 -1.53 1.60
CA ASN A 68 4.77 -2.67 1.05
C ASN A 68 3.27 -2.36 1.00
N PHE A 69 2.48 -3.20 0.33
CA PHE A 69 1.04 -2.98 0.13
C PHE A 69 0.16 -4.08 0.77
N VAL A 70 -0.99 -3.65 1.27
CA VAL A 70 -2.11 -4.50 1.72
C VAL A 70 -3.14 -4.58 0.58
N VAL A 71 -4.03 -5.58 0.61
CA VAL A 71 -5.14 -5.66 -0.35
C VAL A 71 -6.44 -5.23 0.32
N VAL A 72 -7.14 -4.29 -0.32
CA VAL A 72 -8.51 -3.87 0.01
C VAL A 72 -9.47 -4.34 -1.09
N MET A 73 -10.66 -4.79 -0.71
CA MET A 73 -11.77 -5.09 -1.61
C MET A 73 -13.08 -4.56 -1.06
N VAL A 74 -14.13 -4.55 -1.89
CA VAL A 74 -15.50 -4.20 -1.50
C VAL A 74 -16.49 -5.17 -2.15
N THR A 75 -17.32 -5.83 -1.33
CA THR A 75 -18.25 -6.87 -1.81
C THR A 75 -19.40 -6.34 -2.66
N LYS A 76 -19.93 -7.19 -3.54
CA LYS A 76 -21.10 -6.93 -4.42
C LYS A 76 -22.18 -8.04 -4.40
N PRO A 77 -21.84 -9.36 -4.31
CA PRO A 77 -22.82 -10.43 -4.10
C PRO A 77 -23.66 -10.28 -2.82
N LYS A 78 -24.70 -11.12 -2.69
CA LYS A 78 -25.68 -11.29 -1.58
C LYS A 78 -26.35 -10.02 -0.99
N ALA A 79 -26.15 -8.85 -1.59
CA ALA A 79 -26.71 -7.56 -1.18
C ALA A 79 -28.22 -7.45 -1.51
N VAL A 80 -29.08 -7.94 -0.60
CA VAL A 80 -30.55 -7.87 -0.69
C VAL A 80 -31.17 -7.30 0.60
N SER A 81 -32.41 -6.81 0.50
CA SER A 81 -33.10 -6.03 1.55
C SER A 81 -33.60 -6.84 2.76
N THR A 82 -33.66 -8.18 2.67
CA THR A 82 -34.20 -9.08 3.69
C THR A 82 -33.34 -10.35 3.87
N PRO A 83 -33.41 -11.05 5.02
CA PRO A 83 -32.68 -12.30 5.27
C PRO A 83 -33.33 -13.53 4.58
N ALA A 84 -33.80 -13.36 3.33
CA ALA A 84 -34.36 -14.42 2.49
C ALA A 84 -33.37 -15.58 2.15
N PRO A 85 -32.07 -15.34 1.90
CA PRO A 85 -31.09 -16.43 1.75
C PRO A 85 -31.02 -17.39 2.95
N ALA A 86 -30.72 -18.66 2.68
CA ALA A 86 -30.61 -19.73 3.69
C ALA A 86 -29.48 -20.73 3.37
N THR A 87 -29.58 -21.42 2.24
CA THR A 87 -28.62 -22.43 1.73
C THR A 87 -28.33 -22.23 0.23
N LEU A 88 -27.37 -22.98 -0.32
CA LEU A 88 -27.03 -23.01 -1.75
C LEU A 88 -26.73 -24.44 -2.25
N GLU A 89 -26.54 -24.59 -3.56
CA GLU A 89 -26.23 -25.86 -4.24
C GLU A 89 -24.95 -25.82 -5.11
N HIS A 90 -24.31 -24.65 -5.24
CA HIS A 90 -23.05 -24.46 -5.95
C HIS A 90 -21.90 -25.22 -5.26
N HIS A 91 -21.37 -26.26 -5.92
CA HIS A 91 -20.37 -27.18 -5.35
C HIS A 91 -18.98 -26.55 -5.12
N HIS A 92 -18.63 -25.51 -5.88
CA HIS A 92 -17.37 -24.77 -5.74
C HIS A 92 -17.38 -23.87 -4.48
N HIS A 93 -16.18 -23.42 -4.06
CA HIS A 93 -15.84 -22.55 -2.91
C HIS A 93 -16.42 -22.93 -1.52
N HIS A 94 -17.74 -23.04 -1.37
CA HIS A 94 -18.47 -23.31 -0.14
C HIS A 94 -18.23 -24.74 0.39
N HIS A 95 -17.22 -24.91 1.25
CA HIS A 95 -16.88 -26.16 1.95
C HIS A 95 -17.91 -26.51 3.03
N GLY B 1 -1.76 -46.17 -29.21
CA GLY B 1 -1.06 -45.95 -30.51
C GLY B 1 0.14 -45.05 -30.33
N SER B 2 1.33 -45.50 -30.74
CA SER B 2 2.63 -44.85 -30.50
C SER B 2 2.79 -43.43 -31.09
N HIS B 3 1.94 -43.06 -32.06
CA HIS B 3 1.90 -41.72 -32.66
C HIS B 3 1.31 -40.62 -31.73
N MET B 4 0.67 -40.99 -30.62
CA MET B 4 0.15 -40.03 -29.62
C MET B 4 1.28 -39.24 -28.94
N THR B 5 0.96 -38.01 -28.52
CA THR B 5 1.86 -37.08 -27.80
C THR B 5 1.06 -36.18 -26.83
N ILE B 6 1.75 -35.35 -26.04
CA ILE B 6 1.16 -34.42 -25.07
C ILE B 6 1.95 -33.10 -24.97
N SER B 7 1.32 -32.05 -24.44
CA SER B 7 1.86 -30.69 -24.22
C SER B 7 1.49 -30.19 -22.81
N GLN B 8 1.52 -28.86 -22.59
CA GLN B 8 0.98 -28.23 -21.37
C GLN B 8 -0.54 -28.46 -21.22
N GLN B 9 -1.26 -28.71 -22.33
CA GLN B 9 -2.71 -28.89 -22.49
C GLN B 9 -3.57 -27.66 -22.12
N GLU B 10 -3.35 -27.05 -20.95
CA GLU B 10 -4.08 -25.88 -20.44
C GLU B 10 -3.64 -24.53 -21.05
N PHE B 11 -2.68 -24.54 -21.99
CA PHE B 11 -2.18 -23.34 -22.68
C PHE B 11 -3.28 -22.57 -23.44
N GLY B 12 -3.10 -21.25 -23.58
CA GLY B 12 -3.97 -20.37 -24.38
C GLY B 12 -5.08 -19.63 -23.61
N ARG B 13 -5.16 -19.81 -22.27
CA ARG B 13 -6.08 -19.04 -21.39
C ARG B 13 -5.77 -17.54 -21.35
N THR B 14 -6.73 -16.74 -20.88
CA THR B 14 -6.69 -15.27 -20.83
C THR B 14 -6.80 -14.67 -19.42
N GLY B 15 -6.87 -15.51 -18.38
CA GLY B 15 -7.05 -15.11 -16.98
C GLY B 15 -8.51 -15.01 -16.53
N LEU B 16 -8.74 -14.67 -15.26
CA LEU B 16 -10.06 -14.56 -14.64
C LEU B 16 -10.85 -13.31 -15.10
N PRO B 17 -12.19 -13.28 -14.91
CA PRO B 17 -13.05 -12.11 -15.17
C PRO B 17 -12.67 -10.84 -14.41
N ASP B 18 -13.34 -9.73 -14.76
CA ASP B 18 -13.32 -8.45 -14.03
C ASP B 18 -14.31 -8.50 -12.84
N LEU B 19 -14.14 -9.54 -12.00
CA LEU B 19 -15.02 -9.99 -10.90
C LEU B 19 -16.43 -10.44 -11.32
N SER B 20 -16.75 -10.39 -12.62
CA SER B 20 -18.09 -10.57 -13.22
C SER B 20 -18.80 -11.88 -12.82
N SER B 21 -18.08 -13.00 -12.82
CA SER B 21 -18.63 -14.35 -12.55
C SER B 21 -18.39 -14.85 -11.12
N MET B 22 -17.58 -14.15 -10.33
CA MET B 22 -17.10 -14.61 -9.02
C MET B 22 -18.05 -14.24 -7.87
N THR B 23 -18.36 -15.23 -7.02
CA THR B 23 -19.06 -15.08 -5.74
C THR B 23 -18.17 -14.40 -4.68
N GLU B 24 -18.70 -14.14 -3.48
CA GLU B 24 -17.94 -13.52 -2.37
C GLU B 24 -16.60 -14.23 -2.10
N GLU B 25 -16.63 -15.55 -1.88
CA GLU B 25 -15.44 -16.35 -1.57
C GLU B 25 -14.45 -16.44 -2.74
N GLU B 26 -14.93 -16.42 -3.99
CA GLU B 26 -14.08 -16.42 -5.18
C GLU B 26 -13.39 -15.05 -5.41
N GLN B 27 -14.10 -13.93 -5.19
CA GLN B 27 -13.50 -12.58 -5.20
C GLN B 27 -12.47 -12.42 -4.06
N ILE B 28 -12.78 -12.93 -2.86
CA ILE B 28 -11.85 -13.02 -1.74
C ILE B 28 -10.59 -13.80 -2.14
N ALA B 29 -10.69 -14.98 -2.75
CA ALA B 29 -9.52 -15.76 -3.14
C ALA B 29 -8.61 -15.03 -4.16
N TYR B 30 -9.17 -14.21 -5.07
CA TYR B 30 -8.37 -13.32 -5.93
C TYR B 30 -7.65 -12.23 -5.12
N ALA B 31 -8.32 -11.62 -4.13
CA ALA B 31 -7.71 -10.71 -3.17
C ALA B 31 -6.56 -11.36 -2.38
N MET B 32 -6.77 -12.58 -1.89
CA MET B 32 -5.78 -13.42 -1.22
C MET B 32 -4.57 -13.69 -2.13
N GLN B 33 -4.78 -14.03 -3.40
CA GLN B 33 -3.68 -14.25 -4.36
C GLN B 33 -2.80 -13.00 -4.52
N MET B 34 -3.38 -11.81 -4.70
CA MET B 34 -2.59 -10.57 -4.77
C MET B 34 -1.85 -10.29 -3.46
N SER B 35 -2.50 -10.53 -2.31
CA SER B 35 -1.90 -10.45 -0.98
C SER B 35 -0.72 -11.42 -0.78
N LEU B 36 -0.79 -12.64 -1.31
CA LEU B 36 0.31 -13.62 -1.34
C LEU B 36 1.49 -13.16 -2.20
N GLN B 37 1.26 -12.43 -3.30
CA GLN B 37 2.34 -11.77 -4.05
C GLN B 37 2.97 -10.64 -3.21
N GLY B 38 2.15 -9.83 -2.54
CA GLY B 38 2.57 -8.79 -1.59
C GLY B 38 3.37 -9.30 -0.38
N ALA B 39 3.19 -10.57 0.01
CA ALA B 39 4.00 -11.30 0.98
C ALA B 39 5.38 -11.73 0.44
N GLU B 40 5.97 -10.96 -0.47
CA GLU B 40 7.17 -11.28 -1.25
C GLU B 40 7.10 -12.67 -1.91
N PHE B 41 5.92 -12.99 -2.49
CA PHE B 41 5.55 -14.26 -3.11
C PHE B 41 5.59 -15.51 -2.17
N GLY B 42 5.84 -15.33 -0.87
CA GLY B 42 5.92 -16.41 0.13
C GLY B 42 6.87 -16.08 1.28
N GLN B 43 6.36 -15.42 2.32
CA GLN B 43 7.15 -14.94 3.47
C GLN B 43 7.86 -16.04 4.28
N ALA B 44 7.41 -17.30 4.19
CA ALA B 44 8.06 -18.48 4.79
C ALA B 44 9.32 -18.89 4.00
N GLU B 45 10.39 -18.09 4.09
CA GLU B 45 11.67 -18.31 3.40
C GLU B 45 12.52 -19.49 3.95
N SER B 46 12.21 -19.97 5.16
CA SER B 46 12.86 -21.11 5.82
C SER B 46 12.41 -22.48 5.25
N ALA B 47 13.18 -23.53 5.56
CA ALA B 47 12.88 -24.91 5.17
C ALA B 47 11.78 -25.59 6.02
N ASP B 48 11.53 -25.10 7.24
CA ASP B 48 10.55 -25.60 8.22
C ASP B 48 9.96 -24.49 9.10
N MET A 1 -6.98 7.48 10.49
CA MET A 1 -5.73 6.68 10.37
C MET A 1 -5.06 6.93 9.03
N GLN A 2 -3.77 7.24 9.05
CA GLN A 2 -2.98 7.57 7.86
C GLN A 2 -2.32 6.31 7.28
N VAL A 3 -3.06 5.57 6.46
CA VAL A 3 -2.57 4.40 5.72
C VAL A 3 -1.55 4.84 4.67
N THR A 4 -0.42 4.15 4.58
CA THR A 4 0.53 4.34 3.47
C THR A 4 0.06 3.55 2.24
N LEU A 5 0.06 4.15 1.07
CA LEU A 5 -0.32 3.55 -0.21
C LEU A 5 0.90 3.26 -1.08
N LYS A 6 0.83 2.19 -1.86
CA LYS A 6 1.83 1.70 -2.82
C LYS A 6 1.15 1.30 -4.14
N THR A 7 1.57 1.91 -5.24
CA THR A 7 1.05 1.65 -6.59
C THR A 7 1.75 0.46 -7.26
N LEU A 8 1.19 -0.07 -8.36
CA LEU A 8 1.87 -1.09 -9.18
C LEU A 8 3.11 -0.57 -9.91
N GLN A 9 3.21 0.75 -10.12
CA GLN A 9 4.40 1.45 -10.61
C GLN A 9 5.45 1.65 -9.47
N GLN A 10 5.21 1.03 -8.31
CA GLN A 10 6.01 1.06 -7.08
C GLN A 10 6.25 2.48 -6.51
N GLN A 11 5.31 3.39 -6.77
CA GLN A 11 5.27 4.74 -6.19
C GLN A 11 4.49 4.70 -4.87
N THR A 12 4.71 5.66 -3.98
CA THR A 12 4.07 5.69 -2.65
C THR A 12 3.54 7.07 -2.26
N PHE A 13 2.45 7.03 -1.49
CA PHE A 13 1.64 8.15 -1.02
C PHE A 13 1.08 7.81 0.38
N LYS A 14 0.30 8.72 0.99
CA LYS A 14 -0.48 8.43 2.20
C LYS A 14 -1.93 8.86 2.04
N ILE A 15 -2.83 8.20 2.77
CA ILE A 15 -4.27 8.44 2.79
C ILE A 15 -4.74 8.43 4.25
N ASP A 16 -5.13 9.62 4.73
CA ASP A 16 -5.81 9.76 6.02
C ASP A 16 -7.30 9.37 5.88
N ILE A 17 -7.62 8.14 6.29
CA ILE A 17 -8.94 7.50 6.16
C ILE A 17 -9.55 7.18 7.53
N ASP A 18 -10.87 7.33 7.64
CA ASP A 18 -11.68 6.92 8.79
C ASP A 18 -11.91 5.39 8.80
N PRO A 19 -11.52 4.64 9.84
CA PRO A 19 -11.60 3.17 9.87
C PRO A 19 -13.05 2.63 9.81
N GLU A 20 -14.01 3.38 10.33
CA GLU A 20 -15.43 3.03 10.44
C GLU A 20 -16.21 3.18 9.12
N GLU A 21 -15.71 3.97 8.16
CA GLU A 21 -16.47 4.36 6.95
C GLU A 21 -16.43 3.33 5.80
N THR A 22 -15.65 2.27 5.98
CA THR A 22 -15.45 1.03 5.18
C THR A 22 -14.39 1.17 4.07
N VAL A 23 -14.07 0.08 3.38
CA VAL A 23 -13.14 0.06 2.24
C VAL A 23 -13.63 0.96 1.09
N LYS A 24 -14.95 1.10 0.89
CA LYS A 24 -15.51 2.07 -0.06
C LYS A 24 -15.07 3.51 0.25
N ALA A 25 -14.95 3.88 1.52
CA ALA A 25 -14.43 5.19 1.93
C ALA A 25 -12.92 5.35 1.72
N LEU A 26 -12.12 4.29 1.87
CA LEU A 26 -10.70 4.29 1.48
C LEU A 26 -10.55 4.66 -0.01
N LYS A 27 -11.25 3.91 -0.87
CA LYS A 27 -11.40 4.21 -2.31
C LYS A 27 -11.87 5.65 -2.59
N GLU A 28 -12.84 6.17 -1.84
CA GLU A 28 -13.31 7.57 -1.91
C GLU A 28 -12.15 8.57 -1.76
N LYS A 29 -11.33 8.42 -0.72
CA LYS A 29 -10.19 9.30 -0.46
C LYS A 29 -9.10 9.19 -1.53
N ILE A 30 -8.80 7.97 -2.00
CA ILE A 30 -7.87 7.72 -3.10
C ILE A 30 -8.35 8.40 -4.40
N GLU A 31 -9.62 8.21 -4.77
CA GLU A 31 -10.23 8.86 -5.94
C GLU A 31 -10.17 10.39 -5.84
N SER A 32 -10.49 10.94 -4.66
CA SER A 32 -10.40 12.38 -4.37
C SER A 32 -8.98 12.93 -4.52
N GLU A 33 -7.99 12.26 -3.92
CA GLU A 33 -6.58 12.67 -3.94
C GLU A 33 -5.93 12.55 -5.34
N LYS A 34 -6.05 11.38 -5.97
CA LYS A 34 -5.34 11.03 -7.22
C LYS A 34 -6.11 11.39 -8.50
N GLY A 35 -7.41 11.67 -8.38
CA GLY A 35 -8.35 11.97 -9.46
C GLY A 35 -9.04 10.73 -10.02
N LYS A 36 -10.27 10.90 -10.53
CA LYS A 36 -11.09 9.85 -11.15
C LYS A 36 -10.46 9.25 -12.42
N ASP A 37 -9.63 10.01 -13.12
CA ASP A 37 -8.89 9.56 -14.30
C ASP A 37 -7.84 8.50 -13.97
N ALA A 38 -7.18 8.62 -12.81
CA ALA A 38 -6.16 7.69 -12.33
C ALA A 38 -6.76 6.48 -11.61
N PHE A 39 -7.61 6.73 -10.59
CA PHE A 39 -8.15 5.72 -9.68
C PHE A 39 -9.64 5.99 -9.38
N PRO A 40 -10.58 5.65 -10.30
CA PRO A 40 -12.01 5.74 -10.03
C PRO A 40 -12.42 4.64 -9.04
N VAL A 41 -13.40 4.88 -8.16
CA VAL A 41 -13.87 3.89 -7.15
C VAL A 41 -14.20 2.54 -7.79
N ALA A 42 -14.92 2.57 -8.91
CA ALA A 42 -15.36 1.38 -9.64
C ALA A 42 -14.26 0.62 -10.40
N GLY A 43 -13.08 1.22 -10.61
CA GLY A 43 -11.94 0.63 -11.37
C GLY A 43 -10.69 0.36 -10.53
N GLN A 44 -10.49 1.08 -9.43
CA GLN A 44 -9.41 0.79 -8.49
C GLN A 44 -9.70 -0.50 -7.70
N LYS A 45 -8.66 -1.26 -7.38
CA LYS A 45 -8.70 -2.43 -6.48
C LYS A 45 -7.65 -2.27 -5.38
N LEU A 46 -7.99 -2.75 -4.19
CA LEU A 46 -7.28 -2.55 -2.93
C LEU A 46 -6.88 -3.90 -2.33
N ILE A 47 -5.59 -4.07 -2.01
CA ILE A 47 -4.99 -5.36 -1.60
C ILE A 47 -4.11 -5.18 -0.37
N TYR A 48 -4.34 -5.99 0.67
CA TYR A 48 -3.52 -6.06 1.88
C TYR A 48 -3.21 -7.52 2.25
N ALA A 49 -1.96 -7.82 2.63
CA ALA A 49 -1.49 -9.16 3.01
C ALA A 49 -1.95 -10.30 2.06
N GLY A 50 -1.96 -10.03 0.75
CA GLY A 50 -2.39 -10.92 -0.33
C GLY A 50 -3.88 -11.29 -0.33
N LYS A 51 -4.74 -10.39 0.19
CA LYS A 51 -6.22 -10.46 0.19
C LYS A 51 -6.82 -9.15 -0.29
N ILE A 52 -7.74 -9.21 -1.26
CA ILE A 52 -8.45 -8.02 -1.79
C ILE A 52 -9.47 -7.51 -0.78
N LEU A 53 -9.34 -6.24 -0.41
CA LEU A 53 -10.21 -5.52 0.51
C LEU A 53 -11.64 -5.43 -0.04
N ASN A 54 -12.58 -6.11 0.61
CA ASN A 54 -14.00 -6.12 0.25
C ASN A 54 -14.65 -4.77 0.59
N ASP A 55 -15.29 -4.14 -0.40
CA ASP A 55 -15.80 -2.76 -0.39
C ASP A 55 -16.68 -2.41 0.82
N ASP A 56 -17.63 -3.28 1.17
CA ASP A 56 -18.58 -3.10 2.28
C ASP A 56 -17.99 -3.41 3.67
N THR A 57 -16.86 -4.12 3.74
CA THR A 57 -16.19 -4.52 4.99
C THR A 57 -15.43 -3.32 5.59
N ALA A 58 -15.36 -3.23 6.92
CA ALA A 58 -14.62 -2.17 7.61
C ALA A 58 -13.10 -2.42 7.63
N LEU A 59 -12.31 -1.35 7.77
CA LEU A 59 -10.84 -1.39 7.71
C LEU A 59 -10.20 -2.10 8.91
N LYS A 60 -10.88 -2.09 10.06
CA LYS A 60 -10.51 -2.82 11.29
C LYS A 60 -10.43 -4.34 11.08
N GLU A 61 -11.26 -4.89 10.19
CA GLU A 61 -11.36 -6.33 9.91
C GLU A 61 -10.11 -6.92 9.23
N TYR A 62 -9.30 -6.05 8.59
CA TYR A 62 -8.05 -6.39 7.90
C TYR A 62 -6.81 -5.99 8.72
N LYS A 63 -7.02 -5.34 9.88
CA LYS A 63 -6.02 -4.82 10.82
C LYS A 63 -4.87 -4.06 10.14
N ILE A 64 -5.22 -3.22 9.16
CA ILE A 64 -4.28 -2.37 8.40
C ILE A 64 -3.56 -1.42 9.37
N ASP A 65 -2.25 -1.30 9.22
CA ASP A 65 -1.39 -0.43 10.04
C ASP A 65 -0.99 0.85 9.29
N GLU A 66 -0.64 1.91 10.02
CA GLU A 66 -0.22 3.20 9.45
C GLU A 66 1.22 3.18 8.90
N LYS A 67 2.12 2.41 9.53
CA LYS A 67 3.55 2.29 9.15
C LYS A 67 3.77 1.29 8.01
N ASN A 68 2.97 0.22 7.96
CA ASN A 68 2.92 -0.70 6.82
C ASN A 68 2.18 -0.03 5.64
N PHE A 69 2.23 -0.64 4.45
CA PHE A 69 1.58 -0.14 3.24
C PHE A 69 0.47 -1.06 2.72
N VAL A 70 -0.56 -0.45 2.11
CA VAL A 70 -1.63 -1.10 1.34
C VAL A 70 -1.25 -0.97 -0.14
N VAL A 71 -1.62 -1.96 -0.96
CA VAL A 71 -1.40 -1.92 -2.41
C VAL A 71 -2.69 -1.48 -3.12
N VAL A 72 -2.55 -0.55 -4.07
CA VAL A 72 -3.62 -0.09 -4.95
C VAL A 72 -3.26 -0.29 -6.42
N MET A 73 -4.22 -0.74 -7.20
CA MET A 73 -4.14 -0.95 -8.65
C MET A 73 -5.41 -0.49 -9.36
N VAL A 74 -5.37 -0.44 -10.69
CA VAL A 74 -6.51 -0.12 -11.56
C VAL A 74 -6.54 -1.08 -12.75
N THR A 75 -7.61 -1.89 -12.87
CA THR A 75 -7.71 -2.91 -13.93
C THR A 75 -8.06 -2.31 -15.30
N LYS A 76 -7.51 -2.92 -16.36
CA LYS A 76 -7.71 -2.53 -17.77
C LYS A 76 -9.13 -2.90 -18.28
N PRO A 77 -9.62 -2.28 -19.37
CA PRO A 77 -10.88 -2.66 -20.03
C PRO A 77 -10.96 -4.13 -20.47
N LYS A 78 -12.19 -4.58 -20.76
CA LYS A 78 -12.51 -5.90 -21.35
C LYS A 78 -12.54 -5.91 -22.89
N ALA A 79 -12.45 -4.72 -23.49
CA ALA A 79 -12.49 -4.48 -24.94
C ALA A 79 -11.40 -5.27 -25.68
N VAL A 80 -11.77 -5.87 -26.82
CA VAL A 80 -11.02 -6.79 -27.72
C VAL A 80 -10.32 -8.01 -27.08
N SER A 81 -10.16 -8.06 -25.75
CA SER A 81 -9.71 -9.24 -25.00
C SER A 81 -10.81 -10.30 -24.86
N THR A 82 -12.06 -9.88 -24.67
CA THR A 82 -13.26 -10.73 -24.71
C THR A 82 -13.63 -11.15 -26.14
N PRO A 83 -14.38 -12.27 -26.32
CA PRO A 83 -14.86 -12.69 -27.63
C PRO A 83 -15.97 -11.75 -28.17
N ALA A 84 -16.20 -11.79 -29.48
CA ALA A 84 -17.10 -10.88 -30.20
C ALA A 84 -17.76 -11.54 -31.44
N PRO A 85 -18.84 -10.96 -32.00
CA PRO A 85 -19.43 -11.38 -33.28
C PRO A 85 -18.49 -11.09 -34.47
N ALA A 86 -17.75 -12.12 -34.89
CA ALA A 86 -16.71 -12.09 -35.92
C ALA A 86 -15.59 -11.04 -35.69
N THR A 87 -14.70 -10.89 -36.68
CA THR A 87 -13.56 -9.93 -36.68
C THR A 87 -13.99 -8.46 -36.75
N LEU A 88 -15.26 -8.16 -37.03
CA LEU A 88 -15.82 -6.81 -37.18
C LEU A 88 -15.54 -5.91 -35.96
N GLU A 89 -15.90 -6.36 -34.76
CA GLU A 89 -15.76 -5.58 -33.52
C GLU A 89 -14.30 -5.18 -33.23
N HIS A 90 -13.34 -6.07 -33.53
CA HIS A 90 -11.90 -5.85 -33.39
C HIS A 90 -11.34 -4.75 -34.33
N HIS A 91 -12.16 -4.23 -35.25
CA HIS A 91 -11.86 -3.14 -36.19
C HIS A 91 -12.90 -1.98 -36.13
N HIS A 92 -13.91 -2.09 -35.27
CA HIS A 92 -15.07 -1.18 -35.21
C HIS A 92 -14.76 0.19 -34.56
N HIS A 93 -15.72 1.12 -34.65
CA HIS A 93 -15.65 2.52 -34.23
C HIS A 93 -15.47 2.76 -32.71
N HIS A 94 -15.53 1.73 -31.86
CA HIS A 94 -15.36 1.86 -30.41
C HIS A 94 -13.95 2.30 -29.96
N HIS A 95 -12.94 2.13 -30.82
CA HIS A 95 -11.53 2.48 -30.61
C HIS A 95 -11.29 4.00 -30.44
N GLY B 1 21.60 -18.68 -45.53
CA GLY B 1 22.91 -18.07 -45.28
C GLY B 1 23.14 -17.85 -43.79
N SER B 2 24.27 -18.31 -43.25
CA SER B 2 24.58 -18.35 -41.81
C SER B 2 24.57 -16.99 -41.09
N HIS B 3 24.74 -15.88 -41.82
CA HIS B 3 24.69 -14.51 -41.29
C HIS B 3 23.28 -14.09 -40.80
N MET B 4 22.22 -14.81 -41.20
CA MET B 4 20.82 -14.53 -40.85
C MET B 4 20.51 -14.58 -39.34
N THR B 5 21.45 -15.10 -38.52
CA THR B 5 21.42 -15.03 -37.04
C THR B 5 21.30 -13.60 -36.51
N ILE B 6 21.79 -12.59 -37.24
CA ILE B 6 21.71 -11.16 -36.91
C ILE B 6 20.26 -10.62 -36.85
N SER B 7 19.30 -11.30 -37.49
CA SER B 7 17.91 -10.85 -37.68
C SER B 7 16.87 -11.66 -36.89
N GLN B 8 17.29 -12.66 -36.11
CA GLN B 8 16.39 -13.51 -35.32
C GLN B 8 15.80 -12.78 -34.08
N GLN B 9 14.78 -13.40 -33.47
CA GLN B 9 14.14 -12.94 -32.24
C GLN B 9 15.14 -12.89 -31.05
N GLU B 10 15.09 -11.81 -30.27
CA GLU B 10 15.81 -11.70 -29.00
C GLU B 10 15.05 -12.42 -27.88
N PHE B 11 15.34 -13.71 -27.69
CA PHE B 11 14.76 -14.55 -26.63
C PHE B 11 15.15 -14.08 -25.22
N GLY B 12 14.40 -14.54 -24.20
CA GLY B 12 14.66 -14.26 -22.78
C GLY B 12 14.04 -15.29 -21.83
N ARG B 13 14.45 -15.27 -20.56
CA ARG B 13 14.07 -16.26 -19.52
C ARG B 13 12.72 -16.00 -18.84
N THR B 14 12.17 -14.79 -18.96
CA THR B 14 10.98 -14.32 -18.22
C THR B 14 9.94 -13.68 -19.16
N GLY B 15 10.25 -12.54 -19.78
CA GLY B 15 9.37 -11.79 -20.68
C GLY B 15 8.23 -11.01 -19.98
N LEU B 16 8.28 -10.87 -18.65
CA LEU B 16 7.26 -10.22 -17.82
C LEU B 16 7.07 -8.73 -18.22
N PRO B 17 5.84 -8.30 -18.60
CA PRO B 17 5.58 -6.95 -19.10
C PRO B 17 5.51 -5.89 -18.00
N ASP B 18 5.58 -4.62 -18.41
CA ASP B 18 5.30 -3.43 -17.60
C ASP B 18 3.77 -3.19 -17.57
N LEU B 19 3.05 -4.24 -17.18
CA LEU B 19 1.59 -4.45 -17.15
C LEU B 19 0.85 -4.42 -18.51
N SER B 20 1.51 -4.01 -19.59
CA SER B 20 0.93 -3.81 -20.93
C SER B 20 0.14 -5.02 -21.45
N SER B 21 0.81 -6.16 -21.61
CA SER B 21 0.24 -7.44 -22.07
C SER B 21 -0.15 -8.40 -20.94
N MET B 22 0.00 -7.98 -19.67
CA MET B 22 -0.30 -8.76 -18.46
C MET B 22 -1.77 -9.19 -18.40
N THR B 23 -2.02 -10.47 -18.08
CA THR B 23 -3.37 -10.98 -17.76
C THR B 23 -3.85 -10.38 -16.43
N GLU B 24 -5.15 -10.17 -16.26
CA GLU B 24 -5.75 -9.57 -15.06
C GLU B 24 -5.37 -10.33 -13.77
N GLU B 25 -5.45 -11.66 -13.80
CA GLU B 25 -5.07 -12.54 -12.68
C GLU B 25 -3.58 -12.42 -12.30
N GLU B 26 -2.68 -12.31 -13.28
CA GLU B 26 -1.24 -12.06 -13.06
C GLU B 26 -0.96 -10.65 -12.52
N GLN B 27 -1.68 -9.64 -13.01
CA GLN B 27 -1.59 -8.25 -12.52
C GLN B 27 -2.04 -8.15 -11.05
N ILE B 28 -3.12 -8.85 -10.68
CA ILE B 28 -3.57 -9.05 -9.29
C ILE B 28 -2.51 -9.81 -8.48
N ALA B 29 -1.98 -10.93 -8.97
CA ALA B 29 -0.95 -11.71 -8.27
C ALA B 29 0.31 -10.88 -7.95
N TYR B 30 0.73 -9.99 -8.84
CA TYR B 30 1.77 -8.98 -8.60
C TYR B 30 1.42 -8.05 -7.43
N ALA B 31 0.18 -7.52 -7.39
CA ALA B 31 -0.34 -6.75 -6.26
C ALA B 31 -0.33 -7.54 -4.93
N MET B 32 -0.81 -8.79 -4.92
CA MET B 32 -0.76 -9.70 -3.77
C MET B 32 0.67 -9.83 -3.24
N GLN B 33 1.63 -10.22 -4.09
CA GLN B 33 3.05 -10.35 -3.77
C GLN B 33 3.60 -9.12 -3.03
N MET B 34 3.35 -7.90 -3.53
CA MET B 34 3.93 -6.72 -2.90
C MET B 34 3.37 -6.51 -1.48
N SER B 35 2.06 -6.64 -1.28
CA SER B 35 1.45 -6.57 0.07
C SER B 35 1.90 -7.69 1.01
N LEU B 36 2.15 -8.90 0.49
CA LEU B 36 2.75 -10.02 1.22
C LEU B 36 4.20 -9.74 1.64
N GLN B 37 4.99 -9.06 0.79
CA GLN B 37 6.32 -8.57 1.14
C GLN B 37 6.26 -7.41 2.15
N GLY B 38 5.19 -6.59 2.14
CA GLY B 38 4.89 -5.60 3.18
C GLY B 38 4.67 -6.28 4.54
N ALA B 39 3.97 -7.42 4.54
CA ALA B 39 3.81 -8.36 5.65
C ALA B 39 5.10 -9.19 5.94
N GLU B 40 6.23 -8.83 5.32
CA GLU B 40 7.58 -9.40 5.44
C GLU B 40 7.73 -10.84 4.92
N PHE B 41 6.71 -11.38 4.23
CA PHE B 41 6.61 -12.79 3.82
C PHE B 41 6.83 -13.83 4.96
N GLY B 42 6.70 -13.40 6.23
CA GLY B 42 7.02 -14.17 7.43
C GLY B 42 5.94 -15.19 7.82
N GLN B 43 5.78 -16.24 7.02
CA GLN B 43 4.88 -17.39 7.26
C GLN B 43 5.59 -18.72 6.96
N ALA B 44 5.01 -19.83 7.45
CA ALA B 44 5.56 -21.19 7.28
C ALA B 44 5.38 -21.79 5.87
N GLU B 45 4.55 -21.19 5.02
CA GLU B 45 4.25 -21.68 3.66
C GLU B 45 5.49 -21.63 2.73
N SER B 46 5.59 -22.60 1.81
CA SER B 46 6.71 -22.80 0.88
C SER B 46 6.78 -21.78 -0.28
N ALA B 47 5.83 -20.85 -0.37
CA ALA B 47 5.71 -19.87 -1.45
C ALA B 47 6.82 -18.79 -1.48
N ASP B 48 7.50 -18.54 -0.36
CA ASP B 48 8.66 -17.63 -0.24
C ASP B 48 9.94 -18.17 -0.94
N MET A 1 -9.82 -3.49 13.75
CA MET A 1 -8.35 -3.50 13.52
C MET A 1 -8.00 -2.53 12.39
N GLN A 2 -7.21 -1.54 12.72
CA GLN A 2 -6.92 -0.40 11.85
C GLN A 2 -5.75 -0.69 10.90
N VAL A 3 -6.03 -1.44 9.82
CA VAL A 3 -5.07 -1.73 8.75
C VAL A 3 -4.68 -0.43 8.04
N THR A 4 -3.40 -0.10 8.06
CA THR A 4 -2.84 1.02 7.26
C THR A 4 -2.65 0.57 5.82
N LEU A 5 -2.93 1.46 4.87
CA LEU A 5 -2.77 1.27 3.44
C LEU A 5 -1.74 2.23 2.85
N LYS A 6 -1.14 1.80 1.73
CA LYS A 6 -0.24 2.56 0.83
C LYS A 6 -0.68 2.32 -0.61
N THR A 7 -0.99 3.39 -1.34
CA THR A 7 -1.38 3.35 -2.77
C THR A 7 -0.16 3.29 -3.70
N LEU A 8 -0.36 2.96 -4.98
CA LEU A 8 0.68 3.07 -6.01
C LEU A 8 1.10 4.52 -6.32
N GLN A 9 0.23 5.49 -6.03
CA GLN A 9 0.54 6.93 -6.06
C GLN A 9 1.33 7.38 -4.80
N GLN A 10 1.72 6.44 -3.94
CA GLN A 10 2.46 6.61 -2.67
C GLN A 10 1.71 7.46 -1.62
N GLN A 11 0.39 7.46 -1.67
CA GLN A 11 -0.49 8.05 -0.65
C GLN A 11 -0.77 7.00 0.43
N THR A 12 -1.14 7.42 1.65
CA THR A 12 -1.44 6.50 2.76
C THR A 12 -2.69 6.92 3.53
N PHE A 13 -3.44 5.93 4.00
CA PHE A 13 -4.69 6.04 4.77
C PHE A 13 -4.79 4.89 5.78
N LYS A 14 -5.77 4.92 6.70
CA LYS A 14 -6.07 3.81 7.62
C LYS A 14 -7.55 3.41 7.54
N ILE A 15 -7.80 2.10 7.65
CA ILE A 15 -9.11 1.45 7.54
C ILE A 15 -9.31 0.54 8.75
N ASP A 16 -10.25 0.91 9.62
CA ASP A 16 -10.68 0.05 10.73
C ASP A 16 -11.57 -1.10 10.21
N ILE A 17 -10.94 -2.21 9.84
CA ILE A 17 -11.57 -3.45 9.35
C ILE A 17 -11.66 -4.49 10.47
N ASP A 18 -12.73 -5.29 10.45
CA ASP A 18 -13.00 -6.39 11.35
C ASP A 18 -12.08 -7.60 11.04
N PRO A 19 -11.08 -7.95 11.89
CA PRO A 19 -10.12 -9.03 11.59
C PRO A 19 -10.75 -10.43 11.65
N GLU A 20 -11.95 -10.56 12.24
CA GLU A 20 -12.79 -11.76 12.20
C GLU A 20 -13.38 -12.03 10.80
N GLU A 21 -13.44 -11.00 9.94
CA GLU A 21 -13.92 -11.07 8.56
C GLU A 21 -12.78 -11.33 7.55
N THR A 22 -13.13 -11.38 6.27
CA THR A 22 -12.21 -11.75 5.17
C THR A 22 -11.62 -10.54 4.45
N VAL A 23 -10.71 -10.80 3.51
CA VAL A 23 -10.12 -9.77 2.63
C VAL A 23 -11.19 -9.08 1.76
N LYS A 24 -12.26 -9.78 1.37
CA LYS A 24 -13.44 -9.17 0.72
C LYS A 24 -14.08 -8.10 1.60
N ALA A 25 -14.15 -8.30 2.92
CA ALA A 25 -14.62 -7.26 3.85
C ALA A 25 -13.66 -6.07 3.96
N LEU A 26 -12.33 -6.27 3.90
CA LEU A 26 -11.36 -5.18 3.78
C LEU A 26 -11.67 -4.30 2.57
N LYS A 27 -11.79 -4.92 1.38
CA LYS A 27 -12.28 -4.26 0.16
C LYS A 27 -13.63 -3.54 0.34
N GLU A 28 -14.60 -4.13 1.05
CA GLU A 28 -15.89 -3.49 1.34
C GLU A 28 -15.73 -2.21 2.19
N LYS A 29 -14.91 -2.25 3.24
CA LYS A 29 -14.55 -1.09 4.09
C LYS A 29 -13.88 0.01 3.27
N ILE A 30 -12.91 -0.35 2.41
CA ILE A 30 -12.23 0.58 1.48
C ILE A 30 -13.25 1.23 0.54
N GLU A 31 -14.07 0.44 -0.15
CA GLU A 31 -15.12 0.94 -1.07
C GLU A 31 -16.11 1.87 -0.34
N SER A 32 -16.53 1.51 0.88
CA SER A 32 -17.39 2.31 1.76
C SER A 32 -16.78 3.67 2.12
N GLU A 33 -15.53 3.69 2.60
CA GLU A 33 -14.84 4.91 3.05
C GLU A 33 -14.44 5.83 1.87
N LYS A 34 -13.72 5.29 0.88
CA LYS A 34 -13.15 6.05 -0.26
C LYS A 34 -14.17 6.38 -1.35
N GLY A 35 -15.29 5.65 -1.38
CA GLY A 35 -16.29 5.64 -2.45
C GLY A 35 -15.87 4.72 -3.61
N LYS A 36 -16.84 4.00 -4.19
CA LYS A 36 -16.58 3.05 -5.30
C LYS A 36 -16.13 3.72 -6.61
N ASP A 37 -16.31 5.03 -6.74
CA ASP A 37 -15.74 5.84 -7.83
C ASP A 37 -14.20 5.86 -7.79
N ALA A 38 -13.61 5.88 -6.58
CA ALA A 38 -12.16 5.86 -6.37
C ALA A 38 -11.62 4.41 -6.28
N PHE A 39 -12.25 3.59 -5.43
CA PHE A 39 -11.83 2.20 -5.14
C PHE A 39 -13.05 1.26 -5.10
N PRO A 40 -13.54 0.75 -6.24
CA PRO A 40 -14.58 -0.29 -6.27
C PRO A 40 -13.98 -1.63 -5.78
N VAL A 41 -14.78 -2.55 -5.24
CA VAL A 41 -14.34 -3.90 -4.85
C VAL A 41 -13.74 -4.66 -6.03
N ALA A 42 -14.42 -4.60 -7.17
CA ALA A 42 -14.05 -5.31 -8.41
C ALA A 42 -12.74 -4.82 -9.08
N GLY A 43 -12.30 -3.59 -8.79
CA GLY A 43 -11.11 -2.96 -9.42
C GLY A 43 -9.88 -2.88 -8.52
N GLN A 44 -10.04 -2.89 -7.19
CA GLN A 44 -8.92 -2.87 -6.25
C GLN A 44 -8.28 -4.26 -6.04
N LYS A 45 -6.99 -4.30 -5.76
CA LYS A 45 -6.22 -5.48 -5.32
C LYS A 45 -5.45 -5.17 -4.03
N LEU A 46 -5.19 -6.20 -3.24
CA LEU A 46 -4.66 -6.15 -1.88
C LEU A 46 -3.41 -7.03 -1.77
N ILE A 47 -2.27 -6.47 -1.36
CA ILE A 47 -0.94 -7.10 -1.39
C ILE A 47 -0.24 -6.93 -0.03
N TYR A 48 0.10 -8.04 0.64
CA TYR A 48 0.91 -8.07 1.86
C TYR A 48 2.09 -9.03 1.78
N ALA A 49 3.20 -8.69 2.42
CA ALA A 49 4.48 -9.40 2.37
C ALA A 49 4.97 -9.73 0.93
N GLY A 50 4.55 -8.93 -0.06
CA GLY A 50 4.80 -9.14 -1.50
C GLY A 50 3.95 -10.23 -2.16
N LYS A 51 2.83 -10.65 -1.56
CA LYS A 51 1.84 -11.60 -2.11
C LYS A 51 0.43 -10.99 -2.08
N ILE A 52 -0.40 -11.39 -3.04
CA ILE A 52 -1.78 -10.89 -3.15
C ILE A 52 -2.71 -11.68 -2.23
N LEU A 53 -3.48 -10.97 -1.41
CA LEU A 53 -4.44 -11.50 -0.45
C LEU A 53 -5.67 -12.09 -1.17
N ASN A 54 -5.97 -13.36 -0.91
CA ASN A 54 -7.14 -14.05 -1.46
C ASN A 54 -8.45 -13.55 -0.83
N ASP A 55 -9.40 -13.08 -1.66
CA ASP A 55 -10.65 -12.42 -1.26
C ASP A 55 -11.45 -13.18 -0.18
N ASP A 56 -11.69 -14.48 -0.39
CA ASP A 56 -12.47 -15.34 0.51
C ASP A 56 -11.70 -15.79 1.78
N THR A 57 -10.39 -15.54 1.86
CA THR A 57 -9.53 -15.92 3.00
C THR A 57 -9.57 -14.84 4.08
N ALA A 58 -9.46 -15.24 5.35
CA ALA A 58 -9.52 -14.33 6.49
C ALA A 58 -8.24 -13.51 6.70
N LEU A 59 -8.35 -12.35 7.37
CA LEU A 59 -7.22 -11.43 7.62
C LEU A 59 -6.16 -12.01 8.56
N LYS A 60 -6.57 -12.84 9.53
CA LYS A 60 -5.69 -13.57 10.47
C LYS A 60 -4.70 -14.52 9.78
N GLU A 61 -5.03 -15.02 8.58
CA GLU A 61 -4.17 -15.91 7.78
C GLU A 61 -2.87 -15.23 7.29
N TYR A 62 -2.81 -13.90 7.33
CA TYR A 62 -1.71 -13.07 6.84
C TYR A 62 -1.02 -12.27 7.95
N LYS A 63 -1.52 -12.39 9.20
CA LYS A 63 -1.02 -11.74 10.43
C LYS A 63 -0.69 -10.24 10.27
N ILE A 64 -1.52 -9.52 9.51
CA ILE A 64 -1.45 -8.06 9.33
C ILE A 64 -1.58 -7.37 10.70
N ASP A 65 -0.84 -6.28 10.91
CA ASP A 65 -0.82 -5.51 12.16
C ASP A 65 -1.23 -4.04 11.91
N GLU A 66 -1.68 -3.36 12.96
CA GLU A 66 -2.15 -1.96 12.88
C GLU A 66 -1.00 -0.96 12.66
N LYS A 67 0.21 -1.23 13.21
CA LYS A 67 1.39 -0.36 13.13
C LYS A 67 2.13 -0.49 11.79
N ASN A 68 2.11 -1.68 11.19
CA ASN A 68 2.64 -1.97 9.86
C ASN A 68 1.66 -1.52 8.75
N PHE A 69 2.00 -1.66 7.46
CA PHE A 69 1.14 -1.27 6.34
C PHE A 69 1.00 -2.35 5.26
N VAL A 70 -0.20 -2.42 4.66
CA VAL A 70 -0.54 -3.20 3.47
C VAL A 70 -0.40 -2.32 2.22
N VAL A 71 -0.36 -2.92 1.04
CA VAL A 71 -0.42 -2.18 -0.24
C VAL A 71 -1.75 -2.43 -0.94
N VAL A 72 -2.40 -1.35 -1.36
CA VAL A 72 -3.60 -1.34 -2.21
C VAL A 72 -3.25 -0.81 -3.60
N MET A 73 -3.82 -1.40 -4.64
CA MET A 73 -3.75 -0.89 -6.02
C MET A 73 -5.11 -0.95 -6.71
N VAL A 74 -5.24 -0.25 -7.83
CA VAL A 74 -6.41 -0.24 -8.71
C VAL A 74 -5.96 -0.29 -10.18
N THR A 75 -6.61 -1.13 -10.98
CA THR A 75 -6.25 -1.39 -12.38
C THR A 75 -6.74 -0.31 -13.36
N LYS A 76 -6.29 -0.37 -14.62
CA LYS A 76 -6.74 0.48 -15.74
C LYS A 76 -7.19 -0.36 -16.96
N PRO A 77 -7.97 0.20 -17.92
CA PRO A 77 -8.45 -0.52 -19.10
C PRO A 77 -7.36 -1.16 -19.99
N LYS A 78 -7.80 -2.13 -20.79
CA LYS A 78 -7.02 -2.94 -21.74
C LYS A 78 -7.75 -3.16 -23.09
N ALA A 79 -8.83 -2.41 -23.32
CA ALA A 79 -9.73 -2.52 -24.49
C ALA A 79 -9.08 -2.15 -25.85
N VAL A 80 -9.85 -2.33 -26.93
CA VAL A 80 -9.52 -2.06 -28.35
C VAL A 80 -8.39 -2.96 -28.89
N SER A 81 -8.79 -4.14 -29.39
CA SER A 81 -7.90 -5.14 -30.03
C SER A 81 -7.30 -4.66 -31.36
N THR A 82 -6.31 -5.40 -31.88
CA THR A 82 -5.72 -5.25 -33.22
C THR A 82 -6.70 -5.64 -34.35
N PRO A 83 -6.44 -5.25 -35.63
CA PRO A 83 -7.28 -5.61 -36.78
C PRO A 83 -7.48 -7.11 -37.02
N ALA A 84 -8.51 -7.44 -37.81
CA ALA A 84 -8.88 -8.81 -38.22
C ALA A 84 -7.76 -9.54 -39.01
N PRO A 85 -7.28 -10.72 -38.56
CA PRO A 85 -6.31 -11.54 -39.30
C PRO A 85 -6.72 -11.89 -40.74
N ALA A 86 -5.72 -12.02 -41.63
CA ALA A 86 -5.92 -12.36 -43.05
C ALA A 86 -6.56 -13.75 -43.28
N THR A 87 -6.42 -14.68 -42.32
CA THR A 87 -7.03 -16.02 -42.35
C THR A 87 -8.56 -16.00 -42.33
N LEU A 88 -9.17 -14.92 -41.81
CA LEU A 88 -10.63 -14.71 -41.81
C LEU A 88 -11.16 -14.28 -43.19
N GLU A 89 -10.37 -13.51 -43.95
CA GLU A 89 -10.65 -13.17 -45.35
C GLU A 89 -10.41 -14.37 -46.29
N HIS A 90 -9.26 -15.05 -46.10
CA HIS A 90 -8.77 -16.24 -46.83
C HIS A 90 -8.52 -16.02 -48.34
N HIS A 91 -7.84 -16.97 -48.99
CA HIS A 91 -7.68 -17.05 -50.44
C HIS A 91 -8.90 -17.71 -51.12
N HIS A 92 -9.02 -17.57 -52.44
CA HIS A 92 -10.06 -18.21 -53.27
C HIS A 92 -9.51 -18.66 -54.64
N HIS A 93 -10.26 -19.51 -55.35
CA HIS A 93 -9.82 -20.18 -56.59
C HIS A 93 -10.92 -20.19 -57.67
N HIS A 94 -10.56 -20.54 -58.90
CA HIS A 94 -11.44 -20.60 -60.08
C HIS A 94 -11.17 -21.86 -60.94
N HIS A 95 -12.04 -22.10 -61.93
CA HIS A 95 -11.92 -23.19 -62.91
C HIS A 95 -10.67 -23.03 -63.82
N GLY B 1 24.76 -10.67 -35.26
CA GLY B 1 23.36 -10.96 -34.89
C GLY B 1 22.94 -10.16 -33.65
N SER B 2 22.21 -10.80 -32.74
CA SER B 2 21.72 -10.20 -31.49
C SER B 2 22.85 -9.76 -30.53
N HIS B 3 22.54 -8.88 -29.58
CA HIS B 3 23.47 -8.35 -28.57
C HIS B 3 22.77 -8.12 -27.21
N MET B 4 23.58 -7.88 -26.17
CA MET B 4 23.13 -7.46 -24.82
C MET B 4 22.57 -6.03 -24.78
N THR B 5 22.02 -5.61 -23.64
CA THR B 5 21.32 -4.32 -23.45
C THR B 5 21.88 -3.45 -22.32
N ILE B 6 22.92 -3.92 -21.62
CA ILE B 6 23.48 -3.34 -20.37
C ILE B 6 23.79 -1.84 -20.48
N SER B 7 24.46 -1.41 -21.56
CA SER B 7 24.87 0.00 -21.81
C SER B 7 24.25 0.60 -23.08
N GLN B 8 23.51 -0.20 -23.85
CA GLN B 8 22.98 0.14 -25.17
C GLN B 8 21.81 1.14 -25.14
N GLN B 9 21.14 1.31 -23.99
CA GLN B 9 20.11 2.33 -23.79
C GLN B 9 20.66 3.77 -23.68
N GLU B 10 21.95 3.92 -23.36
CA GLU B 10 22.70 5.16 -23.07
C GLU B 10 22.18 5.97 -21.87
N PHE B 11 20.96 6.52 -21.95
CA PHE B 11 20.39 7.45 -20.97
C PHE B 11 18.85 7.35 -20.90
N GLY B 12 18.24 7.92 -19.85
CA GLY B 12 16.79 8.10 -19.70
C GLY B 12 16.44 9.01 -18.51
N ARG B 13 15.23 9.60 -18.54
CA ARG B 13 14.75 10.58 -17.54
C ARG B 13 14.46 9.95 -16.17
N THR B 14 13.77 8.80 -16.15
CA THR B 14 13.44 8.00 -14.96
C THR B 14 13.54 6.49 -15.24
N GLY B 15 13.49 5.66 -14.20
CA GLY B 15 13.51 4.19 -14.29
C GLY B 15 12.14 3.52 -14.10
N LEU B 16 11.10 4.28 -13.71
CA LEU B 16 9.73 3.82 -13.46
C LEU B 16 8.73 4.96 -13.74
N PRO B 17 7.66 4.74 -14.54
CA PRO B 17 6.66 5.77 -14.83
C PRO B 17 5.63 5.92 -13.71
N ASP B 18 4.83 6.98 -13.79
CA ASP B 18 3.63 7.19 -12.97
C ASP B 18 2.43 6.40 -13.54
N LEU B 19 2.68 5.12 -13.85
CA LEU B 19 1.77 4.05 -14.26
C LEU B 19 1.17 4.17 -15.67
N SER B 20 1.43 5.26 -16.40
CA SER B 20 0.87 5.51 -17.73
C SER B 20 1.22 4.44 -18.76
N SER B 21 2.52 4.17 -18.96
CA SER B 21 3.05 3.18 -19.93
C SER B 21 3.29 1.78 -19.32
N MET B 22 3.11 1.64 -18.01
CA MET B 22 3.35 0.40 -17.25
C MET B 22 2.30 -0.69 -17.57
N THR B 23 2.69 -1.97 -17.59
CA THR B 23 1.76 -3.11 -17.71
C THR B 23 1.11 -3.44 -16.36
N GLU B 24 0.04 -4.24 -16.37
CA GLU B 24 -0.60 -4.74 -15.14
C GLU B 24 0.37 -5.57 -14.28
N GLU B 25 1.18 -6.43 -14.90
CA GLU B 25 2.18 -7.25 -14.20
C GLU B 25 3.27 -6.40 -13.53
N GLU B 26 3.75 -5.34 -14.19
CA GLU B 26 4.71 -4.40 -13.60
C GLU B 26 4.08 -3.52 -12.50
N GLN B 27 2.81 -3.10 -12.64
CA GLN B 27 2.05 -2.44 -11.57
C GLN B 27 1.94 -3.34 -10.33
N ILE B 28 1.61 -4.63 -10.51
CA ILE B 28 1.60 -5.64 -9.45
C ILE B 28 2.99 -5.78 -8.81
N ALA B 29 4.05 -5.99 -9.59
CA ALA B 29 5.41 -6.15 -9.05
C ALA B 29 5.90 -4.90 -8.28
N TYR B 30 5.52 -3.70 -8.70
CA TYR B 30 5.74 -2.45 -7.95
C TYR B 30 4.99 -2.46 -6.61
N ALA B 31 3.72 -2.91 -6.59
CA ALA B 31 2.98 -3.14 -5.35
C ALA B 31 3.70 -4.12 -4.40
N MET B 32 4.14 -5.27 -4.93
CA MET B 32 4.93 -6.28 -4.21
C MET B 32 6.21 -5.69 -3.62
N GLN B 33 6.97 -4.90 -4.38
CA GLN B 33 8.20 -4.24 -3.93
C GLN B 33 7.96 -3.29 -2.74
N MET B 34 6.88 -2.51 -2.74
CA MET B 34 6.54 -1.66 -1.59
C MET B 34 6.10 -2.50 -0.37
N SER B 35 5.29 -3.55 -0.60
CA SER B 35 4.86 -4.52 0.42
C SER B 35 6.04 -5.25 1.09
N LEU B 36 7.05 -5.66 0.31
CA LEU B 36 8.33 -6.21 0.77
C LEU B 36 9.10 -5.24 1.68
N GLN B 37 9.08 -3.94 1.37
CA GLN B 37 9.69 -2.92 2.22
C GLN B 37 8.93 -2.72 3.54
N GLY B 38 7.60 -2.80 3.52
CA GLY B 38 6.76 -2.84 4.73
C GLY B 38 7.06 -4.06 5.61
N ALA B 39 7.32 -5.22 5.00
CA ALA B 39 7.75 -6.45 5.67
C ALA B 39 9.14 -6.33 6.32
N GLU B 40 10.20 -6.12 5.52
CA GLU B 40 11.60 -6.07 6.01
C GLU B 40 12.56 -5.22 5.16
N PHE B 41 12.35 -5.15 3.85
CA PHE B 41 13.29 -4.52 2.90
C PHE B 41 13.46 -3.00 3.08
N GLY B 42 12.61 -2.35 3.89
CA GLY B 42 12.73 -0.93 4.29
C GLY B 42 13.66 -0.69 5.49
N GLN B 43 14.11 -1.76 6.17
CA GLN B 43 15.05 -1.72 7.31
C GLN B 43 16.28 -2.63 7.14
N ALA B 44 16.25 -3.60 6.21
CA ALA B 44 17.43 -4.38 5.80
C ALA B 44 18.50 -3.52 5.12
N GLU B 45 19.77 -3.95 5.18
CA GLU B 45 20.90 -3.28 4.53
C GLU B 45 21.03 -3.62 3.03
N SER B 46 20.60 -4.82 2.62
CA SER B 46 20.58 -5.35 1.24
C SER B 46 21.92 -5.33 0.48
N ALA B 47 23.06 -5.12 1.17
CA ALA B 47 24.40 -5.03 0.60
C ALA B 47 25.05 -6.40 0.24
N ASP B 48 24.44 -7.51 0.65
CA ASP B 48 24.85 -8.90 0.36
C ASP B 48 24.83 -9.28 -1.14
N MET A 1 -0.36 15.51 -2.69
CA MET A 1 0.67 14.44 -2.70
C MET A 1 0.51 13.58 -1.47
N GLN A 2 0.14 12.32 -1.68
CA GLN A 2 -0.27 11.37 -0.65
C GLN A 2 0.91 10.57 -0.09
N VAL A 3 1.71 11.25 0.74
CA VAL A 3 2.87 10.70 1.46
C VAL A 3 2.43 9.61 2.43
N THR A 4 3.16 8.48 2.49
CA THR A 4 2.96 7.47 3.55
C THR A 4 3.77 7.85 4.79
N LEU A 5 3.18 7.71 5.98
CA LEU A 5 3.75 8.01 7.29
C LEU A 5 3.95 6.73 8.10
N LYS A 6 4.96 6.76 8.98
CA LYS A 6 5.24 5.75 10.02
C LYS A 6 5.63 6.41 11.35
N THR A 7 4.94 6.06 12.42
CA THR A 7 5.24 6.51 13.80
C THR A 7 6.39 5.71 14.43
N LEU A 8 6.92 6.17 15.58
CA LEU A 8 7.88 5.41 16.40
C LEU A 8 7.28 4.14 17.03
N GLN A 9 5.96 4.03 17.13
CA GLN A 9 5.22 2.82 17.52
C GLN A 9 5.01 1.88 16.30
N GLN A 10 5.61 2.22 15.14
CA GLN A 10 5.47 1.58 13.84
C GLN A 10 4.01 1.45 13.34
N GLN A 11 3.18 2.45 13.66
CA GLN A 11 1.83 2.59 13.10
C GLN A 11 1.93 3.38 11.80
N THR A 12 1.15 2.99 10.77
CA THR A 12 1.25 3.57 9.43
C THR A 12 -0.09 4.07 8.92
N PHE A 13 -0.06 5.26 8.31
CA PHE A 13 -1.18 5.95 7.67
C PHE A 13 -0.67 6.78 6.49
N LYS A 14 -1.56 7.47 5.78
CA LYS A 14 -1.20 8.38 4.69
C LYS A 14 -1.65 9.82 4.95
N ILE A 15 -0.93 10.78 4.39
CA ILE A 15 -1.12 12.23 4.50
C ILE A 15 -1.09 12.84 3.11
N ASP A 16 -2.26 13.27 2.62
CA ASP A 16 -2.37 14.06 1.39
C ASP A 16 -1.99 15.53 1.65
N ILE A 17 -0.71 15.86 1.49
CA ILE A 17 -0.11 17.18 1.69
C ILE A 17 0.22 17.85 0.34
N ASP A 18 0.09 19.18 0.25
CA ASP A 18 0.49 19.95 -0.94
C ASP A 18 2.04 20.04 -1.03
N PRO A 19 2.71 19.46 -2.06
CA PRO A 19 4.17 19.40 -2.14
C PRO A 19 4.83 20.76 -2.45
N GLU A 20 4.09 21.76 -2.91
CA GLU A 20 4.59 23.13 -3.10
C GLU A 20 4.67 23.91 -1.78
N GLU A 21 3.96 23.46 -0.73
CA GLU A 21 4.07 23.97 0.64
C GLU A 21 5.28 23.40 1.38
N THR A 22 5.48 23.85 2.62
CA THR A 22 6.67 23.51 3.43
C THR A 22 6.46 22.30 4.35
N VAL A 23 7.53 21.88 5.02
CA VAL A 23 7.50 20.82 6.04
C VAL A 23 6.60 21.21 7.22
N LYS A 24 6.50 22.50 7.57
CA LYS A 24 5.52 22.98 8.56
C LYS A 24 4.07 22.67 8.14
N ALA A 25 3.75 22.72 6.84
CA ALA A 25 2.45 22.30 6.32
C ALA A 25 2.25 20.77 6.39
N LEU A 26 3.27 19.94 6.14
CA LEU A 26 3.23 18.50 6.41
C LEU A 26 2.83 18.23 7.86
N LYS A 27 3.56 18.82 8.81
CA LYS A 27 3.21 18.83 10.24
C LYS A 27 1.78 19.30 10.52
N GLU A 28 1.30 20.37 9.86
CA GLU A 28 -0.08 20.87 10.00
C GLU A 28 -1.12 19.80 9.61
N LYS A 29 -0.92 19.13 8.46
CA LYS A 29 -1.82 18.07 7.98
C LYS A 29 -1.79 16.83 8.89
N ILE A 30 -0.62 16.46 9.42
CA ILE A 30 -0.49 15.42 10.47
C ILE A 30 -1.27 15.82 11.73
N GLU A 31 -1.09 17.04 12.24
CA GLU A 31 -1.81 17.55 13.41
C GLU A 31 -3.34 17.55 13.17
N SER A 32 -3.79 17.98 11.99
CA SER A 32 -5.20 17.96 11.57
C SER A 32 -5.78 16.54 11.54
N GLU A 33 -5.06 15.57 10.99
CA GLU A 33 -5.45 14.16 10.90
C GLU A 33 -5.49 13.47 12.28
N LYS A 34 -4.38 13.50 13.02
CA LYS A 34 -4.17 12.73 14.26
C LYS A 34 -4.64 13.43 15.54
N GLY A 35 -4.83 14.74 15.49
CA GLY A 35 -5.18 15.64 16.59
C GLY A 35 -3.96 16.21 17.34
N LYS A 36 -4.13 17.39 17.96
CA LYS A 36 -3.08 18.09 18.73
C LYS A 36 -2.62 17.30 19.97
N ASP A 37 -3.50 16.49 20.55
CA ASP A 37 -3.19 15.63 21.70
C ASP A 37 -2.17 14.52 21.36
N ALA A 38 -2.20 14.02 20.12
CA ALA A 38 -1.31 12.98 19.62
C ALA A 38 -0.02 13.58 19.01
N PHE A 39 -0.16 14.49 18.05
CA PHE A 39 0.94 15.04 17.25
C PHE A 39 0.77 16.57 17.01
N PRO A 40 1.08 17.43 18.01
CA PRO A 40 1.05 18.88 17.83
C PRO A 40 2.23 19.34 16.95
N VAL A 41 2.05 20.33 16.07
CA VAL A 41 3.12 20.86 15.17
C VAL A 41 4.38 21.21 15.94
N ALA A 42 4.23 21.93 17.05
CA ALA A 42 5.31 22.36 17.92
C ALA A 42 6.09 21.22 18.64
N GLY A 43 5.53 20.01 18.70
CA GLY A 43 6.15 18.81 19.30
C GLY A 43 6.59 17.75 18.29
N GLN A 44 6.04 17.76 17.08
CA GLN A 44 6.43 16.86 15.98
C GLN A 44 7.85 17.14 15.44
N LYS A 45 8.56 16.08 15.07
CA LYS A 45 9.81 16.08 14.30
C LYS A 45 9.67 15.06 13.16
N LEU A 46 10.15 15.44 11.97
CA LEU A 46 9.96 14.76 10.70
C LEU A 46 11.30 14.35 10.09
N ILE A 47 11.47 13.08 9.74
CA ILE A 47 12.75 12.47 9.35
C ILE A 47 12.58 11.69 8.04
N TYR A 48 13.42 12.01 7.05
CA TYR A 48 13.50 11.32 5.75
C TYR A 48 14.95 10.99 5.40
N ALA A 49 15.22 9.76 4.93
CA ALA A 49 16.56 9.29 4.55
C ALA A 49 17.66 9.58 5.62
N GLY A 50 17.30 9.50 6.90
CA GLY A 50 18.16 9.77 8.06
C GLY A 50 18.50 11.25 8.29
N LYS A 51 17.78 12.19 7.67
CA LYS A 51 17.90 13.65 7.85
C LYS A 51 16.57 14.24 8.31
N ILE A 52 16.59 15.15 9.28
CA ILE A 52 15.40 15.83 9.77
C ILE A 52 15.00 16.94 8.79
N LEU A 53 13.73 16.90 8.37
CA LEU A 53 13.10 17.86 7.49
C LEU A 53 12.98 19.23 8.18
N ASN A 54 13.64 20.25 7.63
CA ASN A 54 13.62 21.63 8.14
C ASN A 54 12.24 22.28 7.91
N ASP A 55 11.61 22.78 8.97
CA ASP A 55 10.23 23.30 9.00
C ASP A 55 9.89 24.30 7.88
N ASP A 56 10.74 25.33 7.70
CA ASP A 56 10.56 26.40 6.71
C ASP A 56 10.91 25.99 5.27
N THR A 57 11.61 24.86 5.08
CA THR A 57 12.02 24.34 3.76
C THR A 57 10.86 23.62 3.07
N ALA A 58 10.79 23.68 1.74
CA ALA A 58 9.73 23.04 0.97
C ALA A 58 9.91 21.52 0.83
N LEU A 59 8.82 20.79 0.53
CA LEU A 59 8.85 19.32 0.42
C LEU A 59 9.62 18.80 -0.82
N LYS A 60 9.58 19.55 -1.92
CA LYS A 60 10.36 19.28 -3.16
C LYS A 60 11.88 19.23 -2.92
N GLU A 61 12.39 19.91 -1.90
CA GLU A 61 13.82 19.92 -1.53
C GLU A 61 14.34 18.56 -1.04
N TYR A 62 13.44 17.66 -0.64
CA TYR A 62 13.74 16.33 -0.12
C TYR A 62 13.27 15.20 -1.05
N LYS A 63 12.60 15.55 -2.17
CA LYS A 63 12.04 14.68 -3.21
C LYS A 63 11.30 13.45 -2.65
N ILE A 64 10.50 13.66 -1.60
CA ILE A 64 9.64 12.64 -0.96
C ILE A 64 8.65 12.10 -2.00
N ASP A 65 8.41 10.79 -1.97
CA ASP A 65 7.47 10.10 -2.88
C ASP A 65 6.21 9.63 -2.13
N GLU A 66 5.12 9.40 -2.87
CA GLU A 66 3.85 8.91 -2.32
C GLU A 66 3.92 7.43 -1.86
N LYS A 67 4.62 6.58 -2.62
CA LYS A 67 4.75 5.13 -2.37
C LYS A 67 5.79 4.81 -1.31
N ASN A 68 6.85 5.61 -1.19
CA ASN A 68 7.81 5.53 -0.08
C ASN A 68 7.20 6.13 1.20
N PHE A 69 7.86 5.93 2.35
CA PHE A 69 7.38 6.41 3.66
C PHE A 69 8.33 7.45 4.29
N VAL A 70 7.75 8.36 5.08
CA VAL A 70 8.44 9.31 5.97
C VAL A 70 8.34 8.78 7.40
N VAL A 71 9.24 9.21 8.29
CA VAL A 71 9.15 8.94 9.73
C VAL A 71 8.71 10.18 10.48
N VAL A 72 7.68 10.04 11.31
CA VAL A 72 7.18 11.06 12.22
C VAL A 72 7.37 10.62 13.68
N MET A 73 7.82 11.55 14.51
CA MET A 73 7.95 11.40 15.97
C MET A 73 7.42 12.64 16.70
N VAL A 74 7.16 12.50 17.99
CA VAL A 74 6.71 13.59 18.88
C VAL A 74 7.58 13.57 20.15
N THR A 75 8.46 14.56 20.29
CA THR A 75 9.51 14.56 21.34
C THR A 75 9.00 14.86 22.76
N LYS A 76 9.53 14.12 23.74
CA LYS A 76 9.35 14.36 25.19
C LYS A 76 10.06 15.65 25.67
N PRO A 77 9.70 16.22 26.84
CA PRO A 77 10.43 17.31 27.48
C PRO A 77 11.90 16.99 27.81
N LYS A 78 12.66 18.05 28.08
CA LYS A 78 14.09 18.02 28.47
C LYS A 78 14.43 18.85 29.72
N ALA A 79 13.46 19.58 30.24
CA ALA A 79 13.57 20.48 31.40
C ALA A 79 12.23 20.65 32.14
N VAL A 80 12.27 21.27 33.33
CA VAL A 80 11.11 21.62 34.17
C VAL A 80 11.09 23.09 34.62
N SER A 81 12.22 23.80 34.54
CA SER A 81 12.39 25.22 34.88
C SER A 81 13.62 25.83 34.19
N THR A 82 13.76 27.15 34.26
CA THR A 82 14.97 27.90 33.85
C THR A 82 16.14 27.68 34.83
N PRO A 83 17.40 27.91 34.41
CA PRO A 83 18.56 27.89 35.32
C PRO A 83 18.56 29.09 36.28
N ALA A 84 19.27 28.98 37.41
CA ALA A 84 19.40 30.04 38.40
C ALA A 84 20.25 31.23 37.88
N PRO A 85 19.98 32.48 38.35
CA PRO A 85 20.84 33.64 38.10
C PRO A 85 22.30 33.46 38.59
N ALA A 86 23.21 34.29 38.08
CA ALA A 86 24.60 34.34 38.52
C ALA A 86 24.75 34.90 39.96
N THR A 87 25.81 34.46 40.65
CA THR A 87 26.19 34.87 42.01
C THR A 87 27.72 34.98 42.15
N LEU A 88 28.23 35.24 43.35
CA LEU A 88 29.67 35.18 43.70
C LEU A 88 30.28 33.76 43.58
N GLU A 89 29.47 32.71 43.37
CA GLU A 89 29.98 31.36 43.07
C GLU A 89 30.94 31.36 41.87
N HIS A 90 32.04 30.61 41.98
CA HIS A 90 33.18 30.52 41.04
C HIS A 90 34.01 31.82 40.85
N HIS A 91 33.42 33.00 41.09
CA HIS A 91 34.09 34.30 41.13
C HIS A 91 34.94 34.44 42.41
N HIS A 92 34.36 34.09 43.57
CA HIS A 92 35.03 33.95 44.86
C HIS A 92 36.01 32.75 44.85
N HIS A 93 36.99 32.75 45.76
CA HIS A 93 37.90 31.61 45.94
C HIS A 93 37.19 30.35 46.46
N HIS A 94 37.83 29.18 46.31
CA HIS A 94 37.33 27.89 46.77
C HIS A 94 37.37 27.75 48.31
N HIS A 95 36.68 26.75 48.85
CA HIS A 95 36.63 26.40 50.28
C HIS A 95 38.02 25.97 50.83
N GLY B 1 46.05 -19.27 18.33
CA GLY B 1 45.73 -17.84 18.12
C GLY B 1 44.28 -17.54 18.45
N SER B 2 44.00 -16.34 18.97
CA SER B 2 42.69 -15.91 19.51
C SER B 2 41.52 -16.00 18.51
N HIS B 3 41.80 -15.96 17.20
CA HIS B 3 40.82 -16.11 16.12
C HIS B 3 40.04 -17.45 16.14
N MET B 4 40.57 -18.46 16.84
CA MET B 4 39.93 -19.77 17.07
C MET B 4 38.70 -19.71 17.99
N THR B 5 38.47 -18.61 18.73
CA THR B 5 37.36 -18.46 19.69
C THR B 5 35.96 -18.61 19.05
N ILE B 6 35.01 -19.11 19.84
CA ILE B 6 33.59 -19.25 19.48
C ILE B 6 32.78 -17.95 19.69
N SER B 7 33.27 -17.02 20.53
CA SER B 7 32.51 -15.84 20.98
C SER B 7 32.08 -14.87 19.87
N GLN B 8 32.76 -14.87 18.73
CA GLN B 8 32.40 -14.07 17.54
C GLN B 8 31.09 -14.53 16.86
N GLN B 9 30.66 -15.78 17.07
CA GLN B 9 29.45 -16.36 16.48
C GLN B 9 28.18 -15.92 17.24
N GLU B 10 27.60 -14.78 16.86
CA GLU B 10 26.30 -14.29 17.33
C GLU B 10 25.47 -13.64 16.20
N PHE B 11 24.16 -13.49 16.42
CA PHE B 11 23.23 -12.85 15.48
C PHE B 11 23.21 -11.31 15.57
N GLY B 12 23.65 -10.73 16.70
CA GLY B 12 23.63 -9.28 16.98
C GLY B 12 22.24 -8.66 17.19
N ARG B 13 21.18 -9.48 17.22
CA ARG B 13 19.77 -9.07 17.34
C ARG B 13 19.48 -8.37 18.66
N THR B 14 19.13 -7.09 18.59
CA THR B 14 18.66 -6.24 19.70
C THR B 14 17.53 -5.30 19.25
N GLY B 15 16.98 -4.48 20.15
CA GLY B 15 15.93 -3.50 19.87
C GLY B 15 15.79 -2.42 20.96
N LEU B 16 15.08 -1.34 20.62
CA LEU B 16 14.87 -0.17 21.47
C LEU B 16 13.65 -0.33 22.41
N PRO B 17 13.56 0.43 23.52
CA PRO B 17 12.36 0.49 24.37
C PRO B 17 11.20 1.24 23.70
N ASP B 18 10.06 1.29 24.40
CA ASP B 18 8.91 2.14 24.09
C ASP B 18 9.17 3.61 24.50
N LEU B 19 10.35 4.10 24.12
CA LEU B 19 10.89 5.47 24.17
C LEU B 19 11.11 6.09 25.56
N SER B 20 10.58 5.49 26.63
CA SER B 20 10.62 6.04 27.99
C SER B 20 12.04 6.38 28.47
N SER B 21 12.96 5.40 28.41
CA SER B 21 14.36 5.55 28.83
C SER B 21 15.26 6.28 27.81
N MET B 22 14.80 6.48 26.57
CA MET B 22 15.55 7.14 25.49
C MET B 22 15.42 8.67 25.56
N THR B 23 16.54 9.37 25.39
CA THR B 23 16.59 10.84 25.20
C THR B 23 16.00 11.25 23.84
N GLU B 24 15.86 12.56 23.61
CA GLU B 24 15.51 13.10 22.29
C GLU B 24 16.48 12.60 21.21
N GLU B 25 17.80 12.66 21.46
CA GLU B 25 18.83 12.23 20.49
C GLU B 25 18.78 10.73 20.19
N GLU B 26 18.53 9.88 21.20
CA GLU B 26 18.36 8.43 21.00
C GLU B 26 17.09 8.10 20.19
N GLN B 27 15.96 8.75 20.50
CA GLN B 27 14.71 8.62 19.73
C GLN B 27 14.88 9.11 18.27
N ILE B 28 15.57 10.24 18.06
CA ILE B 28 15.94 10.74 16.73
C ILE B 28 16.79 9.70 15.99
N ALA B 29 17.88 9.18 16.57
CA ALA B 29 18.73 8.19 15.90
C ALA B 29 17.97 6.90 15.52
N TYR B 30 17.01 6.46 16.34
CA TYR B 30 16.08 5.38 15.99
C TYR B 30 15.22 5.76 14.78
N ALA B 31 14.60 6.96 14.77
CA ALA B 31 13.85 7.50 13.64
C ALA B 31 14.69 7.56 12.34
N MET B 32 15.94 8.03 12.42
CA MET B 32 16.91 8.05 11.32
C MET B 32 17.11 6.66 10.74
N GLN B 33 17.56 5.69 11.56
CA GLN B 33 17.73 4.30 11.13
C GLN B 33 16.45 3.70 10.53
N MET B 34 15.28 3.99 11.10
CA MET B 34 14.00 3.50 10.59
C MET B 34 13.71 4.02 9.16
N SER B 35 13.86 5.33 8.91
CA SER B 35 13.77 5.91 7.55
C SER B 35 14.85 5.38 6.59
N LEU B 36 16.10 5.22 7.05
CA LEU B 36 17.24 4.71 6.29
C LEU B 36 17.03 3.26 5.83
N GLN B 37 16.45 2.41 6.68
CA GLN B 37 16.27 0.98 6.37
C GLN B 37 15.31 0.73 5.19
N GLY B 38 14.47 1.71 4.83
CA GLY B 38 13.67 1.69 3.61
C GLY B 38 14.50 1.77 2.31
N ALA B 39 15.76 2.22 2.41
CA ALA B 39 16.79 2.20 1.36
C ALA B 39 17.79 1.02 1.51
N GLU B 40 17.54 0.10 2.45
CA GLU B 40 18.17 -1.21 2.74
C GLU B 40 19.27 -1.14 3.82
N PHE B 41 19.53 0.04 4.40
CA PHE B 41 20.59 0.27 5.38
C PHE B 41 20.40 -0.53 6.70
N GLY B 42 21.33 -1.44 6.98
CA GLY B 42 21.46 -2.16 8.25
C GLY B 42 22.66 -3.12 8.26
N GLN B 43 23.11 -3.54 9.45
CA GLN B 43 24.21 -4.49 9.64
C GLN B 43 23.71 -5.94 9.44
N ALA B 44 23.48 -6.33 8.18
CA ALA B 44 22.96 -7.64 7.79
C ALA B 44 23.90 -8.82 8.13
N GLU B 45 25.21 -8.58 8.18
CA GLU B 45 26.25 -9.53 8.58
C GLU B 45 27.48 -8.82 9.20
N SER B 46 28.38 -9.58 9.83
CA SER B 46 29.67 -9.09 10.34
C SER B 46 30.70 -8.99 9.21
N ALA B 47 30.75 -7.82 8.55
CA ALA B 47 31.65 -7.50 7.43
C ALA B 47 32.13 -6.02 7.47
N ASP B 48 32.99 -5.65 6.53
CA ASP B 48 33.60 -4.31 6.36
C ASP B 48 33.60 -3.84 4.89
N MET A 1 -2.76 8.29 5.32
CA MET A 1 -1.67 7.28 5.21
C MET A 1 -1.77 6.59 3.87
N GLN A 2 -0.79 6.85 3.02
CA GLN A 2 -0.76 6.41 1.62
C GLN A 2 -0.18 5.00 1.48
N VAL A 3 -0.99 3.99 1.82
CA VAL A 3 -0.70 2.56 1.64
C VAL A 3 -0.48 2.26 0.15
N THR A 4 0.60 1.55 -0.19
CA THR A 4 0.79 1.02 -1.55
C THR A 4 -0.03 -0.26 -1.73
N LEU A 5 -0.73 -0.39 -2.85
CA LEU A 5 -1.56 -1.56 -3.20
C LEU A 5 -0.92 -2.37 -4.32
N LYS A 6 -1.19 -3.68 -4.33
CA LYS A 6 -0.82 -4.63 -5.40
C LYS A 6 -1.95 -5.62 -5.68
N THR A 7 -2.26 -5.83 -6.96
CA THR A 7 -3.35 -6.69 -7.44
C THR A 7 -2.89 -8.12 -7.72
N LEU A 8 -3.82 -9.06 -7.94
CA LEU A 8 -3.51 -10.42 -8.43
C LEU A 8 -2.95 -10.46 -9.86
N GLN A 9 -3.25 -9.43 -10.66
CA GLN A 9 -2.65 -9.17 -11.98
C GLN A 9 -1.24 -8.52 -11.86
N GLN A 10 -0.69 -8.44 -10.63
CA GLN A 10 0.60 -7.84 -10.28
C GLN A 10 0.75 -6.36 -10.69
N GLN A 11 -0.37 -5.64 -10.77
CA GLN A 11 -0.40 -4.19 -10.99
C GLN A 11 -0.35 -3.47 -9.65
N THR A 12 0.18 -2.24 -9.60
CA THR A 12 0.40 -1.51 -8.35
C THR A 12 -0.10 -0.07 -8.40
N PHE A 13 -0.65 0.37 -7.26
CA PHE A 13 -1.35 1.64 -7.06
C PHE A 13 -1.07 2.18 -5.65
N LYS A 14 -1.66 3.34 -5.28
CA LYS A 14 -1.63 3.88 -3.90
C LYS A 14 -3.03 4.29 -3.42
N ILE A 15 -3.27 4.18 -2.12
CA ILE A 15 -4.53 4.51 -1.42
C ILE A 15 -4.20 5.35 -0.18
N ASP A 16 -4.56 6.62 -0.21
CA ASP A 16 -4.51 7.49 0.97
C ASP A 16 -5.70 7.22 1.91
N ILE A 17 -5.49 6.34 2.90
CA ILE A 17 -6.48 5.88 3.87
C ILE A 17 -6.17 6.41 5.29
N ASP A 18 -7.20 6.66 6.10
CA ASP A 18 -7.04 7.07 7.51
C ASP A 18 -6.66 5.86 8.40
N PRO A 19 -5.46 5.81 9.04
CA PRO A 19 -4.98 4.65 9.78
C PRO A 19 -5.69 4.40 11.12
N GLU A 20 -6.45 5.36 11.65
CA GLU A 20 -7.27 5.18 12.85
C GLU A 20 -8.64 4.54 12.53
N GLU A 21 -9.06 4.52 11.26
CA GLU A 21 -10.23 3.77 10.79
C GLU A 21 -9.93 2.27 10.64
N THR A 22 -10.97 1.48 10.33
CA THR A 22 -10.86 0.02 10.17
C THR A 22 -10.52 -0.40 8.75
N VAL A 23 -10.26 -1.69 8.56
CA VAL A 23 -10.03 -2.32 7.24
C VAL A 23 -11.20 -2.09 6.29
N LYS A 24 -12.45 -1.98 6.80
CA LYS A 24 -13.62 -1.61 6.00
C LYS A 24 -13.49 -0.24 5.32
N ALA A 25 -12.80 0.72 5.94
CA ALA A 25 -12.49 2.01 5.32
C ALA A 25 -11.40 1.89 4.22
N LEU A 26 -10.37 1.06 4.39
CA LEU A 26 -9.42 0.73 3.31
C LEU A 26 -10.18 0.21 2.06
N LYS A 27 -11.01 -0.81 2.27
CA LYS A 27 -11.96 -1.34 1.27
C LYS A 27 -12.85 -0.26 0.64
N GLU A 28 -13.40 0.67 1.43
CA GLU A 28 -14.20 1.81 0.93
C GLU A 28 -13.41 2.71 -0.04
N LYS A 29 -12.18 3.06 0.30
CA LYS A 29 -11.29 3.87 -0.57
C LYS A 29 -10.94 3.13 -1.86
N ILE A 30 -10.66 1.83 -1.79
CA ILE A 30 -10.41 0.97 -2.97
C ILE A 30 -11.65 0.94 -3.88
N GLU A 31 -12.85 0.71 -3.32
CA GLU A 31 -14.10 0.71 -4.09
C GLU A 31 -14.35 2.07 -4.76
N SER A 32 -14.16 3.16 -4.04
CA SER A 32 -14.27 4.53 -4.55
C SER A 32 -13.27 4.81 -5.70
N GLU A 33 -12.01 4.43 -5.54
CA GLU A 33 -10.93 4.63 -6.53
C GLU A 33 -11.13 3.78 -7.80
N LYS A 34 -11.22 2.45 -7.66
CA LYS A 34 -11.24 1.49 -8.79
C LYS A 34 -12.63 1.32 -9.43
N GLY A 35 -13.67 1.74 -8.72
CA GLY A 35 -15.09 1.59 -9.07
C GLY A 35 -15.71 0.28 -8.53
N LYS A 36 -17.02 0.33 -8.21
CA LYS A 36 -17.78 -0.82 -7.67
C LYS A 36 -17.83 -2.01 -8.62
N ASP A 37 -17.75 -1.77 -9.93
CA ASP A 37 -17.76 -2.80 -10.98
C ASP A 37 -16.51 -3.70 -10.94
N ALA A 38 -15.35 -3.13 -10.57
CA ALA A 38 -14.07 -3.83 -10.51
C ALA A 38 -13.79 -4.42 -9.11
N PHE A 39 -13.94 -3.61 -8.05
CA PHE A 39 -13.62 -3.97 -6.66
C PHE A 39 -14.71 -3.51 -5.68
N PRO A 40 -15.88 -4.18 -5.63
CA PRO A 40 -16.91 -3.89 -4.63
C PRO A 40 -16.44 -4.34 -3.24
N VAL A 41 -16.76 -3.60 -2.17
CA VAL A 41 -16.41 -3.95 -0.77
C VAL A 41 -16.84 -5.38 -0.43
N ALA A 42 -18.05 -5.74 -0.84
CA ALA A 42 -18.66 -7.06 -0.64
C ALA A 42 -17.92 -8.23 -1.34
N GLY A 43 -17.08 -7.95 -2.34
CA GLY A 43 -16.29 -8.93 -3.10
C GLY A 43 -14.77 -8.85 -2.88
N GLN A 44 -14.26 -7.71 -2.43
CA GLN A 44 -12.85 -7.50 -2.08
C GLN A 44 -12.40 -8.36 -0.88
N LYS A 45 -11.13 -8.75 -0.89
CA LYS A 45 -10.35 -9.36 0.21
C LYS A 45 -8.99 -8.66 0.26
N LEU A 46 -8.49 -8.51 1.47
CA LEU A 46 -7.32 -7.70 1.82
C LEU A 46 -6.33 -8.54 2.63
N ILE A 47 -5.08 -8.65 2.18
CA ILE A 47 -4.06 -9.55 2.74
C ILE A 47 -2.74 -8.78 2.98
N TYR A 48 -2.23 -8.84 4.21
CA TYR A 48 -0.91 -8.30 4.60
C TYR A 48 -0.10 -9.34 5.38
N ALA A 49 1.22 -9.39 5.13
CA ALA A 49 2.15 -10.35 5.75
C ALA A 49 1.70 -11.82 5.74
N GLY A 50 0.87 -12.21 4.75
CA GLY A 50 0.28 -13.53 4.57
C GLY A 50 -0.97 -13.82 5.40
N LYS A 51 -1.58 -12.82 6.05
CA LYS A 51 -2.86 -12.93 6.77
C LYS A 51 -3.90 -11.95 6.22
N ILE A 52 -5.14 -12.44 6.10
CA ILE A 52 -6.29 -11.65 5.66
C ILE A 52 -6.71 -10.67 6.77
N LEU A 53 -6.77 -9.39 6.43
CA LEU A 53 -7.17 -8.28 7.30
C LEU A 53 -8.66 -8.37 7.66
N ASN A 54 -8.97 -8.51 8.95
CA ASN A 54 -10.34 -8.58 9.46
C ASN A 54 -11.06 -7.22 9.31
N ASP A 55 -12.24 -7.21 8.68
CA ASP A 55 -12.97 -6.00 8.28
C ASP A 55 -13.29 -5.01 9.43
N ASP A 56 -13.67 -5.50 10.61
CA ASP A 56 -13.97 -4.68 11.79
C ASP A 56 -12.73 -4.27 12.61
N THR A 57 -11.57 -4.86 12.33
CA THR A 57 -10.29 -4.58 13.01
C THR A 57 -9.62 -3.34 12.42
N ALA A 58 -8.89 -2.57 13.23
CA ALA A 58 -8.22 -1.34 12.79
C ALA A 58 -6.93 -1.59 11.99
N LEU A 59 -6.51 -0.62 11.15
CA LEU A 59 -5.27 -0.70 10.37
C LEU A 59 -4.00 -0.69 11.24
N LYS A 60 -4.07 -0.01 12.40
CA LYS A 60 -3.06 0.00 13.47
C LYS A 60 -2.61 -1.41 13.88
N GLU A 61 -3.56 -2.36 13.94
CA GLU A 61 -3.35 -3.73 14.43
C GLU A 61 -2.40 -4.57 13.56
N TYR A 62 -2.22 -4.17 12.31
CA TYR A 62 -1.41 -4.86 11.30
C TYR A 62 -0.12 -4.09 10.94
N LYS A 63 0.07 -2.92 11.55
CA LYS A 63 1.24 -2.02 11.43
C LYS A 63 1.66 -1.75 9.97
N ILE A 64 0.67 -1.63 9.07
CA ILE A 64 0.86 -1.37 7.63
C ILE A 64 1.62 -0.05 7.44
N ASP A 65 2.63 -0.07 6.57
CA ASP A 65 3.44 1.10 6.22
C ASP A 65 3.04 1.69 4.85
N GLU A 66 3.37 2.96 4.61
CA GLU A 66 3.15 3.62 3.33
C GLU A 66 4.05 3.06 2.21
N LYS A 67 5.33 2.84 2.51
CA LYS A 67 6.36 2.41 1.55
C LYS A 67 6.25 0.93 1.17
N ASN A 68 5.82 0.08 2.10
CA ASN A 68 5.52 -1.33 1.82
C ASN A 68 4.14 -1.47 1.16
N PHE A 69 3.82 -2.66 0.62
CA PHE A 69 2.58 -2.91 -0.12
C PHE A 69 1.64 -3.91 0.57
N VAL A 70 0.34 -3.66 0.43
CA VAL A 70 -0.75 -4.57 0.79
C VAL A 70 -1.17 -5.32 -0.48
N VAL A 71 -1.76 -6.51 -0.35
CA VAL A 71 -2.34 -7.23 -1.50
C VAL A 71 -3.87 -7.17 -1.44
N VAL A 72 -4.47 -6.78 -2.56
CA VAL A 72 -5.92 -6.76 -2.78
C VAL A 72 -6.32 -7.77 -3.85
N MET A 73 -7.38 -8.53 -3.57
CA MET A 73 -8.06 -9.40 -4.52
C MET A 73 -9.57 -9.21 -4.46
N VAL A 74 -10.27 -9.76 -5.46
CA VAL A 74 -11.74 -9.73 -5.57
C VAL A 74 -12.24 -11.11 -6.00
N THR A 75 -13.05 -11.77 -5.17
CA THR A 75 -13.59 -13.11 -5.48
C THR A 75 -14.67 -13.05 -6.57
N LYS A 76 -14.81 -14.16 -7.32
CA LYS A 76 -15.67 -14.34 -8.53
C LYS A 76 -15.98 -13.06 -9.32
N PRO A 77 -15.00 -12.50 -10.06
CA PRO A 77 -15.13 -11.24 -10.79
C PRO A 77 -16.28 -11.15 -11.80
N LYS A 78 -16.58 -9.90 -12.18
CA LYS A 78 -17.62 -9.50 -13.16
C LYS A 78 -17.10 -8.58 -14.28
N ALA A 79 -15.80 -8.26 -14.24
CA ALA A 79 -15.13 -7.24 -15.07
C ALA A 79 -13.78 -7.70 -15.66
N VAL A 80 -13.58 -9.01 -15.78
CA VAL A 80 -12.42 -9.64 -16.45
C VAL A 80 -12.40 -9.36 -17.98
N SER A 81 -11.25 -9.62 -18.62
CA SER A 81 -10.95 -9.28 -20.02
C SER A 81 -11.75 -10.06 -21.08
N THR A 82 -12.45 -11.13 -20.67
CA THR A 82 -13.38 -11.95 -21.46
C THR A 82 -14.75 -12.05 -20.74
N PRO A 83 -15.84 -12.51 -21.40
CA PRO A 83 -17.12 -12.79 -20.75
C PRO A 83 -16.98 -13.59 -19.45
N ALA A 84 -17.27 -12.95 -18.32
CA ALA A 84 -17.19 -13.51 -16.97
C ALA A 84 -18.16 -14.71 -16.78
N PRO A 85 -17.95 -15.60 -15.80
CA PRO A 85 -18.86 -16.74 -15.57
C PRO A 85 -20.29 -16.34 -15.15
N ALA A 86 -20.44 -15.10 -14.70
CA ALA A 86 -21.71 -14.43 -14.41
C ALA A 86 -22.53 -14.03 -15.65
N THR A 87 -21.94 -14.03 -16.85
CA THR A 87 -22.58 -13.64 -18.12
C THR A 87 -22.44 -14.68 -19.23
N LEU A 88 -21.34 -15.43 -19.25
CA LEU A 88 -21.09 -16.58 -20.14
C LEU A 88 -22.13 -17.71 -19.95
N GLU A 89 -22.79 -17.79 -18.79
CA GLU A 89 -23.95 -18.67 -18.55
C GLU A 89 -25.16 -18.40 -19.46
N HIS A 90 -25.22 -17.22 -20.09
CA HIS A 90 -26.18 -16.84 -21.13
C HIS A 90 -25.48 -16.67 -22.49
N HIS A 91 -24.43 -15.84 -22.54
CA HIS A 91 -23.62 -15.54 -23.73
C HIS A 91 -22.56 -16.63 -24.00
N HIS A 92 -22.98 -17.89 -24.02
CA HIS A 92 -22.13 -19.08 -24.14
C HIS A 92 -21.34 -19.16 -25.47
N HIS A 93 -21.77 -18.42 -26.50
CA HIS A 93 -21.08 -18.24 -27.78
C HIS A 93 -19.74 -17.47 -27.68
N HIS A 94 -19.47 -16.78 -26.57
CA HIS A 94 -18.26 -15.99 -26.25
C HIS A 94 -18.00 -14.76 -27.15
N HIS A 95 -18.79 -14.56 -28.22
CA HIS A 95 -18.60 -13.54 -29.27
C HIS A 95 -19.85 -12.67 -29.48
N GLY B 1 11.95 -29.54 -42.11
CA GLY B 1 12.64 -28.24 -42.20
C GLY B 1 14.04 -28.30 -41.60
N SER B 2 14.64 -27.14 -41.33
CA SER B 2 15.99 -26.99 -40.76
C SER B 2 16.00 -27.25 -39.23
N HIS B 3 15.82 -28.51 -38.82
CA HIS B 3 15.61 -28.91 -37.42
C HIS B 3 16.80 -28.62 -36.47
N MET B 4 18.02 -28.43 -37.01
CA MET B 4 19.18 -27.94 -36.27
C MET B 4 19.11 -26.42 -35.99
N THR B 5 18.75 -25.64 -37.01
CA THR B 5 18.74 -24.17 -37.01
C THR B 5 17.58 -23.56 -36.23
N ILE B 6 16.39 -24.19 -36.28
CA ILE B 6 15.16 -23.73 -35.62
C ILE B 6 15.28 -23.70 -34.08
N SER B 7 14.37 -22.97 -33.41
CA SER B 7 14.28 -22.88 -31.94
C SER B 7 14.15 -24.26 -31.28
N GLN B 8 15.17 -24.67 -30.51
CA GLN B 8 15.27 -26.01 -29.90
C GLN B 8 14.37 -26.21 -28.67
N GLN B 9 13.75 -25.15 -28.13
CA GLN B 9 12.81 -25.20 -27.00
C GLN B 9 11.61 -24.25 -27.17
N GLU B 10 10.67 -24.34 -26.22
CA GLU B 10 9.52 -23.43 -26.06
C GLU B 10 9.78 -22.36 -24.99
N PHE B 11 8.86 -21.39 -24.86
CA PHE B 11 8.82 -20.38 -23.79
C PHE B 11 8.31 -20.97 -22.46
N GLY B 12 8.20 -20.12 -21.42
CA GLY B 12 7.81 -20.47 -20.04
C GLY B 12 6.33 -20.83 -19.83
N ARG B 13 5.81 -21.79 -20.61
CA ARG B 13 4.43 -22.33 -20.54
C ARG B 13 4.09 -23.02 -19.21
N THR B 14 5.09 -23.46 -18.47
CA THR B 14 4.99 -24.18 -17.18
C THR B 14 4.61 -23.31 -15.97
N GLY B 15 4.53 -21.98 -16.12
CA GLY B 15 4.25 -21.04 -15.04
C GLY B 15 2.83 -21.12 -14.44
N LEU B 16 2.63 -20.41 -13.32
CA LEU B 16 1.35 -20.30 -12.60
C LEU B 16 0.26 -19.63 -13.48
N PRO B 17 -1.01 -20.10 -13.43
CA PRO B 17 -2.12 -19.48 -14.19
C PRO B 17 -2.38 -18.01 -13.87
N ASP B 18 -3.10 -17.34 -14.76
CA ASP B 18 -3.66 -15.99 -14.53
C ASP B 18 -4.99 -16.11 -13.73
N LEU B 19 -4.91 -16.84 -12.61
CA LEU B 19 -6.01 -17.32 -11.74
C LEU B 19 -6.90 -18.41 -12.37
N SER B 20 -6.69 -18.76 -13.64
CA SER B 20 -7.57 -19.62 -14.47
C SER B 20 -7.90 -20.99 -13.85
N SER B 21 -6.89 -21.74 -13.43
CA SER B 21 -7.02 -23.11 -12.89
C SER B 21 -6.98 -23.18 -11.35
N MET B 22 -6.74 -22.06 -10.67
CA MET B 22 -6.61 -21.97 -9.20
C MET B 22 -7.99 -21.81 -8.53
N THR B 23 -8.27 -22.65 -7.52
CA THR B 23 -9.45 -22.52 -6.64
C THR B 23 -9.39 -21.24 -5.80
N GLU B 24 -10.47 -20.88 -5.12
CA GLU B 24 -10.53 -19.70 -4.22
C GLU B 24 -9.41 -19.72 -3.17
N GLU B 25 -9.17 -20.87 -2.53
CA GLU B 25 -8.08 -21.06 -1.56
C GLU B 25 -6.68 -20.92 -2.16
N GLU B 26 -6.45 -21.43 -3.38
CA GLU B 26 -5.18 -21.27 -4.11
C GLU B 26 -4.91 -19.81 -4.52
N GLN B 27 -5.93 -19.10 -5.02
CA GLN B 27 -5.85 -17.67 -5.34
C GLN B 27 -5.54 -16.83 -4.08
N ILE B 28 -6.18 -17.15 -2.96
CA ILE B 28 -5.87 -16.60 -1.63
C ILE B 28 -4.41 -16.87 -1.24
N ALA B 29 -3.93 -18.12 -1.30
CA ALA B 29 -2.56 -18.47 -0.91
C ALA B 29 -1.49 -17.78 -1.79
N TYR B 30 -1.77 -17.55 -3.08
CA TYR B 30 -0.96 -16.73 -3.98
C TYR B 30 -0.89 -15.27 -3.49
N ALA B 31 -2.03 -14.64 -3.16
CA ALA B 31 -2.09 -13.34 -2.50
C ALA B 31 -1.29 -13.28 -1.18
N MET B 32 -1.41 -14.31 -0.34
CA MET B 32 -0.65 -14.48 0.91
C MET B 32 0.86 -14.45 0.66
N GLN B 33 1.38 -15.33 -0.19
CA GLN B 33 2.81 -15.41 -0.52
C GLN B 33 3.37 -14.06 -1.01
N MET B 34 2.63 -13.31 -1.84
CA MET B 34 3.07 -11.99 -2.30
C MET B 34 3.24 -11.00 -1.12
N SER B 35 2.22 -10.80 -0.28
CA SER B 35 2.34 -9.91 0.90
C SER B 35 3.37 -10.38 1.93
N LEU B 36 3.52 -11.70 2.11
CA LEU B 36 4.53 -12.34 2.95
C LEU B 36 5.97 -12.07 2.45
N GLN B 37 6.18 -12.01 1.14
CA GLN B 37 7.45 -11.59 0.55
C GLN B 37 7.72 -10.09 0.76
N GLY B 38 6.67 -9.25 0.71
CA GLY B 38 6.74 -7.84 1.10
C GLY B 38 7.12 -7.66 2.59
N ALA B 39 6.65 -8.55 3.46
CA ALA B 39 6.95 -8.59 4.89
C ALA B 39 8.38 -9.08 5.20
N GLU B 40 8.67 -10.38 5.05
CA GLU B 40 9.92 -11.00 5.51
C GLU B 40 10.47 -12.17 4.66
N PHE B 41 9.73 -12.67 3.68
CA PHE B 41 10.21 -13.68 2.72
C PHE B 41 11.04 -13.07 1.56
N GLY B 42 11.18 -11.75 1.49
CA GLY B 42 12.05 -11.00 0.58
C GLY B 42 13.55 -11.31 0.76
N GLN B 43 14.07 -12.25 -0.04
CA GLN B 43 15.49 -12.68 -0.06
C GLN B 43 16.50 -11.58 -0.47
N ALA B 44 17.79 -11.92 -0.44
CA ALA B 44 18.93 -11.01 -0.67
C ALA B 44 18.91 -9.78 0.26
N GLU B 45 19.52 -8.66 -0.16
CA GLU B 45 19.56 -7.39 0.59
C GLU B 45 18.14 -6.78 0.77
N SER B 46 17.62 -6.83 1.99
CA SER B 46 16.27 -6.36 2.36
C SER B 46 16.09 -4.83 2.22
N ALA B 47 14.83 -4.38 2.20
CA ALA B 47 14.45 -2.96 2.08
C ALA B 47 14.87 -2.08 3.28
N ASP B 48 15.14 -2.68 4.44
CA ASP B 48 15.61 -2.04 5.69
C ASP B 48 16.61 -2.94 6.46
N MET A 1 -8.21 7.79 7.41
CA MET A 1 -6.85 7.64 6.81
C MET A 1 -6.97 7.35 5.32
N GLN A 2 -6.24 8.10 4.51
CA GLN A 2 -6.32 8.03 3.05
C GLN A 2 -5.37 6.97 2.49
N VAL A 3 -5.81 5.69 2.54
CA VAL A 3 -5.10 4.56 1.93
C VAL A 3 -5.02 4.78 0.42
N THR A 4 -3.80 4.76 -0.13
CA THR A 4 -3.60 4.77 -1.58
C THR A 4 -3.82 3.36 -2.13
N LEU A 5 -4.47 3.29 -3.29
CA LEU A 5 -4.76 2.07 -4.02
C LEU A 5 -4.07 2.06 -5.38
N LYS A 6 -3.82 0.85 -5.87
CA LYS A 6 -3.36 0.55 -7.24
C LYS A 6 -4.17 -0.61 -7.82
N THR A 7 -4.69 -0.43 -9.03
CA THR A 7 -5.52 -1.41 -9.74
C THR A 7 -4.66 -2.40 -10.54
N LEU A 8 -5.26 -3.49 -11.05
CA LEU A 8 -4.60 -4.41 -11.99
C LEU A 8 -4.36 -3.79 -13.38
N GLN A 9 -5.08 -2.71 -13.72
CA GLN A 9 -4.83 -1.87 -14.90
C GLN A 9 -3.72 -0.84 -14.64
N GLN A 10 -3.06 -0.90 -13.48
CA GLN A 10 -2.02 0.00 -12.97
C GLN A 10 -2.45 1.47 -12.84
N GLN A 11 -3.74 1.72 -12.60
CA GLN A 11 -4.28 3.02 -12.24
C GLN A 11 -4.18 3.20 -10.72
N THR A 12 -4.10 4.44 -10.22
CA THR A 12 -3.91 4.73 -8.79
C THR A 12 -4.85 5.81 -8.26
N PHE A 13 -5.36 5.61 -7.05
CA PHE A 13 -6.39 6.42 -6.38
C PHE A 13 -6.13 6.50 -4.87
N LYS A 14 -6.88 7.34 -4.14
CA LYS A 14 -6.89 7.36 -2.66
C LYS A 14 -8.31 7.22 -2.11
N ILE A 15 -8.44 6.52 -0.99
CA ILE A 15 -9.70 6.23 -0.27
C ILE A 15 -9.51 6.57 1.21
N ASP A 16 -10.20 7.60 1.68
CA ASP A 16 -10.24 7.97 3.11
C ASP A 16 -11.12 6.98 3.90
N ILE A 17 -10.50 6.00 4.53
CA ILE A 17 -11.12 4.90 5.28
C ILE A 17 -10.91 5.04 6.79
N ASP A 18 -11.90 4.59 7.57
CA ASP A 18 -11.89 4.53 9.03
C ASP A 18 -11.05 3.32 9.54
N PRO A 19 -9.88 3.50 10.19
CA PRO A 19 -9.00 2.38 10.57
C PRO A 19 -9.56 1.50 11.70
N GLU A 20 -10.51 2.02 12.50
CA GLU A 20 -11.23 1.28 13.53
C GLU A 20 -12.26 0.29 12.94
N GLU A 21 -12.63 0.46 11.66
CA GLU A 21 -13.44 -0.50 10.90
C GLU A 21 -12.57 -1.60 10.25
N THR A 22 -13.21 -2.53 9.54
CA THR A 22 -12.55 -3.70 8.95
C THR A 22 -12.12 -3.51 7.50
N VAL A 23 -11.45 -4.51 6.93
CA VAL A 23 -11.12 -4.57 5.49
C VAL A 23 -12.40 -4.57 4.63
N LYS A 24 -13.50 -5.15 5.09
CA LYS A 24 -14.82 -5.04 4.45
C LYS A 24 -15.30 -3.58 4.35
N ALA A 25 -14.95 -2.72 5.31
CA ALA A 25 -15.24 -1.29 5.22
C ALA A 25 -14.32 -0.54 4.22
N LEU A 26 -13.05 -0.92 4.07
CA LEU A 26 -12.19 -0.41 2.98
C LEU A 26 -12.88 -0.67 1.62
N LYS A 27 -13.24 -1.94 1.40
CA LYS A 27 -14.08 -2.39 0.28
C LYS A 27 -15.39 -1.60 0.14
N GLU A 28 -16.13 -1.34 1.22
CA GLU A 28 -17.38 -0.54 1.17
C GLU A 28 -17.14 0.91 0.71
N LYS A 29 -16.08 1.56 1.19
CA LYS A 29 -15.67 2.91 0.77
C LYS A 29 -15.25 2.95 -0.70
N ILE A 30 -14.52 1.93 -1.17
CA ILE A 30 -14.20 1.72 -2.59
C ILE A 30 -15.49 1.57 -3.42
N GLU A 31 -16.42 0.71 -3.01
CA GLU A 31 -17.73 0.55 -3.68
C GLU A 31 -18.51 1.88 -3.73
N SER A 32 -18.51 2.63 -2.62
CA SER A 32 -19.15 3.94 -2.48
C SER A 32 -18.59 4.99 -3.45
N GLU A 33 -17.27 5.06 -3.61
CA GLU A 33 -16.57 6.02 -4.47
C GLU A 33 -16.57 5.58 -5.96
N LYS A 34 -16.04 4.39 -6.25
CA LYS A 34 -15.79 3.87 -7.61
C LYS A 34 -17.03 3.28 -8.28
N GLY A 35 -18.06 2.96 -7.50
CA GLY A 35 -19.35 2.40 -7.92
C GLY A 35 -19.38 0.87 -7.96
N LYS A 36 -20.45 0.28 -7.42
CA LYS A 36 -20.77 -1.15 -7.42
C LYS A 36 -20.86 -1.79 -8.82
N ASP A 37 -21.08 -0.98 -9.85
CA ASP A 37 -21.01 -1.39 -11.26
C ASP A 37 -19.61 -1.92 -11.68
N ALA A 38 -18.55 -1.42 -11.04
CA ALA A 38 -17.16 -1.70 -11.38
C ALA A 38 -16.37 -2.37 -10.22
N PHE A 39 -16.65 -1.99 -8.98
CA PHE A 39 -15.99 -2.48 -7.76
C PHE A 39 -17.02 -2.82 -6.65
N PRO A 40 -17.86 -3.86 -6.82
CA PRO A 40 -18.78 -4.31 -5.76
C PRO A 40 -18.01 -4.96 -4.60
N VAL A 41 -18.44 -4.79 -3.34
CA VAL A 41 -17.86 -5.46 -2.15
C VAL A 41 -17.78 -6.97 -2.35
N ALA A 42 -18.84 -7.56 -2.89
CA ALA A 42 -18.96 -9.00 -3.16
C ALA A 42 -17.98 -9.55 -4.22
N GLY A 43 -17.34 -8.67 -5.02
CA GLY A 43 -16.37 -9.04 -6.07
C GLY A 43 -14.94 -8.54 -5.83
N GLN A 44 -14.75 -7.47 -5.05
CA GLN A 44 -13.43 -6.93 -4.70
C GLN A 44 -12.58 -7.89 -3.85
N LYS A 45 -11.26 -7.87 -4.08
CA LYS A 45 -10.22 -8.49 -3.24
C LYS A 45 -9.13 -7.45 -2.97
N LEU A 46 -8.56 -7.50 -1.77
CA LEU A 46 -7.66 -6.50 -1.19
C LEU A 46 -6.35 -7.15 -0.73
N ILE A 47 -5.20 -6.69 -1.23
CA ILE A 47 -3.89 -7.34 -1.05
C ILE A 47 -2.83 -6.34 -0.60
N TYR A 48 -2.11 -6.65 0.47
CA TYR A 48 -0.96 -5.89 0.97
C TYR A 48 0.24 -6.79 1.26
N ALA A 49 1.47 -6.33 0.94
CA ALA A 49 2.71 -7.05 1.21
C ALA A 49 2.71 -8.54 0.75
N GLY A 50 2.00 -8.84 -0.35
CA GLY A 50 1.82 -10.17 -0.94
C GLY A 50 0.87 -11.11 -0.18
N LYS A 51 0.02 -10.58 0.71
CA LYS A 51 -0.99 -11.31 1.49
C LYS A 51 -2.37 -10.66 1.35
N ILE A 52 -3.40 -11.45 1.03
CA ILE A 52 -4.79 -10.97 0.96
C ILE A 52 -5.29 -10.59 2.36
N LEU A 53 -5.79 -9.36 2.49
CA LEU A 53 -6.41 -8.81 3.68
C LEU A 53 -7.74 -9.53 3.96
N ASN A 54 -7.86 -10.17 5.13
CA ASN A 54 -9.07 -10.87 5.55
C ASN A 54 -10.22 -9.89 5.84
N ASP A 55 -11.38 -10.09 5.20
CA ASP A 55 -12.53 -9.17 5.18
C ASP A 55 -13.00 -8.72 6.58
N ASP A 56 -13.20 -9.67 7.49
CA ASP A 56 -13.66 -9.44 8.87
C ASP A 56 -12.59 -8.88 9.82
N THR A 57 -11.31 -8.90 9.41
CA THR A 57 -10.17 -8.41 10.21
C THR A 57 -10.03 -6.89 10.08
N ALA A 58 -9.57 -6.22 11.15
CA ALA A 58 -9.42 -4.77 11.17
C ALA A 58 -8.17 -4.27 10.42
N LEU A 59 -8.17 -3.00 10.01
CA LEU A 59 -7.04 -2.39 9.26
C LEU A 59 -5.78 -2.19 10.13
N LYS A 60 -5.96 -1.99 11.43
CA LYS A 60 -4.87 -1.91 12.44
C LYS A 60 -4.02 -3.19 12.54
N GLU A 61 -4.55 -4.33 12.10
CA GLU A 61 -3.85 -5.62 12.05
C GLU A 61 -2.78 -5.71 10.94
N TYR A 62 -2.80 -4.78 9.99
CA TYR A 62 -1.95 -4.78 8.78
C TYR A 62 -1.04 -3.53 8.69
N LYS A 63 -1.18 -2.58 9.63
CA LYS A 63 -0.40 -1.35 9.81
C LYS A 63 -0.18 -0.55 8.50
N ILE A 64 -1.20 -0.52 7.65
CA ILE A 64 -1.20 0.13 6.32
C ILE A 64 -0.91 1.64 6.48
N ASP A 65 -0.12 2.21 5.55
CA ASP A 65 0.22 3.63 5.49
C ASP A 65 -0.57 4.37 4.38
N GLU A 66 -0.59 5.70 4.45
CA GLU A 66 -1.32 6.57 3.52
C GLU A 66 -0.50 6.89 2.25
N LYS A 67 0.80 7.12 2.39
CA LYS A 67 1.75 7.49 1.32
C LYS A 67 2.11 6.29 0.45
N ASN A 68 2.30 5.13 1.07
CA ASN A 68 2.49 3.83 0.40
C ASN A 68 1.14 3.29 -0.13
N PHE A 69 1.17 2.31 -1.03
CA PHE A 69 -0.04 1.79 -1.69
C PHE A 69 -0.37 0.32 -1.36
N VAL A 70 -1.67 0.04 -1.34
CA VAL A 70 -2.30 -1.29 -1.28
C VAL A 70 -2.75 -1.67 -2.71
N VAL A 71 -3.06 -2.94 -2.95
CA VAL A 71 -3.59 -3.38 -4.26
C VAL A 71 -5.06 -3.82 -4.14
N VAL A 72 -5.90 -3.23 -4.99
CA VAL A 72 -7.31 -3.61 -5.19
C VAL A 72 -7.46 -4.36 -6.52
N MET A 73 -8.23 -5.45 -6.51
CA MET A 73 -8.67 -6.18 -7.69
C MET A 73 -10.15 -6.58 -7.57
N VAL A 74 -10.72 -7.07 -8.67
CA VAL A 74 -12.10 -7.57 -8.73
C VAL A 74 -12.13 -8.91 -9.47
N THR A 75 -12.78 -9.93 -8.90
CA THR A 75 -12.72 -11.32 -9.36
C THR A 75 -14.05 -11.86 -9.92
N LYS A 76 -13.95 -12.91 -10.75
CA LYS A 76 -15.03 -13.75 -11.27
C LYS A 76 -14.70 -15.22 -10.97
N PRO A 77 -15.21 -15.80 -9.85
CA PRO A 77 -14.92 -17.16 -9.41
C PRO A 77 -15.19 -18.27 -10.44
N LYS A 78 -14.66 -19.47 -10.14
CA LYS A 78 -14.91 -20.74 -10.86
C LYS A 78 -16.35 -21.29 -10.73
N ALA A 79 -17.19 -20.59 -9.98
CA ALA A 79 -18.59 -20.92 -9.70
C ALA A 79 -19.50 -19.68 -9.76
N VAL A 80 -20.82 -19.88 -9.67
CA VAL A 80 -21.92 -18.88 -9.74
C VAL A 80 -22.00 -17.93 -8.51
N SER A 81 -20.94 -17.82 -7.71
CA SER A 81 -20.89 -17.09 -6.44
C SER A 81 -21.13 -15.57 -6.55
N THR A 82 -20.71 -14.94 -7.66
CA THR A 82 -20.95 -13.51 -7.95
C THR A 82 -22.40 -13.21 -8.37
N PRO A 83 -22.87 -11.95 -8.29
CA PRO A 83 -24.24 -11.55 -8.67
C PRO A 83 -24.70 -11.98 -10.08
N ALA A 84 -26.00 -12.21 -10.23
CA ALA A 84 -26.68 -12.53 -11.50
C ALA A 84 -26.73 -11.33 -12.48
N PRO A 85 -27.04 -11.55 -13.78
CA PRO A 85 -27.26 -10.49 -14.77
C PRO A 85 -28.31 -9.43 -14.36
N ALA A 86 -28.17 -8.21 -14.89
CA ALA A 86 -29.03 -7.07 -14.58
C ALA A 86 -30.44 -7.11 -15.23
N THR A 87 -30.64 -7.95 -16.25
CA THR A 87 -31.90 -8.12 -17.00
C THR A 87 -32.08 -9.55 -17.53
N LEU A 88 -33.19 -9.82 -18.24
CA LEU A 88 -33.58 -11.14 -18.76
C LEU A 88 -32.60 -11.71 -19.81
N GLU A 89 -32.67 -13.02 -20.04
CA GLU A 89 -31.76 -13.79 -20.91
C GLU A 89 -31.77 -13.34 -22.39
N HIS A 90 -32.86 -12.72 -22.87
CA HIS A 90 -32.99 -12.19 -24.24
C HIS A 90 -31.92 -11.13 -24.59
N HIS A 91 -31.39 -10.41 -23.58
CA HIS A 91 -30.32 -9.42 -23.75
C HIS A 91 -28.96 -10.05 -24.12
N HIS A 92 -28.71 -11.31 -23.71
CA HIS A 92 -27.51 -12.08 -24.05
C HIS A 92 -27.62 -12.71 -25.45
N HIS A 93 -27.59 -11.84 -26.48
CA HIS A 93 -27.73 -12.21 -27.90
C HIS A 93 -26.67 -13.21 -28.39
N HIS A 94 -25.40 -12.96 -28.04
CA HIS A 94 -24.22 -13.77 -28.37
C HIS A 94 -23.11 -13.65 -27.30
N HIS A 95 -22.05 -14.45 -27.42
CA HIS A 95 -20.93 -14.54 -26.48
C HIS A 95 -19.57 -14.64 -27.20
N GLY B 1 20.35 -39.68 -22.94
CA GLY B 1 18.98 -39.12 -23.05
C GLY B 1 19.01 -37.68 -23.54
N SER B 2 17.98 -36.90 -23.19
CA SER B 2 17.83 -35.48 -23.56
C SER B 2 18.91 -34.57 -22.95
N HIS B 3 19.04 -33.34 -23.47
CA HIS B 3 19.88 -32.28 -22.90
C HIS B 3 19.40 -31.78 -21.52
N MET B 4 20.25 -31.00 -20.83
CA MET B 4 20.07 -30.57 -19.43
C MET B 4 18.82 -29.71 -19.20
N THR B 5 18.47 -28.82 -20.15
CA THR B 5 17.33 -27.88 -20.10
C THR B 5 17.26 -27.10 -18.77
N ILE B 6 18.28 -26.29 -18.50
CA ILE B 6 18.36 -25.44 -17.29
C ILE B 6 17.25 -24.38 -17.25
N SER B 7 16.89 -23.91 -16.04
CA SER B 7 15.84 -22.91 -15.81
C SER B 7 16.18 -21.49 -16.29
N GLN B 8 17.47 -21.18 -16.50
CA GLN B 8 17.96 -19.83 -16.84
C GLN B 8 17.39 -19.27 -18.15
N GLN B 9 17.02 -20.12 -19.11
CA GLN B 9 16.45 -19.73 -20.41
C GLN B 9 14.90 -19.68 -20.43
N GLU B 10 14.22 -20.06 -19.34
CA GLU B 10 12.76 -20.12 -19.26
C GLU B 10 12.11 -18.73 -19.12
N PHE B 11 12.74 -17.83 -18.35
CA PHE B 11 12.30 -16.48 -17.93
C PHE B 11 10.96 -16.43 -17.15
N GLY B 12 9.88 -16.97 -17.70
CA GLY B 12 8.56 -17.15 -17.06
C GLY B 12 7.71 -15.88 -16.91
N ARG B 13 8.31 -14.78 -16.44
CA ARG B 13 7.66 -13.47 -16.20
C ARG B 13 7.30 -12.73 -17.50
N THR B 14 8.05 -12.97 -18.58
CA THR B 14 7.82 -12.37 -19.91
C THR B 14 6.51 -12.86 -20.55
N GLY B 15 5.96 -12.08 -21.48
CA GLY B 15 4.76 -12.43 -22.27
C GLY B 15 3.43 -12.45 -21.50
N LEU B 16 3.38 -11.95 -20.25
CA LEU B 16 2.19 -11.95 -19.39
C LEU B 16 1.03 -11.14 -20.04
N PRO B 17 -0.21 -11.67 -20.08
CA PRO B 17 -1.37 -10.98 -20.65
C PRO B 17 -1.75 -9.66 -19.98
N ASP B 18 -2.57 -8.86 -20.66
CA ASP B 18 -3.24 -7.66 -20.11
C ASP B 18 -4.53 -8.13 -19.40
N LEU B 19 -4.36 -9.07 -18.46
CA LEU B 19 -5.38 -9.87 -17.75
C LEU B 19 -6.23 -10.79 -18.66
N SER B 20 -6.01 -10.80 -19.98
CA SER B 20 -6.79 -11.51 -20.99
C SER B 20 -6.97 -13.02 -20.72
N SER B 21 -5.86 -13.75 -20.57
CA SER B 21 -5.84 -15.21 -20.36
C SER B 21 -5.63 -15.64 -18.91
N MET B 22 -5.32 -14.72 -17.99
CA MET B 22 -4.94 -15.03 -16.60
C MET B 22 -6.11 -15.57 -15.75
N THR B 23 -5.91 -16.75 -15.15
CA THR B 23 -6.80 -17.33 -14.13
C THR B 23 -6.82 -16.46 -12.87
N GLU B 24 -7.83 -16.61 -12.00
CA GLU B 24 -7.96 -15.87 -10.73
C GLU B 24 -6.68 -15.93 -9.87
N GLU B 25 -6.07 -17.11 -9.73
CA GLU B 25 -4.81 -17.30 -8.98
C GLU B 25 -3.63 -16.52 -9.57
N GLU B 26 -3.56 -16.39 -10.90
CA GLU B 26 -2.51 -15.62 -11.59
C GLU B 26 -2.72 -14.11 -11.43
N GLN B 27 -3.97 -13.64 -11.54
CA GLN B 27 -4.37 -12.27 -11.24
C GLN B 27 -4.06 -11.89 -9.79
N ILE B 28 -4.34 -12.78 -8.83
CA ILE B 28 -3.95 -12.67 -7.42
C ILE B 28 -2.42 -12.56 -7.29
N ALA B 29 -1.63 -13.48 -7.86
CA ALA B 29 -0.18 -13.44 -7.73
C ALA B 29 0.46 -12.17 -8.35
N TYR B 30 -0.11 -11.65 -9.45
CA TYR B 30 0.23 -10.34 -10.02
C TYR B 30 -0.07 -9.19 -9.03
N ALA B 31 -1.24 -9.19 -8.38
CA ALA B 31 -1.58 -8.28 -7.29
C ALA B 31 -0.58 -8.36 -6.11
N MET B 32 -0.23 -9.58 -5.67
CA MET B 32 0.76 -9.84 -4.62
C MET B 32 2.11 -9.21 -4.97
N GLN B 33 2.66 -9.47 -6.16
CA GLN B 33 3.92 -8.87 -6.62
C GLN B 33 3.90 -7.34 -6.60
N MET B 34 2.82 -6.70 -7.06
CA MET B 34 2.71 -5.24 -6.99
C MET B 34 2.65 -4.73 -5.55
N SER B 35 1.86 -5.37 -4.67
CA SER B 35 1.76 -4.99 -3.25
C SER B 35 3.04 -5.20 -2.44
N LEU B 36 3.91 -6.16 -2.83
CA LEU B 36 5.25 -6.35 -2.28
C LEU B 36 6.15 -5.15 -2.58
N GLN B 37 6.09 -4.60 -3.80
CA GLN B 37 6.78 -3.37 -4.17
C GLN B 37 6.17 -2.14 -3.46
N GLY B 38 4.83 -2.07 -3.37
CA GLY B 38 4.10 -1.05 -2.62
C GLY B 38 4.41 -1.04 -1.12
N ALA B 39 4.77 -2.19 -0.55
CA ALA B 39 5.29 -2.34 0.80
C ALA B 39 6.76 -1.86 0.92
N GLU B 40 7.72 -2.61 0.37
CA GLU B 40 9.17 -2.36 0.54
C GLU B 40 10.10 -2.96 -0.53
N PHE B 41 9.57 -3.64 -1.56
CA PHE B 41 10.26 -4.45 -2.58
C PHE B 41 10.93 -5.72 -1.99
N GLY B 42 11.87 -5.55 -1.06
CA GLY B 42 12.77 -6.58 -0.54
C GLY B 42 12.11 -7.71 0.26
N GLN B 43 10.82 -7.60 0.62
CA GLN B 43 10.08 -8.67 1.32
C GLN B 43 9.81 -9.90 0.42
N ALA B 44 9.85 -9.74 -0.90
CA ALA B 44 9.61 -10.79 -1.90
C ALA B 44 10.59 -11.97 -1.76
N GLU B 45 10.11 -13.09 -1.20
CA GLU B 45 10.82 -14.34 -0.85
C GLU B 45 11.92 -14.21 0.23
N SER B 46 12.77 -13.19 0.15
CA SER B 46 13.93 -12.97 1.03
C SER B 46 13.59 -12.78 2.53
N ALA B 47 12.32 -12.50 2.85
CA ALA B 47 11.81 -12.42 4.23
C ALA B 47 11.74 -13.77 4.99
N ASP B 48 11.87 -14.91 4.29
CA ASP B 48 11.88 -16.27 4.87
C ASP B 48 13.02 -16.52 5.89
N MET A 1 2.67 19.75 2.62
CA MET A 1 3.34 18.43 2.54
C MET A 1 2.90 17.54 3.69
N GLN A 2 2.49 16.33 3.38
CA GLN A 2 1.96 15.37 4.35
C GLN A 2 3.11 14.55 4.98
N VAL A 3 3.69 15.08 6.06
CA VAL A 3 4.68 14.38 6.90
C VAL A 3 4.00 13.23 7.63
N THR A 4 4.46 12.00 7.41
CA THR A 4 4.03 10.84 8.20
C THR A 4 4.74 10.83 9.54
N LEU A 5 4.02 10.45 10.58
CA LEU A 5 4.48 10.40 11.97
C LEU A 5 4.38 8.98 12.52
N LYS A 6 5.26 8.68 13.48
CA LYS A 6 5.25 7.49 14.32
C LYS A 6 5.44 7.86 15.80
N THR A 7 4.50 7.42 16.64
CA THR A 7 4.50 7.66 18.09
C THR A 7 5.39 6.64 18.83
N LEU A 8 5.72 6.92 20.09
CA LEU A 8 6.43 5.96 20.95
C LEU A 8 5.56 4.78 21.38
N GLN A 9 4.23 4.92 21.32
CA GLN A 9 3.25 3.83 21.47
C GLN A 9 3.15 2.95 20.21
N GLN A 10 4.01 3.20 19.22
CA GLN A 10 4.14 2.49 17.93
C GLN A 10 2.91 2.66 17.01
N GLN A 11 2.14 3.72 17.21
CA GLN A 11 1.03 4.12 16.32
C GLN A 11 1.56 5.05 15.22
N THR A 12 0.88 5.16 14.09
CA THR A 12 1.29 6.01 12.96
C THR A 12 0.13 6.84 12.40
N PHE A 13 0.44 8.06 11.98
CA PHE A 13 -0.49 9.11 11.53
C PHE A 13 0.16 9.95 10.42
N LYS A 14 -0.56 10.93 9.86
CA LYS A 14 0.01 11.94 8.94
C LYS A 14 -0.46 13.36 9.30
N ILE A 15 0.35 14.35 8.95
CA ILE A 15 0.12 15.79 9.17
C ILE A 15 0.53 16.56 7.91
N ASP A 16 -0.45 17.19 7.26
CA ASP A 16 -0.20 18.14 6.18
C ASP A 16 0.30 19.49 6.75
N ILE A 17 1.58 19.80 6.54
CA ILE A 17 2.32 20.96 7.08
C ILE A 17 3.00 21.77 5.97
N ASP A 18 3.21 23.07 6.18
CA ASP A 18 3.92 23.95 5.24
C ASP A 18 5.45 23.89 5.44
N PRO A 19 6.26 23.51 4.43
CA PRO A 19 7.73 23.35 4.57
C PRO A 19 8.50 24.67 4.74
N GLU A 20 7.93 25.82 4.36
CA GLU A 20 8.53 27.15 4.61
C GLU A 20 8.37 27.59 6.08
N GLU A 21 7.41 27.00 6.81
CA GLU A 21 7.28 27.14 8.26
C GLU A 21 8.24 26.21 9.02
N THR A 22 8.20 26.29 10.36
CA THR A 22 9.18 25.66 11.25
C THR A 22 8.70 24.35 11.88
N VAL A 23 9.60 23.71 12.63
CA VAL A 23 9.27 22.56 13.48
C VAL A 23 8.20 22.92 14.51
N LYS A 24 8.18 24.15 15.03
CA LYS A 24 7.09 24.65 15.88
C LYS A 24 5.74 24.68 15.15
N ALA A 25 5.70 24.91 13.84
CA ALA A 25 4.47 24.78 13.03
C ALA A 25 4.07 23.30 12.80
N LEU A 26 5.02 22.38 12.58
CA LEU A 26 4.74 20.94 12.58
C LEU A 26 4.05 20.54 13.89
N LYS A 27 4.67 20.91 15.02
CA LYS A 27 4.08 20.82 16.36
C LYS A 27 2.68 21.46 16.46
N GLU A 28 2.47 22.66 15.92
CA GLU A 28 1.15 23.33 15.94
C GLU A 28 0.06 22.51 15.25
N LYS A 29 0.35 21.91 14.09
CA LYS A 29 -0.57 21.00 13.40
C LYS A 29 -0.83 19.71 14.18
N ILE A 30 0.20 19.10 14.77
CA ILE A 30 0.06 17.92 15.64
C ILE A 30 -0.84 18.25 16.84
N GLU A 31 -0.58 19.37 17.53
CA GLU A 31 -1.42 19.88 18.62
C GLU A 31 -2.87 20.15 18.16
N SER A 32 -3.04 20.81 17.01
CA SER A 32 -4.33 21.10 16.37
C SER A 32 -5.16 19.84 16.09
N GLU A 33 -4.53 18.80 15.52
CA GLU A 33 -5.16 17.52 15.17
C GLU A 33 -5.45 16.65 16.40
N LYS A 34 -4.42 16.34 17.19
CA LYS A 34 -4.46 15.34 18.29
C LYS A 34 -4.97 15.91 19.63
N GLY A 35 -4.97 17.23 19.77
CA GLY A 35 -5.38 18.00 20.95
C GLY A 35 -4.22 18.30 21.93
N LYS A 36 -4.32 19.44 22.63
CA LYS A 36 -3.33 19.88 23.65
C LYS A 36 -3.23 18.93 24.85
N ASP A 37 -4.29 18.18 25.13
CA ASP A 37 -4.34 17.14 26.18
C ASP A 37 -3.40 15.95 25.88
N ALA A 38 -3.16 15.67 24.60
CA ALA A 38 -2.36 14.54 24.12
C ALA A 38 -0.94 14.99 23.69
N PHE A 39 -0.84 16.05 22.89
CA PHE A 39 0.41 16.54 22.28
C PHE A 39 0.49 18.08 22.33
N PRO A 40 0.75 18.70 23.50
CA PRO A 40 0.98 20.15 23.60
C PRO A 40 2.34 20.53 23.03
N VAL A 41 2.47 21.71 22.43
CA VAL A 41 3.69 22.18 21.72
C VAL A 41 4.96 22.09 22.59
N ALA A 42 4.88 22.57 23.83
CA ALA A 42 5.99 22.54 24.78
C ALA A 42 6.41 21.12 25.21
N GLY A 43 5.44 20.19 25.32
CA GLY A 43 5.67 18.79 25.67
C GLY A 43 6.18 17.94 24.50
N GLN A 44 5.70 18.20 23.28
CA GLN A 44 6.16 17.54 22.06
C GLN A 44 7.68 17.66 21.84
N LYS A 45 8.25 16.67 21.15
CA LYS A 45 9.60 16.60 20.58
C LYS A 45 9.50 15.93 19.22
N LEU A 46 10.42 16.29 18.34
CA LEU A 46 10.42 15.95 16.92
C LEU A 46 11.80 15.44 16.49
N ILE A 47 11.90 14.21 15.98
CA ILE A 47 13.15 13.51 15.72
C ILE A 47 13.18 12.93 14.30
N TYR A 48 14.20 13.31 13.52
CA TYR A 48 14.48 12.76 12.18
C TYR A 48 15.96 12.40 12.02
N ALA A 49 16.26 11.35 11.23
CA ALA A 49 17.60 10.80 11.06
C ALA A 49 18.33 10.47 12.39
N GLY A 50 17.58 10.24 13.47
CA GLY A 50 18.07 10.05 14.84
C GLY A 50 18.57 11.32 15.55
N LYS A 51 18.20 12.51 15.07
CA LYS A 51 18.53 13.84 15.66
C LYS A 51 17.26 14.66 15.90
N ILE A 52 17.18 15.34 17.05
CA ILE A 52 16.05 16.22 17.40
C ILE A 52 16.06 17.50 16.54
N LEU A 53 14.95 17.78 15.88
CA LEU A 53 14.72 18.96 15.05
C LEU A 53 14.56 20.23 15.91
N ASN A 54 15.24 21.31 15.54
CA ASN A 54 15.19 22.58 16.27
C ASN A 54 13.86 23.33 16.04
N ASP A 55 13.16 23.67 17.12
CA ASP A 55 11.83 24.32 17.10
C ASP A 55 11.72 25.52 16.14
N ASP A 56 12.71 26.42 16.17
CA ASP A 56 12.75 27.66 15.40
C ASP A 56 13.31 27.51 13.96
N THR A 57 13.94 26.37 13.64
CA THR A 57 14.50 26.10 12.29
C THR A 57 13.40 25.58 11.34
N ALA A 58 13.44 26.00 10.08
CA ALA A 58 12.44 25.63 9.08
C ALA A 58 12.57 24.16 8.60
N LEU A 59 11.46 23.54 8.20
CA LEU A 59 11.44 22.11 7.81
C LEU A 59 12.29 21.82 6.55
N LYS A 60 12.33 22.77 5.61
CA LYS A 60 13.19 22.76 4.42
C LYS A 60 14.69 22.59 4.72
N GLU A 61 15.16 22.98 5.90
CA GLU A 61 16.56 22.82 6.34
C GLU A 61 16.93 21.35 6.64
N TYR A 62 15.94 20.49 6.90
CA TYR A 62 16.09 19.07 7.22
C TYR A 62 15.68 18.15 6.05
N LYS A 63 15.13 18.73 4.97
CA LYS A 63 14.69 18.09 3.72
C LYS A 63 13.89 16.79 3.93
N ILE A 64 12.97 16.81 4.91
CA ILE A 64 12.02 15.73 5.22
C ILE A 64 11.17 15.44 3.97
N ASP A 65 10.87 14.17 3.70
CA ASP A 65 10.12 13.72 2.52
C ASP A 65 8.78 13.07 2.91
N GLU A 66 7.73 13.32 2.13
CA GLU A 66 6.40 12.71 2.29
C GLU A 66 6.44 11.17 2.15
N LYS A 67 7.43 10.65 1.41
CA LYS A 67 7.73 9.23 1.18
C LYS A 67 8.16 8.45 2.43
N ASN A 68 8.67 9.16 3.45
CA ASN A 68 9.24 8.61 4.67
C ASN A 68 8.44 9.05 5.91
N PHE A 69 8.82 8.56 7.11
CA PHE A 69 8.23 8.95 8.38
C PHE A 69 9.24 9.66 9.30
N VAL A 70 8.71 10.55 10.15
CA VAL A 70 9.38 11.21 11.27
C VAL A 70 8.94 10.54 12.58
N VAL A 71 9.67 10.75 13.66
CA VAL A 71 9.28 10.28 15.01
C VAL A 71 8.83 11.46 15.86
N VAL A 72 7.61 11.38 16.38
CA VAL A 72 7.03 12.32 17.36
C VAL A 72 6.99 11.66 18.74
N MET A 73 7.31 12.42 19.78
CA MET A 73 7.12 12.03 21.18
C MET A 73 6.62 13.21 22.02
N VAL A 74 6.18 12.93 23.24
CA VAL A 74 5.68 13.92 24.19
C VAL A 74 6.27 13.68 25.58
N THR A 75 7.24 14.50 25.97
CA THR A 75 7.83 14.49 27.32
C THR A 75 6.85 15.06 28.34
N LYS A 76 6.79 14.47 29.54
CA LYS A 76 5.86 14.86 30.62
C LYS A 76 6.19 16.27 31.15
N PRO A 77 5.22 17.21 31.19
CA PRO A 77 5.39 18.51 31.87
C PRO A 77 5.84 18.41 33.33
N LYS A 78 6.35 19.52 33.85
CA LYS A 78 6.76 19.68 35.27
C LYS A 78 5.60 20.03 36.21
N ALA A 79 4.37 20.06 35.71
CA ALA A 79 3.14 20.24 36.48
C ALA A 79 2.87 19.06 37.44
N VAL A 80 3.31 19.19 38.70
CA VAL A 80 3.20 18.18 39.77
C VAL A 80 2.67 18.78 41.08
N SER A 81 2.64 17.99 42.16
CA SER A 81 2.15 18.31 43.51
C SER A 81 2.96 19.35 44.31
N THR A 82 3.89 20.07 43.68
CA THR A 82 4.73 21.14 44.28
C THR A 82 3.93 22.30 44.89
N PRO A 83 4.51 23.09 45.83
CA PRO A 83 3.84 24.16 46.56
C PRO A 83 3.02 25.15 45.71
N ALA A 84 1.77 25.39 46.12
CA ALA A 84 0.85 26.37 45.53
C ALA A 84 1.22 27.88 45.69
N PRO A 85 1.90 28.34 46.75
CA PRO A 85 2.25 29.75 46.95
C PRO A 85 3.02 30.45 45.82
N ALA A 86 3.07 31.79 45.89
CA ALA A 86 3.60 32.69 44.86
C ALA A 86 5.06 32.43 44.44
N THR A 87 5.85 31.75 45.28
CA THR A 87 7.26 31.35 45.02
C THR A 87 7.44 30.58 43.71
N LEU A 88 6.43 29.81 43.30
CA LEU A 88 6.42 29.02 42.06
C LEU A 88 5.42 29.50 41.01
N GLU A 89 4.46 30.38 41.35
CA GLU A 89 3.56 31.01 40.38
C GLU A 89 4.30 31.98 39.42
N HIS A 90 5.44 32.54 39.85
CA HIS A 90 6.33 33.38 39.04
C HIS A 90 7.27 32.59 38.11
N HIS A 91 7.29 31.25 38.18
CA HIS A 91 8.12 30.38 37.33
C HIS A 91 7.64 30.36 35.85
N HIS A 92 8.43 29.72 34.98
CA HIS A 92 8.15 29.54 33.54
C HIS A 92 6.75 28.91 33.29
N HIS A 93 6.00 29.51 32.35
CA HIS A 93 4.61 29.15 32.03
C HIS A 93 4.43 27.84 31.22
N HIS A 94 5.51 27.25 30.69
CA HIS A 94 5.56 25.99 29.93
C HIS A 94 4.41 25.82 28.91
N HIS A 95 4.42 26.67 27.86
CA HIS A 95 3.41 26.72 26.79
C HIS A 95 4.04 27.09 25.43
N GLY B 1 47.71 -0.56 33.68
CA GLY B 1 47.79 -2.02 33.42
C GLY B 1 46.48 -2.56 32.87
N SER B 2 46.56 -3.60 32.04
CA SER B 2 45.40 -4.33 31.47
C SER B 2 44.59 -5.09 32.52
N HIS B 3 43.42 -5.61 32.12
CA HIS B 3 42.49 -6.40 32.95
C HIS B 3 42.08 -7.71 32.24
N MET B 4 41.43 -8.62 32.97
CA MET B 4 40.83 -9.85 32.44
C MET B 4 39.65 -9.59 31.47
N THR B 5 39.26 -10.61 30.71
CA THR B 5 38.07 -10.60 29.84
C THR B 5 36.76 -10.67 30.63
N ILE B 6 35.63 -10.33 29.98
CA ILE B 6 34.28 -10.31 30.56
C ILE B 6 33.20 -10.97 29.66
N SER B 7 33.56 -11.32 28.42
CA SER B 7 32.70 -11.84 27.35
C SER B 7 31.93 -13.12 27.74
N GLN B 8 30.64 -12.97 28.02
CA GLN B 8 29.76 -14.03 28.55
C GLN B 8 28.40 -14.16 27.82
N GLN B 9 27.97 -13.13 27.07
CA GLN B 9 26.77 -13.02 26.22
C GLN B 9 25.38 -13.28 26.86
N GLU B 10 25.28 -13.90 28.04
CA GLU B 10 24.02 -14.27 28.70
C GLU B 10 23.11 -13.08 29.06
N PHE B 11 23.65 -11.86 29.12
CA PHE B 11 22.90 -10.60 29.23
C PHE B 11 22.02 -10.27 28.01
N GLY B 12 22.22 -10.96 26.88
CA GLY B 12 21.52 -10.74 25.60
C GLY B 12 20.00 -10.94 25.63
N ARG B 13 19.44 -11.52 26.71
CA ARG B 13 17.99 -11.60 26.99
C ARG B 13 17.31 -10.24 27.27
N THR B 14 18.08 -9.14 27.37
CA THR B 14 17.57 -7.77 27.51
C THR B 14 16.82 -7.26 26.27
N GLY B 15 16.19 -6.09 26.35
CA GLY B 15 15.50 -5.40 25.26
C GLY B 15 14.85 -4.08 25.69
N LEU B 16 14.41 -3.28 24.72
CA LEU B 16 13.70 -2.01 24.93
C LEU B 16 12.28 -2.27 25.47
N PRO B 17 11.90 -1.75 26.66
CA PRO B 17 10.54 -1.82 27.18
C PRO B 17 9.50 -1.14 26.28
N ASP B 18 8.22 -1.37 26.56
CA ASP B 18 7.11 -0.61 25.95
C ASP B 18 6.93 0.72 26.72
N LEU B 19 8.04 1.47 26.81
CA LEU B 19 8.29 2.67 27.63
C LEU B 19 8.19 2.48 29.15
N SER B 20 7.95 1.26 29.63
CA SER B 20 7.63 0.91 31.03
C SER B 20 8.56 1.52 32.08
N SER B 21 9.87 1.20 32.01
CA SER B 21 10.91 1.70 32.93
C SER B 21 11.77 2.85 32.38
N MET B 22 11.66 3.18 31.08
CA MET B 22 12.54 4.14 30.40
C MET B 22 12.43 5.58 30.94
N THR B 23 13.55 6.19 31.29
CA THR B 23 13.65 7.63 31.63
C THR B 23 13.37 8.53 30.41
N GLU B 24 13.30 9.85 30.60
CA GLU B 24 13.18 10.82 29.50
C GLU B 24 14.30 10.66 28.45
N GLU B 25 15.56 10.50 28.89
CA GLU B 25 16.71 10.30 28.00
C GLU B 25 16.65 8.97 27.24
N GLU B 26 16.22 7.88 27.91
CA GLU B 26 16.03 6.57 27.27
C GLU B 26 14.86 6.57 26.26
N GLN B 27 13.75 7.25 26.58
CA GLN B 27 12.63 7.49 25.67
C GLN B 27 13.07 8.28 24.43
N ILE B 28 13.86 9.34 24.60
CA ILE B 28 14.51 10.09 23.51
C ILE B 28 15.39 9.16 22.66
N ALA B 29 16.30 8.39 23.25
CA ALA B 29 17.16 7.47 22.51
C ALA B 29 16.39 6.36 21.76
N TYR B 30 15.28 5.87 22.32
CA TYR B 30 14.34 4.97 21.63
C TYR B 30 13.70 5.64 20.40
N ALA B 31 13.27 6.90 20.53
CA ALA B 31 12.81 7.72 19.41
C ALA B 31 13.89 7.87 18.31
N MET B 32 15.13 8.16 18.70
CA MET B 32 16.29 8.21 17.80
C MET B 32 16.52 6.89 17.07
N GLN B 33 16.43 5.74 17.75
CA GLN B 33 16.54 4.42 17.12
C GLN B 33 15.43 4.15 16.10
N MET B 34 14.17 4.43 16.43
CA MET B 34 13.07 4.27 15.46
C MET B 34 13.25 5.18 14.23
N SER B 35 13.69 6.43 14.43
CA SER B 35 14.07 7.35 13.37
C SER B 35 15.21 6.83 12.49
N LEU B 36 16.29 6.29 13.10
CA LEU B 36 17.38 5.58 12.40
C LEU B 36 16.89 4.36 11.62
N GLN B 37 15.89 3.64 12.12
CA GLN B 37 15.29 2.48 11.44
C GLN B 37 14.48 2.89 10.20
N GLY B 38 13.86 4.07 10.19
CA GLY B 38 13.24 4.67 9.00
C GLY B 38 14.27 5.18 7.96
N ALA B 39 15.54 5.30 8.36
CA ALA B 39 16.65 5.82 7.56
C ALA B 39 17.56 4.71 6.98
N GLU B 40 18.34 4.02 7.84
CA GLU B 40 19.41 3.09 7.45
C GLU B 40 19.45 1.78 8.27
N PHE B 41 18.49 1.55 9.20
CA PHE B 41 18.30 0.32 9.98
C PHE B 41 19.42 -0.05 10.99
N GLY B 42 20.48 0.75 11.10
CA GLY B 42 21.54 0.60 12.11
C GLY B 42 21.22 1.29 13.45
N GLN B 43 22.15 1.19 14.39
CA GLN B 43 22.15 1.94 15.67
C GLN B 43 22.96 3.24 15.53
N ALA B 44 23.04 4.05 16.59
CA ALA B 44 23.80 5.31 16.59
C ALA B 44 25.30 5.10 16.24
N GLU B 45 25.91 4.01 16.72
CA GLU B 45 27.29 3.62 16.42
C GLU B 45 27.49 3.10 14.97
N SER B 46 26.42 2.75 14.25
CA SER B 46 26.47 2.30 12.85
C SER B 46 26.62 3.46 11.84
N ALA B 47 26.41 4.71 12.26
CA ALA B 47 26.49 5.90 11.40
C ALA B 47 27.91 6.14 10.83
N ASP B 48 27.98 6.74 9.63
CA ASP B 48 29.21 7.09 8.91
C ASP B 48 30.03 8.20 9.59
N MET A 1 -5.60 27.66 7.17
CA MET A 1 -4.14 27.76 6.93
C MET A 1 -3.55 26.38 6.75
N GLN A 2 -2.83 26.16 5.65
CA GLN A 2 -2.34 24.86 5.21
C GLN A 2 -0.91 24.60 5.70
N VAL A 3 -0.79 24.32 7.00
CA VAL A 3 0.46 23.95 7.68
C VAL A 3 1.05 22.70 7.04
N THR A 4 2.35 22.67 6.77
CA THR A 4 3.04 21.44 6.36
C THR A 4 3.35 20.60 7.60
N LEU A 5 3.02 19.31 7.55
CA LEU A 5 3.28 18.32 8.58
C LEU A 5 4.43 17.42 8.16
N LYS A 6 5.19 16.94 9.16
CA LYS A 6 6.27 15.97 9.02
C LYS A 6 6.24 14.94 10.14
N THR A 7 6.18 13.66 9.79
CA THR A 7 6.16 12.52 10.72
C THR A 7 7.57 12.17 11.21
N LEU A 8 7.68 11.31 12.25
CA LEU A 8 8.97 10.74 12.67
C LEU A 8 9.57 9.75 11.65
N GLN A 9 8.73 9.17 10.78
CA GLN A 9 9.14 8.39 9.61
C GLN A 9 9.62 9.29 8.45
N GLN A 10 9.70 10.61 8.67
CA GLN A 10 10.11 11.67 7.74
C GLN A 10 9.18 11.82 6.52
N GLN A 11 7.90 11.43 6.66
CA GLN A 11 6.87 11.58 5.62
C GLN A 11 6.18 12.94 5.76
N THR A 12 5.82 13.58 4.64
CA THR A 12 5.32 14.96 4.61
C THR A 12 4.05 15.14 3.79
N PHE A 13 3.11 15.90 4.34
CA PHE A 13 1.81 16.30 3.78
C PHE A 13 1.39 17.67 4.34
N LYS A 14 0.25 18.22 3.92
CA LYS A 14 -0.36 19.42 4.54
C LYS A 14 -1.64 19.11 5.32
N ILE A 15 -1.94 19.97 6.29
CA ILE A 15 -3.17 20.04 7.07
C ILE A 15 -3.71 21.47 7.01
N ASP A 16 -4.84 21.64 6.35
CA ASP A 16 -5.61 22.89 6.38
C ASP A 16 -6.38 23.02 7.71
N ILE A 17 -5.91 23.87 8.61
CA ILE A 17 -6.43 24.07 9.98
C ILE A 17 -6.82 25.53 10.23
N ASP A 18 -7.77 25.78 11.15
CA ASP A 18 -8.15 27.15 11.55
C ASP A 18 -7.23 27.72 12.66
N PRO A 19 -6.60 28.90 12.48
CA PRO A 19 -5.63 29.45 13.45
C PRO A 19 -6.24 29.97 14.76
N GLU A 20 -7.53 30.31 14.80
CA GLU A 20 -8.22 30.74 16.02
C GLU A 20 -8.63 29.55 16.91
N GLU A 21 -8.71 28.34 16.33
CA GLU A 21 -8.86 27.09 17.08
C GLU A 21 -7.52 26.69 17.73
N THR A 22 -7.56 25.67 18.60
CA THR A 22 -6.40 25.25 19.39
C THR A 22 -5.57 24.15 18.74
N VAL A 23 -4.45 23.80 19.37
CA VAL A 23 -3.61 22.66 18.97
C VAL A 23 -4.40 21.33 18.99
N LYS A 24 -5.41 21.18 19.88
CA LYS A 24 -6.34 20.05 19.85
C LYS A 24 -7.12 19.96 18.53
N ALA A 25 -7.44 21.08 17.88
CA ALA A 25 -8.05 21.09 16.54
C ALA A 25 -7.05 20.74 15.43
N LEU A 26 -5.77 21.15 15.53
CA LEU A 26 -4.71 20.66 14.63
C LEU A 26 -4.65 19.13 14.68
N LYS A 27 -4.53 18.58 15.89
CA LYS A 27 -4.67 17.14 16.18
C LYS A 27 -5.95 16.53 15.60
N GLU A 28 -7.12 17.16 15.75
CA GLU A 28 -8.39 16.64 15.21
C GLU A 28 -8.36 16.49 13.69
N LYS A 29 -7.83 17.48 12.96
CA LYS A 29 -7.71 17.43 11.51
C LYS A 29 -6.68 16.40 11.03
N ILE A 30 -5.57 16.23 11.77
CA ILE A 30 -4.60 15.14 11.55
C ILE A 30 -5.28 13.77 11.74
N GLU A 31 -5.99 13.56 12.85
CA GLU A 31 -6.73 12.31 13.10
C GLU A 31 -7.78 12.04 12.01
N SER A 32 -8.49 13.08 11.56
CA SER A 32 -9.46 13.00 10.45
C SER A 32 -8.83 12.60 9.11
N GLU A 33 -7.67 13.19 8.77
CA GLU A 33 -6.93 12.91 7.53
C GLU A 33 -6.27 11.52 7.53
N LYS A 34 -5.47 11.22 8.57
CA LYS A 34 -4.59 10.05 8.66
C LYS A 34 -5.25 8.82 9.31
N GLY A 35 -6.37 9.02 9.99
CA GLY A 35 -7.12 8.03 10.77
C GLY A 35 -6.59 7.86 12.20
N LYS A 36 -7.46 7.43 13.13
CA LYS A 36 -7.08 7.09 14.52
C LYS A 36 -6.05 5.95 14.61
N ASP A 37 -6.02 5.07 13.61
CA ASP A 37 -5.06 3.96 13.50
C ASP A 37 -3.60 4.45 13.43
N ALA A 38 -3.37 5.58 12.75
CA ALA A 38 -2.07 6.21 12.62
C ALA A 38 -1.81 7.26 13.72
N PHE A 39 -2.74 8.20 13.92
CA PHE A 39 -2.59 9.38 14.77
C PHE A 39 -3.88 9.73 15.55
N PRO A 40 -4.19 9.03 16.66
CA PRO A 40 -5.32 9.37 17.52
C PRO A 40 -5.00 10.63 18.35
N VAL A 41 -5.95 11.55 18.55
CA VAL A 41 -5.73 12.85 19.26
C VAL A 41 -5.05 12.66 20.62
N ALA A 42 -5.55 11.71 21.41
CA ALA A 42 -5.05 11.39 22.75
C ALA A 42 -3.61 10.81 22.76
N GLY A 43 -3.16 10.20 21.67
CA GLY A 43 -1.80 9.63 21.52
C GLY A 43 -0.82 10.55 20.80
N GLN A 44 -1.31 11.43 19.91
CA GLN A 44 -0.53 12.43 19.19
C GLN A 44 0.22 13.40 20.13
N LYS A 45 1.30 13.98 19.60
CA LYS A 45 2.08 15.11 20.14
C LYS A 45 2.48 15.99 18.95
N LEU A 46 2.58 17.28 19.21
CA LEU A 46 2.73 18.35 18.23
C LEU A 46 3.90 19.26 18.65
N ILE A 47 4.92 19.39 17.80
CA ILE A 47 6.20 20.04 18.13
C ILE A 47 6.59 21.04 17.04
N TYR A 48 6.90 22.28 17.44
CA TYR A 48 7.39 23.35 16.57
C TYR A 48 8.59 24.06 17.20
N ALA A 49 9.58 24.47 16.40
CA ALA A 49 10.80 25.16 16.86
C ALA A 49 11.53 24.47 18.04
N GLY A 50 11.42 23.14 18.14
CA GLY A 50 11.95 22.30 19.21
C GLY A 50 11.16 22.29 20.53
N LYS A 51 9.91 22.79 20.54
CA LYS A 51 9.02 22.90 21.71
C LYS A 51 7.64 22.29 21.43
N ILE A 52 7.10 21.52 22.38
CA ILE A 52 5.76 20.94 22.28
C ILE A 52 4.68 22.02 22.41
N LEU A 53 3.74 22.03 21.47
CA LEU A 53 2.58 22.91 21.41
C LEU A 53 1.53 22.49 22.46
N ASN A 54 1.08 23.44 23.29
CA ASN A 54 0.07 23.21 24.33
C ASN A 54 -1.33 22.94 23.73
N ASP A 55 -1.94 21.80 24.05
CA ASP A 55 -3.26 21.35 23.56
C ASP A 55 -4.37 22.41 23.64
N ASP A 56 -4.42 23.17 24.74
CA ASP A 56 -5.46 24.16 25.04
C ASP A 56 -5.14 25.57 24.50
N THR A 57 -3.90 25.85 24.11
CA THR A 57 -3.47 27.15 23.55
C THR A 57 -3.76 27.22 22.04
N ALA A 58 -4.10 28.40 21.54
CA ALA A 58 -4.41 28.62 20.12
C ALA A 58 -3.15 28.64 19.22
N LEU A 59 -3.31 28.31 17.93
CA LEU A 59 -2.19 28.24 16.97
C LEU A 59 -1.54 29.60 16.69
N LYS A 60 -2.35 30.68 16.72
CA LYS A 60 -1.90 32.08 16.60
C LYS A 60 -0.78 32.43 17.59
N GLU A 61 -0.80 31.86 18.80
CA GLU A 61 0.17 32.09 19.87
C GLU A 61 1.59 31.56 19.56
N TYR A 62 1.72 30.67 18.57
CA TYR A 62 2.97 30.04 18.14
C TYR A 62 3.46 30.56 16.77
N LYS A 63 2.67 31.41 16.12
CA LYS A 63 2.93 32.08 14.83
C LYS A 63 3.41 31.12 13.71
N ILE A 64 2.87 29.90 13.69
CA ILE A 64 3.21 28.83 12.73
C ILE A 64 2.94 29.31 11.30
N ASP A 65 3.87 29.02 10.38
CA ASP A 65 3.82 29.45 8.99
C ASP A 65 3.33 28.32 8.04
N GLU A 66 2.78 28.68 6.89
CA GLU A 66 2.28 27.72 5.88
C GLU A 66 3.40 27.14 4.99
N LYS A 67 4.52 27.85 4.82
CA LYS A 67 5.70 27.43 4.04
C LYS A 67 6.65 26.54 4.85
N ASN A 68 6.81 26.83 6.15
CA ASN A 68 7.55 26.01 7.10
C ASN A 68 6.75 24.75 7.50
N PHE A 69 7.37 23.83 8.24
CA PHE A 69 6.76 22.57 8.69
C PHE A 69 6.67 22.45 10.22
N VAL A 70 5.65 21.73 10.69
CA VAL A 70 5.45 21.27 12.08
C VAL A 70 5.82 19.79 12.15
N VAL A 71 6.19 19.30 13.33
CA VAL A 71 6.45 17.86 13.56
C VAL A 71 5.31 17.24 14.35
N VAL A 72 4.81 16.10 13.86
CA VAL A 72 3.81 15.26 14.51
C VAL A 72 4.40 13.89 14.85
N MET A 73 4.07 13.38 16.03
CA MET A 73 4.40 12.05 16.51
C MET A 73 3.24 11.44 17.29
N VAL A 74 3.36 10.16 17.62
CA VAL A 74 2.45 9.43 18.50
C VAL A 74 3.27 8.69 19.57
N THR A 75 3.02 8.95 20.86
CA THR A 75 3.78 8.36 21.98
C THR A 75 3.42 6.88 22.20
N LYS A 76 4.41 6.08 22.66
CA LYS A 76 4.25 4.63 22.92
C LYS A 76 3.25 4.35 24.06
N PRO A 77 2.26 3.43 23.88
CA PRO A 77 1.41 2.94 24.97
C PRO A 77 2.18 2.31 26.14
N LYS A 78 1.47 2.10 27.25
CA LYS A 78 1.94 1.39 28.46
C LYS A 78 1.21 0.06 28.74
N ALA A 79 0.25 -0.28 27.89
CA ALA A 79 -0.54 -1.52 27.92
C ALA A 79 -0.92 -2.00 26.51
N VAL A 80 -1.46 -3.22 26.41
CA VAL A 80 -1.89 -3.86 25.15
C VAL A 80 -3.05 -3.16 24.44
N SER A 81 -3.77 -2.27 25.13
CA SER A 81 -4.84 -1.38 24.61
C SER A 81 -6.04 -2.10 23.95
N THR A 82 -6.22 -3.40 24.20
CA THR A 82 -7.37 -4.22 23.76
C THR A 82 -8.69 -3.81 24.43
N PRO A 83 -9.87 -4.20 23.90
CA PRO A 83 -11.19 -3.90 24.48
C PRO A 83 -11.35 -4.31 25.96
N ALA A 84 -12.10 -3.51 26.72
CA ALA A 84 -12.39 -3.72 28.14
C ALA A 84 -13.30 -4.93 28.50
N PRO A 85 -14.30 -5.36 27.70
CA PRO A 85 -15.19 -6.48 28.04
C PRO A 85 -14.51 -7.81 28.39
N ALA A 86 -15.20 -8.64 29.17
CA ALA A 86 -14.77 -9.96 29.66
C ALA A 86 -15.96 -10.94 29.80
N THR A 87 -15.70 -12.15 30.30
CA THR A 87 -16.71 -13.21 30.56
C THR A 87 -17.76 -12.82 31.63
N LEU A 88 -17.51 -11.76 32.42
CA LEU A 88 -18.41 -11.20 33.44
C LEU A 88 -18.95 -12.27 34.43
N GLU A 89 -18.06 -13.17 34.86
CA GLU A 89 -18.30 -14.32 35.75
C GLU A 89 -19.29 -15.39 35.24
N HIS A 90 -19.76 -15.31 33.99
CA HIS A 90 -20.64 -16.30 33.34
C HIS A 90 -19.89 -17.57 32.88
N HIS A 91 -19.06 -18.15 33.76
CA HIS A 91 -18.18 -19.30 33.48
C HIS A 91 -18.94 -20.58 33.08
N HIS A 92 -20.16 -20.77 33.59
CA HIS A 92 -21.13 -21.86 33.36
C HIS A 92 -20.66 -23.28 33.75
N HIS A 93 -19.51 -23.75 33.25
CA HIS A 93 -18.93 -25.06 33.53
C HIS A 93 -18.55 -25.24 35.01
N HIS A 94 -18.99 -26.37 35.61
CA HIS A 94 -18.74 -26.81 36.99
C HIS A 94 -19.16 -25.78 38.08
N HIS A 95 -18.80 -26.07 39.33
CA HIS A 95 -18.94 -25.23 40.53
C HIS A 95 -17.61 -25.16 41.32
N GLY B 1 46.62 8.06 38.20
CA GLY B 1 45.46 8.55 38.97
C GLY B 1 45.30 7.80 40.28
N SER B 2 44.92 8.52 41.35
CA SER B 2 44.62 7.97 42.68
C SER B 2 43.27 7.22 42.71
N HIS B 3 42.94 6.57 43.84
CA HIS B 3 41.64 5.92 44.05
C HIS B 3 40.44 6.89 43.88
N MET B 4 40.63 8.17 44.24
CA MET B 4 39.65 9.25 44.07
C MET B 4 39.40 9.65 42.60
N THR B 5 40.29 9.30 41.66
CA THR B 5 40.20 9.63 40.23
C THR B 5 39.20 8.72 39.51
N ILE B 6 37.90 8.92 39.78
CA ILE B 6 36.77 8.21 39.15
C ILE B 6 36.60 8.57 37.66
N SER B 7 35.82 7.77 36.92
CA SER B 7 35.47 8.01 35.52
C SER B 7 34.44 9.14 35.36
N GLN B 8 34.32 9.66 34.13
CA GLN B 8 33.40 10.72 33.68
C GLN B 8 32.69 10.37 32.35
N GLN B 9 32.75 9.10 31.93
CA GLN B 9 32.22 8.58 30.66
C GLN B 9 30.69 8.75 30.47
N GLU B 10 30.21 8.51 29.25
CA GLU B 10 28.81 8.62 28.81
C GLU B 10 28.37 7.36 28.03
N PHE B 11 27.05 7.17 27.87
CA PHE B 11 26.45 6.00 27.20
C PHE B 11 26.82 5.83 25.72
N GLY B 12 27.22 6.89 25.01
CA GLY B 12 27.63 6.90 23.59
C GLY B 12 26.48 6.67 22.59
N ARG B 13 25.86 5.48 22.62
CA ARG B 13 24.83 4.92 21.71
C ARG B 13 25.27 4.80 20.25
N THR B 14 25.54 5.92 19.59
CA THR B 14 25.94 6.10 18.17
C THR B 14 24.88 5.68 17.15
N GLY B 15 24.46 4.41 17.15
CA GLY B 15 23.44 3.84 16.27
C GLY B 15 22.01 4.17 16.70
N LEU B 16 21.57 5.42 16.48
CA LEU B 16 20.23 5.92 16.78
C LEU B 16 19.13 5.04 16.11
N PRO B 17 18.17 4.48 16.85
CA PRO B 17 17.20 3.52 16.32
C PRO B 17 16.11 4.15 15.44
N ASP B 18 15.42 3.31 14.68
CA ASP B 18 14.19 3.65 13.93
C ASP B 18 12.98 3.63 14.89
N LEU B 19 13.12 4.32 16.02
CA LEU B 19 12.26 4.42 17.20
C LEU B 19 12.09 3.14 18.03
N SER B 20 12.58 1.99 17.55
CA SER B 20 12.46 0.67 18.17
C SER B 20 12.95 0.61 19.61
N SER B 21 14.23 0.95 19.83
CA SER B 21 14.88 0.97 21.16
C SER B 21 14.81 2.35 21.86
N MET B 22 14.16 3.34 21.23
CA MET B 22 14.07 4.72 21.69
C MET B 22 13.15 4.86 22.92
N THR B 23 13.60 5.56 23.96
CA THR B 23 12.74 5.95 25.09
C THR B 23 11.71 7.00 24.64
N GLU B 24 10.65 7.22 25.42
CA GLU B 24 9.66 8.27 25.11
C GLU B 24 10.32 9.66 25.05
N GLU B 25 11.23 9.96 25.97
CA GLU B 25 11.94 11.24 26.04
C GLU B 25 12.90 11.44 24.85
N GLU B 26 13.68 10.43 24.45
CA GLU B 26 14.53 10.54 23.24
C GLU B 26 13.70 10.58 21.94
N GLN B 27 12.55 9.89 21.88
CA GLN B 27 11.62 9.96 20.75
C GLN B 27 11.04 11.38 20.58
N ILE B 28 10.65 12.02 21.70
CA ILE B 28 10.29 13.44 21.77
C ILE B 28 11.46 14.33 21.35
N ALA B 29 12.67 14.14 21.89
CA ALA B 29 13.84 14.95 21.53
C ALA B 29 14.23 14.84 20.04
N TYR B 30 14.05 13.67 19.41
CA TYR B 30 14.18 13.48 17.97
C TYR B 30 13.17 14.33 17.19
N ALA B 31 11.91 14.36 17.64
CA ALA B 31 10.86 15.25 17.13
C ALA B 31 11.23 16.75 17.26
N MET B 32 11.72 17.17 18.44
CA MET B 32 12.21 18.52 18.71
C MET B 32 13.32 18.91 17.72
N GLN B 33 14.37 18.10 17.60
CA GLN B 33 15.53 18.37 16.73
C GLN B 33 15.11 18.75 15.30
N MET B 34 14.20 17.99 14.67
CA MET B 34 13.78 18.29 13.30
C MET B 34 13.15 19.68 13.16
N SER B 35 12.14 20.01 13.96
CA SER B 35 11.51 21.35 13.94
C SER B 35 12.45 22.49 14.41
N LEU B 36 13.38 22.18 15.33
CA LEU B 36 14.43 23.08 15.80
C LEU B 36 15.40 23.48 14.67
N GLN B 37 15.87 22.50 13.87
CA GLN B 37 16.66 22.77 12.66
C GLN B 37 15.85 23.47 11.55
N GLY B 38 14.52 23.32 11.56
CA GLY B 38 13.57 24.07 10.72
C GLY B 38 13.39 25.55 11.13
N ALA B 39 13.92 25.96 12.27
CA ALA B 39 13.99 27.33 12.76
C ALA B 39 15.40 27.93 12.50
N GLU B 40 15.84 28.81 13.38
CA GLU B 40 17.07 29.62 13.25
C GLU B 40 18.34 28.88 13.72
N PHE B 41 18.18 27.70 14.32
CA PHE B 41 19.25 26.88 14.91
C PHE B 41 20.05 26.06 13.89
N GLY B 42 19.77 26.19 12.59
CA GLY B 42 20.56 25.63 11.49
C GLY B 42 22.00 26.17 11.36
N GLN B 43 22.31 27.26 12.10
CA GLN B 43 23.66 27.81 12.30
C GLN B 43 24.55 26.81 13.07
N ALA B 44 25.39 26.06 12.36
CA ALA B 44 26.24 25.00 12.91
C ALA B 44 27.30 25.52 13.92
N GLU B 45 27.78 24.63 14.79
CA GLU B 45 28.78 24.93 15.83
C GLU B 45 30.16 25.33 15.28
N SER B 46 30.43 25.07 13.99
CA SER B 46 31.64 25.45 13.27
C SER B 46 31.78 26.97 13.02
N ALA B 47 30.73 27.76 13.26
CA ALA B 47 30.73 29.22 13.13
C ALA B 47 31.67 29.93 14.14
N ASP B 48 31.99 31.20 13.87
CA ASP B 48 32.84 32.09 14.68
C ASP B 48 32.33 33.55 14.70
N MET A 1 -5.73 3.23 5.51
CA MET A 1 -4.34 2.94 5.09
C MET A 1 -3.99 3.80 3.89
N GLN A 2 -2.96 4.63 4.03
CA GLN A 2 -2.55 5.61 3.04
C GLN A 2 -1.62 4.97 1.98
N VAL A 3 -2.22 4.37 0.95
CA VAL A 3 -1.51 3.87 -0.24
C VAL A 3 -0.92 5.05 -1.01
N THR A 4 0.41 5.12 -1.12
CA THR A 4 1.08 6.08 -1.99
C THR A 4 1.04 5.58 -3.43
N LEU A 5 0.83 6.51 -4.35
CA LEU A 5 0.73 6.29 -5.78
C LEU A 5 1.85 7.00 -6.54
N LYS A 6 2.22 6.42 -7.67
CA LYS A 6 3.10 6.99 -8.69
C LYS A 6 2.49 6.80 -10.09
N THR A 7 2.58 7.83 -10.93
CA THR A 7 1.96 7.86 -12.27
C THR A 7 2.97 7.55 -13.37
N LEU A 8 2.47 7.30 -14.59
CA LEU A 8 3.30 7.19 -15.80
C LEU A 8 4.00 8.50 -16.18
N GLN A 9 3.44 9.65 -15.75
CA GLN A 9 4.04 10.98 -15.86
C GLN A 9 5.08 11.28 -14.76
N GLN A 10 5.42 10.27 -13.92
CA GLN A 10 6.38 10.33 -12.81
C GLN A 10 5.95 11.27 -11.66
N GLN A 11 4.65 11.55 -11.54
CA GLN A 11 4.07 12.31 -10.43
C GLN A 11 3.71 11.35 -9.29
N THR A 12 3.61 11.84 -8.05
CA THR A 12 3.28 11.04 -6.88
C THR A 12 2.24 11.71 -5.98
N PHE A 13 1.36 10.89 -5.41
CA PHE A 13 0.20 11.27 -4.58
C PHE A 13 -0.04 10.22 -3.48
N LYS A 14 -1.03 10.41 -2.60
CA LYS A 14 -1.49 9.38 -1.66
C LYS A 14 -3.02 9.28 -1.63
N ILE A 15 -3.52 8.09 -1.31
CA ILE A 15 -4.94 7.74 -1.18
C ILE A 15 -5.12 6.93 0.11
N ASP A 16 -5.78 7.53 1.09
CA ASP A 16 -6.23 6.81 2.29
C ASP A 16 -7.43 5.91 1.92
N ILE A 17 -7.22 4.60 1.87
CA ILE A 17 -8.18 3.56 1.50
C ILE A 17 -8.28 2.50 2.62
N ASP A 18 -9.43 1.83 2.75
CA ASP A 18 -9.61 0.73 3.71
C ASP A 18 -8.91 -0.56 3.22
N PRO A 19 -7.86 -1.08 3.90
CA PRO A 19 -7.08 -2.22 3.42
C PRO A 19 -7.84 -3.56 3.45
N GLU A 20 -8.89 -3.68 4.27
CA GLU A 20 -9.83 -4.81 4.25
C GLU A 20 -10.71 -4.83 2.96
N GLU A 21 -10.87 -3.68 2.29
CA GLU A 21 -11.54 -3.59 0.99
C GLU A 21 -10.59 -3.95 -0.17
N THR A 22 -11.09 -3.85 -1.41
CA THR A 22 -10.43 -4.37 -2.60
C THR A 22 -9.62 -3.34 -3.40
N VAL A 23 -8.92 -3.84 -4.40
CA VAL A 23 -8.24 -3.01 -5.43
C VAL A 23 -9.26 -2.13 -6.17
N LYS A 24 -10.45 -2.66 -6.48
CA LYS A 24 -11.60 -1.91 -6.99
C LYS A 24 -12.05 -0.78 -6.05
N ALA A 25 -12.03 -1.00 -4.73
CA ALA A 25 -12.25 0.06 -3.75
C ALA A 25 -11.14 1.15 -3.77
N LEU A 26 -9.86 0.78 -3.88
CA LEU A 26 -8.76 1.72 -4.13
C LEU A 26 -9.03 2.58 -5.38
N LYS A 27 -9.33 1.95 -6.51
CA LYS A 27 -9.78 2.62 -7.75
C LYS A 27 -10.98 3.55 -7.54
N GLU A 28 -11.98 3.16 -6.75
CA GLU A 28 -13.11 4.01 -6.30
C GLU A 28 -12.62 5.30 -5.63
N LYS A 29 -11.68 5.19 -4.68
CA LYS A 29 -11.14 6.31 -3.92
C LYS A 29 -10.26 7.23 -4.77
N ILE A 30 -9.49 6.67 -5.71
CA ILE A 30 -8.75 7.40 -6.75
C ILE A 30 -9.73 8.18 -7.65
N GLU A 31 -10.76 7.52 -8.18
CA GLU A 31 -11.79 8.15 -9.02
C GLU A 31 -12.50 9.30 -8.28
N SER A 32 -12.86 9.09 -7.00
CA SER A 32 -13.44 10.09 -6.12
C SER A 32 -12.54 11.33 -5.95
N GLU A 33 -11.26 11.13 -5.64
CA GLU A 33 -10.28 12.22 -5.43
C GLU A 33 -9.92 12.97 -6.72
N LYS A 34 -9.48 12.24 -7.76
CA LYS A 34 -8.90 12.80 -9.00
C LYS A 34 -9.96 13.19 -10.05
N GLY A 35 -11.17 12.67 -9.93
CA GLY A 35 -12.32 12.84 -10.83
C GLY A 35 -12.40 11.78 -11.93
N LYS A 36 -13.63 11.44 -12.35
CA LYS A 36 -13.92 10.42 -13.39
C LYS A 36 -13.32 10.76 -14.76
N ASP A 37 -13.20 12.05 -15.09
CA ASP A 37 -12.62 12.53 -16.35
C ASP A 37 -11.12 12.19 -16.47
N ALA A 38 -10.39 12.25 -15.35
CA ALA A 38 -8.96 11.95 -15.28
C ALA A 38 -8.68 10.45 -15.07
N PHE A 39 -9.34 9.82 -14.09
CA PHE A 39 -9.11 8.44 -13.66
C PHE A 39 -10.44 7.70 -13.37
N PRO A 40 -11.18 7.25 -14.40
CA PRO A 40 -12.37 6.43 -14.21
C PRO A 40 -11.98 5.01 -13.74
N VAL A 41 -12.81 4.35 -12.95
CA VAL A 41 -12.52 3.02 -12.34
C VAL A 41 -12.16 1.96 -13.38
N ALA A 42 -12.92 1.90 -14.48
CA ALA A 42 -12.71 0.93 -15.55
C ALA A 42 -11.41 1.19 -16.35
N GLY A 43 -11.11 2.45 -16.64
CA GLY A 43 -9.90 2.86 -17.37
C GLY A 43 -8.63 2.73 -16.52
N GLN A 44 -8.70 3.07 -15.23
CA GLN A 44 -7.63 2.85 -14.26
C GLN A 44 -7.14 1.39 -14.22
N LYS A 45 -5.82 1.23 -14.07
CA LYS A 45 -5.12 -0.03 -13.78
C LYS A 45 -4.18 0.19 -12.60
N LEU A 46 -3.95 -0.89 -11.87
CA LEU A 46 -3.25 -0.91 -10.58
C LEU A 46 -2.16 -1.99 -10.60
N ILE A 47 -0.90 -1.57 -10.50
CA ILE A 47 0.27 -2.44 -10.69
C ILE A 47 1.21 -2.34 -9.48
N TYR A 48 1.53 -3.48 -8.86
CA TYR A 48 2.48 -3.61 -7.77
C TYR A 48 3.48 -4.75 -8.00
N ALA A 49 4.71 -4.61 -7.52
CA ALA A 49 5.76 -5.64 -7.59
C ALA A 49 5.98 -6.24 -9.00
N GLY A 50 5.71 -5.45 -10.06
CA GLY A 50 5.78 -5.83 -11.48
C GLY A 50 4.57 -6.62 -12.02
N LYS A 51 3.44 -6.68 -11.29
CA LYS A 51 2.22 -7.42 -11.66
C LYS A 51 0.95 -6.58 -11.46
N ILE A 52 -0.02 -6.69 -12.37
CA ILE A 52 -1.33 -6.04 -12.22
C ILE A 52 -2.14 -6.74 -11.12
N LEU A 53 -2.65 -5.95 -10.18
CA LEU A 53 -3.52 -6.38 -9.08
C LEU A 53 -4.93 -6.74 -9.60
N ASN A 54 -5.51 -7.84 -9.12
CA ASN A 54 -6.87 -8.26 -9.48
C ASN A 54 -7.92 -7.35 -8.81
N ASP A 55 -8.81 -6.72 -9.59
CA ASP A 55 -9.78 -5.72 -9.10
C ASP A 55 -10.63 -6.22 -7.92
N ASP A 56 -11.09 -7.48 -7.98
CA ASP A 56 -11.99 -8.07 -6.99
C ASP A 56 -11.28 -8.66 -5.75
N THR A 57 -9.94 -8.76 -5.80
CA THR A 57 -9.09 -9.25 -4.70
C THR A 57 -8.75 -8.11 -3.72
N ALA A 58 -8.61 -8.45 -2.43
CA ALA A 58 -8.34 -7.46 -1.38
C ALA A 58 -6.90 -6.91 -1.39
N LEU A 59 -6.71 -5.71 -0.81
CA LEU A 59 -5.41 -5.04 -0.79
C LEU A 59 -4.34 -5.77 0.03
N LYS A 60 -4.75 -6.39 1.16
CA LYS A 60 -3.88 -7.16 2.07
C LYS A 60 -3.29 -8.43 1.44
N GLU A 61 -3.87 -8.94 0.35
CA GLU A 61 -3.33 -10.07 -0.44
C GLU A 61 -1.99 -9.75 -1.13
N TYR A 62 -1.68 -8.46 -1.28
CA TYR A 62 -0.49 -7.94 -1.96
C TYR A 62 0.47 -7.23 -1.00
N LYS A 63 0.12 -7.19 0.29
CA LYS A 63 0.88 -6.63 1.43
C LYS A 63 1.43 -5.22 1.17
N ILE A 64 0.66 -4.38 0.45
CA ILE A 64 0.98 -2.98 0.17
C ILE A 64 1.18 -2.23 1.51
N ASP A 65 2.21 -1.39 1.58
CA ASP A 65 2.60 -0.63 2.77
C ASP A 65 2.47 0.89 2.53
N GLU A 66 2.34 1.67 3.61
CA GLU A 66 2.15 3.11 3.53
C GLU A 66 3.44 3.90 3.17
N LYS A 67 4.63 3.32 3.42
CA LYS A 67 5.93 3.94 3.11
C LYS A 67 6.40 3.66 1.67
N ASN A 68 6.09 2.49 1.13
CA ASN A 68 6.32 2.13 -0.27
C ASN A 68 5.24 2.74 -1.19
N PHE A 69 5.38 2.60 -2.51
CA PHE A 69 4.41 3.10 -3.50
C PHE A 69 3.90 2.02 -4.46
N VAL A 70 2.69 2.22 -4.96
CA VAL A 70 2.04 1.46 -6.06
C VAL A 70 2.11 2.29 -7.35
N VAL A 71 1.92 1.67 -8.51
CA VAL A 71 1.76 2.40 -9.77
C VAL A 71 0.31 2.40 -10.23
N VAL A 72 -0.20 3.61 -10.52
CA VAL A 72 -1.50 3.86 -11.15
C VAL A 72 -1.29 4.32 -12.59
N MET A 73 -2.07 3.77 -13.53
CA MET A 73 -2.18 4.23 -14.92
C MET A 73 -3.64 4.23 -15.37
N VAL A 74 -3.93 4.82 -16.52
CA VAL A 74 -5.26 4.89 -17.12
C VAL A 74 -5.19 4.54 -18.61
N THR A 75 -5.78 3.41 -19.01
CA THR A 75 -5.86 2.98 -20.43
C THR A 75 -6.86 3.82 -21.24
N LYS A 76 -6.75 3.80 -22.58
CA LYS A 76 -7.71 4.45 -23.49
C LYS A 76 -9.10 3.78 -23.39
N PRO A 77 -10.19 4.52 -23.09
CA PRO A 77 -11.56 4.01 -23.13
C PRO A 77 -11.97 3.35 -24.46
N LYS A 78 -13.09 2.60 -24.40
CA LYS A 78 -13.77 2.00 -25.55
C LYS A 78 -14.76 2.95 -26.26
N ALA A 79 -14.79 4.21 -25.81
CA ALA A 79 -15.71 5.26 -26.29
C ALA A 79 -14.97 6.57 -26.67
N VAL A 80 -15.68 7.48 -27.34
CA VAL A 80 -15.20 8.78 -27.86
C VAL A 80 -14.95 9.86 -26.79
N SER A 81 -15.14 9.54 -25.50
CA SER A 81 -15.08 10.45 -24.34
C SER A 81 -13.70 11.08 -24.04
N THR A 82 -12.64 10.65 -24.73
CA THR A 82 -11.28 11.22 -24.64
C THR A 82 -11.18 12.67 -25.18
N PRO A 83 -10.11 13.43 -24.87
CA PRO A 83 -9.83 14.73 -25.48
C PRO A 83 -9.72 14.68 -27.02
N ALA A 84 -9.90 15.84 -27.68
CA ALA A 84 -9.82 15.96 -29.13
C ALA A 84 -8.40 15.70 -29.70
N PRO A 85 -8.27 15.30 -30.98
CA PRO A 85 -6.99 15.20 -31.69
C PRO A 85 -6.19 16.52 -31.76
N ALA A 86 -4.93 16.43 -32.21
CA ALA A 86 -4.00 17.54 -32.45
C ALA A 86 -4.34 18.44 -33.67
N THR A 87 -5.62 18.54 -34.05
CA THR A 87 -6.24 19.19 -35.22
C THR A 87 -5.84 18.66 -36.60
N LEU A 88 -4.53 18.51 -36.86
CA LEU A 88 -3.84 18.10 -38.11
C LEU A 88 -4.09 18.96 -39.36
N GLU A 89 -5.28 19.55 -39.53
CA GLU A 89 -5.68 20.36 -40.69
C GLU A 89 -4.83 21.63 -40.90
N HIS A 90 -4.04 22.04 -39.90
CA HIS A 90 -3.02 23.09 -40.01
C HIS A 90 -1.92 22.76 -41.04
N HIS A 91 -1.74 21.48 -41.40
CA HIS A 91 -0.90 21.02 -42.51
C HIS A 91 -1.56 21.38 -43.86
N HIS A 92 -1.45 22.65 -44.23
CA HIS A 92 -2.08 23.28 -45.40
C HIS A 92 -1.46 22.88 -46.76
N HIS A 93 -0.32 22.19 -46.76
CA HIS A 93 0.30 21.60 -47.95
C HIS A 93 -0.53 20.42 -48.50
N HIS A 94 -0.28 20.04 -49.77
CA HIS A 94 -0.79 18.83 -50.39
C HIS A 94 -0.39 17.59 -49.57
N HIS A 95 -1.38 16.88 -49.01
CA HIS A 95 -1.21 15.76 -48.07
C HIS A 95 -0.47 14.56 -48.70
N GLY B 1 44.40 8.51 -37.95
CA GLY B 1 44.60 8.86 -36.53
C GLY B 1 43.48 9.75 -36.01
N SER B 2 43.10 9.58 -34.74
CA SER B 2 41.98 10.28 -34.08
C SER B 2 42.13 11.81 -33.98
N HIS B 3 43.33 12.35 -34.16
CA HIS B 3 43.62 13.79 -34.25
C HIS B 3 43.09 14.45 -35.55
N MET B 4 42.76 13.66 -36.57
CA MET B 4 42.17 14.12 -37.84
C MET B 4 40.73 14.66 -37.65
N THR B 5 40.19 15.34 -38.67
CA THR B 5 38.78 15.76 -38.80
C THR B 5 37.84 14.55 -39.08
N ILE B 6 37.83 13.57 -38.18
CA ILE B 6 37.04 12.33 -38.27
C ILE B 6 35.51 12.56 -38.29
N SER B 7 34.77 11.55 -38.73
CA SER B 7 33.31 11.54 -38.86
C SER B 7 32.58 11.68 -37.51
N GLN B 8 32.02 12.86 -37.24
CA GLN B 8 31.30 13.22 -36.00
C GLN B 8 29.90 12.56 -35.81
N GLN B 9 29.47 11.71 -36.74
CA GLN B 9 28.13 11.10 -36.88
C GLN B 9 27.68 10.12 -35.77
N GLU B 10 28.30 10.13 -34.58
CA GLU B 10 28.03 9.23 -33.45
C GLU B 10 26.54 9.20 -33.05
N PHE B 11 25.98 7.99 -32.91
CA PHE B 11 24.57 7.73 -32.56
C PHE B 11 24.22 8.03 -31.09
N GLY B 12 22.94 7.91 -30.74
CA GLY B 12 22.39 8.05 -29.38
C GLY B 12 21.19 7.12 -29.12
N ARG B 13 20.61 7.21 -27.91
CA ARG B 13 19.47 6.40 -27.44
C ARG B 13 18.20 6.56 -28.30
N THR B 14 17.31 5.57 -28.25
CA THR B 14 15.99 5.57 -28.93
C THR B 14 15.03 6.63 -28.39
N GLY B 15 14.90 6.75 -27.07
CA GLY B 15 14.07 7.75 -26.37
C GLY B 15 12.62 7.31 -26.19
N LEU B 16 12.32 6.63 -25.07
CA LEU B 16 10.97 6.20 -24.67
C LEU B 16 9.99 7.40 -24.60
N PRO B 17 8.80 7.36 -25.25
CA PRO B 17 7.91 8.50 -25.35
C PRO B 17 7.11 8.80 -24.08
N ASP B 18 6.46 9.96 -24.07
CA ASP B 18 5.45 10.40 -23.09
C ASP B 18 4.08 9.74 -23.39
N LEU B 19 4.12 8.44 -23.73
CA LEU B 19 3.01 7.52 -24.03
C LEU B 19 2.38 7.69 -25.42
N SER B 20 2.76 8.74 -26.16
CA SER B 20 2.10 9.17 -27.42
C SER B 20 1.99 8.08 -28.49
N SER B 21 3.10 7.45 -28.84
CA SER B 21 3.19 6.33 -29.79
C SER B 21 3.30 4.95 -29.11
N MET B 22 3.37 4.90 -27.78
CA MET B 22 3.63 3.69 -27.00
C MET B 22 2.44 2.72 -27.01
N THR B 23 2.68 1.44 -27.33
CA THR B 23 1.68 0.36 -27.23
C THR B 23 1.17 0.23 -25.80
N GLU B 24 -0.11 -0.12 -25.60
CA GLU B 24 -0.71 -0.24 -24.26
C GLU B 24 0.00 -1.27 -23.37
N GLU B 25 0.44 -2.39 -23.95
CA GLU B 25 1.26 -3.41 -23.25
C GLU B 25 2.64 -2.88 -22.83
N GLU B 26 3.23 -1.93 -23.58
CA GLU B 26 4.49 -1.27 -23.23
C GLU B 26 4.29 -0.20 -22.14
N GLN B 27 3.18 0.54 -22.16
CA GLN B 27 2.77 1.45 -21.09
C GLN B 27 2.61 0.68 -19.76
N ILE B 28 1.94 -0.49 -19.83
CA ILE B 28 1.83 -1.47 -18.74
C ILE B 28 3.22 -1.95 -18.30
N ALA B 29 4.10 -2.41 -19.21
CA ALA B 29 5.44 -2.89 -18.85
C ALA B 29 6.32 -1.81 -18.16
N TYR B 30 6.18 -0.53 -18.54
CA TYR B 30 6.79 0.59 -17.83
C TYR B 30 6.30 0.70 -16.38
N ALA B 31 4.97 0.62 -16.16
CA ALA B 31 4.38 0.53 -14.82
C ALA B 31 4.89 -0.67 -14.00
N MET B 32 4.98 -1.86 -14.61
CA MET B 32 5.55 -3.06 -13.99
C MET B 32 6.97 -2.79 -13.49
N GLN B 33 7.89 -2.35 -14.35
CA GLN B 33 9.27 -1.99 -13.96
C GLN B 33 9.32 -0.98 -12.80
N MET B 34 8.54 0.11 -12.87
CA MET B 34 8.50 1.10 -11.79
C MET B 34 8.03 0.51 -10.45
N SER B 35 6.92 -0.24 -10.44
CA SER B 35 6.39 -0.87 -9.23
C SER B 35 7.27 -2.00 -8.68
N LEU B 36 7.94 -2.75 -9.55
CA LEU B 36 8.91 -3.82 -9.25
C LEU B 36 10.08 -3.25 -8.43
N GLN B 37 10.59 -2.09 -8.81
CA GLN B 37 11.58 -1.34 -8.05
C GLN B 37 10.99 -0.79 -6.73
N GLY B 38 9.86 -0.05 -6.78
CA GLY B 38 9.19 0.50 -5.59
C GLY B 38 8.82 -0.54 -4.51
N ALA B 39 8.64 -1.80 -4.92
CA ALA B 39 8.41 -2.96 -4.07
C ALA B 39 9.70 -3.52 -3.42
N GLU B 40 10.66 -4.00 -4.22
CA GLU B 40 11.84 -4.76 -3.75
C GLU B 40 13.21 -4.36 -4.34
N PHE B 41 13.25 -3.37 -5.25
CA PHE B 41 14.46 -2.97 -6.02
C PHE B 41 15.24 -4.17 -6.61
N GLY B 42 14.52 -5.03 -7.35
CA GLY B 42 15.04 -6.29 -7.91
C GLY B 42 16.01 -6.16 -9.09
N GLN B 43 16.23 -4.95 -9.62
CA GLN B 43 17.06 -4.61 -10.77
C GLN B 43 16.73 -5.46 -12.02
N ALA B 44 17.43 -6.58 -12.22
CA ALA B 44 17.23 -7.57 -13.28
C ALA B 44 17.30 -9.04 -12.75
N GLU B 45 17.38 -9.24 -11.43
CA GLU B 45 17.57 -10.55 -10.79
C GLU B 45 16.27 -11.34 -10.56
N SER B 46 15.10 -10.67 -10.67
CA SER B 46 13.74 -11.19 -10.43
C SER B 46 13.49 -11.72 -8.99
N ALA B 47 12.27 -12.18 -8.73
CA ALA B 47 11.85 -12.80 -7.46
C ALA B 47 12.50 -14.18 -7.23
N ASP B 48 12.35 -14.72 -6.00
CA ASP B 48 12.80 -16.05 -5.55
C ASP B 48 11.78 -16.74 -4.63
N MET A 1 -14.25 -0.11 8.29
CA MET A 1 -12.78 -0.33 8.25
C MET A 1 -12.10 0.90 7.65
N GLN A 2 -11.06 1.40 8.30
CA GLN A 2 -10.36 2.63 7.92
C GLN A 2 -8.95 2.29 7.43
N VAL A 3 -8.86 1.77 6.20
CA VAL A 3 -7.62 1.35 5.54
C VAL A 3 -6.70 2.53 5.20
N THR A 4 -5.40 2.27 5.18
CA THR A 4 -4.41 3.22 4.65
C THR A 4 -4.17 2.91 3.16
N LEU A 5 -4.08 3.95 2.34
CA LEU A 5 -3.88 3.91 0.90
C LEU A 5 -2.53 4.53 0.53
N LYS A 6 -1.96 4.09 -0.59
CA LYS A 6 -0.74 4.63 -1.23
C LYS A 6 -0.90 4.75 -2.75
N THR A 7 -0.36 5.81 -3.32
CA THR A 7 -0.45 6.14 -4.76
C THR A 7 0.88 5.89 -5.49
N LEU A 8 0.86 5.84 -6.83
CA LEU A 8 2.07 5.75 -7.64
C LEU A 8 2.93 7.02 -7.60
N GLN A 9 2.30 8.16 -7.29
CA GLN A 9 2.92 9.46 -7.01
C GLN A 9 3.61 9.52 -5.62
N GLN A 10 3.66 8.39 -4.89
CA GLN A 10 4.27 8.23 -3.56
C GLN A 10 3.51 8.99 -2.45
N GLN A 11 2.25 9.33 -2.67
CA GLN A 11 1.37 9.95 -1.67
C GLN A 11 0.64 8.88 -0.86
N THR A 12 0.27 9.18 0.38
CA THR A 12 -0.44 8.27 1.28
C THR A 12 -1.59 8.96 2.01
N PHE A 13 -2.72 8.27 2.11
CA PHE A 13 -4.01 8.75 2.64
C PHE A 13 -4.72 7.64 3.41
N LYS A 14 -5.93 7.89 3.95
CA LYS A 14 -6.79 6.84 4.52
C LYS A 14 -8.21 6.87 3.92
N ILE A 15 -8.87 5.72 3.92
CA ILE A 15 -10.21 5.49 3.38
C ILE A 15 -11.06 4.69 4.37
N ASP A 16 -12.09 5.36 4.90
CA ASP A 16 -13.16 4.78 5.70
C ASP A 16 -14.22 4.11 4.80
N ILE A 17 -14.18 2.79 4.68
CA ILE A 17 -15.00 1.93 3.79
C ILE A 17 -15.66 0.79 4.57
N ASP A 18 -16.76 0.23 4.03
CA ASP A 18 -17.46 -0.93 4.62
C ASP A 18 -16.79 -2.27 4.20
N PRO A 19 -16.36 -3.14 5.14
CA PRO A 19 -15.63 -4.39 4.83
C PRO A 19 -16.49 -5.49 4.19
N GLU A 20 -17.83 -5.46 4.33
CA GLU A 20 -18.75 -6.42 3.73
C GLU A 20 -19.10 -6.07 2.28
N GLU A 21 -18.90 -4.82 1.87
CA GLU A 21 -18.97 -4.39 0.47
C GLU A 21 -17.75 -4.87 -0.34
N THR A 22 -17.81 -4.72 -1.66
CA THR A 22 -16.74 -5.17 -2.56
C THR A 22 -15.62 -4.16 -2.76
N VAL A 23 -14.54 -4.58 -3.41
CA VAL A 23 -13.42 -3.69 -3.81
C VAL A 23 -13.89 -2.56 -4.74
N LYS A 24 -14.97 -2.74 -5.51
CA LYS A 24 -15.62 -1.67 -6.27
C LYS A 24 -16.16 -0.55 -5.37
N ALA A 25 -16.60 -0.85 -4.14
CA ALA A 25 -16.98 0.15 -3.14
C ALA A 25 -15.76 0.88 -2.55
N LEU A 26 -14.61 0.19 -2.35
CA LEU A 26 -13.34 0.83 -2.01
C LEU A 26 -13.00 1.88 -3.09
N LYS A 27 -12.99 1.47 -4.37
CA LYS A 27 -12.89 2.37 -5.53
C LYS A 27 -13.90 3.53 -5.49
N GLU A 28 -15.18 3.28 -5.18
CA GLU A 28 -16.21 4.33 -5.06
C GLU A 28 -15.85 5.39 -4.00
N LYS A 29 -15.41 4.97 -2.81
CA LYS A 29 -14.98 5.86 -1.75
C LYS A 29 -13.71 6.63 -2.08
N ILE A 30 -12.73 6.01 -2.76
CA ILE A 30 -11.56 6.71 -3.30
C ILE A 30 -11.97 7.79 -4.33
N GLU A 31 -12.84 7.44 -5.28
CA GLU A 31 -13.40 8.37 -6.28
C GLU A 31 -14.12 9.55 -5.61
N SER A 32 -14.97 9.27 -4.62
CA SER A 32 -15.68 10.27 -3.81
C SER A 32 -14.73 11.20 -3.05
N GLU A 33 -13.75 10.64 -2.33
CA GLU A 33 -12.83 11.38 -1.46
C GLU A 33 -11.80 12.22 -2.25
N LYS A 34 -11.14 11.61 -3.25
CA LYS A 34 -10.01 12.19 -3.99
C LYS A 34 -10.42 12.90 -5.30
N GLY A 35 -11.65 12.69 -5.76
CA GLY A 35 -12.22 13.20 -7.02
C GLY A 35 -11.96 12.26 -8.19
N LYS A 36 -12.97 12.06 -9.06
CA LYS A 36 -12.89 11.19 -10.24
C LYS A 36 -11.90 11.67 -11.30
N ASP A 37 -11.51 12.95 -11.28
CA ASP A 37 -10.44 13.51 -12.12
C ASP A 37 -9.09 12.85 -11.83
N ALA A 38 -8.79 12.59 -10.55
CA ALA A 38 -7.60 11.87 -10.11
C ALA A 38 -7.79 10.34 -10.22
N PHE A 39 -8.90 9.82 -9.70
CA PHE A 39 -9.16 8.39 -9.53
C PHE A 39 -10.63 8.01 -9.89
N PRO A 40 -10.97 7.85 -11.18
CA PRO A 40 -12.31 7.41 -11.60
C PRO A 40 -12.50 5.91 -11.34
N VAL A 41 -13.68 5.46 -10.91
CA VAL A 41 -13.96 4.04 -10.55
C VAL A 41 -13.60 3.07 -11.69
N ALA A 42 -13.97 3.43 -12.92
CA ALA A 42 -13.76 2.59 -14.11
C ALA A 42 -12.28 2.52 -14.57
N GLY A 43 -11.45 3.51 -14.20
CA GLY A 43 -10.02 3.58 -14.53
C GLY A 43 -9.10 3.14 -13.38
N GLN A 44 -9.55 3.26 -12.13
CA GLN A 44 -8.84 2.80 -10.94
C GLN A 44 -8.54 1.30 -10.96
N LYS A 45 -7.40 0.94 -10.38
CA LYS A 45 -6.98 -0.43 -10.05
C LYS A 45 -6.54 -0.47 -8.59
N LEU A 46 -6.72 -1.62 -7.96
CA LEU A 46 -6.51 -1.86 -6.53
C LEU A 46 -5.61 -3.08 -6.37
N ILE A 47 -4.44 -2.90 -5.73
CA ILE A 47 -3.37 -3.89 -5.66
C ILE A 47 -2.98 -4.16 -4.20
N TYR A 48 -3.08 -5.42 -3.78
CA TYR A 48 -2.62 -5.90 -2.48
C TYR A 48 -1.81 -7.19 -2.61
N ALA A 49 -0.84 -7.42 -1.72
CA ALA A 49 0.01 -8.62 -1.69
C ALA A 49 0.65 -8.99 -3.05
N GLY A 50 0.89 -7.99 -3.92
CA GLY A 50 1.43 -8.11 -5.27
C GLY A 50 0.48 -8.67 -6.33
N LYS A 51 -0.84 -8.61 -6.13
CA LYS A 51 -1.85 -8.94 -7.14
C LYS A 51 -2.99 -7.92 -7.17
N ILE A 52 -3.55 -7.70 -8.37
CA ILE A 52 -4.72 -6.85 -8.57
C ILE A 52 -5.97 -7.56 -8.03
N LEU A 53 -6.66 -6.90 -7.12
CA LEU A 53 -7.91 -7.35 -6.51
C LEU A 53 -9.04 -7.36 -7.55
N ASN A 54 -9.87 -8.41 -7.55
CA ASN A 54 -11.10 -8.46 -8.34
C ASN A 54 -12.12 -7.45 -7.77
N ASP A 55 -12.49 -6.43 -8.53
CA ASP A 55 -13.41 -5.39 -8.04
C ASP A 55 -14.82 -5.89 -7.66
N ASP A 56 -15.27 -7.00 -8.24
CA ASP A 56 -16.53 -7.68 -7.88
C ASP A 56 -16.43 -8.57 -6.63
N THR A 57 -15.22 -8.79 -6.09
CA THR A 57 -14.95 -9.60 -4.88
C THR A 57 -14.81 -8.73 -3.64
N ALA A 58 -15.15 -9.28 -2.46
CA ALA A 58 -15.23 -8.56 -1.19
C ALA A 58 -13.87 -8.24 -0.56
N LEU A 59 -13.82 -7.19 0.27
CA LEU A 59 -12.63 -6.81 1.05
C LEU A 59 -12.26 -7.89 2.09
N LYS A 60 -13.28 -8.58 2.64
CA LYS A 60 -13.17 -9.74 3.52
C LYS A 60 -12.29 -10.87 2.96
N GLU A 61 -12.35 -11.14 1.65
CA GLU A 61 -11.57 -12.18 0.97
C GLU A 61 -10.06 -11.93 1.00
N TYR A 62 -9.67 -10.65 0.92
CA TYR A 62 -8.28 -10.20 0.82
C TYR A 62 -7.70 -9.79 2.18
N LYS A 63 -8.53 -9.84 3.23
CA LYS A 63 -8.22 -9.71 4.65
C LYS A 63 -7.40 -8.45 5.00
N ILE A 64 -7.63 -7.38 4.23
CA ILE A 64 -6.90 -6.11 4.30
C ILE A 64 -7.05 -5.47 5.69
N ASP A 65 -5.94 -5.00 6.27
CA ASP A 65 -5.88 -4.47 7.63
C ASP A 65 -5.86 -2.93 7.65
N GLU A 66 -6.34 -2.34 8.75
CA GLU A 66 -6.43 -0.88 8.95
C GLU A 66 -5.06 -0.21 9.19
N LYS A 67 -4.14 -0.92 9.86
CA LYS A 67 -2.78 -0.45 10.18
C LYS A 67 -1.85 -0.53 8.98
N ASN A 68 -2.02 -1.58 8.16
CA ASN A 68 -1.29 -1.82 6.92
C ASN A 68 -1.81 -0.93 5.76
N PHE A 69 -1.12 -0.90 4.61
CA PHE A 69 -1.50 -0.06 3.46
C PHE A 69 -1.78 -0.88 2.18
N VAL A 70 -2.77 -0.44 1.40
CA VAL A 70 -3.08 -0.92 0.04
C VAL A 70 -2.44 0.00 -1.00
N VAL A 71 -2.32 -0.44 -2.26
CA VAL A 71 -1.87 0.42 -3.37
C VAL A 71 -3.01 0.66 -4.35
N VAL A 72 -3.23 1.92 -4.71
CA VAL A 72 -4.17 2.37 -5.73
C VAL A 72 -3.43 3.04 -6.89
N MET A 73 -3.85 2.72 -8.11
CA MET A 73 -3.40 3.35 -9.36
C MET A 73 -4.59 3.61 -10.30
N VAL A 74 -4.30 4.22 -11.44
CA VAL A 74 -5.25 4.48 -12.52
C VAL A 74 -4.67 3.99 -13.85
N THR A 75 -5.53 3.52 -14.76
CA THR A 75 -5.20 2.94 -16.07
C THR A 75 -6.01 3.59 -17.18
N LYS A 76 -5.54 3.50 -18.43
CA LYS A 76 -6.22 4.02 -19.62
C LYS A 76 -7.34 3.06 -20.06
N PRO A 77 -8.62 3.49 -20.14
CA PRO A 77 -9.74 2.66 -20.61
C PRO A 77 -9.50 1.99 -21.96
N LYS A 78 -10.24 0.89 -22.17
CA LYS A 78 -10.15 0.02 -23.36
C LYS A 78 -11.31 0.22 -24.35
N ALA A 79 -12.20 1.16 -24.04
CA ALA A 79 -13.40 1.54 -24.80
C ALA A 79 -13.16 2.30 -26.13
N VAL A 80 -11.97 2.13 -26.72
CA VAL A 80 -11.56 2.67 -28.04
C VAL A 80 -12.44 2.08 -29.16
N SER A 81 -12.84 0.82 -29.01
CA SER A 81 -13.82 0.09 -29.84
C SER A 81 -14.79 -0.71 -28.97
N THR A 82 -15.84 -1.28 -29.56
CA THR A 82 -16.80 -2.17 -28.89
C THR A 82 -16.13 -3.45 -28.35
N PRO A 83 -16.16 -3.72 -27.02
CA PRO A 83 -15.61 -4.96 -26.44
C PRO A 83 -16.14 -6.24 -27.10
N ALA A 84 -15.25 -7.18 -27.43
CA ALA A 84 -15.57 -8.46 -28.07
C ALA A 84 -14.68 -9.60 -27.51
N PRO A 85 -15.10 -10.26 -26.41
CA PRO A 85 -14.43 -11.45 -25.87
C PRO A 85 -14.24 -12.58 -26.89
N ALA A 86 -13.38 -13.55 -26.56
CA ALA A 86 -13.09 -14.73 -27.39
C ALA A 86 -14.30 -15.64 -27.69
N THR A 87 -15.40 -15.49 -26.95
CA THR A 87 -16.70 -16.16 -27.15
C THR A 87 -17.40 -15.72 -28.45
N LEU A 88 -17.15 -14.49 -28.90
CA LEU A 88 -17.69 -13.90 -30.14
C LEU A 88 -16.94 -14.42 -31.39
N GLU A 89 -17.41 -14.01 -32.58
CA GLU A 89 -16.72 -14.26 -33.86
C GLU A 89 -15.35 -13.58 -34.00
N HIS A 90 -15.00 -12.67 -33.07
CA HIS A 90 -13.69 -12.00 -32.96
C HIS A 90 -12.55 -12.99 -32.66
N HIS A 91 -11.91 -13.48 -33.72
CA HIS A 91 -10.67 -14.27 -33.66
C HIS A 91 -9.47 -13.37 -33.33
N HIS A 92 -9.30 -13.05 -32.05
CA HIS A 92 -8.26 -12.13 -31.53
C HIS A 92 -6.82 -12.59 -31.83
N HIS A 93 -6.59 -13.90 -32.00
CA HIS A 93 -5.32 -14.48 -32.43
C HIS A 93 -5.05 -14.21 -33.92
N HIS A 94 -4.33 -13.13 -34.21
CA HIS A 94 -3.98 -12.65 -35.56
C HIS A 94 -2.52 -12.15 -35.65
N HIS A 95 -2.07 -11.79 -36.86
CA HIS A 95 -0.75 -11.23 -37.17
C HIS A 95 -0.43 -9.95 -36.36
N GLY B 1 35.80 -13.99 -22.68
CA GLY B 1 35.79 -12.68 -22.01
C GLY B 1 34.48 -12.41 -21.29
N SER B 2 34.51 -11.55 -20.27
CA SER B 2 33.35 -11.15 -19.46
C SER B 2 32.29 -10.36 -20.26
N HIS B 3 31.08 -10.26 -19.70
CA HIS B 3 29.96 -9.48 -20.28
C HIS B 3 30.18 -7.95 -20.29
N MET B 4 31.14 -7.44 -19.52
CA MET B 4 31.53 -6.02 -19.45
C MET B 4 32.35 -5.60 -20.70
N THR B 5 31.71 -5.66 -21.87
CA THR B 5 32.23 -5.29 -23.20
C THR B 5 31.18 -4.58 -24.08
N ILE B 6 29.90 -4.65 -23.71
CA ILE B 6 28.73 -4.14 -24.44
C ILE B 6 27.82 -3.29 -23.52
N SER B 7 28.41 -2.57 -22.56
CA SER B 7 27.72 -1.87 -21.46
C SER B 7 26.67 -0.82 -21.88
N GLN B 8 26.68 -0.36 -23.12
CA GLN B 8 25.61 0.47 -23.71
C GLN B 8 24.30 -0.31 -23.95
N GLN B 9 24.35 -1.65 -23.89
CA GLN B 9 23.27 -2.60 -24.20
C GLN B 9 23.05 -3.68 -23.11
N GLU B 10 23.89 -3.74 -22.06
CA GLU B 10 23.71 -4.67 -20.92
C GLU B 10 22.39 -4.42 -20.15
N PHE B 11 21.97 -5.38 -19.31
CA PHE B 11 20.79 -5.24 -18.45
C PHE B 11 20.95 -4.16 -17.36
N GLY B 12 22.17 -3.96 -16.86
CA GLY B 12 22.50 -3.03 -15.77
C GLY B 12 22.68 -1.58 -16.22
N ARG B 13 21.58 -0.93 -16.63
CA ARG B 13 21.49 0.49 -17.02
C ARG B 13 20.30 1.21 -16.36
N THR B 14 20.42 2.53 -16.23
CA THR B 14 19.40 3.51 -15.77
C THR B 14 18.60 3.09 -14.51
N GLY B 15 17.43 3.69 -14.28
CA GLY B 15 16.48 3.39 -13.21
C GLY B 15 15.02 3.61 -13.65
N LEU B 16 14.06 3.23 -12.80
CA LEU B 16 12.62 3.33 -13.08
C LEU B 16 12.18 4.82 -13.20
N PRO B 17 11.43 5.21 -14.25
CA PRO B 17 10.94 6.58 -14.43
C PRO B 17 9.97 7.07 -13.33
N ASP B 18 9.73 8.39 -13.31
CA ASP B 18 8.67 9.04 -12.53
C ASP B 18 7.33 8.94 -13.31
N LEU B 19 6.98 7.71 -13.73
CA LEU B 19 5.91 7.30 -14.63
C LEU B 19 5.98 7.87 -16.08
N SER B 20 7.00 8.67 -16.41
CA SER B 20 7.15 9.32 -17.72
C SER B 20 7.24 8.34 -18.91
N SER B 21 8.20 7.42 -18.88
CA SER B 21 8.44 6.40 -19.92
C SER B 21 7.87 5.01 -19.57
N MET B 22 7.35 4.85 -18.34
CA MET B 22 6.88 3.58 -17.79
C MET B 22 5.55 3.13 -18.42
N THR B 23 5.53 1.94 -19.05
CA THR B 23 4.30 1.33 -19.60
C THR B 23 3.28 1.02 -18.50
N GLU B 24 2.01 0.79 -18.88
CA GLU B 24 0.94 0.46 -17.93
C GLU B 24 1.22 -0.84 -17.14
N GLU B 25 1.78 -1.86 -17.80
CA GLU B 25 2.18 -3.12 -17.14
C GLU B 25 3.37 -2.94 -16.18
N GLU B 26 4.34 -2.07 -16.50
CA GLU B 26 5.42 -1.72 -15.56
C GLU B 26 4.91 -0.87 -14.38
N GLN B 27 3.96 0.05 -14.60
CA GLN B 27 3.26 0.79 -13.54
C GLN B 27 2.51 -0.15 -12.59
N ILE B 28 1.83 -1.17 -13.15
CA ILE B 28 1.24 -2.28 -12.40
C ILE B 28 2.30 -3.02 -11.57
N ALA B 29 3.40 -3.48 -12.17
CA ALA B 29 4.46 -4.19 -11.43
C ALA B 29 5.10 -3.35 -10.31
N TYR B 30 5.26 -2.04 -10.51
CA TYR B 30 5.67 -1.07 -9.48
C TYR B 30 4.65 -1.03 -8.32
N ALA B 31 3.34 -0.96 -8.61
CA ALA B 31 2.28 -1.10 -7.61
C ALA B 31 2.35 -2.43 -6.84
N MET B 32 2.53 -3.55 -7.54
CA MET B 32 2.70 -4.89 -6.94
C MET B 32 3.88 -4.90 -5.96
N GLN B 33 5.06 -4.44 -6.37
CA GLN B 33 6.25 -4.34 -5.50
C GLN B 33 6.00 -3.52 -4.23
N MET B 34 5.33 -2.37 -4.32
CA MET B 34 4.99 -1.58 -3.13
C MET B 34 4.05 -2.34 -2.18
N SER B 35 2.96 -2.93 -2.69
CA SER B 35 2.04 -3.73 -1.87
C SER B 35 2.68 -4.99 -1.26
N LEU B 36 3.64 -5.63 -1.96
CA LEU B 36 4.46 -6.72 -1.44
C LEU B 36 5.30 -6.26 -0.25
N GLN B 37 5.98 -5.13 -0.36
CA GLN B 37 6.76 -4.60 0.77
C GLN B 37 5.86 -4.19 1.96
N GLY B 38 4.66 -3.65 1.69
CA GLY B 38 3.62 -3.43 2.70
C GLY B 38 3.17 -4.72 3.40
N ALA B 39 3.03 -5.80 2.64
CA ALA B 39 2.78 -7.17 3.11
C ALA B 39 3.96 -7.85 3.83
N GLU B 40 5.11 -7.17 3.96
CA GLU B 40 6.34 -7.51 4.72
C GLU B 40 7.33 -8.38 3.91
N PHE B 41 7.13 -8.53 2.59
CA PHE B 41 8.12 -9.17 1.71
C PHE B 41 9.42 -8.34 1.66
N GLY B 42 10.51 -8.93 2.16
CA GLY B 42 11.80 -8.24 2.35
C GLY B 42 12.91 -9.18 2.85
N GLN B 43 14.02 -8.58 3.32
CA GLN B 43 15.26 -9.27 3.75
C GLN B 43 15.14 -10.17 5.00
N ALA B 44 13.97 -10.24 5.65
CA ALA B 44 13.72 -11.05 6.85
C ALA B 44 14.08 -12.55 6.66
N GLU B 45 14.84 -13.11 7.60
CA GLU B 45 15.38 -14.47 7.54
C GLU B 45 14.29 -15.57 7.54
N SER B 46 13.22 -15.38 8.33
CA SER B 46 12.04 -16.26 8.39
C SER B 46 10.79 -15.50 8.85
N ALA B 47 9.62 -16.13 8.70
CA ALA B 47 8.31 -15.69 9.17
C ALA B 47 7.49 -16.81 9.85
N ASP B 48 8.07 -18.01 10.03
CA ASP B 48 7.44 -19.20 10.64
C ASP B 48 7.04 -19.01 12.13
N MET A 1 -8.58 7.64 5.90
CA MET A 1 -7.19 7.51 5.40
C MET A 1 -7.19 6.88 4.03
N GLN A 2 -6.71 7.61 3.03
CA GLN A 2 -6.80 7.29 1.62
C GLN A 2 -5.61 6.46 1.15
N VAL A 3 -5.65 5.16 1.46
CA VAL A 3 -4.68 4.14 1.06
C VAL A 3 -4.68 3.98 -0.46
N THR A 4 -3.52 4.19 -1.10
CA THR A 4 -3.33 3.85 -2.52
C THR A 4 -3.07 2.35 -2.66
N LEU A 5 -3.65 1.76 -3.70
CA LEU A 5 -3.51 0.36 -4.07
C LEU A 5 -2.83 0.18 -5.41
N LYS A 6 -2.18 -0.97 -5.57
CA LYS A 6 -1.63 -1.49 -6.83
C LYS A 6 -1.98 -2.96 -7.00
N THR A 7 -2.45 -3.33 -8.20
CA THR A 7 -2.87 -4.69 -8.56
C THR A 7 -1.71 -5.50 -9.16
N LEU A 8 -1.87 -6.82 -9.26
CA LEU A 8 -0.92 -7.70 -9.97
C LEU A 8 -0.93 -7.51 -11.49
N GLN A 9 -1.95 -6.84 -12.02
CA GLN A 9 -2.06 -6.37 -13.41
C GLN A 9 -1.41 -4.98 -13.60
N GLN A 10 -0.68 -4.48 -12.60
CA GLN A 10 0.06 -3.21 -12.60
C GLN A 10 -0.85 -1.95 -12.62
N GLN A 11 -2.14 -2.10 -12.33
CA GLN A 11 -3.11 -1.01 -12.26
C GLN A 11 -3.15 -0.40 -10.85
N THR A 12 -3.56 0.86 -10.72
CA THR A 12 -3.52 1.58 -9.43
C THR A 12 -4.79 2.37 -9.16
N PHE A 13 -5.24 2.33 -7.89
CA PHE A 13 -6.51 2.91 -7.40
C PHE A 13 -6.31 3.50 -6.00
N LYS A 14 -7.32 4.18 -5.43
CA LYS A 14 -7.31 4.71 -4.05
C LYS A 14 -8.59 4.36 -3.30
N ILE A 15 -8.44 4.04 -2.00
CA ILE A 15 -9.49 3.62 -1.08
C ILE A 15 -9.37 4.40 0.23
N ASP A 16 -10.34 5.27 0.49
CA ASP A 16 -10.48 5.94 1.78
C ASP A 16 -11.07 4.97 2.83
N ILE A 17 -10.23 4.48 3.73
CA ILE A 17 -10.54 3.51 4.80
C ILE A 17 -10.26 4.12 6.19
N ASP A 18 -11.00 3.70 7.21
CA ASP A 18 -10.77 4.11 8.60
C ASP A 18 -9.52 3.39 9.19
N PRO A 19 -8.42 4.11 9.54
CA PRO A 19 -7.18 3.48 10.02
C PRO A 19 -7.30 2.89 11.44
N GLU A 20 -8.34 3.28 12.19
CA GLU A 20 -8.73 2.69 13.48
C GLU A 20 -9.40 1.32 13.33
N GLU A 21 -9.89 0.98 12.14
CA GLU A 21 -10.43 -0.35 11.80
C GLU A 21 -9.34 -1.32 11.32
N THR A 22 -9.72 -2.56 11.04
CA THR A 22 -8.80 -3.64 10.69
C THR A 22 -8.52 -3.78 9.19
N VAL A 23 -7.59 -4.66 8.85
CA VAL A 23 -7.28 -5.03 7.46
C VAL A 23 -8.51 -5.63 6.74
N LYS A 24 -9.35 -6.37 7.47
CA LYS A 24 -10.66 -6.84 6.96
C LYS A 24 -11.57 -5.69 6.52
N ALA A 25 -11.52 -4.53 7.19
CA ALA A 25 -12.26 -3.34 6.77
C ALA A 25 -11.69 -2.70 5.49
N LEU A 26 -10.36 -2.67 5.29
CA LEU A 26 -9.75 -2.28 4.00
C LEU A 26 -10.33 -3.15 2.86
N LYS A 27 -10.24 -4.48 3.04
CA LYS A 27 -10.90 -5.46 2.15
C LYS A 27 -12.40 -5.19 1.92
N GLU A 28 -13.17 -4.84 2.96
CA GLU A 28 -14.59 -4.49 2.85
C GLU A 28 -14.83 -3.28 1.93
N LYS A 29 -14.04 -2.21 2.08
CA LYS A 29 -14.16 -1.01 1.25
C LYS A 29 -13.72 -1.26 -0.20
N ILE A 30 -12.68 -2.08 -0.41
CA ILE A 30 -12.29 -2.58 -1.73
C ILE A 30 -13.43 -3.37 -2.39
N GLU A 31 -14.00 -4.35 -1.66
CA GLU A 31 -15.14 -5.16 -2.13
C GLU A 31 -16.34 -4.28 -2.51
N SER A 32 -16.69 -3.31 -1.66
CA SER A 32 -17.75 -2.32 -1.90
C SER A 32 -17.52 -1.49 -3.18
N GLU A 33 -16.31 -0.93 -3.35
CA GLU A 33 -15.94 -0.09 -4.50
C GLU A 33 -15.86 -0.89 -5.81
N LYS A 34 -15.00 -1.92 -5.85
CA LYS A 34 -14.66 -2.68 -7.06
C LYS A 34 -15.73 -3.72 -7.46
N GLY A 35 -16.60 -4.08 -6.52
CA GLY A 35 -17.59 -5.15 -6.60
C GLY A 35 -17.01 -6.51 -6.16
N LYS A 36 -17.79 -7.30 -5.42
CA LYS A 36 -17.37 -8.62 -4.89
C LYS A 36 -17.14 -9.68 -5.97
N ASP A 37 -17.66 -9.47 -7.19
CA ASP A 37 -17.32 -10.31 -8.35
C ASP A 37 -15.83 -10.22 -8.71
N ALA A 38 -15.29 -9.00 -8.68
CA ALA A 38 -13.90 -8.70 -8.99
C ALA A 38 -12.97 -8.95 -7.79
N PHE A 39 -13.36 -8.47 -6.59
CA PHE A 39 -12.56 -8.53 -5.36
C PHE A 39 -13.42 -8.90 -4.13
N PRO A 40 -13.82 -10.18 -3.95
CA PRO A 40 -14.55 -10.62 -2.76
C PRO A 40 -13.61 -10.61 -1.53
N VAL A 41 -14.11 -10.23 -0.35
CA VAL A 41 -13.30 -10.15 0.90
C VAL A 41 -12.55 -11.45 1.18
N ALA A 42 -13.25 -12.58 1.05
CA ALA A 42 -12.70 -13.92 1.30
C ALA A 42 -11.62 -14.37 0.28
N GLY A 43 -11.52 -13.73 -0.90
CA GLY A 43 -10.52 -14.01 -1.94
C GLY A 43 -9.37 -13.01 -1.99
N GLN A 44 -9.59 -11.77 -1.54
CA GLN A 44 -8.57 -10.72 -1.42
C GLN A 44 -7.43 -11.08 -0.45
N LYS A 45 -6.20 -10.71 -0.81
CA LYS A 45 -5.00 -10.72 0.04
C LYS A 45 -4.32 -9.34 -0.08
N LEU A 46 -3.79 -8.85 1.04
CA LEU A 46 -3.30 -7.48 1.24
C LEU A 46 -1.86 -7.50 1.74
N ILE A 47 -0.95 -6.78 1.08
CA ILE A 47 0.50 -6.86 1.30
C ILE A 47 1.13 -5.45 1.40
N TYR A 48 1.86 -5.19 2.49
CA TYR A 48 2.67 -3.98 2.68
C TYR A 48 4.10 -4.31 3.15
N ALA A 49 5.09 -3.52 2.73
CA ALA A 49 6.51 -3.73 3.02
C ALA A 49 7.01 -5.17 2.71
N GLY A 50 6.40 -5.83 1.72
CA GLY A 50 6.67 -7.22 1.34
C GLY A 50 6.08 -8.28 2.28
N LYS A 51 5.17 -7.92 3.19
CA LYS A 51 4.56 -8.77 4.22
C LYS A 51 3.03 -8.72 4.15
N ILE A 52 2.36 -9.88 4.20
CA ILE A 52 0.90 -9.96 4.19
C ILE A 52 0.31 -9.42 5.49
N LEU A 53 -0.62 -8.47 5.34
CA LEU A 53 -1.42 -7.86 6.39
C LEU A 53 -2.42 -8.86 6.98
N ASN A 54 -2.33 -9.14 8.28
CA ASN A 54 -3.23 -10.04 9.00
C ASN A 54 -4.65 -9.43 9.13
N ASP A 55 -5.67 -10.15 8.68
CA ASP A 55 -7.08 -9.69 8.56
C ASP A 55 -7.65 -9.04 9.84
N ASP A 56 -7.50 -9.70 10.98
CA ASP A 56 -8.01 -9.27 12.29
C ASP A 56 -7.18 -8.14 12.94
N THR A 57 -5.97 -7.88 12.46
CA THR A 57 -5.05 -6.85 12.97
C THR A 57 -5.40 -5.47 12.38
N ALA A 58 -5.14 -4.39 13.14
CA ALA A 58 -5.46 -3.03 12.71
C ALA A 58 -4.47 -2.45 11.69
N LEU A 59 -4.92 -1.47 10.89
CA LEU A 59 -4.08 -0.79 9.88
C LEU A 59 -2.93 0.02 10.51
N LYS A 60 -3.16 0.56 11.71
CA LYS A 60 -2.16 1.23 12.58
C LYS A 60 -0.87 0.42 12.74
N GLU A 61 -0.99 -0.90 12.88
CA GLU A 61 0.10 -1.83 13.18
C GLU A 61 1.16 -1.96 12.08
N TYR A 62 0.83 -1.49 10.87
CA TYR A 62 1.67 -1.57 9.67
C TYR A 62 2.11 -0.18 9.17
N LYS A 63 1.65 0.89 9.85
CA LYS A 63 1.97 2.31 9.60
C LYS A 63 1.88 2.73 8.12
N ILE A 64 0.86 2.21 7.42
CA ILE A 64 0.58 2.47 6.01
C ILE A 64 0.35 3.97 5.79
N ASP A 65 0.92 4.52 4.71
CA ASP A 65 0.78 5.92 4.31
C ASP A 65 -0.19 6.08 3.12
N GLU A 66 -0.66 7.30 2.88
CA GLU A 66 -1.63 7.63 1.82
C GLU A 66 -0.97 7.84 0.45
N LYS A 67 0.23 8.45 0.43
CA LYS A 67 0.99 8.79 -0.78
C LYS A 67 1.71 7.57 -1.35
N ASN A 68 2.25 6.73 -0.47
CA ASN A 68 2.81 5.43 -0.80
C ASN A 68 1.69 4.41 -1.11
N PHE A 69 2.03 3.26 -1.69
CA PHE A 69 1.05 2.24 -2.10
C PHE A 69 1.18 0.91 -1.35
N VAL A 70 0.05 0.24 -1.23
CA VAL A 70 -0.13 -1.15 -0.77
C VAL A 70 -0.36 -2.03 -2.01
N VAL A 71 -0.11 -3.33 -1.91
CA VAL A 71 -0.44 -4.28 -3.00
C VAL A 71 -1.67 -5.10 -2.61
N VAL A 72 -2.69 -5.07 -3.47
CA VAL A 72 -3.90 -5.91 -3.41
C VAL A 72 -3.82 -7.01 -4.47
N MET A 73 -4.21 -8.23 -4.11
CA MET A 73 -4.40 -9.36 -5.01
C MET A 73 -5.67 -10.13 -4.67
N VAL A 74 -6.15 -10.95 -5.60
CA VAL A 74 -7.35 -11.77 -5.46
C VAL A 74 -7.08 -13.21 -5.89
N THR A 75 -7.08 -14.14 -4.92
CA THR A 75 -6.67 -15.54 -5.12
C THR A 75 -7.79 -16.45 -5.63
N LYS A 76 -7.43 -17.40 -6.50
CA LYS A 76 -8.25 -18.52 -7.00
C LYS A 76 -7.33 -19.67 -7.53
N PRO A 77 -7.86 -20.87 -7.81
CA PRO A 77 -7.13 -21.93 -8.51
C PRO A 77 -6.62 -21.55 -9.91
N LYS A 78 -5.80 -22.41 -10.51
CA LYS A 78 -5.39 -22.32 -11.93
C LYS A 78 -6.52 -22.66 -12.91
N ALA A 79 -7.56 -23.31 -12.39
CA ALA A 79 -8.84 -23.58 -13.04
C ALA A 79 -9.78 -22.34 -13.02
N VAL A 80 -10.91 -22.41 -13.73
CA VAL A 80 -11.88 -21.32 -13.92
C VAL A 80 -11.19 -20.01 -14.38
N SER A 81 -10.71 -20.03 -15.63
CA SER A 81 -9.85 -19.00 -16.25
C SER A 81 -10.29 -18.67 -17.69
N THR A 82 -9.70 -17.63 -18.28
CA THR A 82 -9.83 -17.28 -19.71
C THR A 82 -9.24 -18.37 -20.65
N PRO A 83 -9.56 -18.37 -21.96
CA PRO A 83 -8.95 -19.25 -22.95
C PRO A 83 -7.41 -19.18 -23.01
N ALA A 84 -6.80 -20.22 -23.59
CA ALA A 84 -5.36 -20.32 -23.86
C ALA A 84 -4.87 -19.26 -24.88
N PRO A 85 -3.55 -18.98 -24.96
CA PRO A 85 -2.98 -18.01 -25.89
C PRO A 85 -2.95 -18.44 -27.37
N ALA A 86 -3.38 -19.66 -27.65
CA ALA A 86 -3.63 -20.22 -28.99
C ALA A 86 -4.86 -21.15 -28.99
N THR A 87 -5.37 -21.49 -30.17
CA THR A 87 -6.55 -22.37 -30.36
C THR A 87 -6.27 -23.85 -30.16
N LEU A 88 -5.01 -24.28 -30.28
CA LEU A 88 -4.59 -25.69 -30.21
C LEU A 88 -5.01 -26.38 -28.90
N GLU A 89 -4.86 -25.71 -27.76
CA GLU A 89 -5.27 -26.19 -26.42
C GLU A 89 -6.79 -26.43 -26.27
N HIS A 90 -7.59 -25.96 -27.23
CA HIS A 90 -9.05 -26.15 -27.32
C HIS A 90 -9.46 -27.03 -28.53
N HIS A 91 -8.48 -27.57 -29.27
CA HIS A 91 -8.64 -28.36 -30.50
C HIS A 91 -7.74 -29.64 -30.51
N HIS A 92 -7.17 -30.00 -29.36
CA HIS A 92 -6.23 -31.10 -29.16
C HIS A 92 -6.91 -32.49 -29.20
N HIS A 93 -6.15 -33.55 -28.94
CA HIS A 93 -6.57 -34.96 -28.95
C HIS A 93 -7.67 -35.34 -27.91
N HIS A 94 -8.14 -34.39 -27.09
CA HIS A 94 -9.31 -34.52 -26.22
C HIS A 94 -10.65 -34.74 -26.99
N HIS A 95 -10.68 -34.42 -28.30
CA HIS A 95 -11.82 -34.59 -29.20
C HIS A 95 -12.30 -36.06 -29.31
N GLY B 1 34.20 -17.58 -30.28
CA GLY B 1 34.04 -16.11 -30.25
C GLY B 1 35.30 -15.40 -30.73
N SER B 2 35.13 -14.32 -31.49
CA SER B 2 36.19 -13.47 -32.05
C SER B 2 35.79 -11.98 -32.00
N HIS B 3 36.67 -11.07 -32.47
CA HIS B 3 36.40 -9.63 -32.58
C HIS B 3 35.17 -9.31 -33.45
N MET B 4 34.87 -10.16 -34.44
CA MET B 4 33.70 -10.05 -35.33
C MET B 4 32.38 -10.52 -34.69
N THR B 5 32.41 -11.21 -33.54
CA THR B 5 31.21 -11.70 -32.82
C THR B 5 30.44 -10.55 -32.18
N ILE B 6 29.29 -10.19 -32.77
CA ILE B 6 28.36 -9.16 -32.26
C ILE B 6 27.70 -9.55 -30.92
N SER B 7 27.01 -8.60 -30.29
CA SER B 7 26.33 -8.77 -28.99
C SER B 7 25.23 -9.85 -29.01
N GLN B 8 24.93 -10.41 -27.83
CA GLN B 8 23.87 -11.42 -27.63
C GLN B 8 22.44 -10.87 -27.82
N GLN B 9 21.46 -11.78 -27.80
CA GLN B 9 20.02 -11.50 -27.88
C GLN B 9 19.25 -12.25 -26.77
N GLU B 10 17.93 -12.00 -26.67
CA GLU B 10 17.03 -12.58 -25.66
C GLU B 10 16.01 -13.59 -26.23
N PHE B 11 15.69 -13.49 -27.53
CA PHE B 11 14.84 -14.38 -28.34
C PHE B 11 13.37 -14.58 -27.90
N GLY B 12 12.97 -14.13 -26.70
CA GLY B 12 11.64 -14.35 -26.12
C GLY B 12 11.51 -13.82 -24.69
N ARG B 13 10.43 -14.23 -23.99
CA ARG B 13 10.12 -13.89 -22.58
C ARG B 13 11.16 -14.49 -21.61
N THR B 14 12.21 -13.73 -21.31
CA THR B 14 13.24 -14.06 -20.30
C THR B 14 12.86 -13.67 -18.86
N GLY B 15 11.80 -12.87 -18.68
CA GLY B 15 11.39 -12.29 -17.39
C GLY B 15 10.44 -13.18 -16.58
N LEU B 16 9.14 -12.90 -16.65
CA LEU B 16 8.08 -13.50 -15.81
C LEU B 16 6.75 -13.63 -16.59
N PRO B 17 5.90 -14.64 -16.33
CA PRO B 17 4.55 -14.70 -16.92
C PRO B 17 3.63 -13.54 -16.51
N ASP B 18 2.54 -13.36 -17.25
CA ASP B 18 1.43 -12.47 -16.90
C ASP B 18 0.49 -13.22 -15.92
N LEU B 19 1.07 -13.72 -14.83
CA LEU B 19 0.52 -14.66 -13.82
C LEU B 19 0.13 -16.05 -14.36
N SER B 20 0.32 -16.32 -15.66
CA SER B 20 -0.10 -17.56 -16.34
C SER B 20 0.38 -18.84 -15.67
N SER B 21 1.70 -19.03 -15.58
CA SER B 21 2.33 -20.24 -15.01
C SER B 21 2.56 -20.17 -13.50
N MET B 22 2.41 -18.98 -12.89
CA MET B 22 2.71 -18.74 -11.46
C MET B 22 1.67 -19.39 -10.53
N THR B 23 2.16 -20.17 -9.57
CA THR B 23 1.40 -20.72 -8.42
C THR B 23 0.92 -19.58 -7.53
N GLU B 24 -0.05 -19.81 -6.62
CA GLU B 24 -0.49 -18.79 -5.66
C GLU B 24 0.66 -18.21 -4.81
N GLU B 25 1.59 -19.07 -4.37
CA GLU B 25 2.78 -18.64 -3.62
C GLU B 25 3.74 -17.76 -4.44
N GLU B 26 3.81 -17.97 -5.76
CA GLU B 26 4.60 -17.15 -6.69
C GLU B 26 3.91 -15.81 -7.00
N GLN B 27 2.58 -15.81 -7.17
CA GLN B 27 1.76 -14.61 -7.26
C GLN B 27 1.89 -13.74 -5.99
N ILE B 28 1.84 -14.37 -4.81
CA ILE B 28 2.16 -13.75 -3.52
C ILE B 28 3.57 -13.18 -3.52
N ALA B 29 4.61 -13.94 -3.86
CA ALA B 29 5.98 -13.43 -3.87
C ALA B 29 6.20 -12.27 -4.86
N TYR B 30 5.51 -12.24 -6.00
CA TYR B 30 5.45 -11.10 -6.92
C TYR B 30 4.79 -9.87 -6.26
N ALA B 31 3.66 -10.06 -5.56
CA ALA B 31 3.03 -9.02 -4.74
C ALA B 31 3.96 -8.46 -3.66
N MET B 32 4.65 -9.33 -2.91
CA MET B 32 5.69 -9.00 -1.94
C MET B 32 6.78 -8.15 -2.58
N GLN B 33 7.44 -8.62 -3.65
CA GLN B 33 8.51 -7.91 -4.36
C GLN B 33 8.12 -6.49 -4.81
N MET B 34 6.91 -6.29 -5.34
CA MET B 34 6.42 -4.95 -5.69
C MET B 34 6.27 -4.05 -4.45
N SER B 35 5.54 -4.52 -3.44
CA SER B 35 5.33 -3.85 -2.15
C SER B 35 6.65 -3.48 -1.44
N LEU B 36 7.57 -4.43 -1.37
CA LEU B 36 8.89 -4.36 -0.76
C LEU B 36 9.77 -3.25 -1.37
N GLN B 37 9.73 -3.09 -2.69
CA GLN B 37 10.41 -2.02 -3.41
C GLN B 37 9.68 -0.67 -3.29
N GLY B 38 8.35 -0.67 -3.21
CA GLY B 38 7.55 0.52 -2.88
C GLY B 38 7.90 1.08 -1.50
N ALA B 39 8.18 0.20 -0.54
CA ALA B 39 8.63 0.51 0.82
C ALA B 39 10.10 0.99 0.89
N GLU B 40 11.08 0.15 0.55
CA GLU B 40 12.51 0.43 0.78
C GLU B 40 13.51 -0.12 -0.24
N PHE B 41 13.23 -1.27 -0.83
CA PHE B 41 14.15 -2.00 -1.74
C PHE B 41 14.23 -1.39 -3.15
N GLY B 42 15.14 -1.91 -3.98
CA GLY B 42 15.34 -1.50 -5.39
C GLY B 42 16.46 -0.46 -5.60
N GLN B 43 17.24 -0.13 -4.57
CA GLN B 43 18.37 0.81 -4.61
C GLN B 43 19.56 0.26 -3.77
N ALA B 44 20.79 0.59 -4.17
CA ALA B 44 22.03 0.22 -3.50
C ALA B 44 22.28 1.00 -2.18
N GLU B 45 23.30 0.61 -1.43
CA GLU B 45 23.74 1.21 -0.16
C GLU B 45 25.25 1.49 -0.10
N SER B 46 25.69 2.26 0.90
CA SER B 46 27.09 2.69 1.10
C SER B 46 28.06 1.58 1.50
N ALA B 47 27.57 0.38 1.84
CA ALA B 47 28.40 -0.79 2.18
C ALA B 47 29.16 -1.39 0.98
N ASP B 48 28.70 -1.16 -0.26
CA ASP B 48 29.33 -1.62 -1.52
C ASP B 48 30.46 -0.70 -2.02
N MET A 1 -0.30 15.30 2.57
CA MET A 1 0.68 14.21 2.43
C MET A 1 0.28 13.05 3.33
N GLN A 2 0.02 11.91 2.74
CA GLN A 2 -0.44 10.71 3.44
C GLN A 2 0.73 9.95 4.08
N VAL A 3 1.14 10.38 5.28
CA VAL A 3 2.08 9.67 6.15
C VAL A 3 1.49 8.30 6.50
N THR A 4 2.17 7.24 6.05
CA THR A 4 1.81 5.87 6.45
C THR A 4 2.37 5.57 7.83
N LEU A 5 1.58 4.88 8.63
CA LEU A 5 1.89 4.48 10.00
C LEU A 5 1.92 2.95 10.15
N LYS A 6 2.71 2.51 11.13
CA LYS A 6 2.76 1.14 11.64
C LYS A 6 2.73 1.18 13.18
N THR A 7 1.84 0.39 13.77
CA THR A 7 1.66 0.26 15.23
C THR A 7 2.69 -0.70 15.85
N LEU A 8 2.79 -0.73 17.18
CA LEU A 8 3.61 -1.70 17.91
C LEU A 8 3.16 -3.17 17.76
N GLN A 9 1.92 -3.41 17.34
CA GLN A 9 1.38 -4.73 17.00
C GLN A 9 1.45 -5.01 15.48
N GLN A 10 2.24 -4.22 14.75
CA GLN A 10 2.51 -4.32 13.31
C GLN A 10 1.28 -4.16 12.39
N GLN A 11 0.27 -3.42 12.85
CA GLN A 11 -0.89 -3.03 12.04
C GLN A 11 -0.59 -1.70 11.34
N THR A 12 -1.22 -1.40 10.21
CA THR A 12 -0.85 -0.23 9.37
C THR A 12 -2.05 0.58 8.87
N PHE A 13 -1.87 1.89 8.77
CA PHE A 13 -2.86 2.90 8.38
C PHE A 13 -2.19 4.07 7.63
N LYS A 14 -2.96 4.99 7.05
CA LYS A 14 -2.49 6.26 6.48
C LYS A 14 -3.18 7.46 7.13
N ILE A 15 -2.43 8.54 7.33
CA ILE A 15 -2.86 9.82 7.87
C ILE A 15 -2.44 10.93 6.91
N ASP A 16 -3.42 11.52 6.22
CA ASP A 16 -3.20 12.71 5.37
C ASP A 16 -2.95 13.94 6.24
N ILE A 17 -1.69 14.37 6.36
CA ILE A 17 -1.24 15.53 7.15
C ILE A 17 -0.50 16.54 6.24
N ASP A 18 -0.54 17.83 6.59
CA ASP A 18 0.22 18.85 5.86
C ASP A 18 1.74 18.73 6.16
N PRO A 19 2.61 18.49 5.16
CA PRO A 19 4.04 18.23 5.40
C PRO A 19 4.85 19.47 5.83
N GLU A 20 4.30 20.69 5.69
CA GLU A 20 4.90 21.92 6.22
C GLU A 20 4.49 22.20 7.67
N GLU A 21 3.46 21.51 8.19
CA GLU A 21 3.10 21.51 9.61
C GLU A 21 4.00 20.53 10.41
N THR A 22 3.78 20.44 11.72
CA THR A 22 4.68 19.74 12.64
C THR A 22 4.30 18.28 12.95
N VAL A 23 5.19 17.61 13.69
CA VAL A 23 4.95 16.29 14.26
C VAL A 23 3.76 16.33 15.25
N LYS A 24 3.60 17.42 16.02
CA LYS A 24 2.38 17.63 16.83
C LYS A 24 1.12 17.72 15.97
N ALA A 25 1.19 18.33 14.77
CA ALA A 25 0.08 18.33 13.81
C ALA A 25 -0.25 16.91 13.28
N LEU A 26 0.75 16.07 13.00
CA LEU A 26 0.56 14.64 12.70
C LEU A 26 -0.21 13.94 13.83
N LYS A 27 0.27 14.04 15.07
CA LYS A 27 -0.45 13.58 16.28
C LYS A 27 -1.88 14.11 16.38
N GLU A 28 -2.13 15.39 16.05
CA GLU A 28 -3.46 16.00 15.93
C GLU A 28 -4.38 15.20 15.01
N LYS A 29 -3.93 14.88 13.78
CA LYS A 29 -4.71 14.14 12.80
C LYS A 29 -4.89 12.67 13.19
N ILE A 30 -3.88 12.04 13.81
CA ILE A 30 -3.98 10.71 14.43
C ILE A 30 -5.11 10.69 15.48
N GLU A 31 -5.10 11.62 16.44
CA GLU A 31 -6.14 11.76 17.45
C GLU A 31 -7.54 11.99 16.84
N SER A 32 -7.63 12.91 15.87
CA SER A 32 -8.88 13.21 15.16
C SER A 32 -9.48 12.00 14.43
N GLU A 33 -8.67 11.26 13.67
CA GLU A 33 -9.08 10.09 12.90
C GLU A 33 -9.37 8.86 13.80
N LYS A 34 -8.41 8.46 14.64
CA LYS A 34 -8.44 7.22 15.43
C LYS A 34 -9.17 7.33 16.78
N GLY A 35 -9.48 8.55 17.21
CA GLY A 35 -10.24 8.91 18.41
C GLY A 35 -9.37 9.21 19.64
N LYS A 36 -9.80 10.18 20.46
CA LYS A 36 -9.09 10.64 21.68
C LYS A 36 -8.96 9.56 22.77
N ASP A 37 -9.92 8.62 22.83
CA ASP A 37 -9.95 7.55 23.83
C ASP A 37 -8.74 6.62 23.71
N ALA A 38 -8.62 6.05 22.52
CA ALA A 38 -7.57 5.12 22.11
C ALA A 38 -6.21 5.82 21.84
N PHE A 39 -6.21 6.99 21.20
CA PHE A 39 -4.99 7.67 20.72
C PHE A 39 -4.98 9.19 20.99
N PRO A 40 -4.89 9.64 22.26
CA PRO A 40 -4.77 11.07 22.61
C PRO A 40 -3.38 11.62 22.22
N VAL A 41 -3.28 12.88 21.78
CA VAL A 41 -2.02 13.55 21.37
C VAL A 41 -0.91 13.39 22.42
N ALA A 42 -1.22 13.75 23.66
CA ALA A 42 -0.31 13.71 24.80
C ALA A 42 0.21 12.28 25.14
N GLY A 43 -0.43 11.23 24.63
CA GLY A 43 -0.02 9.84 24.79
C GLY A 43 0.84 9.29 23.65
N GLN A 44 0.87 9.95 22.48
CA GLN A 44 1.57 9.44 21.29
C GLN A 44 3.08 9.73 21.31
N LYS A 45 3.87 8.80 20.78
CA LYS A 45 5.30 8.92 20.46
C LYS A 45 5.49 8.46 19.01
N LEU A 46 6.25 9.23 18.25
CA LEU A 46 6.42 9.15 16.79
C LEU A 46 7.88 8.88 16.44
N ILE A 47 8.19 7.84 15.69
CA ILE A 47 9.56 7.35 15.44
C ILE A 47 9.80 7.08 13.96
N TYR A 48 10.88 7.66 13.40
CA TYR A 48 11.37 7.38 12.05
C TYR A 48 12.88 7.14 12.06
N ALA A 49 13.40 6.23 11.22
CA ALA A 49 14.84 5.96 11.08
C ALA A 49 15.58 5.70 12.42
N GLY A 50 14.88 5.14 13.41
CA GLY A 50 15.35 4.87 14.78
C GLY A 50 15.50 6.10 15.68
N LYS A 51 14.86 7.23 15.32
CA LYS A 51 14.90 8.53 16.03
C LYS A 51 13.48 9.03 16.30
N ILE A 52 13.16 9.37 17.56
CA ILE A 52 11.87 9.97 17.93
C ILE A 52 11.76 11.38 17.35
N LEU A 53 10.69 11.62 16.60
CA LEU A 53 10.35 12.90 15.95
C LEU A 53 9.99 13.97 16.99
N ASN A 54 10.62 15.15 16.90
CA ASN A 54 10.37 16.27 17.82
C ASN A 54 9.02 16.95 17.54
N ASP A 55 8.14 17.04 18.55
CA ASP A 55 6.78 17.60 18.46
C ASP A 55 6.71 18.96 17.72
N ASP A 56 7.59 19.89 18.08
CA ASP A 56 7.63 21.26 17.53
C ASP A 56 8.34 21.37 16.15
N THR A 57 9.11 20.36 15.74
CA THR A 57 9.82 20.34 14.45
C THR A 57 8.87 19.94 13.31
N ALA A 58 9.05 20.53 12.13
CA ALA A 58 8.20 20.27 10.97
C ALA A 58 8.50 18.94 10.26
N LEU A 59 7.50 18.34 9.60
CA LEU A 59 7.63 17.03 8.94
C LEU A 59 8.65 17.03 7.79
N LYS A 60 8.76 18.15 7.06
CA LYS A 60 9.78 18.38 6.02
C LYS A 60 11.23 18.18 6.49
N GLU A 61 11.53 18.38 7.78
CA GLU A 61 12.86 18.22 8.37
C GLU A 61 13.30 16.75 8.49
N TYR A 62 12.35 15.81 8.40
CA TYR A 62 12.56 14.35 8.51
C TYR A 62 12.40 13.62 7.18
N LYS A 63 12.05 14.37 6.12
CA LYS A 63 11.91 13.93 4.71
C LYS A 63 11.07 12.66 4.51
N ILE A 64 10.05 12.47 5.37
CA ILE A 64 9.09 11.35 5.31
C ILE A 64 8.36 11.36 3.96
N ASP A 65 8.07 10.18 3.42
CA ASP A 65 7.38 9.99 2.13
C ASP A 65 6.11 9.14 2.30
N GLU A 66 5.18 9.25 1.34
CA GLU A 66 3.89 8.56 1.37
C GLU A 66 3.99 7.04 1.12
N LYS A 67 5.01 6.59 0.37
CA LYS A 67 5.28 5.17 0.06
C LYS A 67 6.01 4.44 1.18
N ASN A 68 6.91 5.13 1.86
CA ASN A 68 7.57 4.70 3.10
C ASN A 68 6.57 4.66 4.28
N PHE A 69 6.99 4.13 5.44
CA PHE A 69 6.19 4.20 6.68
C PHE A 69 6.99 4.71 7.89
N VAL A 70 6.27 5.36 8.80
CA VAL A 70 6.69 5.79 10.14
C VAL A 70 6.15 4.81 11.18
N VAL A 71 6.69 4.83 12.40
CA VAL A 71 6.15 4.06 13.54
C VAL A 71 5.48 4.99 14.55
N VAL A 72 4.28 4.62 14.98
CA VAL A 72 3.51 5.27 16.05
C VAL A 72 3.33 4.31 17.23
N MET A 73 3.44 4.85 18.44
CA MET A 73 3.10 4.15 19.69
C MET A 73 2.36 5.07 20.65
N VAL A 74 1.60 4.47 21.58
CA VAL A 74 0.83 5.18 22.61
C VAL A 74 1.21 4.66 23.99
N THR A 75 2.04 5.42 24.72
CA THR A 75 2.62 5.00 26.00
C THR A 75 1.61 5.06 27.16
N LYS A 76 1.75 4.15 28.12
CA LYS A 76 0.83 3.87 29.25
C LYS A 76 -0.68 4.05 28.90
N PRO A 77 -1.27 3.13 28.12
CA PRO A 77 -2.71 3.11 27.81
C PRO A 77 -3.64 3.05 29.03
N LYS A 78 -4.95 3.16 28.77
CA LYS A 78 -6.03 2.93 29.76
C LYS A 78 -6.19 1.45 30.18
N ALA A 79 -5.38 0.57 29.60
CA ALA A 79 -5.33 -0.88 29.82
C ALA A 79 -3.88 -1.42 29.82
N VAL A 80 -3.72 -2.72 30.08
CA VAL A 80 -2.50 -3.57 30.10
C VAL A 80 -1.31 -3.11 30.98
N SER A 81 -1.35 -1.92 31.56
CA SER A 81 -0.42 -1.42 32.57
C SER A 81 -0.52 -2.17 33.92
N THR A 82 0.46 -1.95 34.81
CA THR A 82 0.48 -2.48 36.19
C THR A 82 -0.58 -1.80 37.09
N PRO A 83 -0.93 -2.41 38.25
CA PRO A 83 -1.83 -1.80 39.25
C PRO A 83 -1.38 -0.41 39.76
N ALA A 84 -2.31 0.29 40.40
CA ALA A 84 -2.13 1.60 41.04
C ALA A 84 -2.70 1.63 42.48
N PRO A 85 -2.33 2.61 43.33
CA PRO A 85 -2.84 2.73 44.70
C PRO A 85 -4.38 2.76 44.79
N ALA A 86 -4.95 2.04 45.77
CA ALA A 86 -6.38 2.09 46.09
C ALA A 86 -6.82 3.51 46.49
N THR A 87 -6.04 4.16 47.36
CA THR A 87 -6.15 5.60 47.69
C THR A 87 -5.26 6.35 46.69
N LEU A 88 -5.83 6.69 45.53
CA LEU A 88 -5.11 7.22 44.35
C LEU A 88 -4.39 8.56 44.59
N GLU A 89 -4.67 9.27 45.68
CA GLU A 89 -3.96 10.48 46.13
C GLU A 89 -2.42 10.28 46.26
N HIS A 90 -1.96 9.05 46.48
CA HIS A 90 -0.53 8.68 46.51
C HIS A 90 0.18 8.70 45.13
N HIS A 91 -0.56 8.78 44.01
CA HIS A 91 -0.01 8.79 42.66
C HIS A 91 0.85 10.05 42.36
N HIS A 92 1.73 9.95 41.36
CA HIS A 92 2.53 11.06 40.85
C HIS A 92 1.69 12.17 40.17
N HIS A 93 2.27 13.36 40.01
CA HIS A 93 1.62 14.55 39.44
C HIS A 93 1.45 14.52 37.90
N HIS A 94 1.94 13.49 37.22
CA HIS A 94 1.89 13.33 35.75
C HIS A 94 1.28 11.97 35.35
N HIS A 95 0.73 11.90 34.14
CA HIS A 95 0.25 10.68 33.47
C HIS A 95 1.37 9.66 33.22
N GLY B 1 21.53 -32.64 23.76
CA GLY B 1 22.60 -32.01 22.94
C GLY B 1 23.40 -30.99 23.74
N SER B 2 24.47 -30.45 23.14
CA SER B 2 25.44 -29.55 23.78
C SER B 2 24.88 -28.20 24.23
N HIS B 3 23.75 -27.75 23.68
CA HIS B 3 23.02 -26.55 24.09
C HIS B 3 22.32 -26.76 25.46
N MET B 4 23.05 -26.49 26.54
CA MET B 4 22.62 -26.64 27.94
C MET B 4 21.32 -25.86 28.24
N THR B 5 20.22 -26.57 28.48
CA THR B 5 18.87 -26.00 28.65
C THR B 5 18.73 -25.07 29.86
N ILE B 6 19.43 -25.35 30.97
CA ILE B 6 19.46 -24.50 32.17
C ILE B 6 20.33 -23.22 32.00
N SER B 7 21.18 -23.18 30.97
CA SER B 7 21.92 -21.99 30.53
C SER B 7 21.05 -21.07 29.63
N GLN B 8 21.67 -20.12 28.93
CA GLN B 8 21.04 -19.19 27.98
C GLN B 8 20.53 -19.90 26.70
N GLN B 9 19.46 -20.69 26.84
CA GLN B 9 18.79 -21.41 25.75
C GLN B 9 18.13 -20.49 24.69
N GLU B 10 18.00 -19.19 24.98
CA GLU B 10 17.24 -18.21 24.17
C GLU B 10 17.96 -17.77 22.88
N PHE B 11 19.24 -18.11 22.69
CA PHE B 11 20.02 -17.84 21.47
C PHE B 11 19.34 -18.43 20.23
N GLY B 12 18.80 -17.56 19.38
CA GLY B 12 18.02 -17.89 18.17
C GLY B 12 16.71 -17.10 18.01
N ARG B 13 16.26 -16.40 19.06
CA ARG B 13 15.11 -15.47 19.05
C ARG B 13 15.40 -14.17 19.82
N THR B 14 14.54 -13.16 19.64
CA THR B 14 14.62 -11.85 20.31
C THR B 14 14.09 -11.87 21.75
N GLY B 15 12.93 -12.52 21.98
CA GLY B 15 12.29 -12.68 23.29
C GLY B 15 11.46 -11.49 23.78
N LEU B 16 11.31 -10.42 23.00
CA LEU B 16 10.52 -9.22 23.32
C LEU B 16 9.02 -9.57 23.41
N PRO B 17 8.34 -9.31 24.55
CA PRO B 17 6.87 -9.46 24.69
C PRO B 17 6.04 -8.62 23.71
N ASP B 18 4.72 -8.87 23.68
CA ASP B 18 3.76 -8.00 22.99
C ASP B 18 3.41 -6.80 23.91
N LEU B 19 4.47 -6.09 24.33
CA LEU B 19 4.55 -4.96 25.28
C LEU B 19 4.26 -5.29 26.75
N SER B 20 3.72 -6.47 27.07
CA SER B 20 3.21 -6.84 28.40
C SER B 20 4.21 -6.69 29.55
N SER B 21 5.36 -7.37 29.45
CA SER B 21 6.34 -7.50 30.55
C SER B 21 7.56 -6.56 30.45
N MET B 22 7.73 -5.85 29.33
CA MET B 22 8.89 -4.97 29.08
C MET B 22 8.75 -3.56 29.72
N THR B 23 9.82 -2.76 29.68
CA THR B 23 9.82 -1.33 30.06
C THR B 23 9.51 -0.42 28.86
N GLU B 24 9.15 0.85 29.10
CA GLU B 24 8.86 1.82 28.03
C GLU B 24 10.06 2.04 27.08
N GLU B 25 11.29 2.01 27.60
CA GLU B 25 12.53 2.10 26.80
C GLU B 25 12.67 0.93 25.80
N GLU B 26 12.25 -0.28 26.18
CA GLU B 26 12.22 -1.44 25.28
C GLU B 26 11.09 -1.34 24.24
N GLN B 27 9.91 -0.81 24.62
CA GLN B 27 8.81 -0.55 23.67
C GLN B 27 9.26 0.44 22.58
N ILE B 28 9.93 1.52 23.00
CA ILE B 28 10.59 2.50 22.14
C ILE B 28 11.64 1.85 21.23
N ALA B 29 12.59 1.07 21.78
CA ALA B 29 13.63 0.41 20.97
C ALA B 29 13.06 -0.57 19.92
N TYR B 30 11.94 -1.25 20.22
CA TYR B 30 11.18 -2.05 19.26
C TYR B 30 10.66 -1.19 18.10
N ALA B 31 10.02 -0.04 18.39
CA ALA B 31 9.63 0.95 17.39
C ALA B 31 10.81 1.46 16.55
N MET B 32 11.95 1.79 17.17
CA MET B 32 13.17 2.22 16.48
C MET B 32 13.62 1.20 15.43
N GLN B 33 13.76 -0.08 15.79
CA GLN B 33 14.12 -1.15 14.86
C GLN B 33 13.12 -1.29 13.70
N MET B 34 11.81 -1.23 13.96
CA MET B 34 10.80 -1.28 12.89
C MET B 34 10.91 -0.08 11.94
N SER B 35 11.06 1.14 12.48
CA SER B 35 11.16 2.37 11.69
C SER B 35 12.41 2.44 10.79
N LEU B 36 13.50 1.76 11.14
CA LEU B 36 14.69 1.60 10.27
C LEU B 36 14.34 0.86 8.97
N GLN B 37 13.44 -0.12 9.03
CA GLN B 37 12.91 -0.84 7.86
C GLN B 37 11.91 0.02 7.06
N GLY B 38 11.12 0.87 7.72
CA GLY B 38 10.28 1.88 7.06
C GLY B 38 11.07 3.00 6.39
N ALA B 39 12.29 3.27 6.87
CA ALA B 39 13.21 4.31 6.40
C ALA B 39 14.01 3.91 5.15
N GLU B 40 15.15 3.21 5.32
CA GLU B 40 16.13 2.96 4.24
C GLU B 40 16.74 1.55 4.19
N PHE B 41 16.47 0.68 5.17
CA PHE B 41 16.98 -0.71 5.15
C PHE B 41 16.33 -1.52 4.00
N GLY B 42 17.03 -2.55 3.53
CA GLY B 42 16.59 -3.43 2.43
C GLY B 42 16.67 -2.84 1.02
N GLN B 43 17.20 -1.61 0.86
CA GLN B 43 17.40 -0.92 -0.43
C GLN B 43 18.42 -1.68 -1.32
N ALA B 44 17.93 -2.36 -2.35
CA ALA B 44 18.74 -3.12 -3.32
C ALA B 44 19.58 -2.22 -4.25
N GLU B 45 20.53 -2.82 -4.97
CA GLU B 45 21.43 -2.14 -5.92
C GLU B 45 20.69 -1.43 -7.07
N SER B 46 19.50 -1.93 -7.44
CA SER B 46 18.58 -1.30 -8.41
C SER B 46 18.04 0.06 -7.97
N ALA B 47 18.22 0.44 -6.70
CA ALA B 47 17.77 1.69 -6.08
C ALA B 47 18.92 2.51 -5.43
N ASP B 48 20.18 2.09 -5.61
CA ASP B 48 21.39 2.81 -5.16
C ASP B 48 21.55 4.23 -5.74
N MET A 1 0.51 30.16 -0.02
CA MET A 1 1.91 29.79 0.27
C MET A 1 1.93 28.40 0.88
N GLN A 2 2.54 27.46 0.17
CA GLN A 2 2.49 26.03 0.51
C GLN A 2 3.67 25.64 1.42
N VAL A 3 3.51 25.96 2.71
CA VAL A 3 4.44 25.58 3.79
C VAL A 3 4.52 24.06 3.90
N THR A 4 5.73 23.49 4.00
CA THR A 4 5.91 22.06 4.33
C THR A 4 5.76 21.86 5.85
N LEU A 5 5.04 20.83 6.26
CA LEU A 5 4.78 20.47 7.66
C LEU A 5 5.50 19.16 8.02
N LYS A 6 5.88 19.04 9.29
CA LYS A 6 6.47 17.83 9.91
C LYS A 6 5.91 17.60 11.31
N THR A 7 5.63 16.34 11.66
CA THR A 7 5.02 15.92 12.93
C THR A 7 6.05 15.34 13.91
N LEU A 8 5.66 15.17 15.18
CA LEU A 8 6.49 14.47 16.19
C LEU A 8 6.55 12.95 15.98
N GLN A 9 5.67 12.41 15.14
CA GLN A 9 5.71 11.03 14.64
C GLN A 9 6.64 10.91 13.40
N GLN A 10 7.35 11.99 13.05
CA GLN A 10 8.28 12.14 11.91
C GLN A 10 7.61 11.93 10.54
N GLN A 11 6.31 12.22 10.45
CA GLN A 11 5.56 12.25 9.19
C GLN A 11 5.61 13.67 8.59
N THR A 12 5.45 13.81 7.28
CA THR A 12 5.50 15.10 6.57
C THR A 12 4.38 15.24 5.53
N PHE A 13 3.90 16.48 5.37
CA PHE A 13 2.89 16.91 4.39
C PHE A 13 3.12 18.38 4.00
N LYS A 14 2.19 19.03 3.29
CA LYS A 14 2.19 20.48 3.05
C LYS A 14 0.81 21.11 3.28
N ILE A 15 0.78 22.38 3.69
CA ILE A 15 -0.41 23.20 3.95
C ILE A 15 -0.29 24.50 3.16
N ASP A 16 -1.21 24.69 2.20
CA ASP A 16 -1.38 25.97 1.51
C ASP A 16 -2.07 26.99 2.43
N ILE A 17 -1.31 27.91 3.02
CA ILE A 17 -1.77 28.98 3.92
C ILE A 17 -1.48 30.37 3.34
N ASP A 18 -2.34 31.34 3.63
CA ASP A 18 -2.16 32.75 3.24
C ASP A 18 -1.08 33.44 4.12
N PRO A 19 0.08 33.87 3.58
CA PRO A 19 1.18 34.42 4.39
C PRO A 19 0.88 35.80 4.98
N GLU A 20 -0.08 36.54 4.42
CA GLU A 20 -0.58 37.81 4.96
C GLU A 20 -1.47 37.62 6.21
N GLU A 21 -2.00 36.42 6.42
CA GLU A 21 -2.72 36.03 7.65
C GLU A 21 -1.74 35.61 8.76
N THR A 22 -2.29 35.27 9.94
CA THR A 22 -1.51 34.98 11.14
C THR A 22 -1.19 33.50 11.35
N VAL A 23 -0.37 33.21 12.36
CA VAL A 23 -0.09 31.84 12.82
C VAL A 23 -1.36 31.11 13.28
N LYS A 24 -2.35 31.82 13.84
CA LYS A 24 -3.68 31.26 14.13
C LYS A 24 -4.38 30.76 12.86
N ALA A 25 -4.26 31.47 11.73
CA ALA A 25 -4.78 31.02 10.44
C ALA A 25 -4.06 29.76 9.91
N LEU A 26 -2.75 29.60 10.15
CA LEU A 26 -2.01 28.36 9.89
C LEU A 26 -2.64 27.18 10.66
N LYS A 27 -2.76 27.32 11.99
CA LYS A 27 -3.50 26.37 12.85
C LYS A 27 -4.91 26.04 12.33
N GLU A 28 -5.67 27.05 11.89
CA GLU A 28 -6.96 26.92 11.20
C GLU A 28 -6.89 25.97 10.01
N LYS A 29 -5.95 26.17 9.07
CA LYS A 29 -5.82 25.34 7.86
C LYS A 29 -5.36 23.92 8.16
N ILE A 30 -4.49 23.74 9.16
CA ILE A 30 -4.11 22.42 9.70
C ILE A 30 -5.34 21.72 10.32
N GLU A 31 -6.11 22.38 11.17
CA GLU A 31 -7.33 21.83 11.77
C GLU A 31 -8.35 21.42 10.69
N SER A 32 -8.51 22.27 9.66
CA SER A 32 -9.34 22.00 8.48
C SER A 32 -8.89 20.74 7.72
N GLU A 33 -7.60 20.63 7.39
CA GLU A 33 -7.05 19.50 6.63
C GLU A 33 -7.02 18.19 7.42
N LYS A 34 -6.37 18.19 8.60
CA LYS A 34 -6.08 16.98 9.40
C LYS A 34 -7.23 16.56 10.33
N GLY A 35 -8.17 17.47 10.58
CA GLY A 35 -9.34 17.30 11.44
C GLY A 35 -9.08 17.67 12.90
N LYS A 36 -10.03 18.39 13.52
CA LYS A 36 -10.06 18.80 14.93
C LYS A 36 -10.02 17.63 15.94
N ASP A 37 -10.38 16.42 15.50
CA ASP A 37 -10.21 15.18 16.28
C ASP A 37 -8.73 14.85 16.56
N ALA A 38 -7.83 15.27 15.66
CA ALA A 38 -6.40 14.96 15.66
C ALA A 38 -5.51 16.19 15.94
N PHE A 39 -5.85 17.34 15.36
CA PHE A 39 -5.11 18.60 15.45
C PHE A 39 -6.06 19.82 15.66
N PRO A 40 -6.70 19.96 16.84
CA PRO A 40 -7.52 21.15 17.14
C PRO A 40 -6.64 22.39 17.33
N VAL A 41 -7.09 23.59 16.93
CA VAL A 41 -6.36 24.87 17.07
C VAL A 41 -5.88 25.11 18.50
N ALA A 42 -6.77 24.85 19.47
CA ALA A 42 -6.50 25.02 20.91
C ALA A 42 -5.42 24.06 21.47
N GLY A 43 -5.19 22.90 20.83
CA GLY A 43 -4.19 21.91 21.22
C GLY A 43 -2.89 21.96 20.41
N GLN A 44 -2.94 22.45 19.17
CA GLN A 44 -1.78 22.63 18.30
C GLN A 44 -0.77 23.67 18.82
N LYS A 45 0.52 23.34 18.76
CA LYS A 45 1.68 24.23 18.97
C LYS A 45 2.50 24.21 17.67
N LEU A 46 2.97 25.38 17.25
CA LEU A 46 3.62 25.64 15.97
C LEU A 46 5.04 26.16 16.20
N ILE A 47 6.06 25.48 15.67
CA ILE A 47 7.47 25.71 15.98
C ILE A 47 8.29 25.85 14.68
N TYR A 48 9.08 26.93 14.59
CA TYR A 48 10.04 27.19 13.51
C TYR A 48 11.38 27.68 14.07
N ALA A 49 12.50 27.30 13.46
CA ALA A 49 13.86 27.71 13.86
C ALA A 49 14.17 27.54 15.37
N GLY A 50 13.59 26.52 16.01
CA GLY A 50 13.67 26.21 17.44
C GLY A 50 12.79 27.06 18.38
N LYS A 51 11.87 27.88 17.85
CA LYS A 51 11.02 28.82 18.60
C LYS A 51 9.53 28.65 18.27
N ILE A 52 8.67 28.70 19.28
CA ILE A 52 7.22 28.61 19.13
C ILE A 52 6.64 29.93 18.58
N LEU A 53 5.88 29.82 17.50
CA LEU A 53 5.23 30.93 16.78
C LEU A 53 4.08 31.53 17.59
N ASN A 54 4.03 32.87 17.71
CA ASN A 54 2.94 33.60 18.36
C ASN A 54 1.66 33.60 17.51
N ASP A 55 0.55 33.05 18.02
CA ASP A 55 -0.70 32.88 17.27
C ASP A 55 -1.24 34.18 16.62
N ASP A 56 -1.11 35.33 17.29
CA ASP A 56 -1.57 36.64 16.80
C ASP A 56 -0.61 37.33 15.81
N THR A 57 0.66 36.89 15.73
CA THR A 57 1.68 37.46 14.83
C THR A 57 1.58 36.84 13.43
N ALA A 58 1.92 37.61 12.39
CA ALA A 58 1.83 37.16 10.99
C ALA A 58 2.97 36.24 10.56
N LEU A 59 2.75 35.41 9.53
CA LEU A 59 3.72 34.42 9.04
C LEU A 59 4.98 35.06 8.43
N LYS A 60 4.84 36.23 7.79
CA LYS A 60 5.95 37.02 7.24
C LYS A 60 6.97 37.49 8.29
N GLU A 61 6.55 37.66 9.55
CA GLU A 61 7.41 38.07 10.66
C GLU A 61 8.44 36.98 11.06
N TYR A 62 8.23 35.74 10.61
CA TYR A 62 9.08 34.57 10.83
C TYR A 62 9.82 34.12 9.55
N LYS A 63 9.58 34.82 8.44
CA LYS A 63 10.19 34.62 7.11
C LYS A 63 10.16 33.17 6.60
N ILE A 64 9.11 32.42 6.96
CA ILE A 64 8.90 31.02 6.54
C ILE A 64 8.84 30.92 5.01
N ASP A 65 9.45 29.88 4.44
CA ASP A 65 9.47 29.61 3.01
C ASP A 65 8.77 28.27 2.68
N GLU A 66 8.34 28.10 1.43
CA GLU A 66 7.67 26.89 0.95
C GLU A 66 8.61 25.65 0.93
N LYS A 67 9.90 25.87 0.62
CA LYS A 67 10.93 24.82 0.55
C LYS A 67 11.40 24.34 1.93
N ASN A 68 11.44 25.24 2.91
CA ASN A 68 11.71 24.90 4.32
C ASN A 68 10.48 24.19 4.94
N PHE A 69 10.67 23.56 6.11
CA PHE A 69 9.59 22.92 6.86
C PHE A 69 9.33 23.61 8.22
N VAL A 70 8.07 23.56 8.66
CA VAL A 70 7.60 23.94 10.00
C VAL A 70 7.36 22.65 10.81
N VAL A 71 7.42 22.74 12.13
CA VAL A 71 7.08 21.63 13.03
C VAL A 71 5.75 21.90 13.71
N VAL A 72 4.79 20.99 13.50
CA VAL A 72 3.50 20.96 14.19
C VAL A 72 3.50 19.86 15.25
N MET A 73 3.02 20.19 16.44
CA MET A 73 2.74 19.24 17.51
C MET A 73 1.36 19.53 18.12
N VAL A 74 0.84 18.56 18.87
CA VAL A 74 -0.46 18.67 19.55
C VAL A 74 -0.32 18.17 20.99
N THR A 75 -0.52 19.05 21.97
CA THR A 75 -0.41 18.71 23.41
C THR A 75 -1.60 17.87 23.91
N LYS A 76 -1.47 17.27 25.10
CA LYS A 76 -2.49 16.38 25.70
C LYS A 76 -3.78 17.15 26.10
N PRO A 77 -4.94 16.46 26.20
CA PRO A 77 -6.21 17.07 26.64
C PRO A 77 -6.18 17.75 28.02
N LYS A 78 -7.23 18.56 28.27
CA LYS A 78 -7.53 19.18 29.58
C LYS A 78 -8.19 18.24 30.60
N ALA A 79 -8.64 17.09 30.12
CA ALA A 79 -9.21 15.98 30.89
C ALA A 79 -8.12 15.11 31.58
N VAL A 80 -8.54 14.10 32.35
CA VAL A 80 -7.66 13.09 32.97
C VAL A 80 -7.07 12.17 31.87
N SER A 81 -5.89 12.54 31.36
CA SER A 81 -5.19 11.86 30.26
C SER A 81 -4.06 10.91 30.73
N THR A 82 -3.85 10.79 32.04
CA THR A 82 -2.95 9.82 32.69
C THR A 82 -3.57 8.41 32.76
N PRO A 83 -2.76 7.34 32.94
CA PRO A 83 -3.26 5.98 33.17
C PRO A 83 -3.86 5.80 34.58
N ALA A 84 -4.44 4.62 34.84
CA ALA A 84 -4.98 4.25 36.16
C ALA A 84 -3.89 4.22 37.26
N PRO A 85 -4.28 4.35 38.56
CA PRO A 85 -3.36 4.24 39.70
C PRO A 85 -2.56 2.92 39.75
N ALA A 86 -1.46 2.93 40.51
CA ALA A 86 -0.58 1.77 40.74
C ALA A 86 -1.17 0.70 41.68
N THR A 87 -2.41 0.87 42.17
CA THR A 87 -3.07 0.00 43.17
C THR A 87 -3.16 -1.48 42.78
N LEU A 88 -3.22 -1.78 41.48
CA LEU A 88 -3.25 -3.15 40.93
C LEU A 88 -1.98 -3.97 41.19
N GLU A 89 -0.86 -3.34 41.59
CA GLU A 89 0.42 -4.01 41.87
C GLU A 89 0.36 -4.89 43.14
N HIS A 90 -0.56 -4.60 44.07
CA HIS A 90 -0.83 -5.36 45.30
C HIS A 90 -1.61 -6.67 45.03
N HIS A 91 -1.23 -7.41 43.98
CA HIS A 91 -1.95 -8.57 43.40
C HIS A 91 -2.53 -9.56 44.42
N HIS A 92 -1.77 -9.94 45.45
CA HIS A 92 -2.19 -10.85 46.53
C HIS A 92 -3.43 -10.38 47.31
N HIS A 93 -3.67 -9.07 47.38
CA HIS A 93 -4.84 -8.43 48.01
C HIS A 93 -5.86 -7.91 46.96
N HIS A 94 -5.39 -7.46 45.80
CA HIS A 94 -6.20 -6.87 44.73
C HIS A 94 -7.06 -7.90 43.97
N HIS A 95 -6.56 -9.12 43.76
CA HIS A 95 -7.28 -10.24 43.13
C HIS A 95 -8.49 -10.71 43.97
N GLY B 1 33.30 -12.36 38.15
CA GLY B 1 32.16 -13.25 37.87
C GLY B 1 32.48 -14.20 36.72
N SER B 2 31.99 -15.44 36.78
CA SER B 2 32.24 -16.49 35.76
C SER B 2 31.39 -16.35 34.49
N HIS B 3 30.33 -15.55 34.50
CA HIS B 3 29.47 -15.26 33.33
C HIS B 3 30.21 -14.48 32.23
N MET B 4 29.71 -14.54 31.00
CA MET B 4 30.33 -13.90 29.81
C MET B 4 30.36 -12.36 29.84
N THR B 5 29.50 -11.73 30.65
CA THR B 5 29.47 -10.28 30.92
C THR B 5 28.91 -9.99 32.31
N ILE B 6 29.08 -8.74 32.78
CA ILE B 6 28.47 -8.19 34.00
C ILE B 6 27.50 -7.02 33.72
N SER B 7 27.37 -6.60 32.45
CA SER B 7 26.45 -5.54 32.03
C SER B 7 24.99 -5.98 32.09
N GLN B 8 24.10 -5.06 32.49
CA GLN B 8 22.64 -5.22 32.41
C GLN B 8 22.10 -5.03 30.98
N GLN B 9 22.88 -4.41 30.08
CA GLN B 9 22.55 -3.98 28.72
C GLN B 9 21.09 -3.50 28.56
N GLU B 10 20.79 -2.33 29.13
CA GLU B 10 19.46 -1.71 29.10
C GLU B 10 19.05 -1.20 27.70
N PHE B 11 20.00 -1.10 26.76
CA PHE B 11 19.89 -0.71 25.35
C PHE B 11 18.88 0.42 25.04
N GLY B 12 17.61 0.09 24.80
CA GLY B 12 16.55 1.03 24.42
C GLY B 12 15.68 1.57 25.58
N ARG B 13 15.77 0.99 26.79
CA ARG B 13 14.94 1.36 27.95
C ARG B 13 15.13 2.83 28.38
N THR B 14 16.37 3.31 28.29
CA THR B 14 16.83 4.65 28.70
C THR B 14 16.88 5.67 27.55
N GLY B 15 16.59 5.25 26.31
CA GLY B 15 16.59 6.11 25.12
C GLY B 15 15.33 6.99 24.97
N LEU B 16 15.37 7.91 24.01
CA LEU B 16 14.25 8.80 23.65
C LEU B 16 13.04 7.99 23.11
N PRO B 17 11.85 8.09 23.72
CA PRO B 17 10.68 7.29 23.34
C PRO B 17 9.99 7.80 22.07
N ASP B 18 9.04 7.02 21.56
CA ASP B 18 8.08 7.37 20.51
C ASP B 18 6.90 8.20 21.06
N LEU B 19 7.21 9.08 22.01
CA LEU B 19 6.35 9.96 22.81
C LEU B 19 5.49 9.26 23.88
N SER B 20 5.58 7.93 24.02
CA SER B 20 4.79 7.15 24.99
C SER B 20 5.03 7.57 26.46
N SER B 21 6.29 7.62 26.90
CA SER B 21 6.72 8.00 28.27
C SER B 21 7.22 9.46 28.40
N MET B 22 7.23 10.22 27.30
CA MET B 22 7.73 11.61 27.23
C MET B 22 6.86 12.60 28.04
N THR B 23 7.48 13.62 28.64
CA THR B 23 6.78 14.75 29.26
C THR B 23 6.48 15.84 28.22
N GLU B 24 5.55 16.76 28.52
CA GLU B 24 5.13 17.81 27.58
C GLU B 24 6.29 18.76 27.20
N GLU B 25 7.09 19.19 28.19
CA GLU B 25 8.27 20.03 27.94
C GLU B 25 9.35 19.30 27.11
N GLU B 26 9.52 17.99 27.26
CA GLU B 26 10.42 17.20 26.42
C GLU B 26 9.88 17.03 24.99
N GLN B 27 8.56 16.87 24.79
CA GLN B 27 7.94 16.91 23.46
C GLN B 27 8.18 18.28 22.78
N ILE B 28 8.00 19.38 23.51
CA ILE B 28 8.28 20.75 23.07
C ILE B 28 9.75 20.91 22.66
N ALA B 29 10.71 20.58 23.54
CA ALA B 29 12.13 20.72 23.24
C ALA B 29 12.59 19.83 22.06
N TYR B 30 12.01 18.63 21.88
CA TYR B 30 12.20 17.81 20.69
C TYR B 30 11.71 18.53 19.42
N ALA B 31 10.51 19.13 19.45
CA ALA B 31 9.99 19.96 18.35
C ALA B 31 10.90 21.17 18.01
N MET B 32 11.44 21.87 19.02
CA MET B 32 12.43 22.93 18.86
C MET B 32 13.66 22.40 18.12
N GLN B 33 14.35 21.39 18.67
CA GLN B 33 15.50 20.73 18.04
C GLN B 33 15.21 20.29 16.60
N MET B 34 14.04 19.71 16.32
CA MET B 34 13.62 19.26 14.99
C MET B 34 13.66 20.40 13.94
N SER B 35 12.94 21.50 14.17
CA SER B 35 12.98 22.67 13.27
C SER B 35 14.35 23.36 13.23
N LEU B 36 15.04 23.43 14.37
CA LEU B 36 16.38 24.00 14.54
C LEU B 36 17.46 23.23 13.74
N GLN B 37 17.36 21.91 13.65
CA GLN B 37 18.26 21.06 12.85
C GLN B 37 18.20 21.41 11.35
N GLY B 38 17.03 21.83 10.85
CA GLY B 38 16.84 22.38 9.50
C GLY B 38 17.59 23.70 9.23
N ALA B 39 18.04 24.40 10.29
CA ALA B 39 18.88 25.60 10.23
C ALA B 39 20.41 25.31 10.32
N GLU B 40 20.80 24.03 10.34
CA GLU B 40 22.17 23.45 10.23
C GLU B 40 22.76 23.03 11.61
N PHE B 41 21.99 23.20 12.69
CA PHE B 41 22.30 22.68 14.03
C PHE B 41 22.20 21.14 14.11
N GLY B 42 22.46 20.56 15.29
CA GLY B 42 22.31 19.12 15.57
C GLY B 42 22.01 18.80 17.03
N GLN B 43 21.74 17.52 17.29
CA GLN B 43 21.53 16.93 18.62
C GLN B 43 22.87 16.76 19.37
N ALA B 44 22.83 16.48 20.68
CA ALA B 44 24.03 16.30 21.50
C ALA B 44 24.95 15.15 21.02
N GLU B 45 24.40 14.15 20.32
CA GLU B 45 25.14 13.03 19.71
C GLU B 45 25.82 13.38 18.36
N SER B 46 25.50 14.53 17.73
CA SER B 46 25.92 14.87 16.36
C SER B 46 26.48 16.29 16.17
N ALA B 47 26.20 17.23 17.09
CA ALA B 47 26.73 18.60 17.08
C ALA B 47 28.25 18.68 17.37
N ASP B 48 28.83 19.87 17.17
CA ASP B 48 30.23 20.24 17.45
C ASP B 48 30.35 21.67 18.02
N MET A 1 -9.74 8.22 5.90
CA MET A 1 -8.30 8.25 5.54
C MET A 1 -8.15 8.41 4.03
N GLN A 2 -7.34 9.37 3.57
CA GLN A 2 -7.00 9.55 2.15
C GLN A 2 -5.63 8.90 1.85
N VAL A 3 -5.63 7.60 1.54
CA VAL A 3 -4.42 6.88 1.10
C VAL A 3 -4.03 7.28 -0.31
N THR A 4 -2.72 7.25 -0.59
CA THR A 4 -2.20 7.35 -1.96
C THR A 4 -2.18 5.96 -2.58
N LEU A 5 -2.63 5.83 -3.82
CA LEU A 5 -2.67 4.59 -4.60
C LEU A 5 -1.65 4.66 -5.74
N LYS A 6 -1.20 3.49 -6.20
CA LYS A 6 -0.39 3.28 -7.41
C LYS A 6 -0.86 2.04 -8.18
N THR A 7 -1.17 2.22 -9.47
CA THR A 7 -1.46 1.11 -10.40
C THR A 7 -0.19 0.48 -10.96
N LEU A 8 -0.29 -0.73 -11.53
CA LEU A 8 0.82 -1.36 -12.27
C LEU A 8 1.18 -0.60 -13.56
N GLN A 9 0.21 0.10 -14.16
CA GLN A 9 0.39 1.05 -15.27
C GLN A 9 1.06 2.38 -14.83
N GLN A 10 1.55 2.47 -13.59
CA GLN A 10 2.31 3.57 -13.00
C GLN A 10 1.47 4.84 -12.73
N GLN A 11 0.15 4.70 -12.60
CA GLN A 11 -0.76 5.82 -12.32
C GLN A 11 -0.91 6.00 -10.80
N THR A 12 -0.52 7.18 -10.30
CA THR A 12 -0.60 7.53 -8.88
C THR A 12 -1.68 8.56 -8.60
N PHE A 13 -2.64 8.19 -7.76
CA PHE A 13 -3.84 8.94 -7.39
C PHE A 13 -4.11 8.80 -5.87
N LYS A 14 -5.23 9.30 -5.35
CA LYS A 14 -5.65 9.11 -3.95
C LYS A 14 -7.04 8.46 -3.83
N ILE A 15 -7.31 7.82 -2.69
CA ILE A 15 -8.58 7.22 -2.31
C ILE A 15 -8.93 7.60 -0.87
N ASP A 16 -9.99 8.38 -0.72
CA ASP A 16 -10.64 8.69 0.55
C ASP A 16 -11.56 7.53 0.97
N ILE A 17 -11.11 6.70 1.91
CA ILE A 17 -11.76 5.46 2.37
C ILE A 17 -11.94 5.45 3.90
N ASP A 18 -12.93 4.71 4.40
CA ASP A 18 -13.16 4.51 5.83
C ASP A 18 -12.20 3.45 6.43
N PRO A 19 -11.32 3.77 7.41
CA PRO A 19 -10.37 2.82 7.99
C PRO A 19 -11.04 1.71 8.82
N GLU A 20 -12.23 2.00 9.38
CA GLU A 20 -13.05 1.06 10.14
C GLU A 20 -13.76 0.01 9.26
N GLU A 21 -13.89 0.27 7.96
CA GLU A 21 -14.36 -0.72 6.97
C GLU A 21 -13.22 -1.69 6.59
N THR A 22 -13.58 -2.74 5.83
CA THR A 22 -12.63 -3.76 5.37
C THR A 22 -12.06 -3.48 3.98
N VAL A 23 -11.03 -4.22 3.57
CA VAL A 23 -10.29 -4.02 2.31
C VAL A 23 -11.20 -4.10 1.07
N LYS A 24 -12.28 -4.87 1.10
CA LYS A 24 -13.27 -4.88 0.01
C LYS A 24 -13.98 -3.52 -0.20
N ALA A 25 -14.04 -2.66 0.83
CA ALA A 25 -14.48 -1.28 0.70
C ALA A 25 -13.41 -0.35 0.06
N LEU A 26 -12.12 -0.57 0.33
CA LEU A 26 -11.04 0.11 -0.40
C LEU A 26 -11.20 -0.18 -1.91
N LYS A 27 -11.31 -1.46 -2.26
CA LYS A 27 -11.68 -1.91 -3.62
C LYS A 27 -12.95 -1.24 -4.16
N GLU A 28 -14.04 -1.15 -3.38
CA GLU A 28 -15.29 -0.49 -3.84
C GLU A 28 -15.08 0.98 -4.24
N LYS A 29 -14.33 1.74 -3.43
CA LYS A 29 -14.03 3.14 -3.72
C LYS A 29 -13.10 3.30 -4.93
N ILE A 30 -12.13 2.40 -5.12
CA ILE A 30 -11.31 2.32 -6.33
C ILE A 30 -12.17 2.04 -7.57
N GLU A 31 -13.08 1.06 -7.49
CA GLU A 31 -14.02 0.73 -8.58
C GLU A 31 -14.88 1.95 -8.96
N SER A 32 -15.36 2.71 -7.96
CA SER A 32 -16.09 3.97 -8.16
C SER A 32 -15.22 5.06 -8.83
N GLU A 33 -13.99 5.27 -8.34
CA GLU A 33 -13.03 6.28 -8.82
C GLU A 33 -12.58 6.02 -10.27
N LYS A 34 -11.97 4.85 -10.51
CA LYS A 34 -11.31 4.48 -11.78
C LYS A 34 -12.28 3.91 -12.84
N GLY A 35 -13.46 3.52 -12.41
CA GLY A 35 -14.49 2.80 -13.17
C GLY A 35 -14.25 1.27 -13.15
N LYS A 36 -15.34 0.49 -13.10
CA LYS A 36 -15.26 -0.99 -13.03
C LYS A 36 -14.77 -1.65 -14.32
N ASP A 37 -14.74 -0.93 -15.44
CA ASP A 37 -14.08 -1.38 -16.67
C ASP A 37 -12.56 -1.57 -16.45
N ALA A 38 -11.96 -0.64 -15.72
CA ALA A 38 -10.53 -0.62 -15.42
C ALA A 38 -10.20 -1.49 -14.19
N PHE A 39 -10.96 -1.34 -13.09
CA PHE A 39 -10.71 -1.98 -11.79
C PHE A 39 -12.01 -2.49 -11.13
N PRO A 40 -12.60 -3.62 -11.58
CA PRO A 40 -13.76 -4.23 -10.93
C PRO A 40 -13.34 -4.86 -9.59
N VAL A 41 -14.16 -4.77 -8.54
CA VAL A 41 -13.85 -5.33 -7.18
C VAL A 41 -13.42 -6.79 -7.25
N ALA A 42 -14.17 -7.60 -7.99
CA ALA A 42 -13.92 -9.03 -8.17
C ALA A 42 -12.59 -9.37 -8.91
N GLY A 43 -12.02 -8.43 -9.68
CA GLY A 43 -10.75 -8.57 -10.40
C GLY A 43 -9.56 -7.85 -9.74
N GLN A 44 -9.82 -6.87 -8.89
CA GLN A 44 -8.81 -6.13 -8.14
C GLN A 44 -8.07 -6.99 -7.09
N LYS A 45 -6.80 -6.63 -6.83
CA LYS A 45 -5.97 -7.11 -5.71
C LYS A 45 -5.21 -5.91 -5.13
N LEU A 46 -4.98 -5.94 -3.82
CA LEU A 46 -4.47 -4.83 -3.01
C LEU A 46 -3.27 -5.31 -2.19
N ILE A 47 -2.13 -4.62 -2.26
CA ILE A 47 -0.84 -5.07 -1.71
C ILE A 47 -0.16 -3.93 -0.94
N TYR A 48 0.13 -4.16 0.35
CA TYR A 48 0.88 -3.24 1.23
C TYR A 48 2.04 -3.94 1.93
N ALA A 49 3.22 -3.31 1.95
CA ALA A 49 4.48 -3.91 2.43
C ALA A 49 4.80 -5.28 1.76
N GLY A 50 4.30 -5.50 0.53
CA GLY A 50 4.35 -6.75 -0.21
C GLY A 50 3.33 -7.81 0.22
N LYS A 51 2.63 -7.61 1.35
CA LYS A 51 1.55 -8.47 1.86
C LYS A 51 0.23 -8.12 1.18
N ILE A 52 -0.37 -9.07 0.46
CA ILE A 52 -1.70 -8.92 -0.13
C ILE A 52 -2.76 -8.77 0.97
N LEU A 53 -3.45 -7.63 0.96
CA LEU A 53 -4.52 -7.27 1.89
C LEU A 53 -5.74 -8.19 1.69
N ASN A 54 -6.12 -8.91 2.74
CA ASN A 54 -7.28 -9.82 2.72
C ASN A 54 -8.60 -9.04 2.66
N ASP A 55 -9.46 -9.34 1.68
CA ASP A 55 -10.73 -8.65 1.40
C ASP A 55 -11.61 -8.39 2.63
N ASP A 56 -11.81 -9.41 3.47
CA ASP A 56 -12.65 -9.39 4.67
C ASP A 56 -11.93 -8.91 5.95
N THR A 57 -10.62 -8.60 5.88
CA THR A 57 -9.84 -8.05 6.99
C THR A 57 -9.85 -6.51 6.94
N ALA A 58 -9.78 -5.85 8.10
CA ALA A 58 -9.88 -4.39 8.19
C ALA A 58 -8.58 -3.65 7.83
N LEU A 59 -8.68 -2.37 7.43
CA LEU A 59 -7.51 -1.55 7.07
C LEU A 59 -6.57 -1.26 8.25
N LYS A 60 -7.11 -1.20 9.48
CA LYS A 60 -6.36 -1.07 10.74
C LYS A 60 -5.37 -2.21 11.00
N GLU A 61 -5.65 -3.42 10.50
CA GLU A 61 -4.81 -4.62 10.70
C GLU A 61 -3.44 -4.55 10.01
N TYR A 62 -3.27 -3.62 9.06
CA TYR A 62 -2.07 -3.43 8.26
C TYR A 62 -1.38 -2.08 8.52
N LYS A 63 -1.93 -1.27 9.45
CA LYS A 63 -1.46 0.05 9.91
C LYS A 63 -1.07 1.02 8.77
N ILE A 64 -1.84 0.97 7.67
CA ILE A 64 -1.65 1.79 6.46
C ILE A 64 -1.79 3.28 6.81
N ASP A 65 -0.99 4.15 6.18
CA ASP A 65 -0.90 5.59 6.47
C ASP A 65 -1.13 6.47 5.23
N GLU A 66 -1.56 7.72 5.46
CA GLU A 66 -1.92 8.71 4.42
C GLU A 66 -0.72 9.31 3.69
N LYS A 67 0.45 9.43 4.35
CA LYS A 67 1.70 9.95 3.75
C LYS A 67 2.36 8.93 2.81
N ASN A 68 2.21 7.64 3.12
CA ASN A 68 2.69 6.50 2.34
C ASN A 68 1.70 6.15 1.19
N PHE A 69 2.05 5.17 0.35
CA PHE A 69 1.21 4.67 -0.75
C PHE A 69 0.87 3.17 -0.60
N VAL A 70 -0.15 2.72 -1.32
CA VAL A 70 -0.56 1.30 -1.49
C VAL A 70 -0.44 0.92 -2.97
N VAL A 71 -0.33 -0.37 -3.29
CA VAL A 71 -0.33 -0.86 -4.67
C VAL A 71 -1.65 -1.58 -4.96
N VAL A 72 -2.31 -1.17 -6.05
CA VAL A 72 -3.50 -1.81 -6.62
C VAL A 72 -3.17 -2.42 -7.98
N MET A 73 -3.73 -3.59 -8.24
CA MET A 73 -3.68 -4.28 -9.53
C MET A 73 -5.02 -4.91 -9.88
N VAL A 74 -5.14 -5.35 -11.13
CA VAL A 74 -6.29 -6.10 -11.66
C VAL A 74 -5.76 -7.33 -12.42
N THR A 75 -6.26 -8.52 -12.12
CA THR A 75 -5.78 -9.77 -12.76
C THR A 75 -6.18 -9.88 -14.24
N LYS A 76 -5.47 -10.73 -14.99
CA LYS A 76 -5.67 -11.10 -16.42
C LYS A 76 -6.09 -9.92 -17.33
N PRO A 77 -5.12 -9.08 -17.78
CA PRO A 77 -5.35 -7.95 -18.69
C PRO A 77 -6.12 -8.26 -19.98
N LYS A 78 -6.61 -7.19 -20.63
CA LYS A 78 -7.33 -7.19 -21.92
C LYS A 78 -6.47 -7.57 -23.14
N ALA A 79 -5.19 -7.90 -22.93
CA ALA A 79 -4.17 -8.19 -23.93
C ALA A 79 -4.62 -9.22 -25.00
N VAL A 80 -4.89 -8.74 -26.22
CA VAL A 80 -5.48 -9.49 -27.36
C VAL A 80 -4.45 -10.43 -28.02
N SER A 81 -4.72 -11.74 -28.02
CA SER A 81 -3.96 -12.76 -28.76
C SER A 81 -4.30 -12.79 -30.26
N THR A 82 -3.44 -13.42 -31.08
CA THR A 82 -3.62 -13.55 -32.54
C THR A 82 -4.73 -14.57 -32.93
N PRO A 83 -5.36 -14.42 -34.11
CA PRO A 83 -6.33 -15.37 -34.65
C PRO A 83 -5.66 -16.62 -35.27
N ALA A 84 -6.48 -17.58 -35.70
CA ALA A 84 -6.11 -18.77 -36.48
C ALA A 84 -7.20 -19.11 -37.52
N PRO A 85 -6.93 -19.93 -38.56
CA PRO A 85 -7.91 -20.26 -39.61
C PRO A 85 -9.25 -20.86 -39.16
N ALA A 86 -9.27 -21.38 -37.94
CA ALA A 86 -10.45 -21.90 -37.23
C ALA A 86 -11.44 -20.81 -36.74
N THR A 87 -11.03 -19.53 -36.75
CA THR A 87 -11.82 -18.36 -36.30
C THR A 87 -11.69 -17.12 -37.22
N LEU A 88 -10.69 -17.11 -38.12
CA LEU A 88 -10.48 -16.09 -39.16
C LEU A 88 -11.74 -15.92 -40.04
N GLU A 89 -12.09 -14.68 -40.40
CA GLU A 89 -13.25 -14.36 -41.26
C GLU A 89 -13.23 -15.10 -42.60
N HIS A 90 -14.43 -15.33 -43.18
CA HIS A 90 -14.79 -16.11 -44.39
C HIS A 90 -14.23 -17.55 -44.56
N HIS A 91 -13.28 -18.00 -43.72
CA HIS A 91 -12.75 -19.37 -43.76
C HIS A 91 -13.80 -20.42 -43.36
N HIS A 92 -14.81 -20.04 -42.56
CA HIS A 92 -15.89 -20.90 -42.07
C HIS A 92 -16.70 -21.56 -43.21
N HIS A 93 -16.78 -20.93 -44.38
CA HIS A 93 -17.51 -21.39 -45.57
C HIS A 93 -16.96 -22.71 -46.20
N HIS A 94 -15.85 -23.25 -45.68
CA HIS A 94 -15.26 -24.53 -46.08
C HIS A 94 -16.16 -25.79 -45.92
N HIS A 95 -17.29 -25.67 -45.21
CA HIS A 95 -18.25 -26.74 -44.91
C HIS A 95 -19.71 -26.23 -44.93
N GLY B 1 23.44 -25.91 -41.80
CA GLY B 1 23.39 -25.78 -43.27
C GLY B 1 24.52 -24.92 -43.79
N SER B 2 25.09 -25.27 -44.96
CA SER B 2 26.28 -24.64 -45.57
C SER B 2 26.16 -23.13 -45.82
N HIS B 3 24.93 -22.63 -46.01
CA HIS B 3 24.63 -21.22 -46.26
C HIS B 3 24.73 -20.34 -44.99
N MET B 4 24.83 -20.95 -43.80
CA MET B 4 24.96 -20.31 -42.47
C MET B 4 24.01 -19.12 -42.25
N THR B 5 22.73 -19.31 -42.56
CA THR B 5 21.66 -18.31 -42.41
C THR B 5 21.30 -18.03 -40.94
N ILE B 6 21.36 -19.06 -40.08
CA ILE B 6 21.18 -18.96 -38.62
C ILE B 6 22.47 -18.48 -37.91
N SER B 7 22.32 -17.81 -36.77
CA SER B 7 23.40 -17.46 -35.84
C SER B 7 22.90 -17.37 -34.39
N GLN B 8 23.82 -17.26 -33.43
CA GLN B 8 23.53 -17.08 -32.00
C GLN B 8 23.33 -15.60 -31.59
N GLN B 9 23.54 -14.65 -32.53
CA GLN B 9 23.52 -13.20 -32.28
C GLN B 9 22.11 -12.63 -32.04
N GLU B 10 21.04 -13.39 -32.33
CA GLU B 10 19.65 -13.03 -32.02
C GLU B 10 19.35 -13.21 -30.52
N PHE B 11 19.93 -12.33 -29.69
CA PHE B 11 19.79 -12.30 -28.23
C PHE B 11 18.36 -11.93 -27.76
N GLY B 12 18.08 -12.15 -26.47
CA GLY B 12 16.77 -11.90 -25.85
C GLY B 12 16.47 -10.43 -25.52
N ARG B 13 15.23 -10.16 -25.08
CA ARG B 13 14.72 -8.83 -24.68
C ARG B 13 15.41 -8.31 -23.40
N THR B 14 15.39 -6.99 -23.21
CA THR B 14 16.02 -6.28 -22.07
C THR B 14 15.34 -6.47 -20.71
N GLY B 15 14.06 -6.88 -20.67
CA GLY B 15 13.29 -7.00 -19.43
C GLY B 15 11.86 -7.51 -19.62
N LEU B 16 11.08 -7.50 -18.52
CA LEU B 16 9.68 -7.94 -18.44
C LEU B 16 8.72 -7.11 -19.35
N PRO B 17 7.55 -7.65 -19.71
CA PRO B 17 6.59 -6.98 -20.60
C PRO B 17 5.84 -5.82 -19.94
N ASP B 18 5.15 -5.05 -20.76
CA ASP B 18 4.18 -4.00 -20.38
C ASP B 18 2.82 -4.64 -20.00
N LEU B 19 2.90 -5.68 -19.16
CA LEU B 19 1.85 -6.59 -18.67
C LEU B 19 1.12 -7.42 -19.74
N SER B 20 1.44 -7.25 -21.03
CA SER B 20 0.87 -7.99 -22.16
C SER B 20 1.08 -9.51 -22.09
N SER B 21 2.34 -9.94 -21.95
CA SER B 21 2.77 -11.35 -21.91
C SER B 21 3.02 -11.89 -20.48
N MET B 22 2.70 -11.10 -19.46
CA MET B 22 2.94 -11.39 -18.04
C MET B 22 2.02 -12.50 -17.49
N THR B 23 2.58 -13.44 -16.74
CA THR B 23 1.80 -14.43 -15.96
C THR B 23 1.27 -13.78 -14.68
N GLU B 24 0.19 -14.30 -14.09
CA GLU B 24 -0.46 -13.69 -12.91
C GLU B 24 0.49 -13.61 -11.70
N GLU B 25 1.30 -14.65 -11.47
CA GLU B 25 2.30 -14.71 -10.40
C GLU B 25 3.39 -13.62 -10.56
N GLU B 26 3.90 -13.40 -11.79
CA GLU B 26 4.87 -12.33 -12.07
C GLU B 26 4.23 -10.92 -11.99
N GLN B 27 2.96 -10.79 -12.39
CA GLN B 27 2.17 -9.56 -12.23
C GLN B 27 2.01 -9.19 -10.75
N ILE B 28 1.66 -10.16 -9.90
CA ILE B 28 1.64 -10.06 -8.44
C ILE B 28 3.03 -9.68 -7.88
N ALA B 29 4.10 -10.38 -8.25
CA ALA B 29 5.45 -10.09 -7.76
C ALA B 29 5.94 -8.68 -8.17
N TYR B 30 5.56 -8.19 -9.35
CA TYR B 30 5.77 -6.80 -9.77
C TYR B 30 5.06 -5.79 -8.84
N ALA B 31 3.80 -6.08 -8.45
CA ALA B 31 3.07 -5.32 -7.44
C ALA B 31 3.78 -5.31 -6.07
N MET B 32 4.21 -6.48 -5.58
CA MET B 32 4.99 -6.65 -4.36
C MET B 32 6.24 -5.77 -4.34
N GLN B 33 7.08 -5.80 -5.37
CA GLN B 33 8.31 -5.00 -5.44
C GLN B 33 8.07 -3.50 -5.26
N MET B 34 7.03 -2.94 -5.88
CA MET B 34 6.66 -1.55 -5.68
C MET B 34 6.16 -1.29 -4.25
N SER B 35 5.31 -2.16 -3.70
CA SER B 35 4.83 -2.12 -2.32
C SER B 35 5.98 -2.17 -1.28
N LEU B 36 7.00 -2.99 -1.53
CA LEU B 36 8.27 -3.10 -0.79
C LEU B 36 9.04 -1.77 -0.73
N GLN B 37 9.01 -0.95 -1.78
CA GLN B 37 9.66 0.38 -1.80
C GLN B 37 8.98 1.40 -0.87
N GLY B 38 7.68 1.25 -0.59
CA GLY B 38 6.98 2.02 0.44
C GLY B 38 7.31 1.56 1.89
N ALA B 39 7.91 0.38 2.02
CA ALA B 39 8.38 -0.24 3.25
C ALA B 39 9.91 -0.07 3.41
N GLU B 40 10.63 -1.16 3.73
CA GLU B 40 12.08 -1.25 3.95
C GLU B 40 12.89 -1.44 2.64
N PHE B 41 12.28 -1.15 1.47
CA PHE B 41 12.81 -1.34 0.10
C PHE B 41 13.05 -2.82 -0.29
N GLY B 42 12.55 -3.77 0.50
CA GLY B 42 12.57 -5.21 0.20
C GLY B 42 13.87 -5.94 0.52
N GLN B 43 14.79 -5.31 1.26
CA GLN B 43 16.16 -5.79 1.55
C GLN B 43 16.25 -7.17 2.22
N ALA B 44 15.15 -7.66 2.83
CA ALA B 44 15.03 -8.97 3.48
C ALA B 44 13.77 -9.77 3.01
N GLU B 45 13.10 -9.33 1.94
CA GLU B 45 11.78 -9.84 1.51
C GLU B 45 11.79 -10.69 0.22
N SER B 46 12.95 -10.85 -0.44
CA SER B 46 13.12 -11.54 -1.73
C SER B 46 12.79 -13.05 -1.68
N ALA B 47 11.56 -13.42 -2.04
CA ALA B 47 11.09 -14.81 -2.11
C ALA B 47 11.56 -15.58 -3.38
N ASP B 48 12.04 -14.86 -4.41
CA ASP B 48 12.50 -15.42 -5.70
C ASP B 48 13.66 -16.42 -5.59
N MET A 1 -6.65 10.14 11.78
CA MET A 1 -5.68 9.03 11.64
C MET A 1 -5.16 8.98 10.21
N GLN A 2 -3.88 9.31 10.04
CA GLN A 2 -3.23 9.47 8.75
C GLN A 2 -2.70 8.13 8.21
N VAL A 3 -3.58 7.34 7.59
CA VAL A 3 -3.24 6.09 6.89
C VAL A 3 -2.40 6.40 5.65
N THR A 4 -1.31 5.66 5.39
CA THR A 4 -0.58 5.72 4.13
C THR A 4 -1.29 4.90 3.06
N LEU A 5 -1.49 5.45 1.87
CA LEU A 5 -2.13 4.79 0.73
C LEU A 5 -1.10 4.39 -0.34
N LYS A 6 -1.36 3.29 -1.03
CA LYS A 6 -0.60 2.79 -2.19
C LYS A 6 -1.53 2.33 -3.31
N THR A 7 -1.30 2.84 -4.52
CA THR A 7 -2.08 2.53 -5.74
C THR A 7 -1.53 1.30 -6.45
N LEU A 8 -2.30 0.71 -7.38
CA LEU A 8 -1.80 -0.37 -8.25
C LEU A 8 -0.77 0.12 -9.30
N GLN A 9 -0.74 1.42 -9.58
CA GLN A 9 0.31 2.08 -10.37
C GLN A 9 1.63 2.26 -9.56
N GLN A 10 1.67 1.73 -8.33
CA GLN A 10 2.76 1.77 -7.36
C GLN A 10 3.09 3.19 -6.85
N GLN A 11 2.11 4.11 -6.91
CA GLN A 11 2.22 5.46 -6.36
C GLN A 11 1.78 5.46 -4.90
N THR A 12 2.30 6.36 -4.07
CA THR A 12 1.99 6.44 -2.63
C THR A 12 1.66 7.85 -2.17
N PHE A 13 0.67 7.92 -1.27
CA PHE A 13 0.03 9.13 -0.72
C PHE A 13 -0.37 8.88 0.74
N LYS A 14 -1.09 9.81 1.37
CA LYS A 14 -1.73 9.60 2.69
C LYS A 14 -3.18 10.11 2.70
N ILE A 15 -3.98 9.58 3.62
CA ILE A 15 -5.36 9.98 3.90
C ILE A 15 -5.56 10.11 5.40
N ASP A 16 -5.84 11.32 5.86
CA ASP A 16 -6.26 11.57 7.24
C ASP A 16 -7.76 11.24 7.42
N ILE A 17 -8.06 10.05 7.93
CA ILE A 17 -9.39 9.46 8.10
C ILE A 17 -9.75 9.30 9.58
N ASP A 18 -11.04 9.42 9.94
CA ASP A 18 -11.53 9.16 11.30
C ASP A 18 -11.66 7.63 11.57
N PRO A 19 -10.90 7.03 12.51
CA PRO A 19 -10.90 5.58 12.75
C PRO A 19 -12.15 5.03 13.45
N GLU A 20 -13.01 5.87 14.04
CA GLU A 20 -14.28 5.45 14.62
C GLU A 20 -15.41 5.36 13.58
N GLU A 21 -15.24 5.98 12.40
CA GLU A 21 -16.13 5.80 11.24
C GLU A 21 -15.90 4.43 10.57
N THR A 22 -16.81 4.05 9.67
CA THR A 22 -16.68 2.82 8.88
C THR A 22 -15.75 2.97 7.68
N VAL A 23 -15.44 1.84 7.01
CA VAL A 23 -14.61 1.80 5.79
C VAL A 23 -15.18 2.69 4.68
N LYS A 24 -16.50 2.91 4.63
CA LYS A 24 -17.15 3.92 3.75
C LYS A 24 -16.41 5.26 3.84
N ALA A 25 -16.12 5.74 5.05
CA ALA A 25 -15.49 7.03 5.27
C ALA A 25 -14.03 7.07 4.77
N LEU A 26 -13.26 5.99 4.86
CA LEU A 26 -11.95 5.89 4.20
C LEU A 26 -12.09 6.16 2.69
N LYS A 27 -12.96 5.37 2.07
CA LYS A 27 -13.32 5.46 0.65
C LYS A 27 -13.83 6.85 0.22
N GLU A 28 -14.67 7.49 1.04
CA GLU A 28 -15.22 8.84 0.78
C GLU A 28 -14.13 9.92 0.79
N LYS A 29 -13.17 9.85 1.73
CA LYS A 29 -12.01 10.75 1.78
C LYS A 29 -11.07 10.55 0.58
N ILE A 30 -10.86 9.31 0.15
CA ILE A 30 -10.11 8.99 -1.09
C ILE A 30 -10.82 9.56 -2.32
N GLU A 31 -12.12 9.34 -2.47
CA GLU A 31 -12.93 9.91 -3.56
C GLU A 31 -12.84 11.45 -3.57
N SER A 32 -12.92 12.09 -2.40
CA SER A 32 -12.78 13.54 -2.22
C SER A 32 -11.39 14.06 -2.62
N GLU A 33 -10.31 13.41 -2.17
CA GLU A 33 -8.92 13.79 -2.44
C GLU A 33 -8.54 13.58 -3.92
N LYS A 34 -8.68 12.35 -4.42
CA LYS A 34 -8.22 11.93 -5.76
C LYS A 34 -9.20 12.30 -6.90
N GLY A 35 -10.44 12.62 -6.53
CA GLY A 35 -11.57 12.84 -7.44
C GLY A 35 -12.29 11.53 -7.79
N LYS A 36 -13.63 11.58 -7.92
CA LYS A 36 -14.46 10.42 -8.28
C LYS A 36 -14.25 9.94 -9.72
N ASP A 37 -13.61 10.75 -10.58
CA ASP A 37 -13.16 10.31 -11.91
C ASP A 37 -12.11 9.20 -11.80
N ALA A 38 -11.18 9.35 -10.85
CA ALA A 38 -10.10 8.40 -10.58
C ALA A 38 -10.56 7.22 -9.70
N PHE A 39 -11.20 7.53 -8.57
CA PHE A 39 -11.56 6.56 -7.52
C PHE A 39 -12.98 6.79 -6.95
N PRO A 40 -14.05 6.53 -7.72
CA PRO A 40 -15.44 6.65 -7.25
C PRO A 40 -15.71 5.57 -6.19
N VAL A 41 -16.39 5.85 -5.07
CA VAL A 41 -16.55 4.90 -3.93
C VAL A 41 -16.97 3.49 -4.36
N ALA A 42 -17.94 3.40 -5.26
CA ALA A 42 -18.44 2.13 -5.80
C ALA A 42 -17.36 1.32 -6.58
N GLY A 43 -16.63 1.98 -7.50
CA GLY A 43 -15.58 1.37 -8.32
C GLY A 43 -14.28 1.11 -7.57
N GLN A 44 -13.93 2.01 -6.65
CA GLN A 44 -12.83 1.93 -5.69
C GLN A 44 -12.96 0.68 -4.79
N LYS A 45 -11.85 -0.02 -4.52
CA LYS A 45 -11.74 -1.10 -3.52
C LYS A 45 -10.54 -0.86 -2.61
N LEU A 46 -10.62 -1.42 -1.40
CA LEU A 46 -9.73 -1.18 -0.27
C LEU A 46 -9.27 -2.51 0.35
N ILE A 47 -7.96 -2.73 0.43
CA ILE A 47 -7.34 -4.00 0.79
C ILE A 47 -6.25 -3.80 1.85
N TYR A 48 -6.38 -4.51 2.99
CA TYR A 48 -5.40 -4.53 4.08
C TYR A 48 -5.09 -5.95 4.53
N ALA A 49 -3.81 -6.23 4.86
CA ALA A 49 -3.29 -7.56 5.19
C ALA A 49 -3.65 -8.65 4.15
N GLY A 50 -3.90 -8.25 2.90
CA GLY A 50 -4.37 -9.11 1.80
C GLY A 50 -5.87 -9.46 1.81
N LYS A 51 -6.69 -8.79 2.61
CA LYS A 51 -8.16 -8.93 2.65
C LYS A 51 -8.87 -7.62 2.36
N ILE A 52 -9.98 -7.71 1.62
CA ILE A 52 -10.80 -6.56 1.24
C ILE A 52 -11.62 -6.07 2.42
N LEU A 53 -11.47 -4.78 2.74
CA LEU A 53 -12.18 -4.08 3.80
C LEU A 53 -13.67 -3.93 3.46
N ASN A 54 -14.56 -4.50 4.29
CA ASN A 54 -16.00 -4.39 4.13
C ASN A 54 -16.48 -2.95 4.40
N ASP A 55 -17.11 -2.30 3.42
CA ASP A 55 -17.54 -0.89 3.49
C ASP A 55 -18.44 -0.53 4.70
N ASP A 56 -19.23 -1.48 5.21
CA ASP A 56 -20.11 -1.30 6.38
C ASP A 56 -19.42 -1.58 7.73
N THR A 57 -18.29 -2.31 7.71
CA THR A 57 -17.48 -2.64 8.90
C THR A 57 -16.55 -1.47 9.27
N ALA A 58 -16.16 -1.36 10.54
CA ALA A 58 -15.32 -0.27 11.05
C ALA A 58 -13.82 -0.46 10.77
N LEU A 59 -13.05 0.62 10.74
CA LEU A 59 -11.59 0.59 10.57
C LEU A 59 -10.87 -0.10 11.76
N LYS A 60 -11.41 0.09 12.97
CA LYS A 60 -11.00 -0.57 14.23
C LYS A 60 -10.93 -2.10 14.13
N GLU A 61 -11.81 -2.72 13.34
CA GLU A 61 -11.88 -4.18 13.13
C GLU A 61 -10.67 -4.76 12.38
N TYR A 62 -9.91 -3.92 11.68
CA TYR A 62 -8.76 -4.30 10.85
C TYR A 62 -7.42 -3.81 11.44
N LYS A 63 -7.48 -3.05 12.56
CA LYS A 63 -6.35 -2.55 13.35
C LYS A 63 -5.27 -1.82 12.54
N ILE A 64 -5.68 -1.12 11.47
CA ILE A 64 -4.85 -0.23 10.64
C ILE A 64 -4.26 0.88 11.54
N ASP A 65 -3.02 1.30 11.27
CA ASP A 65 -2.29 2.32 12.03
C ASP A 65 -1.64 3.35 11.09
N GLU A 66 -1.30 4.53 11.62
CA GLU A 66 -0.65 5.60 10.85
C GLU A 66 0.74 5.21 10.30
N LYS A 67 1.48 4.35 11.03
CA LYS A 67 2.77 3.79 10.63
C LYS A 67 2.69 2.78 9.48
N ASN A 68 1.50 2.25 9.20
CA ASN A 68 1.26 1.20 8.20
C ASN A 68 0.63 1.76 6.91
N PHE A 69 0.65 0.96 5.84
CA PHE A 69 0.03 1.30 4.56
C PHE A 69 -1.25 0.47 4.29
N VAL A 70 -2.09 0.97 3.39
CA VAL A 70 -3.26 0.30 2.81
C VAL A 70 -3.09 0.26 1.29
N VAL A 71 -3.77 -0.69 0.62
CA VAL A 71 -3.79 -0.76 -0.85
C VAL A 71 -5.16 -0.35 -1.38
N VAL A 72 -5.16 0.56 -2.36
CA VAL A 72 -6.35 1.05 -3.07
C VAL A 72 -6.27 0.74 -4.56
N MET A 73 -7.41 0.34 -5.13
CA MET A 73 -7.59 0.04 -6.55
C MET A 73 -8.95 0.52 -7.07
N VAL A 74 -9.15 0.46 -8.38
CA VAL A 74 -10.42 0.74 -9.05
C VAL A 74 -10.79 -0.40 -9.99
N THR A 75 -11.68 -1.29 -9.53
CA THR A 75 -12.13 -2.48 -10.29
C THR A 75 -13.01 -2.11 -11.48
N LYS A 76 -12.80 -2.76 -12.62
CA LYS A 76 -13.68 -2.71 -13.81
C LYS A 76 -13.61 -4.01 -14.63
N PRO A 77 -14.67 -4.36 -15.40
CA PRO A 77 -14.65 -5.46 -16.36
C PRO A 77 -13.57 -5.33 -17.45
N LYS A 78 -13.37 -6.43 -18.19
CA LYS A 78 -12.54 -6.52 -19.42
C LYS A 78 -13.32 -7.01 -20.66
N ALA A 79 -14.60 -7.34 -20.48
CA ALA A 79 -15.57 -7.79 -21.48
C ALA A 79 -15.12 -9.00 -22.35
N VAL A 80 -14.23 -9.84 -21.82
CA VAL A 80 -13.74 -11.09 -22.45
C VAL A 80 -13.79 -12.31 -21.53
N SER A 81 -13.41 -12.15 -20.26
CA SER A 81 -13.37 -13.23 -19.24
C SER A 81 -13.96 -12.83 -17.88
N THR A 82 -14.28 -11.55 -17.66
CA THR A 82 -14.91 -11.02 -16.44
C THR A 82 -16.41 -11.39 -16.34
N PRO A 83 -16.99 -11.42 -15.13
CA PRO A 83 -18.35 -11.93 -14.90
C PRO A 83 -19.48 -11.00 -15.39
N ALA A 84 -20.73 -11.46 -15.25
CA ALA A 84 -21.97 -10.73 -15.54
C ALA A 84 -22.12 -9.41 -14.72
N PRO A 85 -23.06 -8.51 -15.09
CA PRO A 85 -23.26 -7.22 -14.41
C PRO A 85 -23.46 -7.30 -12.89
N ALA A 86 -23.09 -6.23 -12.18
CA ALA A 86 -23.18 -6.11 -10.73
C ALA A 86 -24.62 -6.06 -10.18
N THR A 87 -25.62 -5.81 -11.03
CA THR A 87 -27.06 -5.80 -10.69
C THR A 87 -27.50 -7.17 -10.17
N LEU A 88 -27.84 -7.24 -8.88
CA LEU A 88 -28.10 -8.48 -8.12
C LEU A 88 -29.36 -9.26 -8.55
N GLU A 89 -30.22 -8.70 -9.41
CA GLU A 89 -31.44 -9.33 -9.92
C GLU A 89 -31.62 -9.11 -11.43
N HIS A 90 -32.09 -10.15 -12.13
CA HIS A 90 -32.51 -10.22 -13.54
C HIS A 90 -31.75 -9.30 -14.53
N HIS A 91 -30.41 -9.38 -14.54
CA HIS A 91 -29.49 -8.67 -15.45
C HIS A 91 -29.49 -9.21 -16.91
N HIS A 92 -30.68 -9.51 -17.44
CA HIS A 92 -30.94 -10.06 -18.78
C HIS A 92 -30.34 -9.24 -19.95
N HIS A 93 -30.04 -7.96 -19.74
CA HIS A 93 -29.33 -7.07 -20.67
C HIS A 93 -27.92 -7.58 -21.06
N HIS A 94 -27.33 -8.48 -20.26
CA HIS A 94 -26.01 -9.10 -20.48
C HIS A 94 -25.88 -9.89 -21.81
N HIS A 95 -26.99 -10.44 -22.33
CA HIS A 95 -27.02 -11.34 -23.51
C HIS A 95 -28.18 -11.03 -24.49
N GLY B 1 35.73 -33.18 -20.60
CA GLY B 1 35.06 -31.88 -20.37
C GLY B 1 34.93 -31.09 -21.67
N SER B 2 33.81 -30.39 -21.85
CA SER B 2 33.47 -29.58 -23.04
C SER B 2 32.78 -28.26 -22.66
N HIS B 3 32.67 -27.33 -23.62
CA HIS B 3 32.06 -26.01 -23.44
C HIS B 3 30.51 -26.01 -23.32
N MET B 4 29.86 -27.12 -23.68
CA MET B 4 28.41 -27.38 -23.61
C MET B 4 27.52 -26.20 -24.07
N THR B 5 27.57 -25.87 -25.36
CA THR B 5 26.74 -24.79 -25.97
C THR B 5 25.23 -25.00 -25.82
N ILE B 6 24.78 -26.23 -25.61
CA ILE B 6 23.37 -26.61 -25.38
C ILE B 6 22.79 -26.16 -24.03
N SER B 7 23.63 -25.69 -23.08
CA SER B 7 23.22 -25.14 -21.78
C SER B 7 22.67 -23.71 -21.90
N GLN B 8 21.58 -23.55 -22.65
CA GLN B 8 20.90 -22.26 -22.90
C GLN B 8 20.27 -21.66 -21.62
N GLN B 9 20.13 -20.34 -21.59
CA GLN B 9 19.53 -19.59 -20.47
C GLN B 9 18.01 -19.82 -20.30
N GLU B 10 17.50 -19.56 -19.09
CA GLU B 10 16.07 -19.52 -18.78
C GLU B 10 15.48 -18.14 -19.17
N PHE B 11 14.79 -18.08 -20.31
CA PHE B 11 14.15 -16.86 -20.82
C PHE B 11 12.89 -16.40 -20.05
N GLY B 12 12.36 -17.21 -19.13
CA GLY B 12 11.15 -16.96 -18.32
C GLY B 12 11.24 -15.84 -17.26
N ARG B 13 12.15 -14.86 -17.44
CA ARG B 13 12.41 -13.71 -16.55
C ARG B 13 11.32 -12.62 -16.59
N THR B 14 10.33 -12.74 -17.49
CA THR B 14 9.19 -11.82 -17.69
C THR B 14 8.25 -11.73 -16.47
N GLY B 15 7.34 -10.74 -16.50
CA GLY B 15 6.32 -10.47 -15.47
C GLY B 15 4.95 -10.09 -16.05
N LEU B 16 3.98 -9.84 -15.18
CA LEU B 16 2.59 -9.47 -15.52
C LEU B 16 2.50 -8.08 -16.20
N PRO B 17 1.41 -7.77 -16.94
CA PRO B 17 1.20 -6.48 -17.58
C PRO B 17 1.05 -5.30 -16.60
N ASP B 18 1.03 -4.09 -17.13
CA ASP B 18 0.67 -2.84 -16.44
C ASP B 18 -0.88 -2.71 -16.37
N LEU B 19 -1.53 -3.78 -15.89
CA LEU B 19 -2.98 -3.97 -15.69
C LEU B 19 -3.84 -3.96 -16.97
N SER B 20 -3.21 -3.94 -18.15
CA SER B 20 -3.89 -3.86 -19.45
C SER B 20 -4.84 -5.05 -19.72
N SER B 21 -4.32 -6.27 -19.72
CA SER B 21 -5.06 -7.50 -20.06
C SER B 21 -5.54 -8.34 -18.86
N MET B 22 -5.05 -8.08 -17.64
CA MET B 22 -5.41 -8.85 -16.43
C MET B 22 -6.90 -8.73 -16.08
N THR B 23 -7.53 -9.81 -15.62
CA THR B 23 -8.94 -9.79 -15.17
C THR B 23 -9.12 -8.92 -13.91
N GLU B 24 -10.37 -8.65 -13.54
CA GLU B 24 -10.71 -7.99 -12.27
C GLU B 24 -10.20 -8.78 -11.06
N GLU B 25 -10.29 -10.12 -11.10
CA GLU B 25 -9.79 -11.03 -10.06
C GLU B 25 -8.25 -11.04 -9.97
N GLU B 26 -7.54 -11.03 -11.10
CA GLU B 26 -6.08 -10.93 -11.14
C GLU B 26 -5.57 -9.57 -10.60
N GLN B 27 -6.24 -8.47 -10.95
CA GLN B 27 -5.97 -7.14 -10.39
C GLN B 27 -6.21 -7.09 -8.87
N ILE B 28 -7.32 -7.66 -8.37
CA ILE B 28 -7.57 -7.87 -6.93
C ILE B 28 -6.44 -8.66 -6.28
N ALA B 29 -6.05 -9.82 -6.82
CA ALA B 29 -4.99 -10.65 -6.24
C ALA B 29 -3.61 -9.95 -6.23
N TYR B 30 -3.30 -9.11 -7.22
CA TYR B 30 -2.12 -8.23 -7.20
C TYR B 30 -2.18 -7.21 -6.03
N ALA B 31 -3.34 -6.59 -5.80
CA ALA B 31 -3.58 -5.72 -4.65
C ALA B 31 -3.36 -6.47 -3.31
N MET B 32 -3.91 -7.69 -3.18
CA MET B 32 -3.70 -8.59 -2.05
C MET B 32 -2.21 -8.89 -1.83
N GLN B 33 -1.48 -9.28 -2.88
CA GLN B 33 -0.04 -9.57 -2.80
C GLN B 33 0.78 -8.37 -2.29
N MET B 34 0.50 -7.15 -2.76
CA MET B 34 1.18 -5.96 -2.26
C MET B 34 0.86 -5.72 -0.77
N SER B 35 -0.42 -5.76 -0.38
CA SER B 35 -0.90 -5.66 0.99
C SER B 35 -0.30 -6.72 1.95
N LEU B 36 -0.10 -7.95 1.47
CA LEU B 36 0.50 -9.07 2.22
C LEU B 36 1.96 -8.85 2.63
N GLN B 37 2.64 -7.84 2.08
CA GLN B 37 3.98 -7.45 2.53
C GLN B 37 3.96 -6.82 3.94
N GLY B 38 2.85 -6.18 4.34
CA GLY B 38 2.61 -5.71 5.71
C GLY B 38 2.23 -6.82 6.69
N ALA B 39 1.82 -7.99 6.18
CA ALA B 39 1.59 -9.22 6.94
C ALA B 39 2.90 -10.00 7.15
N GLU B 40 3.42 -10.66 6.09
CA GLU B 40 4.59 -11.55 6.17
C GLU B 40 5.52 -11.55 4.93
N PHE B 41 5.03 -11.11 3.77
CA PHE B 41 5.74 -11.27 2.48
C PHE B 41 6.89 -10.28 2.24
N GLY B 42 7.05 -9.23 3.06
CA GLY B 42 8.09 -8.19 2.89
C GLY B 42 9.53 -8.72 2.96
N GLN B 43 9.75 -9.87 3.60
CA GLN B 43 11.04 -10.56 3.70
C GLN B 43 11.45 -11.34 2.43
N ALA B 44 10.51 -11.56 1.48
CA ALA B 44 10.61 -12.37 0.26
C ALA B 44 11.00 -13.87 0.39
N GLU B 45 11.61 -14.30 1.51
CA GLU B 45 12.05 -15.68 1.77
C GLU B 45 10.92 -16.72 1.82
N SER B 46 9.65 -16.30 1.88
CA SER B 46 8.47 -17.18 1.76
C SER B 46 8.26 -17.77 0.36
N ALA B 47 8.95 -17.24 -0.67
CA ALA B 47 8.91 -17.74 -2.05
C ALA B 47 9.60 -19.12 -2.24
N ASP B 48 9.50 -19.68 -3.45
CA ASP B 48 10.09 -20.96 -3.89
C ASP B 48 10.76 -20.86 -5.28
N MET A 1 -9.10 3.60 8.23
CA MET A 1 -7.67 3.44 7.83
C MET A 1 -7.51 3.95 6.41
N GLN A 2 -6.72 5.01 6.25
CA GLN A 2 -6.57 5.75 5.01
C GLN A 2 -5.41 5.18 4.17
N VAL A 3 -5.69 4.07 3.49
CA VAL A 3 -4.75 3.40 2.57
C VAL A 3 -4.46 4.30 1.37
N THR A 4 -3.19 4.43 0.98
CA THR A 4 -2.83 5.09 -0.28
C THR A 4 -3.00 4.10 -1.43
N LEU A 5 -3.65 4.51 -2.52
CA LEU A 5 -3.90 3.72 -3.72
C LEU A 5 -3.03 4.22 -4.88
N LYS A 6 -2.69 3.30 -5.79
CA LYS A 6 -2.01 3.57 -7.07
C LYS A 6 -2.59 2.73 -8.20
N THR A 7 -2.73 3.33 -9.38
CA THR A 7 -3.34 2.74 -10.58
C THR A 7 -2.29 2.32 -11.61
N LEU A 8 -2.70 1.48 -12.59
CA LEU A 8 -1.85 1.12 -13.74
C LEU A 8 -1.63 2.28 -14.72
N GLN A 9 -2.50 3.31 -14.67
CA GLN A 9 -2.36 4.59 -15.36
C GLN A 9 -1.42 5.57 -14.62
N GLN A 10 -0.72 5.11 -13.57
CA GLN A 10 0.24 5.86 -12.73
C GLN A 10 -0.40 6.99 -11.90
N GLN A 11 -1.71 6.93 -11.65
CA GLN A 11 -2.42 7.88 -10.79
C GLN A 11 -2.38 7.38 -9.33
N THR A 12 -2.41 8.31 -8.37
CA THR A 12 -2.39 7.98 -6.93
C THR A 12 -3.46 8.76 -6.17
N PHE A 13 -4.12 8.06 -5.25
CA PHE A 13 -5.28 8.51 -4.47
C PHE A 13 -5.20 7.97 -3.03
N LYS A 14 -6.22 8.22 -2.20
CA LYS A 14 -6.37 7.57 -0.88
C LYS A 14 -7.80 7.05 -0.67
N ILE A 15 -7.94 6.00 0.13
CA ILE A 15 -9.18 5.30 0.47
C ILE A 15 -9.22 5.07 1.98
N ASP A 16 -10.10 5.80 2.67
CA ASP A 16 -10.42 5.55 4.08
C ASP A 16 -11.37 4.35 4.21
N ILE A 17 -10.81 3.17 4.46
CA ILE A 17 -11.50 1.87 4.60
C ILE A 17 -11.38 1.34 6.03
N ASP A 18 -12.38 0.61 6.52
CA ASP A 18 -12.31 -0.03 7.85
C ASP A 18 -11.41 -1.29 7.81
N PRO A 19 -10.32 -1.37 8.61
CA PRO A 19 -9.33 -2.46 8.51
C PRO A 19 -9.78 -3.80 9.14
N GLU A 20 -10.85 -3.81 9.96
CA GLU A 20 -11.48 -5.05 10.43
C GLU A 20 -12.37 -5.67 9.34
N GLU A 21 -12.82 -4.87 8.38
CA GLU A 21 -13.50 -5.29 7.15
C GLU A 21 -12.55 -5.96 6.15
N THR A 22 -13.10 -6.39 5.02
CA THR A 22 -12.40 -7.25 4.04
C THR A 22 -11.87 -6.51 2.81
N VAL A 23 -11.14 -7.25 1.98
CA VAL A 23 -10.69 -6.77 0.66
C VAL A 23 -11.87 -6.47 -0.26
N LYS A 24 -12.98 -7.21 -0.17
CA LYS A 24 -14.24 -6.87 -0.85
C LYS A 24 -14.79 -5.52 -0.40
N ALA A 25 -14.70 -5.19 0.90
CA ALA A 25 -15.03 -3.86 1.41
C ALA A 25 -14.08 -2.76 0.90
N LEU A 26 -12.77 -3.02 0.77
CA LEU A 26 -11.83 -2.12 0.10
C LEU A 26 -12.30 -1.80 -1.33
N LYS A 27 -12.53 -2.84 -2.14
CA LYS A 27 -13.17 -2.71 -3.47
C LYS A 27 -14.49 -1.92 -3.44
N GLU A 28 -15.36 -2.14 -2.44
CA GLU A 28 -16.61 -1.38 -2.26
C GLU A 28 -16.37 0.12 -2.10
N LYS A 29 -15.45 0.54 -1.23
CA LYS A 29 -15.07 1.94 -1.04
C LYS A 29 -14.40 2.54 -2.29
N ILE A 30 -13.58 1.79 -3.01
CA ILE A 30 -13.04 2.22 -4.31
C ILE A 30 -14.17 2.45 -5.32
N GLU A 31 -15.10 1.51 -5.47
CA GLU A 31 -16.26 1.63 -6.36
C GLU A 31 -17.14 2.84 -5.98
N SER A 32 -17.40 3.04 -4.68
CA SER A 32 -18.14 4.17 -4.12
C SER A 32 -17.47 5.52 -4.42
N GLU A 33 -16.18 5.65 -4.10
CA GLU A 33 -15.41 6.89 -4.18
C GLU A 33 -15.04 7.28 -5.63
N LYS A 34 -14.47 6.33 -6.39
CA LYS A 34 -13.96 6.56 -7.77
C LYS A 34 -15.03 6.37 -8.85
N GLY A 35 -16.14 5.71 -8.51
CA GLY A 35 -17.29 5.44 -9.38
C GLY A 35 -17.20 4.09 -10.10
N LYS A 36 -18.29 3.31 -10.05
CA LYS A 36 -18.53 2.04 -10.75
C LYS A 36 -18.40 2.13 -12.28
N ASP A 37 -18.53 3.32 -12.85
CA ASP A 37 -18.23 3.63 -14.25
C ASP A 37 -16.76 3.34 -14.63
N ALA A 38 -15.84 3.50 -13.68
CA ALA A 38 -14.40 3.39 -13.86
C ALA A 38 -13.77 2.20 -13.09
N PHE A 39 -14.28 1.91 -11.88
CA PHE A 39 -13.78 0.84 -10.99
C PHE A 39 -14.94 0.04 -10.35
N PRO A 40 -15.67 -0.81 -11.10
CA PRO A 40 -16.68 -1.70 -10.53
C PRO A 40 -15.99 -2.84 -9.73
N VAL A 41 -16.58 -3.30 -8.61
CA VAL A 41 -16.03 -4.38 -7.75
C VAL A 41 -15.68 -5.63 -8.56
N ALA A 42 -16.59 -6.04 -9.45
CA ALA A 42 -16.45 -7.22 -10.30
C ALA A 42 -15.32 -7.12 -11.36
N GLY A 43 -14.88 -5.90 -11.72
CA GLY A 43 -13.78 -5.66 -12.66
C GLY A 43 -12.45 -5.32 -11.98
N GLN A 44 -12.48 -4.79 -10.75
CA GLN A 44 -11.31 -4.49 -9.94
C GLN A 44 -10.54 -5.75 -9.47
N LYS A 45 -9.23 -5.60 -9.30
CA LYS A 45 -8.29 -6.54 -8.65
C LYS A 45 -7.35 -5.73 -7.75
N LEU A 46 -6.97 -6.31 -6.61
CA LEU A 46 -6.25 -5.65 -5.53
C LEU A 46 -4.97 -6.42 -5.17
N ILE A 47 -3.82 -5.75 -5.19
CA ILE A 47 -2.49 -6.35 -5.10
C ILE A 47 -1.64 -5.60 -4.05
N TYR A 48 -1.18 -6.31 -3.01
CA TYR A 48 -0.19 -5.82 -2.04
C TYR A 48 0.97 -6.79 -1.88
N ALA A 49 2.16 -6.27 -1.59
CA ALA A 49 3.42 -7.02 -1.51
C ALA A 49 3.66 -7.93 -2.74
N GLY A 50 3.17 -7.52 -3.92
CA GLY A 50 3.24 -8.25 -5.19
C GLY A 50 2.35 -9.50 -5.30
N LYS A 51 1.35 -9.68 -4.42
CA LYS A 51 0.36 -10.77 -4.50
C LYS A 51 -1.07 -10.26 -4.43
N ILE A 52 -1.96 -10.91 -5.19
CA ILE A 52 -3.38 -10.58 -5.27
C ILE A 52 -4.10 -10.99 -3.99
N LEU A 53 -4.81 -10.04 -3.39
CA LEU A 53 -5.53 -10.18 -2.13
C LEU A 53 -6.84 -10.97 -2.30
N ASN A 54 -7.13 -11.88 -1.36
CA ASN A 54 -8.36 -12.66 -1.32
C ASN A 54 -9.55 -11.79 -0.88
N ASP A 55 -10.58 -11.66 -1.72
CA ASP A 55 -11.74 -10.78 -1.47
C ASP A 55 -12.44 -11.00 -0.11
N ASP A 56 -12.56 -12.24 0.34
CA ASP A 56 -13.18 -12.62 1.62
C ASP A 56 -12.26 -12.43 2.85
N THR A 57 -10.94 -12.37 2.67
CA THR A 57 -9.96 -12.22 3.76
C THR A 57 -9.91 -10.76 4.25
N ALA A 58 -9.75 -10.55 5.56
CA ALA A 58 -9.72 -9.23 6.16
C ALA A 58 -8.41 -8.46 5.91
N LEU A 59 -8.46 -7.12 5.93
CA LEU A 59 -7.29 -6.27 5.64
C LEU A 59 -6.16 -6.39 6.69
N LYS A 60 -6.53 -6.65 7.95
CA LYS A 60 -5.63 -7.01 9.06
C LYS A 60 -4.62 -8.10 8.69
N GLU A 61 -5.06 -9.12 7.95
CA GLU A 61 -4.28 -10.30 7.58
C GLU A 61 -3.10 -10.00 6.64
N TYR A 62 -3.13 -8.86 5.95
CA TYR A 62 -2.12 -8.39 5.00
C TYR A 62 -1.28 -7.22 5.55
N LYS A 63 -1.61 -6.74 6.76
CA LYS A 63 -0.96 -5.68 7.53
C LYS A 63 -0.59 -4.41 6.73
N ILE A 64 -1.47 -4.03 5.80
CA ILE A 64 -1.35 -2.83 4.95
C ILE A 64 -1.23 -1.58 5.83
N ASP A 65 -0.34 -0.66 5.45
CA ASP A 65 -0.09 0.61 6.16
C ASP A 65 -0.68 1.81 5.39
N GLU A 66 -0.95 2.90 6.10
CA GLU A 66 -1.52 4.12 5.51
C GLU A 66 -0.51 4.91 4.65
N LYS A 67 0.79 4.89 5.03
CA LYS A 67 1.89 5.58 4.34
C LYS A 67 2.40 4.80 3.12
N ASN A 68 2.39 3.47 3.19
CA ASN A 68 2.63 2.59 2.04
C ASN A 68 1.48 2.71 1.03
N PHE A 69 1.68 2.26 -0.21
CA PHE A 69 0.61 2.25 -1.22
C PHE A 69 0.28 0.83 -1.69
N VAL A 70 -1.01 0.58 -1.91
CA VAL A 70 -1.56 -0.63 -2.55
C VAL A 70 -1.65 -0.40 -4.06
N VAL A 71 -1.74 -1.47 -4.85
CA VAL A 71 -1.99 -1.37 -6.29
C VAL A 71 -3.39 -1.89 -6.61
N VAL A 72 -4.20 -1.03 -7.22
CA VAL A 72 -5.50 -1.36 -7.80
C VAL A 72 -5.40 -1.39 -9.32
N MET A 73 -6.04 -2.39 -9.93
CA MET A 73 -6.25 -2.47 -11.37
C MET A 73 -7.69 -2.81 -11.69
N VAL A 74 -8.12 -2.53 -12.91
CA VAL A 74 -9.45 -2.84 -13.44
C VAL A 74 -9.31 -3.42 -14.84
N THR A 75 -9.86 -4.62 -15.09
CA THR A 75 -9.67 -5.35 -16.35
C THR A 75 -10.38 -4.70 -17.54
N LYS A 76 -9.88 -4.96 -18.77
CA LYS A 76 -10.30 -4.30 -20.02
C LYS A 76 -11.62 -4.71 -20.70
N PRO A 77 -12.26 -5.88 -20.47
CA PRO A 77 -13.50 -6.27 -21.16
C PRO A 77 -14.67 -5.29 -21.10
N LYS A 78 -15.59 -5.44 -22.05
CA LYS A 78 -16.83 -4.65 -22.24
C LYS A 78 -18.12 -5.50 -22.30
N ALA A 79 -18.00 -6.81 -22.04
CA ALA A 79 -19.07 -7.80 -22.18
C ALA A 79 -19.72 -7.79 -23.59
N VAL A 80 -20.98 -8.26 -23.69
CA VAL A 80 -21.75 -8.42 -24.94
C VAL A 80 -22.01 -7.13 -25.74
N SER A 81 -21.82 -5.95 -25.14
CA SER A 81 -22.00 -4.64 -25.78
C SER A 81 -21.08 -4.44 -26.99
N THR A 82 -21.64 -3.95 -28.10
CA THR A 82 -20.86 -3.52 -29.29
C THR A 82 -20.03 -2.25 -28.98
N PRO A 83 -19.00 -1.92 -29.80
CA PRO A 83 -18.23 -0.68 -29.69
C PRO A 83 -18.99 0.59 -30.16
N ALA A 84 -20.30 0.64 -29.93
CA ALA A 84 -21.17 1.82 -30.12
C ALA A 84 -20.72 3.01 -29.23
N PRO A 85 -21.09 4.26 -29.57
CA PRO A 85 -20.71 5.47 -28.83
C PRO A 85 -21.50 5.60 -27.50
N ALA A 86 -21.05 4.86 -26.48
CA ALA A 86 -21.57 4.74 -25.10
C ALA A 86 -23.05 4.28 -24.93
N THR A 87 -23.87 4.31 -25.98
CA THR A 87 -25.28 3.90 -25.97
C THR A 87 -25.46 2.38 -25.80
N LEU A 88 -26.62 1.98 -25.25
CA LEU A 88 -27.11 0.60 -25.19
C LEU A 88 -27.84 0.16 -26.48
N GLU A 89 -28.05 1.06 -27.44
CA GLU A 89 -28.66 0.78 -28.75
C GLU A 89 -27.70 0.03 -29.69
N HIS A 90 -27.36 -1.22 -29.33
CA HIS A 90 -26.45 -2.11 -30.06
C HIS A 90 -27.00 -2.61 -31.41
N HIS A 91 -28.30 -2.44 -31.66
CA HIS A 91 -29.06 -2.63 -32.91
C HIS A 91 -29.13 -4.05 -33.51
N HIS A 92 -28.16 -4.93 -33.26
CA HIS A 92 -28.09 -6.29 -33.81
C HIS A 92 -27.51 -7.33 -32.82
N HIS A 93 -27.67 -8.61 -33.16
CA HIS A 93 -27.09 -9.76 -32.45
C HIS A 93 -25.60 -9.98 -32.80
N HIS A 94 -24.94 -10.92 -32.11
CA HIS A 94 -23.54 -11.31 -32.30
C HIS A 94 -23.35 -12.83 -32.21
N HIS A 95 -22.12 -13.31 -32.48
CA HIS A 95 -21.67 -14.68 -32.27
C HIS A 95 -21.69 -15.07 -30.77
N GLY B 1 31.00 -22.34 -47.71
CA GLY B 1 31.42 -21.36 -46.67
C GLY B 1 30.91 -21.78 -45.30
N SER B 2 30.71 -20.80 -44.40
CA SER B 2 30.14 -20.99 -43.06
C SER B 2 28.66 -21.43 -43.08
N HIS B 3 28.17 -21.90 -41.94
CA HIS B 3 26.78 -22.35 -41.71
C HIS B 3 26.33 -22.06 -40.26
N MET B 4 25.04 -22.24 -39.97
CA MET B 4 24.41 -22.05 -38.65
C MET B 4 24.77 -20.69 -37.99
N THR B 5 24.67 -19.61 -38.76
CA THR B 5 25.01 -18.22 -38.40
C THR B 5 23.95 -17.54 -37.50
N ILE B 6 23.58 -18.20 -36.39
CA ILE B 6 22.55 -17.76 -35.44
C ILE B 6 22.87 -16.43 -34.71
N SER B 7 24.12 -15.97 -34.75
CA SER B 7 24.61 -14.71 -34.17
C SER B 7 23.88 -13.45 -34.69
N GLN B 8 23.15 -13.56 -35.80
CA GLN B 8 22.26 -12.53 -36.36
C GLN B 8 21.03 -12.21 -35.47
N GLN B 9 20.68 -13.08 -34.52
CA GLN B 9 19.54 -12.92 -33.60
C GLN B 9 19.82 -11.87 -32.50
N GLU B 10 19.86 -10.60 -32.88
CA GLU B 10 20.02 -9.44 -31.95
C GLU B 10 18.73 -9.05 -31.20
N PHE B 11 17.59 -9.63 -31.57
CA PHE B 11 16.25 -9.28 -31.09
C PHE B 11 16.01 -9.60 -29.60
N GLY B 12 15.00 -8.96 -29.01
CA GLY B 12 14.59 -9.14 -27.60
C GLY B 12 13.60 -8.05 -27.14
N ARG B 13 13.15 -8.15 -25.88
CA ARG B 13 12.26 -7.15 -25.23
C ARG B 13 12.94 -5.78 -25.10
N THR B 14 12.16 -4.72 -25.26
CA THR B 14 12.62 -3.30 -25.18
C THR B 14 12.03 -2.55 -23.98
N GLY B 15 10.92 -3.04 -23.40
CA GLY B 15 10.24 -2.49 -22.23
C GLY B 15 8.77 -2.88 -22.17
N LEU B 16 8.11 -2.59 -21.04
CA LEU B 16 6.67 -2.83 -20.82
C LEU B 16 5.84 -1.73 -21.54
N PRO B 17 4.83 -2.08 -22.37
CA PRO B 17 3.95 -1.10 -23.02
C PRO B 17 3.13 -0.23 -22.05
N ASP B 18 2.42 0.75 -22.61
CA ASP B 18 1.39 1.55 -21.92
C ASP B 18 0.07 0.74 -21.85
N LEU B 19 0.18 -0.50 -21.35
CA LEU B 19 -0.81 -1.59 -21.32
C LEU B 19 -1.37 -2.05 -22.69
N SER B 20 -0.91 -1.45 -23.80
CA SER B 20 -1.45 -1.63 -25.16
C SER B 20 -1.57 -3.09 -25.61
N SER B 21 -0.46 -3.83 -25.66
CA SER B 21 -0.40 -5.23 -26.10
C SER B 21 -0.35 -6.26 -24.96
N MET B 22 -0.22 -5.82 -23.70
CA MET B 22 -0.15 -6.69 -22.52
C MET B 22 -1.44 -7.49 -22.30
N THR B 23 -1.32 -8.81 -22.11
CA THR B 23 -2.44 -9.67 -21.66
C THR B 23 -2.90 -9.31 -20.24
N GLU B 24 -4.00 -9.91 -19.78
CA GLU B 24 -4.45 -9.78 -18.38
C GLU B 24 -3.36 -10.23 -17.38
N GLU B 25 -2.65 -11.32 -17.67
CA GLU B 25 -1.55 -11.82 -16.84
C GLU B 25 -0.31 -10.89 -16.86
N GLU B 26 0.03 -10.29 -17.99
CA GLU B 26 1.10 -9.28 -18.08
C GLU B 26 0.74 -7.98 -17.33
N GLN B 27 -0.52 -7.52 -17.44
CA GLN B 27 -1.07 -6.41 -16.66
C GLN B 27 -1.03 -6.69 -15.15
N ILE B 28 -1.41 -7.91 -14.73
CA ILE B 28 -1.22 -8.41 -13.36
C ILE B 28 0.24 -8.32 -12.94
N ALA B 29 1.19 -8.87 -13.70
CA ALA B 29 2.61 -8.85 -13.36
C ALA B 29 3.19 -7.41 -13.26
N TYR B 30 2.71 -6.49 -14.09
CA TYR B 30 3.00 -5.04 -13.98
C TYR B 30 2.53 -4.48 -12.62
N ALA B 31 1.29 -4.80 -12.22
CA ALA B 31 0.73 -4.47 -10.91
C ALA B 31 1.53 -5.10 -9.74
N MET B 32 1.96 -6.37 -9.86
CA MET B 32 2.80 -7.08 -8.90
C MET B 32 4.15 -6.38 -8.70
N GLN B 33 4.90 -6.10 -9.76
CA GLN B 33 6.17 -5.36 -9.71
C GLN B 33 6.01 -4.00 -9.00
N MET B 34 5.00 -3.23 -9.39
CA MET B 34 4.65 -1.96 -8.77
C MET B 34 4.37 -2.12 -7.26
N SER B 35 3.54 -3.09 -6.88
CA SER B 35 3.17 -3.46 -5.53
C SER B 35 4.34 -3.91 -4.63
N LEU B 36 5.28 -4.72 -5.15
CA LEU B 36 6.50 -5.11 -4.43
C LEU B 36 7.25 -3.88 -3.88
N GLN B 37 7.35 -2.82 -4.69
CA GLN B 37 7.98 -1.56 -4.32
C GLN B 37 7.10 -0.70 -3.40
N GLY B 38 5.80 -0.57 -3.70
CA GLY B 38 4.84 0.20 -2.89
C GLY B 38 4.66 -0.32 -1.46
N ALA B 39 4.89 -1.62 -1.26
CA ALA B 39 4.98 -2.29 0.03
C ALA B 39 6.30 -1.99 0.77
N GLU B 40 7.39 -2.69 0.41
CA GLU B 40 8.68 -2.68 1.14
C GLU B 40 9.91 -2.98 0.28
N PHE B 41 9.81 -2.84 -1.05
CA PHE B 41 10.81 -3.28 -2.05
C PHE B 41 11.13 -4.78 -1.92
N GLY B 42 10.06 -5.59 -1.87
CA GLY B 42 10.10 -7.05 -1.79
C GLY B 42 8.73 -7.67 -1.52
N GLN B 43 8.67 -9.00 -1.56
CA GLN B 43 7.46 -9.80 -1.28
C GLN B 43 7.19 -9.89 0.24
N ALA B 44 6.06 -10.48 0.62
CA ALA B 44 5.64 -10.67 2.03
C ALA B 44 6.61 -11.52 2.90
N GLU B 45 7.59 -12.19 2.30
CA GLU B 45 8.69 -12.90 2.98
C GLU B 45 10.04 -12.66 2.26
N SER B 46 10.11 -12.94 0.96
CA SER B 46 11.29 -12.69 0.10
C SER B 46 11.50 -11.19 -0.18
N ALA B 47 12.22 -10.50 0.70
CA ALA B 47 12.59 -9.09 0.59
C ALA B 47 14.06 -8.82 0.98
N ASP B 48 14.53 -7.59 0.74
CA ASP B 48 15.89 -7.10 1.07
C ASP B 48 16.24 -7.18 2.59
#